data_8SLW
#
_entry.id   8SLW
#
_cell.length_a   1.00
_cell.length_b   1.00
_cell.length_c   1.00
_cell.angle_alpha   90.00
_cell.angle_beta   90.00
_cell.angle_gamma   90.00
#
_symmetry.space_group_name_H-M   'P 1'
#
loop_
_entity.id
_entity.type
_entity.pdbx_description
1 polymer 'Transient receptor potential cation channel subfamily M member 5'
2 non-polymer 'CALCIUM ION'
#
_entity_poly.entity_id   1
_entity_poly.type   'polypeptide(L)'
_entity_poly.pdbx_seq_one_letter_code
;MDYKDDDDKLEMPMAQSSCPGSPPDTGDGWEPVLCKGEVNFGGSGKKRSKFVKVPSNVAPSMLFELLLTEWHLPAPNLVV
SLVGEERLFAMKSWLRDVLRKGLVKAAQSTGAWILTSALHVGLARHVGQAVRDHSLASTSTKVRVVAIGMASLDRILHRQ
LLDGVQAQEDTPIHYPADEGSTQGPLCPLDSNLSHFILVEPGTLGSGNDGLAELQLSLEKHISQQRTGYGGTSSIQIPVL
CLLVNGDPSTLERMSRAVEQAAPWLILAGSGGIADVLAALVGQPHLLVPQVTEKQFREKFPSECFSWEAIVHWTELLQNI
AAHPHLLTVYDFEQEGSEDLDTVILKALVKACKSHSRDAQDYLDELKLAVAWDRVDIAKSEIFNGDVEWKSCDLEEVMTD
ALVSNKPDFVRLFVDSGADMAEFLTYGRLQQLYHSVSPKSLLFELLERKHEEGRLTLAGLGAQQTRELPVGLPAFSLHEV
SRVLKDFLHDACRGFYQDGRRMEERGPPKRPAGQKWLPDLSRKSEDPWRDLFLWAVLQNRYEMATYFWAMGREGVAAALA
ACKIIKEMSHLEKEAEVARTMREAKYEQLALDLFSECYSNSEDRAFALLVRRNHSWSRTTCLHLATEADAKAFFAHDGVQ
AFLTKIWWGDMATGTPILRLLGAFTCPALIYTNLISFSEDAPQRMDLEDLQEPDSLDMEKSFLCSHGGQLEKLTEAPRAP
GDLGPQAAFLLTRWRKFWGAPVTVFLGNVVMYFAFLFLFSYVLLVDFRPPPQGPSGSEVTLYFWVFTLVLEEIRQGFFTN
EDTRLVKKFTLYVEDNWNKCDMVAIFLFIVGVTCRMVPSVFEAGRTVLAIDFMVFTLRLIHIFAIHKQLGPKIIIVERMM
KDVFFFLFFLSVWLVAYGVTTQALLHPHDGRLEWIFRRVLYRPYLQIFGQIPLDEIDEARVNCSLHPLLLDSSASCPNLY
ANWLVILLLVTFLLVTNVLLMNLLIAMFSYTFQVVQGNADMFWKFQRYHLIVEYHGRPALAPPFILLSHLSLVLKQVFRK
EAQHKQQHLERDLPDPVDQKIITWETVQKENFLSTMEKRRRDSEEEVLRKTAHRVDLIAKYIGGLREQEKRIKCLESQAN
YCMLLLSSMTDTLAPGGTYSSSQNCGRRSQPASARDREYLEAGLPHSDT
;
_entity_poly.pdbx_strand_id   A,B,C,D
#
loop_
_chem_comp.id
_chem_comp.type
_chem_comp.name
_chem_comp.formula
CA non-polymer 'CALCIUM ION' 'Ca 2'
#
# COMPACT_ATOMS: atom_id res chain seq x y z
N CYS A 35 -25.91 69.77 3.18
CA CYS A 35 -25.26 70.15 1.93
C CYS A 35 -24.58 68.95 1.27
N LYS A 36 -25.38 68.11 0.62
CA LYS A 36 -24.86 66.91 -0.04
C LYS A 36 -24.41 67.24 -1.46
N GLY A 37 -23.30 66.63 -1.87
CA GLY A 37 -22.79 66.85 -3.21
C GLY A 37 -22.03 65.63 -3.69
N GLU A 38 -21.63 65.68 -4.96
CA GLU A 38 -20.92 64.57 -5.58
C GLU A 38 -19.71 65.12 -6.34
N VAL A 39 -18.61 64.39 -6.27
CA VAL A 39 -17.39 64.71 -7.00
C VAL A 39 -17.18 63.68 -8.08
N ASN A 40 -17.28 64.09 -9.34
CA ASN A 40 -17.22 63.18 -10.48
C ASN A 40 -15.76 63.04 -10.92
N PHE A 41 -15.04 62.17 -10.23
CA PHE A 41 -13.65 61.90 -10.53
C PHE A 41 -13.51 60.65 -11.41
N LYS A 47 -16.09 58.14 -11.58
CA LYS A 47 -15.92 57.77 -10.17
C LYS A 47 -16.49 58.86 -9.27
N ARG A 48 -17.81 59.06 -9.33
CA ARG A 48 -18.48 60.08 -8.55
C ARG A 48 -18.60 59.60 -7.10
N SER A 49 -18.10 60.41 -6.17
CA SER A 49 -18.08 60.08 -4.75
C SER A 49 -18.90 61.14 -4.01
N LYS A 50 -19.82 60.69 -3.18
CA LYS A 50 -20.69 61.63 -2.47
C LYS A 50 -20.00 62.17 -1.22
N PHE A 51 -20.44 63.34 -0.80
CA PHE A 51 -19.89 63.99 0.38
C PHE A 51 -20.96 64.84 1.03
N VAL A 52 -20.92 64.90 2.36
CA VAL A 52 -21.88 65.69 3.13
C VAL A 52 -21.08 66.51 4.14
N LYS A 53 -21.26 67.83 4.09
CA LYS A 53 -20.61 68.70 5.04
C LYS A 53 -21.46 68.83 6.28
N VAL A 54 -20.90 68.50 7.43
CA VAL A 54 -21.64 68.51 8.69
C VAL A 54 -20.82 69.19 9.77
N PRO A 55 -21.36 70.19 10.46
CA PRO A 55 -20.66 70.76 11.62
C PRO A 55 -20.77 69.81 12.81
N SER A 56 -20.06 70.17 13.88
CA SER A 56 -20.07 69.36 15.08
C SER A 56 -21.36 69.57 15.87
N ASN A 57 -21.59 68.68 16.82
CA ASN A 57 -22.76 68.69 17.70
C ASN A 57 -24.08 68.54 16.94
N VAL A 58 -24.03 68.01 15.72
CA VAL A 58 -25.24 67.77 14.95
C VAL A 58 -25.89 66.47 15.42
N ALA A 59 -27.22 66.45 15.43
CA ALA A 59 -27.98 65.28 15.82
C ALA A 59 -27.55 64.06 15.01
N PRO A 60 -26.94 63.06 15.64
CA PRO A 60 -26.42 61.91 14.88
C PRO A 60 -27.51 61.15 14.14
N SER A 61 -28.68 61.03 14.76
CA SER A 61 -29.80 60.33 14.16
C SER A 61 -30.09 60.82 12.75
N MET A 62 -30.13 62.14 12.58
CA MET A 62 -30.36 62.71 11.26
C MET A 62 -29.27 62.30 10.29
N LEU A 63 -28.02 62.27 10.75
CA LEU A 63 -26.91 61.88 9.90
C LEU A 63 -27.05 60.43 9.43
N PHE A 64 -27.32 59.53 10.38
CA PHE A 64 -27.44 58.11 10.05
C PHE A 64 -28.60 57.87 9.10
N GLU A 65 -29.72 58.56 9.33
CA GLU A 65 -30.88 58.37 8.47
C GLU A 65 -30.63 58.93 7.08
N LEU A 66 -30.01 60.11 6.99
CA LEU A 66 -29.66 60.66 5.69
C LEU A 66 -28.75 59.69 4.94
N LEU A 67 -27.72 59.19 5.61
CA LEU A 67 -26.87 58.17 5.02
C LEU A 67 -27.71 57.04 4.42
N LEU A 68 -28.48 56.36 5.27
CA LEU A 68 -29.19 55.16 4.85
C LEU A 68 -30.13 55.44 3.68
N THR A 69 -30.91 56.52 3.76
CA THR A 69 -31.91 56.77 2.72
C THR A 69 -31.27 57.34 1.46
N GLU A 70 -30.62 58.49 1.57
CA GLU A 70 -30.14 59.18 0.38
C GLU A 70 -29.02 58.43 -0.33
N TRP A 71 -28.21 57.66 0.41
CA TRP A 71 -27.17 56.88 -0.24
C TRP A 71 -27.62 55.46 -0.57
N HIS A 72 -28.73 55.00 0.02
CA HIS A 72 -29.28 53.68 -0.24
C HIS A 72 -28.25 52.59 0.02
N LEU A 73 -27.63 52.68 1.19
CA LEU A 73 -26.63 51.71 1.63
C LEU A 73 -27.29 50.60 2.43
N PRO A 74 -26.82 49.37 2.30
CA PRO A 74 -27.47 48.26 2.99
C PRO A 74 -27.27 48.35 4.49
N ALA A 75 -28.18 47.71 5.22
CA ALA A 75 -28.07 47.68 6.67
C ALA A 75 -26.81 46.93 7.07
N PRO A 76 -26.04 47.44 8.02
CA PRO A 76 -24.79 46.79 8.38
C PRO A 76 -24.95 45.75 9.48
N ASN A 77 -24.32 44.60 9.30
CA ASN A 77 -24.28 43.59 10.35
C ASN A 77 -23.08 43.74 11.28
N LEU A 78 -22.22 44.73 11.04
CA LEU A 78 -21.03 44.96 11.83
C LEU A 78 -20.44 46.30 11.45
N VAL A 79 -19.84 46.98 12.43
CA VAL A 79 -19.09 48.21 12.20
C VAL A 79 -17.82 48.18 13.05
N VAL A 80 -16.69 48.48 12.42
CA VAL A 80 -15.41 48.55 13.10
C VAL A 80 -14.78 49.89 12.79
N SER A 81 -14.25 50.56 13.81
CA SER A 81 -13.73 51.92 13.68
C SER A 81 -12.22 51.92 13.90
N LEU A 82 -11.49 52.42 12.90
CA LEU A 82 -10.05 52.54 13.01
C LEU A 82 -9.68 53.69 13.95
N VAL A 83 -8.55 53.53 14.66
CA VAL A 83 -8.09 54.54 15.61
C VAL A 83 -6.63 54.90 15.41
N GLY A 84 -5.98 54.37 14.37
CA GLY A 84 -4.57 54.64 14.18
C GLY A 84 -4.20 55.06 12.77
N GLU A 85 -3.43 56.14 12.65
CA GLU A 85 -2.91 56.58 11.36
C GLU A 85 -1.61 57.35 11.62
N GLU A 86 -0.48 56.66 11.44
CA GLU A 86 0.84 57.26 11.56
C GLU A 86 1.68 56.80 10.37
N ARG A 87 1.91 57.70 9.41
CA ARG A 87 2.64 57.34 8.21
C ARG A 87 4.12 57.10 8.49
N LEU A 88 4.58 57.40 9.70
CA LEU A 88 6.00 57.26 10.00
C LEU A 88 6.45 55.80 9.96
N PHE A 89 5.66 54.90 10.57
CA PHE A 89 6.01 53.50 10.68
C PHE A 89 5.27 52.71 9.61
N ALA A 90 6.00 51.96 8.79
CA ALA A 90 5.42 51.15 7.75
C ALA A 90 4.82 49.88 8.33
N MET A 91 4.01 49.20 7.51
CA MET A 91 3.31 48.00 7.93
C MET A 91 4.16 46.77 7.64
N LYS A 92 4.39 45.96 8.68
CA LYS A 92 5.16 44.73 8.52
C LYS A 92 4.33 43.68 7.80
N SER A 93 4.99 42.58 7.43
CA SER A 93 4.31 41.50 6.71
C SER A 93 3.22 40.87 7.56
N TRP A 94 3.59 40.38 8.74
CA TRP A 94 2.67 39.73 9.66
C TRP A 94 1.44 40.59 9.93
N LEU A 95 1.57 41.90 9.77
CA LEU A 95 0.45 42.80 9.91
C LEU A 95 -0.40 42.85 8.64
N ARG A 96 0.20 43.23 7.52
CA ARG A 96 -0.53 43.34 6.26
C ARG A 96 -1.30 42.08 5.94
N ASP A 97 -0.61 40.95 5.88
CA ASP A 97 -1.22 39.73 5.35
C ASP A 97 -2.52 39.42 6.08
N VAL A 98 -2.43 39.13 7.38
CA VAL A 98 -3.66 38.82 8.12
C VAL A 98 -4.61 40.01 8.10
N LEU A 99 -4.19 41.18 8.62
CA LEU A 99 -5.10 42.29 8.86
C LEU A 99 -5.96 42.60 7.66
N ARG A 100 -5.38 42.60 6.46
CA ARG A 100 -6.18 42.93 5.29
C ARG A 100 -6.68 41.69 4.57
N LYS A 101 -5.80 40.82 4.08
CA LYS A 101 -6.26 39.69 3.30
C LYS A 101 -7.18 38.79 4.13
N GLY A 102 -6.68 38.27 5.26
CA GLY A 102 -7.42 37.24 5.96
C GLY A 102 -8.68 37.76 6.63
N LEU A 103 -8.70 39.05 6.95
CA LEU A 103 -9.88 39.64 7.56
C LEU A 103 -10.92 40.01 6.51
N VAL A 104 -10.53 40.76 5.48
CA VAL A 104 -11.51 41.24 4.53
C VAL A 104 -12.02 40.12 3.62
N LYS A 105 -11.18 39.14 3.29
CA LYS A 105 -11.67 38.01 2.50
C LYS A 105 -12.78 37.27 3.22
N ALA A 106 -12.70 37.19 4.55
CA ALA A 106 -13.77 36.57 5.31
C ALA A 106 -14.96 37.51 5.45
N ALA A 107 -14.71 38.79 5.70
CA ALA A 107 -15.80 39.74 5.89
C ALA A 107 -16.60 39.96 4.61
N GLN A 108 -16.04 39.57 3.46
CA GLN A 108 -16.76 39.70 2.20
C GLN A 108 -17.96 38.78 2.11
N SER A 109 -18.18 37.95 3.13
CA SER A 109 -19.32 37.05 3.16
C SER A 109 -20.51 37.64 3.90
N THR A 110 -20.27 38.53 4.87
CA THR A 110 -21.33 39.15 5.63
C THR A 110 -21.39 40.67 5.50
N GLY A 111 -20.31 41.31 5.07
CA GLY A 111 -20.31 42.75 4.88
C GLY A 111 -20.29 43.54 6.18
N ALA A 112 -19.76 44.76 6.13
CA ALA A 112 -19.64 45.60 7.31
C ALA A 112 -19.31 47.02 6.86
N TRP A 113 -19.08 47.90 7.82
CA TRP A 113 -18.69 49.28 7.57
C TRP A 113 -17.31 49.51 8.16
N ILE A 114 -16.57 50.45 7.57
CA ILE A 114 -15.21 50.79 8.00
C ILE A 114 -15.16 52.30 8.17
N LEU A 115 -15.00 52.77 9.40
CA LEU A 115 -14.92 54.21 9.67
C LEU A 115 -13.47 54.66 9.62
N THR A 116 -12.92 54.67 8.40
CA THR A 116 -11.53 55.03 8.18
C THR A 116 -11.39 56.53 8.01
N SER A 117 -10.37 57.10 8.63
CA SER A 117 -10.13 58.53 8.54
C SER A 117 -9.53 58.90 7.19
N ALA A 118 -10.13 59.88 6.53
CA ALA A 118 -9.68 60.33 5.23
C ALA A 118 -8.84 61.61 5.34
N LEU A 119 -8.47 62.17 4.17
CA LEU A 119 -7.68 63.39 4.08
C LEU A 119 -6.35 63.31 4.83
N HIS A 120 -5.70 62.15 4.75
CA HIS A 120 -4.42 61.92 5.42
C HIS A 120 -3.66 60.82 4.70
N VAL A 121 -2.35 60.74 4.94
CA VAL A 121 -1.55 59.70 4.32
C VAL A 121 -1.28 58.60 5.33
N GLY A 122 -1.68 57.38 4.97
CA GLY A 122 -1.50 56.24 5.84
C GLY A 122 -2.16 55.00 5.28
N LEU A 123 -2.19 53.94 6.08
CA LEU A 123 -2.80 52.67 5.67
C LEU A 123 -4.23 52.87 5.15
N ALA A 124 -4.77 54.06 5.33
CA ALA A 124 -6.12 54.36 4.87
C ALA A 124 -6.30 54.05 3.40
N ARG A 125 -5.44 54.61 2.54
CA ARG A 125 -5.54 54.35 1.12
C ARG A 125 -5.27 52.88 0.80
N HIS A 126 -4.39 52.25 1.58
CA HIS A 126 -4.15 50.82 1.41
C HIS A 126 -5.45 50.04 1.58
N VAL A 127 -6.14 50.25 2.71
CA VAL A 127 -7.40 49.54 2.95
C VAL A 127 -8.42 49.89 1.88
N GLY A 128 -8.48 51.17 1.49
CA GLY A 128 -9.46 51.60 0.51
C GLY A 128 -9.30 50.89 -0.82
N GLN A 129 -8.09 50.93 -1.39
CA GLN A 129 -7.87 50.24 -2.66
C GLN A 129 -7.96 48.73 -2.49
N ALA A 130 -7.66 48.21 -1.30
CA ALA A 130 -7.80 46.78 -1.08
C ALA A 130 -9.25 46.35 -1.21
N VAL A 131 -10.17 47.13 -0.63
CA VAL A 131 -11.58 46.79 -0.75
C VAL A 131 -12.03 46.86 -2.20
N ARG A 132 -11.53 47.83 -2.96
CA ARG A 132 -11.93 47.95 -4.36
C ARG A 132 -11.40 46.78 -5.18
N ASP A 133 -10.16 46.36 -4.93
CA ASP A 133 -9.59 45.25 -5.66
C ASP A 133 -10.28 43.94 -5.28
N HIS A 134 -10.70 43.81 -4.03
CA HIS A 134 -11.44 42.62 -3.63
C HIS A 134 -12.82 42.58 -4.27
N SER A 135 -13.50 43.73 -4.32
CA SER A 135 -14.81 43.79 -4.96
C SER A 135 -14.71 43.54 -6.45
N LEU A 136 -13.60 43.95 -7.07
CA LEU A 136 -13.41 43.70 -8.49
C LEU A 136 -13.40 42.20 -8.79
N ALA A 137 -13.01 41.39 -7.81
CA ALA A 137 -13.01 39.94 -7.98
C ALA A 137 -14.23 39.33 -7.32
N VAL A 143 -24.22 41.70 0.07
CA VAL A 143 -23.16 41.79 1.07
C VAL A 143 -21.93 42.44 0.47
N ARG A 144 -21.54 43.60 1.00
CA ARG A 144 -20.37 44.31 0.54
C ARG A 144 -19.72 45.03 1.71
N VAL A 145 -18.44 45.36 1.52
CA VAL A 145 -17.66 46.10 2.51
C VAL A 145 -17.38 47.49 1.96
N VAL A 146 -17.71 48.51 2.74
CA VAL A 146 -17.54 49.89 2.32
C VAL A 146 -16.78 50.66 3.40
N ALA A 147 -16.19 51.77 3.01
CA ALA A 147 -15.42 52.61 3.91
C ALA A 147 -15.99 54.02 3.89
N ILE A 148 -16.14 54.61 5.07
CA ILE A 148 -16.69 55.95 5.24
C ILE A 148 -15.58 56.83 5.80
N GLY A 149 -15.22 57.89 5.07
CA GLY A 149 -14.15 58.77 5.47
C GLY A 149 -14.67 60.02 6.13
N MET A 150 -14.29 60.22 7.39
CA MET A 150 -14.64 61.41 8.14
C MET A 150 -13.37 62.15 8.55
N ALA A 151 -13.39 63.47 8.39
CA ALA A 151 -12.22 64.29 8.66
C ALA A 151 -12.66 65.74 8.81
N SER A 152 -11.85 66.51 9.53
CA SER A 152 -12.14 67.92 9.74
C SER A 152 -11.89 68.71 8.46
N LEU A 153 -12.80 69.64 8.17
CA LEU A 153 -12.72 70.41 6.94
C LEU A 153 -11.58 71.41 6.93
N ASP A 154 -10.99 71.72 8.09
CA ASP A 154 -9.91 72.70 8.14
C ASP A 154 -8.59 72.13 7.62
N ARG A 155 -8.26 70.90 8.01
CA ARG A 155 -6.99 70.31 7.63
C ARG A 155 -6.92 69.93 6.15
N ILE A 156 -8.06 69.86 5.48
CA ILE A 156 -8.07 69.53 4.05
C ILE A 156 -7.46 70.68 3.26
N LEU A 157 -6.84 70.36 2.14
CA LEU A 157 -6.33 71.36 1.22
C LEU A 157 -7.39 71.68 0.17
N HIS A 158 -7.40 72.94 -0.28
CA HIS A 158 -8.35 73.42 -1.28
C HIS A 158 -9.79 73.22 -0.80
N ARG A 159 -10.05 73.68 0.42
CA ARG A 159 -11.37 73.60 1.02
C ARG A 159 -12.30 74.72 0.57
N GLN A 160 -11.75 75.90 0.26
CA GLN A 160 -12.58 76.97 -0.27
C GLN A 160 -13.14 76.61 -1.64
N LEU A 161 -12.35 75.93 -2.47
CA LEU A 161 -12.84 75.50 -3.77
C LEU A 161 -13.96 74.47 -3.64
N LEU A 162 -13.91 73.62 -2.62
CA LEU A 162 -14.98 72.66 -2.40
C LEU A 162 -16.22 73.35 -1.83
N ASP A 163 -16.02 74.31 -0.92
CA ASP A 163 -17.15 75.00 -0.30
C ASP A 163 -17.92 75.83 -1.30
N GLY A 164 -17.26 76.34 -2.33
CA GLY A 164 -17.91 77.16 -3.34
C GLY A 164 -18.33 76.39 -4.57
N THR A 171 -22.72 68.81 -8.40
CA THR A 171 -21.71 69.84 -8.59
C THR A 171 -20.33 69.32 -8.22
N PRO A 172 -19.66 68.67 -9.16
CA PRO A 172 -18.33 68.12 -8.89
C PRO A 172 -17.28 69.22 -8.80
N ILE A 173 -16.84 69.50 -7.57
CA ILE A 173 -15.72 70.41 -7.38
C ILE A 173 -14.42 69.69 -7.71
N HIS A 174 -13.76 70.13 -8.78
CA HIS A 174 -12.56 69.45 -9.24
C HIS A 174 -11.50 69.41 -8.16
N TYR A 175 -10.95 68.22 -7.90
CA TYR A 175 -9.98 68.03 -6.83
C TYR A 175 -8.72 67.32 -7.31
N PRO A 176 -8.02 67.87 -8.32
CA PRO A 176 -6.70 67.33 -8.67
C PRO A 176 -5.62 67.94 -7.80
N ALA A 177 -5.07 67.14 -6.89
CA ALA A 177 -4.06 67.59 -5.95
C ALA A 177 -2.75 66.85 -6.22
N ASP A 178 -1.65 67.58 -6.24
CA ASP A 178 -0.35 66.99 -6.49
C ASP A 178 0.15 66.21 -5.27
N LEU A 186 -1.45 70.77 6.78
CA LEU A 186 -2.17 70.61 5.52
C LEU A 186 -1.77 69.32 4.81
N CYS A 187 -2.75 68.65 4.22
CA CYS A 187 -2.50 67.39 3.51
C CYS A 187 -3.62 67.20 2.49
N PRO A 188 -3.29 66.71 1.30
CA PRO A 188 -4.32 66.50 0.28
C PRO A 188 -5.21 65.32 0.60
N LEU A 189 -6.31 65.23 -0.12
CA LEU A 189 -7.35 64.25 0.14
C LEU A 189 -7.28 63.10 -0.87
N ASP A 190 -7.67 61.93 -0.42
CA ASP A 190 -7.66 60.74 -1.26
C ASP A 190 -8.84 60.76 -2.23
N SER A 191 -8.63 60.18 -3.40
CA SER A 191 -9.69 59.96 -4.37
C SER A 191 -10.08 58.51 -4.51
N ASN A 192 -9.73 57.66 -3.54
CA ASN A 192 -10.14 56.26 -3.58
C ASN A 192 -11.46 56.04 -2.86
N LEU A 193 -11.59 56.55 -1.63
CA LEU A 193 -12.81 56.35 -0.86
C LEU A 193 -14.00 57.00 -1.56
N SER A 194 -15.14 56.31 -1.55
CA SER A 194 -16.30 56.72 -2.33
C SER A 194 -17.28 57.61 -1.57
N HIS A 195 -17.08 57.83 -0.27
CA HIS A 195 -18.02 58.63 0.50
C HIS A 195 -17.24 59.50 1.47
N PHE A 196 -17.81 60.65 1.82
CA PHE A 196 -17.14 61.56 2.73
C PHE A 196 -18.12 62.24 3.66
N ILE A 197 -17.76 62.27 4.93
CA ILE A 197 -18.50 63.00 5.96
C ILE A 197 -17.58 64.09 6.48
N LEU A 198 -17.64 65.27 5.87
CA LEU A 198 -16.67 66.33 6.13
C LEU A 198 -17.16 67.21 7.27
N VAL A 199 -16.29 67.46 8.23
CA VAL A 199 -16.62 68.30 9.38
C VAL A 199 -16.34 69.77 9.06
N LEU A 211 -13.17 66.69 15.90
CA LEU A 211 -14.19 65.86 15.28
C LEU A 211 -14.43 64.60 16.10
N ALA A 212 -13.59 64.38 17.12
CA ALA A 212 -13.68 63.17 17.91
C ALA A 212 -15.05 63.04 18.57
N GLU A 213 -15.65 64.15 18.98
CA GLU A 213 -16.98 64.08 19.59
C GLU A 213 -18.00 63.49 18.63
N LEU A 214 -17.89 63.82 17.34
CA LEU A 214 -18.82 63.27 16.36
C LEU A 214 -18.64 61.76 16.24
N GLN A 215 -17.41 61.29 16.17
CA GLN A 215 -17.18 59.85 16.06
C GLN A 215 -17.71 59.13 17.29
N LEU A 216 -17.44 59.67 18.49
CA LEU A 216 -17.94 59.04 19.71
C LEU A 216 -19.46 58.99 19.73
N SER A 217 -20.12 60.10 19.40
CA SER A 217 -21.57 60.13 19.49
C SER A 217 -22.21 59.27 18.41
N LEU A 218 -21.59 59.19 17.23
CA LEU A 218 -22.11 58.34 16.18
C LEU A 218 -21.96 56.86 16.55
N GLU A 219 -20.85 56.50 17.20
CA GLU A 219 -20.73 55.14 17.69
C GLU A 219 -21.78 54.85 18.75
N LYS A 220 -22.04 55.81 19.63
CA LYS A 220 -23.08 55.61 20.65
C LYS A 220 -24.45 55.43 20.00
N HIS A 221 -24.70 56.15 18.91
CA HIS A 221 -25.98 56.01 18.23
C HIS A 221 -26.09 54.66 17.53
N ILE A 222 -25.03 54.24 16.83
CA ILE A 222 -25.09 52.98 16.09
C ILE A 222 -25.22 51.80 17.04
N SER A 223 -24.45 51.80 18.13
CA SER A 223 -24.51 50.70 19.09
C SER A 223 -25.85 50.58 19.78
N GLN A 224 -26.78 51.51 19.55
CA GLN A 224 -28.06 51.54 20.25
C GLN A 224 -29.24 51.24 19.34
N GLN A 225 -29.24 51.77 18.12
CA GLN A 225 -30.38 51.58 17.23
C GLN A 225 -30.57 50.10 16.90
N ARG A 226 -31.82 49.67 16.88
CA ARG A 226 -32.19 48.27 16.68
C ARG A 226 -32.75 48.10 15.28
N THR A 227 -31.96 47.49 14.39
CA THR A 227 -32.34 47.36 12.99
C THR A 227 -33.13 46.09 12.70
N GLY A 228 -33.33 45.22 13.69
CA GLY A 228 -34.10 44.00 13.48
C GLY A 228 -35.55 44.28 13.13
N SER A 233 -38.35 39.48 15.83
CA SER A 233 -37.16 39.82 15.06
C SER A 233 -36.69 41.23 15.38
N SER A 234 -35.97 41.38 16.49
CA SER A 234 -35.40 42.65 16.91
C SER A 234 -33.95 42.43 17.30
N ILE A 235 -33.02 42.79 16.41
CA ILE A 235 -31.61 42.51 16.61
C ILE A 235 -30.84 43.82 16.65
N GLN A 236 -29.71 43.79 17.35
CA GLN A 236 -28.85 44.95 17.53
C GLN A 236 -27.77 44.98 16.45
N ILE A 237 -26.94 46.01 16.48
CA ILE A 237 -25.83 46.18 15.56
C ILE A 237 -24.54 46.17 16.38
N PRO A 238 -23.64 45.23 16.15
CA PRO A 238 -22.39 45.21 16.92
C PRO A 238 -21.43 46.29 16.45
N VAL A 239 -20.67 46.81 17.41
CA VAL A 239 -19.69 47.86 17.15
C VAL A 239 -18.37 47.43 17.78
N LEU A 240 -17.27 47.76 17.11
CA LEU A 240 -15.95 47.43 17.63
C LEU A 240 -14.95 48.48 17.21
N CYS A 241 -13.88 48.63 17.99
CA CYS A 241 -12.85 49.63 17.75
C CYS A 241 -11.50 48.94 17.63
N LEU A 242 -10.72 49.34 16.62
CA LEU A 242 -9.44 48.69 16.30
C LEU A 242 -8.33 49.73 16.40
N LEU A 243 -7.51 49.62 17.43
CA LEU A 243 -6.43 50.59 17.69
C LEU A 243 -5.14 50.05 17.07
N VAL A 244 -4.55 50.81 16.16
CA VAL A 244 -3.38 50.39 15.41
C VAL A 244 -2.32 51.48 15.53
N ASN A 245 -1.44 51.33 16.53
CA ASN A 245 -0.24 52.16 16.71
C ASN A 245 -0.54 53.66 16.56
N GLY A 246 -1.37 54.18 17.46
CA GLY A 246 -1.75 55.57 17.42
C GLY A 246 -0.80 56.48 18.17
N ASP A 247 -1.09 57.78 18.07
CA ASP A 247 -0.35 58.82 18.78
C ASP A 247 -0.90 58.97 20.20
N PRO A 248 -0.16 59.62 21.09
CA PRO A 248 -0.63 59.75 22.47
C PRO A 248 -1.98 60.44 22.62
N SER A 249 -2.28 61.41 21.76
CA SER A 249 -3.53 62.16 21.89
C SER A 249 -4.75 61.26 21.88
N THR A 250 -4.72 60.18 21.08
CA THR A 250 -5.85 59.26 20.96
C THR A 250 -6.25 58.70 22.32
N LEU A 251 -5.36 58.79 23.30
CA LEU A 251 -5.71 58.43 24.68
C LEU A 251 -7.03 59.05 25.08
N GLU A 252 -7.16 60.37 24.93
CA GLU A 252 -8.41 61.03 25.23
C GLU A 252 -9.55 60.41 24.44
N ARG A 253 -9.35 60.23 23.13
CA ARG A 253 -10.37 59.63 22.28
C ARG A 253 -10.77 58.26 22.80
N MET A 254 -9.86 57.54 23.44
CA MET A 254 -10.22 56.24 23.99
C MET A 254 -10.85 56.36 25.37
N SER A 255 -10.46 57.37 26.15
CA SER A 255 -10.87 57.45 27.55
C SER A 255 -12.38 57.45 27.68
N ARG A 256 -13.03 58.49 27.15
CA ARG A 256 -14.49 58.54 27.16
C ARG A 256 -15.10 57.35 26.46
N ALA A 257 -14.36 56.75 25.52
CA ALA A 257 -14.87 55.58 24.81
C ALA A 257 -15.18 54.43 25.77
N VAL A 258 -14.46 54.35 26.88
CA VAL A 258 -14.75 53.29 27.85
C VAL A 258 -16.10 53.53 28.50
N GLU A 259 -16.48 54.79 28.68
CA GLU A 259 -17.79 55.11 29.19
C GLU A 259 -18.89 54.79 28.17
N GLN A 260 -18.54 54.75 26.89
CA GLN A 260 -19.51 54.57 25.82
C GLN A 260 -19.90 53.11 25.60
N ALA A 261 -19.30 52.18 26.33
CA ALA A 261 -19.66 50.75 26.28
C ALA A 261 -19.51 50.20 24.87
N ALA A 262 -18.28 50.19 24.38
CA ALA A 262 -17.93 49.60 23.10
C ALA A 262 -16.61 48.85 23.26
N PRO A 263 -16.56 47.56 22.90
CA PRO A 263 -15.34 46.79 23.15
C PRO A 263 -14.20 47.25 22.26
N TRP A 264 -13.02 47.36 22.85
CA TRP A 264 -11.81 47.79 22.16
C TRP A 264 -10.91 46.59 21.95
N LEU A 265 -10.26 46.53 20.79
CA LEU A 265 -9.30 45.49 20.48
C LEU A 265 -7.96 46.15 20.16
N ILE A 266 -6.93 45.84 20.95
CA ILE A 266 -5.65 46.50 20.83
C ILE A 266 -4.63 45.51 20.29
N LEU A 267 -4.03 45.85 19.16
CA LEU A 267 -3.00 45.03 18.54
C LEU A 267 -1.67 45.27 19.25
N ALA A 268 -1.15 44.23 19.90
CA ALA A 268 -0.04 44.40 20.82
C ALA A 268 1.28 44.72 20.13
N GLY A 269 1.49 44.24 18.91
CA GLY A 269 2.71 44.54 18.18
C GLY A 269 2.61 45.71 17.24
N SER A 270 1.63 46.59 17.40
CA SER A 270 1.38 47.64 16.43
C SER A 270 2.58 48.58 16.32
N GLY A 271 3.03 49.13 17.44
CA GLY A 271 4.20 49.99 17.45
C GLY A 271 3.95 51.45 17.69
N GLY A 272 2.84 51.82 18.35
CA GLY A 272 2.62 53.20 18.73
C GLY A 272 2.29 53.33 20.20
N ILE A 273 1.13 53.90 20.51
CA ILE A 273 0.63 53.85 21.88
C ILE A 273 0.06 52.48 22.19
N ALA A 274 -0.31 51.71 21.16
CA ALA A 274 -0.77 50.34 21.39
C ALA A 274 0.28 49.53 22.14
N ASP A 275 1.56 49.81 21.89
CA ASP A 275 2.63 49.09 22.58
C ASP A 275 2.58 49.34 24.07
N VAL A 276 2.63 50.62 24.48
CA VAL A 276 2.63 50.94 25.90
C VAL A 276 1.34 50.48 26.55
N LEU A 277 0.23 50.53 25.82
CA LEU A 277 -1.04 50.08 26.37
C LEU A 277 -0.99 48.58 26.63
N ALA A 278 -0.61 47.79 25.61
CA ALA A 278 -0.45 46.36 25.76
C ALA A 278 0.45 46.02 26.93
N ALA A 279 1.51 46.81 27.12
CA ALA A 279 2.40 46.56 28.24
C ALA A 279 1.71 46.82 29.58
N LEU A 280 0.99 47.93 29.69
CA LEU A 280 0.54 48.43 30.98
C LEU A 280 -0.93 48.15 31.27
N VAL A 281 -1.53 47.14 30.65
CA VAL A 281 -2.85 46.71 31.12
C VAL A 281 -2.70 45.71 32.26
N GLY A 282 -1.56 45.03 32.34
CA GLY A 282 -1.30 44.10 33.43
C GLY A 282 -0.07 44.47 34.21
N GLN A 283 -0.24 44.77 35.50
CA GLN A 283 0.87 45.14 36.36
C GLN A 283 0.62 44.64 37.78
N PRO A 284 1.65 44.59 38.63
CA PRO A 284 1.39 44.38 40.06
C PRO A 284 0.57 45.52 40.65
N HIS A 285 1.04 46.75 40.50
CA HIS A 285 0.29 47.95 40.83
C HIS A 285 0.02 48.67 39.52
N LEU A 286 -1.21 48.57 39.01
CA LEU A 286 -1.53 49.17 37.72
C LEU A 286 -1.33 50.67 37.73
N LEU A 287 -1.33 51.29 38.91
CA LEU A 287 -1.01 52.71 39.02
C LEU A 287 0.40 52.96 38.49
N VAL A 288 0.51 53.93 37.59
CA VAL A 288 1.78 54.22 36.92
C VAL A 288 2.27 55.60 37.32
N PRO A 289 2.93 55.76 38.47
CA PRO A 289 3.44 57.08 38.83
C PRO A 289 4.52 57.55 37.88
N GLN A 290 5.52 56.69 37.64
CA GLN A 290 6.65 57.01 36.79
C GLN A 290 7.00 55.92 35.79
N VAL A 291 6.48 54.69 35.96
CA VAL A 291 6.75 53.65 34.97
C VAL A 291 6.14 54.03 33.62
N THR A 292 5.05 54.79 33.64
CA THR A 292 4.53 55.33 32.38
C THR A 292 5.56 56.24 31.73
N GLU A 293 6.22 57.08 32.53
CA GLU A 293 7.32 57.89 32.01
C GLU A 293 8.41 57.02 31.42
N LYS A 294 8.72 55.90 32.09
CA LYS A 294 9.72 54.96 31.58
C LYS A 294 9.33 54.43 30.21
N GLN A 295 8.08 53.99 30.06
CA GLN A 295 7.64 53.45 28.78
C GLN A 295 7.65 54.52 27.70
N PHE A 296 7.08 55.70 27.99
CA PHE A 296 7.06 56.77 27.00
C PHE A 296 8.47 57.20 26.62
N ARG A 297 9.43 57.06 27.53
CA ARG A 297 10.82 57.30 27.18
C ARG A 297 11.35 56.18 26.29
N GLU A 298 10.92 54.95 26.54
CA GLU A 298 11.40 53.82 25.75
C GLU A 298 10.91 53.92 24.30
N LYS A 299 9.61 54.05 24.11
CA LYS A 299 9.05 54.07 22.77
C LYS A 299 8.86 55.50 22.29
N PHE A 300 9.02 55.69 20.96
CA PHE A 300 9.10 56.98 20.28
C PHE A 300 9.86 58.01 21.10
N PRO A 301 11.15 57.80 21.34
CA PRO A 301 11.91 58.70 22.21
C PRO A 301 12.22 60.06 21.61
N SER A 302 11.93 60.28 20.32
CA SER A 302 12.24 61.56 19.70
C SER A 302 11.46 62.69 20.34
N GLU A 303 10.28 62.40 20.89
CA GLU A 303 9.42 63.40 21.49
C GLU A 303 9.63 63.43 22.99
N CYS A 304 10.12 64.56 23.50
CA CYS A 304 10.23 64.75 24.94
C CYS A 304 8.90 65.21 25.52
N PHE A 305 8.68 64.86 26.79
CA PHE A 305 7.40 65.12 27.45
C PHE A 305 7.64 65.74 28.82
N SER A 306 6.81 66.71 29.18
CA SER A 306 6.90 67.34 30.49
C SER A 306 6.25 66.47 31.56
N TRP A 307 6.86 66.42 32.73
CA TRP A 307 6.34 65.62 33.83
C TRP A 307 4.93 66.06 34.21
N GLU A 308 4.66 67.37 34.11
CA GLU A 308 3.30 67.87 34.40
C GLU A 308 2.30 67.32 33.39
N ALA A 309 2.74 67.09 32.15
CA ALA A 309 1.86 66.45 31.18
C ALA A 309 1.65 64.98 31.51
N ILE A 310 2.69 64.31 32.00
CA ILE A 310 2.60 62.88 32.30
C ILE A 310 1.63 62.64 33.45
N VAL A 311 1.76 63.42 34.53
CA VAL A 311 0.97 63.24 35.74
C VAL A 311 -0.53 63.20 35.43
N HIS A 312 -0.92 63.62 34.24
CA HIS A 312 -2.31 63.55 33.81
C HIS A 312 -2.59 62.28 33.01
N TRP A 313 -1.71 61.94 32.06
CA TRP A 313 -1.91 60.75 31.26
C TRP A 313 -1.87 59.49 32.13
N THR A 314 -1.06 59.50 33.18
CA THR A 314 -1.03 58.35 34.07
C THR A 314 -2.37 58.17 34.78
N GLU A 315 -3.04 59.26 35.14
CA GLU A 315 -4.37 59.14 35.72
C GLU A 315 -5.37 58.68 34.68
N LEU A 316 -5.20 59.13 33.43
CA LEU A 316 -6.04 58.62 32.34
C LEU A 316 -5.92 57.10 32.23
N LEU A 317 -4.70 56.59 32.28
CA LEU A 317 -4.50 55.14 32.21
C LEU A 317 -5.07 54.44 33.42
N GLN A 318 -4.90 55.03 34.60
CA GLN A 318 -5.45 54.42 35.82
C GLN A 318 -6.97 54.35 35.75
N ASN A 319 -7.60 55.28 35.04
CA ASN A 319 -9.04 55.19 34.87
C ASN A 319 -9.41 54.16 33.81
N ILE A 320 -8.68 54.14 32.69
CA ILE A 320 -9.03 53.24 31.59
C ILE A 320 -8.90 51.79 32.03
N ALA A 321 -7.80 51.44 32.69
CA ALA A 321 -7.59 50.06 33.11
C ALA A 321 -8.58 49.59 34.15
N ALA A 322 -9.52 50.44 34.58
CA ALA A 322 -10.50 50.06 35.59
C ALA A 322 -11.72 49.38 34.98
N HIS A 323 -11.66 49.01 33.70
CA HIS A 323 -12.74 48.30 33.04
C HIS A 323 -12.13 47.23 32.15
N PRO A 324 -11.70 46.11 32.73
CA PRO A 324 -10.97 45.11 31.97
C PRO A 324 -11.83 44.36 30.96
N HIS A 325 -13.14 44.29 31.24
CA HIS A 325 -14.02 43.48 30.40
C HIS A 325 -14.11 44.04 28.97
N LEU A 326 -14.13 45.37 28.84
CA LEU A 326 -14.35 45.95 27.52
C LEU A 326 -13.14 45.73 26.62
N LEU A 327 -11.97 46.21 27.03
CA LEU A 327 -10.80 46.15 26.17
C LEU A 327 -10.19 44.76 26.19
N THR A 328 -9.55 44.39 25.08
CA THR A 328 -8.80 43.14 24.98
C THR A 328 -7.55 43.39 24.13
N VAL A 329 -6.39 43.08 24.70
CA VAL A 329 -5.14 43.19 23.97
C VAL A 329 -4.76 41.83 23.41
N TYR A 330 -4.29 41.81 22.16
CA TYR A 330 -3.93 40.54 21.55
C TYR A 330 -2.65 40.68 20.74
N ASP A 331 -1.90 39.59 20.68
CA ASP A 331 -0.64 39.54 19.95
C ASP A 331 -0.76 38.56 18.80
N PHE A 332 -0.33 38.99 17.62
CA PHE A 332 -0.45 38.20 16.40
C PHE A 332 0.84 37.55 15.94
N GLU A 333 1.99 38.14 16.27
CA GLU A 333 3.24 37.62 15.74
C GLU A 333 3.66 36.34 16.44
N GLN A 334 3.42 36.25 17.75
CA GLN A 334 3.85 35.08 18.51
C GLN A 334 3.22 33.80 17.98
N GLU A 335 1.89 33.78 17.89
CA GLU A 335 1.18 32.63 17.34
C GLU A 335 -0.04 33.14 16.60
N GLY A 336 0.08 33.29 15.28
CA GLY A 336 -0.99 33.78 14.45
C GLY A 336 -2.03 32.77 14.06
N SER A 337 -2.11 31.65 14.79
CA SER A 337 -3.09 30.61 14.44
C SER A 337 -4.51 31.15 14.50
N GLU A 338 -4.83 31.94 15.53
CA GLU A 338 -6.15 32.51 15.68
C GLU A 338 -6.30 33.67 14.70
N ASP A 339 -7.15 33.49 13.70
CA ASP A 339 -7.40 34.54 12.73
C ASP A 339 -8.12 35.71 13.37
N LEU A 340 -8.32 36.77 12.59
CA LEU A 340 -8.91 37.99 13.15
C LEU A 340 -10.37 37.78 13.54
N ASP A 341 -11.13 37.06 12.70
CA ASP A 341 -12.54 36.86 13.00
C ASP A 341 -12.74 36.15 14.33
N THR A 342 -11.85 35.23 14.67
CA THR A 342 -11.95 34.50 15.93
C THR A 342 -11.85 35.47 17.11
N VAL A 343 -10.80 36.31 17.13
CA VAL A 343 -10.63 37.21 18.26
C VAL A 343 -11.71 38.28 18.27
N ILE A 344 -12.19 38.71 17.10
CA ILE A 344 -13.28 39.68 17.05
C ILE A 344 -14.52 39.10 17.73
N LEU A 345 -14.92 37.90 17.32
CA LEU A 345 -16.10 37.29 17.91
C LEU A 345 -15.90 37.04 19.40
N LYS A 346 -14.69 36.62 19.79
CA LYS A 346 -14.39 36.38 21.20
C LYS A 346 -14.57 37.65 22.02
N ALA A 347 -14.02 38.77 21.54
CA ALA A 347 -14.13 40.03 22.26
C ALA A 347 -15.58 40.52 22.31
N LEU A 348 -16.30 40.37 21.20
CA LEU A 348 -17.70 40.77 21.18
C LEU A 348 -18.50 40.00 22.22
N VAL A 349 -18.31 38.68 22.30
CA VAL A 349 -19.06 37.90 23.27
C VAL A 349 -18.61 38.23 24.70
N LYS A 350 -17.31 38.45 24.90
CA LYS A 350 -16.83 38.81 26.23
C LYS A 350 -17.46 40.11 26.70
N ALA A 351 -17.59 41.09 25.79
CA ALA A 351 -18.20 42.35 26.16
C ALA A 351 -19.70 42.19 26.40
N CYS A 352 -20.38 41.45 25.54
CA CYS A 352 -21.82 41.27 25.69
C CYS A 352 -22.17 40.45 26.92
N LYS A 353 -21.23 39.68 27.46
CA LYS A 353 -21.47 38.94 28.69
C LYS A 353 -21.78 39.90 29.84
N SER A 354 -20.95 40.93 30.01
CA SER A 354 -21.06 41.78 31.19
C SER A 354 -22.36 42.60 31.19
N HIS A 355 -22.81 43.02 30.02
CA HIS A 355 -23.99 43.89 29.94
C HIS A 355 -25.22 43.21 30.53
N SER A 356 -25.66 42.11 29.92
CA SER A 356 -26.88 41.44 30.35
C SER A 356 -26.81 39.97 29.97
N ARG A 357 -27.78 39.20 30.46
CA ARG A 357 -27.88 37.77 30.18
C ARG A 357 -29.23 37.39 29.58
N ASP A 358 -29.83 38.29 28.80
CA ASP A 358 -31.11 38.00 28.17
C ASP A 358 -30.90 37.17 26.91
N ALA A 359 -31.96 36.50 26.48
CA ALA A 359 -31.87 35.64 25.30
C ALA A 359 -31.69 36.48 24.04
N GLN A 360 -32.45 37.56 23.92
CA GLN A 360 -32.45 38.33 22.68
C GLN A 360 -31.12 39.04 22.45
N ASP A 361 -30.51 39.54 23.52
CA ASP A 361 -29.32 40.38 23.37
C ASP A 361 -28.16 39.64 22.72
N TYR A 362 -28.12 38.31 22.89
CA TYR A 362 -27.06 37.51 22.29
C TYR A 362 -27.30 37.21 20.81
N LEU A 363 -28.44 37.58 20.25
CA LEU A 363 -28.78 37.11 18.90
C LEU A 363 -27.82 37.66 17.86
N ASP A 364 -27.65 38.98 17.81
CA ASP A 364 -26.81 39.60 16.79
C ASP A 364 -25.45 38.92 16.69
N GLU A 365 -24.70 38.93 17.80
CA GLU A 365 -23.41 38.25 17.83
C GLU A 365 -23.54 36.81 17.35
N LEU A 366 -24.53 36.10 17.88
CA LEU A 366 -24.74 34.71 17.45
C LEU A 366 -24.89 34.62 15.94
N LYS A 367 -25.70 35.50 15.36
CA LYS A 367 -25.87 35.49 13.91
C LYS A 367 -24.52 35.63 13.22
N LEU A 368 -23.68 36.53 13.73
CA LEU A 368 -22.36 36.72 13.14
C LEU A 368 -21.58 35.40 13.14
N ALA A 369 -21.69 34.63 14.22
CA ALA A 369 -21.03 33.33 14.27
C ALA A 369 -21.47 32.45 13.12
N VAL A 370 -22.79 32.42 12.84
CA VAL A 370 -23.28 31.61 11.73
C VAL A 370 -22.63 32.05 10.43
N ALA A 371 -22.39 33.35 10.27
CA ALA A 371 -21.78 33.84 9.05
C ALA A 371 -20.31 33.44 8.98
N TRP A 372 -19.66 33.30 10.15
CA TRP A 372 -18.27 32.88 10.16
C TRP A 372 -18.10 31.37 10.20
N ASP A 373 -19.15 30.62 10.50
CA ASP A 373 -19.10 29.17 10.66
C ASP A 373 -18.08 28.78 11.74
N ARG A 374 -18.36 29.23 12.96
CA ARG A 374 -17.52 28.97 14.12
C ARG A 374 -18.38 28.28 15.17
N VAL A 375 -18.46 26.95 15.10
CA VAL A 375 -19.34 26.21 16.00
C VAL A 375 -18.73 26.10 17.39
N ASP A 376 -17.41 25.90 17.46
CA ASP A 376 -16.77 25.64 18.74
C ASP A 376 -16.93 26.82 19.69
N ILE A 377 -16.75 28.04 19.19
CA ILE A 377 -16.88 29.22 20.05
C ILE A 377 -18.32 29.40 20.49
N ALA A 378 -19.26 29.30 19.56
CA ALA A 378 -20.67 29.45 19.91
C ALA A 378 -21.08 28.42 20.95
N LYS A 379 -20.48 27.23 20.91
CA LYS A 379 -20.77 26.21 21.92
C LYS A 379 -20.13 26.55 23.25
N SER A 380 -18.88 27.01 23.22
CA SER A 380 -18.14 27.25 24.47
C SER A 380 -18.66 28.51 25.18
N GLU A 381 -18.78 29.61 24.44
CA GLU A 381 -19.11 30.89 25.05
C GLU A 381 -20.61 31.11 25.20
N ILE A 382 -21.37 30.98 24.11
CA ILE A 382 -22.79 31.32 24.15
C ILE A 382 -23.59 30.24 24.88
N PHE A 383 -23.47 28.99 24.41
CA PHE A 383 -24.26 27.89 24.95
C PHE A 383 -23.62 27.27 26.19
N ASN A 384 -22.75 28.01 26.89
CA ASN A 384 -22.07 27.46 28.05
C ASN A 384 -23.04 27.06 29.16
N GLY A 385 -24.23 27.63 29.20
CA GLY A 385 -25.18 27.33 30.23
C GLY A 385 -25.68 28.58 30.95
N ASP A 386 -25.06 29.71 30.65
CA ASP A 386 -25.48 30.98 31.25
C ASP A 386 -26.85 31.39 30.75
N VAL A 387 -26.99 31.56 29.44
CA VAL A 387 -28.24 32.03 28.84
C VAL A 387 -29.19 30.85 28.72
N GLU A 388 -30.37 30.98 29.32
CA GLU A 388 -31.39 29.96 29.19
C GLU A 388 -32.20 30.18 27.93
N TRP A 389 -32.06 29.28 26.96
CA TRP A 389 -32.69 29.41 25.66
C TRP A 389 -34.03 28.68 25.66
N LYS A 390 -34.99 29.21 24.90
CA LYS A 390 -36.29 28.59 24.71
C LYS A 390 -36.50 28.30 23.24
N SER A 391 -37.51 27.48 22.95
CA SER A 391 -37.78 27.10 21.57
C SER A 391 -38.46 28.22 20.78
N CYS A 392 -38.91 29.27 21.46
CA CYS A 392 -39.70 30.30 20.77
C CYS A 392 -38.82 31.22 19.94
N ASP A 393 -37.63 31.55 20.43
CA ASP A 393 -36.80 32.59 19.84
C ASP A 393 -35.71 32.07 18.92
N LEU A 394 -35.52 30.76 18.83
CA LEU A 394 -34.46 30.23 17.97
C LEU A 394 -34.92 30.05 16.53
N GLU A 395 -36.19 30.35 16.23
CA GLU A 395 -36.74 30.10 14.92
C GLU A 395 -36.02 30.86 13.81
N GLU A 396 -35.76 32.16 14.04
CA GLU A 396 -35.14 32.98 13.01
C GLU A 396 -33.74 32.49 12.66
N VAL A 397 -32.90 32.29 13.69
CA VAL A 397 -31.55 31.83 13.44
C VAL A 397 -31.57 30.41 12.89
N MET A 398 -32.59 29.62 13.22
CA MET A 398 -32.70 28.28 12.64
C MET A 398 -32.96 28.35 11.15
N THR A 399 -33.90 29.21 10.73
CA THR A 399 -34.14 29.38 9.30
C THR A 399 -32.89 29.91 8.60
N ASP A 400 -32.17 30.82 9.25
CA ASP A 400 -30.95 31.37 8.66
C ASP A 400 -29.90 30.29 8.49
N ALA A 401 -29.84 29.34 9.43
CA ALA A 401 -28.88 28.25 9.31
C ALA A 401 -29.30 27.24 8.24
N LEU A 402 -30.61 26.99 8.12
CA LEU A 402 -31.09 26.08 7.09
C LEU A 402 -30.82 26.63 5.69
N VAL A 403 -31.22 27.89 5.46
CA VAL A 403 -31.09 28.45 4.11
C VAL A 403 -29.64 28.51 3.67
N SER A 404 -28.74 28.83 4.60
CA SER A 404 -27.31 28.85 4.29
C SER A 404 -26.68 27.47 4.32
N ASN A 405 -27.47 26.42 4.48
CA ASN A 405 -27.08 25.01 4.52
C ASN A 405 -25.83 24.74 5.36
N LYS A 406 -25.67 25.42 6.49
CA LYS A 406 -24.64 25.06 7.43
C LYS A 406 -25.19 24.03 8.42
N PRO A 407 -24.89 22.74 8.24
CA PRO A 407 -25.54 21.71 9.06
C PRO A 407 -24.94 21.53 10.43
N ASP A 408 -23.70 21.94 10.65
CA ASP A 408 -23.10 21.83 11.98
C ASP A 408 -23.83 22.69 13.00
N PHE A 409 -24.56 23.71 12.54
CA PHE A 409 -25.31 24.56 13.45
C PHE A 409 -26.72 24.05 13.69
N VAL A 410 -27.32 23.38 12.70
CA VAL A 410 -28.69 22.89 12.87
C VAL A 410 -28.74 21.84 13.98
N ARG A 411 -27.75 20.95 14.01
CA ARG A 411 -27.69 19.96 15.09
C ARG A 411 -27.55 20.65 16.44
N LEU A 412 -26.70 21.68 16.51
CA LEU A 412 -26.51 22.38 17.77
C LEU A 412 -27.79 23.03 18.25
N PHE A 413 -28.54 23.65 17.33
CA PHE A 413 -29.79 24.29 17.71
C PHE A 413 -30.84 23.27 18.13
N VAL A 414 -30.90 22.14 17.43
CA VAL A 414 -31.84 21.09 17.82
C VAL A 414 -31.52 20.58 19.21
N ASP A 415 -30.24 20.38 19.50
CA ASP A 415 -29.86 19.89 20.82
C ASP A 415 -30.04 20.93 21.90
N SER A 416 -29.96 22.22 21.54
CA SER A 416 -30.04 23.28 22.55
C SER A 416 -31.46 23.46 23.09
N GLY A 417 -32.47 22.96 22.39
CA GLY A 417 -33.83 23.08 22.87
C GLY A 417 -34.86 23.28 21.79
N ALA A 418 -34.42 23.63 20.58
CA ALA A 418 -35.36 23.79 19.48
C ALA A 418 -35.93 22.44 19.09
N ASP A 419 -37.15 22.45 18.53
CA ASP A 419 -37.84 21.23 18.11
C ASP A 419 -38.30 21.37 16.68
N MET A 420 -38.09 20.31 15.89
CA MET A 420 -38.63 20.30 14.54
C MET A 420 -40.10 19.94 14.51
N ALA A 421 -40.65 19.46 15.62
CA ALA A 421 -42.05 19.06 15.63
C ALA A 421 -42.99 20.24 15.49
N GLU A 422 -42.77 21.30 16.27
CA GLU A 422 -43.64 22.46 16.26
C GLU A 422 -43.15 23.59 15.38
N PHE A 423 -41.89 23.55 14.95
CA PHE A 423 -41.35 24.63 14.12
C PHE A 423 -41.81 24.50 12.68
N LEU A 424 -41.75 23.29 12.13
CA LEU A 424 -41.99 23.09 10.70
C LEU A 424 -43.49 22.90 10.45
N THR A 425 -44.13 23.94 9.96
CA THR A 425 -45.50 23.86 9.48
C THR A 425 -45.52 24.19 8.00
N TYR A 426 -46.63 23.86 7.34
CA TYR A 426 -46.69 23.93 5.89
C TYR A 426 -46.32 25.32 5.37
N GLY A 427 -46.66 26.36 6.13
CA GLY A 427 -46.24 27.70 5.74
C GLY A 427 -44.73 27.85 5.78
N ARG A 428 -44.10 27.39 6.86
CA ARG A 428 -42.65 27.46 6.97
C ARG A 428 -41.99 26.64 5.86
N LEU A 429 -42.59 25.51 5.51
CA LEU A 429 -42.03 24.66 4.47
C LEU A 429 -42.15 25.32 3.10
N GLN A 430 -43.27 25.97 2.84
CA GLN A 430 -43.41 26.76 1.62
C GLN A 430 -42.39 27.88 1.56
N GLN A 431 -42.15 28.55 2.70
CA GLN A 431 -41.15 29.60 2.74
C GLN A 431 -39.76 29.05 2.44
N LEU A 432 -39.44 27.87 2.99
CA LEU A 432 -38.16 27.24 2.70
C LEU A 432 -38.03 26.90 1.23
N TYR A 433 -39.09 26.35 0.63
CA TYR A 433 -39.03 26.00 -0.79
C TYR A 433 -38.97 27.23 -1.68
N HIS A 434 -39.49 28.37 -1.23
CA HIS A 434 -39.37 29.60 -2.01
C HIS A 434 -37.92 30.08 -2.07
N SER A 435 -37.12 29.72 -1.09
CA SER A 435 -35.74 30.18 -0.97
C SER A 435 -34.74 29.39 -1.80
N VAL A 436 -35.17 28.57 -2.76
CA VAL A 436 -34.19 27.86 -3.60
C VAL A 436 -33.41 28.87 -4.43
N SER A 437 -32.11 28.65 -4.54
CA SER A 437 -31.24 29.55 -5.29
C SER A 437 -31.71 29.62 -6.74
N PRO A 438 -31.93 30.81 -7.30
CA PRO A 438 -32.49 30.90 -8.66
C PRO A 438 -31.67 30.19 -9.72
N LYS A 439 -30.37 30.00 -9.49
CA LYS A 439 -29.55 29.34 -10.50
C LYS A 439 -29.78 27.84 -10.56
N SER A 440 -30.14 27.22 -9.43
CA SER A 440 -30.20 25.77 -9.33
C SER A 440 -31.24 25.16 -10.26
N LEU A 441 -31.24 23.82 -10.36
CA LEU A 441 -32.11 23.14 -11.32
C LEU A 441 -33.53 23.01 -10.79
N LEU A 442 -33.67 22.72 -9.50
CA LEU A 442 -35.00 22.58 -8.90
C LEU A 442 -35.83 23.85 -9.11
N PHE A 443 -35.19 25.01 -9.02
CA PHE A 443 -35.87 26.27 -9.27
C PHE A 443 -36.50 26.28 -10.65
N GLU A 444 -35.72 25.98 -11.68
CA GLU A 444 -36.23 26.00 -13.04
C GLU A 444 -37.29 24.93 -13.25
N LEU A 445 -37.12 23.77 -12.63
CA LEU A 445 -38.11 22.70 -12.75
C LEU A 445 -39.46 23.16 -12.22
N LEU A 446 -39.48 23.67 -10.99
CA LEU A 446 -40.74 24.12 -10.40
C LEU A 446 -41.33 25.27 -11.20
N GLU A 447 -40.49 26.19 -11.68
CA GLU A 447 -41.01 27.32 -12.44
C GLU A 447 -41.64 26.87 -13.74
N ARG A 448 -40.99 25.94 -14.44
CA ARG A 448 -41.54 25.41 -15.68
C ARG A 448 -42.85 24.69 -15.43
N LYS A 449 -42.91 23.90 -14.35
CA LYS A 449 -44.15 23.20 -14.04
C LYS A 449 -45.28 24.18 -13.75
N HIS A 450 -44.99 25.24 -12.98
CA HIS A 450 -46.00 26.25 -12.70
C HIS A 450 -46.47 26.93 -13.98
N GLU A 451 -45.53 27.36 -14.83
CA GLU A 451 -45.91 28.02 -16.07
C GLU A 451 -46.77 27.12 -16.94
N GLU A 452 -46.41 25.84 -17.04
CA GLU A 452 -47.20 24.92 -17.85
C GLU A 452 -48.57 24.69 -17.24
N GLY A 453 -48.65 24.63 -15.90
CA GLY A 453 -49.94 24.45 -15.26
C GLY A 453 -50.84 25.67 -15.40
N ARG A 454 -50.24 26.86 -15.58
CA ARG A 454 -51.05 28.06 -15.77
C ARG A 454 -51.88 27.98 -17.05
N LEU A 455 -51.47 27.15 -18.00
CA LEU A 455 -52.21 26.98 -19.25
C LEU A 455 -53.54 26.27 -19.00
N LEU A 472 -40.16 37.56 -5.25
CA LEU A 472 -40.83 36.33 -4.83
C LEU A 472 -41.16 35.44 -6.02
N PRO A 473 -41.05 34.13 -5.84
CA PRO A 473 -41.37 33.20 -6.93
C PRO A 473 -42.83 32.79 -6.91
N ALA A 474 -43.29 32.29 -8.07
CA ALA A 474 -44.71 32.05 -8.25
C ALA A 474 -45.14 30.66 -7.79
N PHE A 475 -44.23 29.70 -7.75
CA PHE A 475 -44.64 28.32 -7.53
C PHE A 475 -45.08 28.11 -6.07
N SER A 476 -45.82 27.02 -5.87
CA SER A 476 -46.33 26.62 -4.56
C SER A 476 -46.16 25.12 -4.39
N LEU A 477 -46.58 24.62 -3.22
CA LEU A 477 -46.44 23.21 -2.89
C LEU A 477 -47.08 22.29 -3.93
N HIS A 478 -48.07 22.82 -4.67
CA HIS A 478 -48.67 22.03 -5.74
C HIS A 478 -47.62 21.57 -6.74
N GLU A 479 -46.73 22.47 -7.13
CA GLU A 479 -45.70 22.12 -8.11
C GLU A 479 -44.68 21.14 -7.52
N VAL A 480 -44.38 21.29 -6.23
CA VAL A 480 -43.49 20.33 -5.58
C VAL A 480 -44.10 18.94 -5.62
N SER A 481 -45.39 18.84 -5.28
CA SER A 481 -46.05 17.55 -5.34
C SER A 481 -46.04 16.98 -6.76
N ARG A 482 -46.28 17.83 -7.75
CA ARG A 482 -46.30 17.34 -9.13
C ARG A 482 -44.94 16.84 -9.57
N VAL A 483 -43.86 17.55 -9.20
CA VAL A 483 -42.54 17.13 -9.63
C VAL A 483 -42.14 15.84 -8.91
N LEU A 484 -42.55 15.70 -7.64
CA LEU A 484 -42.29 14.45 -6.95
C LEU A 484 -43.03 13.30 -7.61
N LYS A 485 -44.27 13.53 -8.05
CA LYS A 485 -44.99 12.51 -8.82
C LYS A 485 -44.24 12.15 -10.09
N ASP A 486 -43.71 13.16 -10.78
CA ASP A 486 -42.96 12.90 -12.01
C ASP A 486 -41.73 12.06 -11.74
N PHE A 487 -41.10 12.24 -10.59
CA PHE A 487 -39.92 11.45 -10.28
C PHE A 487 -40.29 10.03 -9.81
N LEU A 488 -41.31 9.92 -8.97
CA LEU A 488 -41.77 8.63 -8.46
C LEU A 488 -43.28 8.56 -8.63
N HIS A 489 -43.75 7.53 -9.34
CA HIS A 489 -45.17 7.43 -9.61
C HIS A 489 -45.94 6.88 -8.41
N ASP A 490 -45.62 5.65 -8.00
CA ASP A 490 -46.42 4.97 -7.00
C ASP A 490 -46.00 5.30 -5.57
N ALA A 491 -44.73 5.62 -5.34
CA ALA A 491 -44.23 5.70 -3.98
C ALA A 491 -44.78 6.91 -3.24
N CYS A 492 -44.73 8.09 -3.86
CA CYS A 492 -45.01 9.35 -3.16
C CYS A 492 -45.95 10.25 -3.96
N ARG A 493 -47.07 9.71 -4.45
CA ARG A 493 -47.96 10.53 -5.25
C ARG A 493 -48.85 11.41 -4.38
N GLY A 494 -49.25 10.92 -3.20
CA GLY A 494 -50.28 11.59 -2.42
C GLY A 494 -49.81 12.81 -1.66
N PHE A 495 -48.51 13.10 -1.67
CA PHE A 495 -47.96 14.16 -0.82
C PHE A 495 -48.68 15.49 -0.98
N TYR A 496 -49.05 16.08 0.15
CA TYR A 496 -49.65 17.41 0.21
C TYR A 496 -50.97 17.47 -0.56
N GLN A 497 -51.80 16.45 -0.36
CA GLN A 497 -53.12 16.45 -0.99
C GLN A 497 -54.05 17.44 -0.33
N ASP A 498 -54.14 17.41 1.00
CA ASP A 498 -55.00 18.32 1.75
C ASP A 498 -54.59 18.37 3.21
N TRP A 516 -55.84 24.32 -3.86
CA TRP A 516 -55.35 22.96 -4.01
C TRP A 516 -54.36 22.63 -2.90
N LEU A 517 -54.13 23.60 -2.01
CA LEU A 517 -53.19 23.41 -0.93
C LEU A 517 -53.92 23.23 0.41
N PRO A 518 -53.20 22.83 1.47
CA PRO A 518 -53.81 22.74 2.80
C PRO A 518 -53.57 23.98 3.64
N ASP A 519 -54.37 24.12 4.70
CA ASP A 519 -54.19 25.22 5.63
C ASP A 519 -52.77 25.24 6.19
N LEU A 520 -52.12 26.39 6.07
CA LEU A 520 -50.73 26.51 6.50
C LEU A 520 -50.59 26.35 8.00
N SER A 521 -51.61 26.75 8.75
CA SER A 521 -51.54 26.64 10.20
C SER A 521 -51.29 25.21 10.65
N ARG A 522 -51.77 24.23 9.89
CA ARG A 522 -51.56 22.84 10.27
C ARG A 522 -50.09 22.46 10.14
N LYS A 523 -49.57 21.82 11.19
CA LYS A 523 -48.24 21.23 11.11
C LYS A 523 -48.31 19.95 10.29
N SER A 524 -47.21 19.62 9.62
CA SER A 524 -47.22 18.44 8.78
C SER A 524 -47.22 17.17 9.60
N GLU A 525 -47.77 16.11 9.01
CA GLU A 525 -47.94 14.86 9.74
C GLU A 525 -46.59 14.31 10.17
N ASP A 526 -45.59 14.37 9.30
CA ASP A 526 -44.27 13.82 9.57
C ASP A 526 -43.22 14.80 9.06
N PRO A 527 -42.57 15.55 9.95
CA PRO A 527 -41.68 16.60 9.46
C PRO A 527 -40.41 16.06 8.86
N TRP A 528 -39.78 15.10 9.52
CA TRP A 528 -38.43 14.70 9.16
C TRP A 528 -38.34 14.29 7.70
N ARG A 529 -39.35 13.58 7.21
CA ARG A 529 -39.32 13.19 5.80
C ARG A 529 -39.37 14.41 4.90
N ASP A 530 -40.21 15.39 5.23
CA ASP A 530 -40.27 16.59 4.43
C ASP A 530 -38.92 17.28 4.38
N LEU A 531 -38.28 17.44 5.54
CA LEU A 531 -36.99 18.08 5.55
C LEU A 531 -35.97 17.28 4.77
N PHE A 532 -36.03 15.95 4.86
CA PHE A 532 -35.09 15.13 4.13
C PHE A 532 -35.27 15.31 2.64
N LEU A 533 -36.51 15.32 2.18
CA LEU A 533 -36.77 15.55 0.77
C LEU A 533 -36.28 16.92 0.34
N TRP A 534 -36.59 17.95 1.13
CA TRP A 534 -36.12 19.28 0.81
C TRP A 534 -34.61 19.32 0.68
N ALA A 535 -33.91 18.61 1.56
CA ALA A 535 -32.47 18.61 1.48
C ALA A 535 -31.99 17.90 0.23
N VAL A 536 -32.55 16.73 -0.05
CA VAL A 536 -32.02 15.93 -1.14
C VAL A 536 -32.31 16.60 -2.48
N LEU A 537 -33.42 17.34 -2.56
CA LEU A 537 -33.72 18.06 -3.79
C LEU A 537 -32.68 19.13 -4.05
N GLN A 538 -32.49 20.04 -3.10
CA GLN A 538 -31.51 21.09 -3.30
C GLN A 538 -30.09 20.58 -3.36
N ASN A 539 -29.89 19.26 -3.37
CA ASN A 539 -28.57 18.68 -3.54
C ASN A 539 -27.61 19.15 -2.46
N ARG A 540 -27.95 18.89 -1.21
CA ARG A 540 -27.10 19.21 -0.06
C ARG A 540 -26.96 17.93 0.75
N TYR A 541 -25.81 17.28 0.62
CA TYR A 541 -25.65 15.96 1.20
C TYR A 541 -25.56 16.02 2.71
N GLU A 542 -24.51 16.66 3.22
CA GLU A 542 -24.17 16.55 4.64
C GLU A 542 -25.29 17.05 5.55
N MET A 543 -26.34 17.63 4.99
CA MET A 543 -27.56 17.88 5.74
C MET A 543 -28.60 16.81 5.50
N ALA A 544 -28.67 16.29 4.29
CA ALA A 544 -29.61 15.21 4.02
C ALA A 544 -29.32 14.03 4.92
N THR A 545 -28.04 13.71 5.11
CA THR A 545 -27.70 12.62 6.01
C THR A 545 -28.22 12.91 7.40
N TYR A 546 -28.02 14.12 7.88
CA TYR A 546 -28.46 14.44 9.23
C TYR A 546 -29.97 14.28 9.36
N PHE A 547 -30.71 14.76 8.37
CA PHE A 547 -32.16 14.61 8.46
C PHE A 547 -32.56 13.15 8.45
N TRP A 548 -31.91 12.36 7.61
CA TRP A 548 -32.22 10.93 7.58
C TRP A 548 -31.96 10.30 8.93
N ALA A 549 -30.97 10.81 9.67
CA ALA A 549 -30.58 10.17 10.91
C ALA A 549 -31.74 10.05 11.89
N MET A 550 -32.40 11.16 12.17
CA MET A 550 -33.44 11.14 13.18
C MET A 550 -34.81 10.87 12.60
N GLY A 551 -34.89 10.29 11.41
CA GLY A 551 -36.16 9.93 10.79
C GLY A 551 -36.36 8.43 10.85
N ARG A 552 -37.58 8.04 11.17
CA ARG A 552 -37.91 6.62 11.19
C ARG A 552 -38.07 6.08 9.76
N GLU A 553 -38.08 4.76 9.64
CA GLU A 553 -38.35 4.08 8.38
C GLU A 553 -37.28 4.41 7.34
N GLY A 554 -36.02 4.28 7.76
CA GLY A 554 -34.93 4.88 6.99
C GLY A 554 -34.55 4.09 5.75
N VAL A 555 -34.53 2.76 5.85
CA VAL A 555 -34.05 1.95 4.74
C VAL A 555 -34.92 2.16 3.52
N ALA A 556 -36.18 2.51 3.71
CA ALA A 556 -37.00 2.86 2.56
C ALA A 556 -36.62 4.20 1.99
N ALA A 557 -36.27 5.17 2.84
CA ALA A 557 -35.92 6.49 2.35
C ALA A 557 -34.64 6.43 1.54
N ALA A 558 -33.57 5.98 2.16
CA ALA A 558 -32.26 6.07 1.56
C ALA A 558 -32.18 5.36 0.22
N LEU A 559 -33.28 4.78 -0.23
CA LEU A 559 -33.35 4.19 -1.54
C LEU A 559 -34.09 5.07 -2.54
N ALA A 560 -35.25 5.60 -2.13
CA ALA A 560 -35.94 6.55 -2.97
C ALA A 560 -35.07 7.76 -3.23
N ALA A 561 -34.28 8.15 -2.24
CA ALA A 561 -33.38 9.27 -2.45
C ALA A 561 -32.38 8.97 -3.55
N CYS A 562 -31.82 7.78 -3.55
CA CYS A 562 -30.90 7.41 -4.62
C CYS A 562 -31.62 7.45 -5.95
N LYS A 563 -32.88 7.00 -5.97
CA LYS A 563 -33.63 7.06 -7.21
C LYS A 563 -33.77 8.49 -7.71
N ILE A 564 -34.09 9.41 -6.81
CA ILE A 564 -34.32 10.79 -7.23
C ILE A 564 -33.05 11.39 -7.78
N ILE A 565 -31.93 11.21 -7.07
CA ILE A 565 -30.71 11.83 -7.56
C ILE A 565 -30.25 11.20 -8.86
N LYS A 566 -30.22 9.87 -8.93
CA LYS A 566 -29.85 9.22 -10.19
C LYS A 566 -30.77 9.68 -11.31
N GLU A 567 -32.03 9.97 -11.00
CA GLU A 567 -32.92 10.49 -12.02
C GLU A 567 -32.50 11.88 -12.46
N MET A 568 -32.14 12.74 -11.51
CA MET A 568 -31.85 14.11 -11.92
C MET A 568 -30.45 14.21 -12.49
N SER A 569 -30.09 13.28 -13.37
CA SER A 569 -28.82 13.35 -14.07
C SER A 569 -28.97 13.77 -15.51
N HIS A 570 -30.03 13.31 -16.15
CA HIS A 570 -30.31 13.70 -17.52
C HIS A 570 -30.92 15.09 -17.57
N LEU A 571 -31.29 15.62 -16.41
CA LEU A 571 -31.89 16.94 -16.28
C LEU A 571 -30.90 18.00 -15.82
N GLU A 572 -29.61 17.66 -15.76
CA GLU A 572 -28.61 18.62 -15.32
C GLU A 572 -28.04 19.45 -16.48
N LYS A 573 -28.24 20.76 -16.39
CA LYS A 573 -27.77 21.70 -17.40
C LYS A 573 -26.24 21.77 -17.53
N GLU A 574 -25.55 21.73 -16.39
CA GLU A 574 -24.10 21.82 -16.39
C GLU A 574 -23.44 20.48 -16.08
N ALA A 575 -22.53 20.07 -16.94
CA ALA A 575 -21.84 18.81 -16.80
C ALA A 575 -20.97 18.69 -15.54
N GLU A 576 -20.26 19.76 -15.19
CA GLU A 576 -19.39 19.69 -14.02
C GLU A 576 -20.18 19.40 -12.77
N VAL A 577 -21.31 20.08 -12.60
CA VAL A 577 -22.16 19.84 -11.44
C VAL A 577 -22.73 18.43 -11.53
N ALA A 578 -23.13 18.06 -12.73
CA ALA A 578 -23.71 16.75 -13.00
C ALA A 578 -22.84 15.62 -12.49
N ARG A 579 -21.57 15.90 -12.21
CA ARG A 579 -20.71 14.83 -11.73
C ARG A 579 -20.86 14.62 -10.23
N THR A 580 -20.87 15.72 -9.46
CA THR A 580 -20.96 15.60 -8.01
C THR A 580 -22.23 14.87 -7.60
N MET A 581 -23.37 15.30 -8.15
CA MET A 581 -24.61 14.63 -7.81
C MET A 581 -24.61 13.19 -8.31
N ARG A 582 -23.96 12.93 -9.44
CA ARG A 582 -23.79 11.55 -9.88
C ARG A 582 -22.88 10.76 -8.95
N GLU A 583 -22.20 11.43 -8.03
CA GLU A 583 -21.44 10.78 -6.98
C GLU A 583 -22.19 10.75 -5.65
N ALA A 584 -23.51 10.75 -5.68
CA ALA A 584 -24.30 10.86 -4.45
C ALA A 584 -24.14 9.63 -3.55
N LYS A 585 -24.18 8.43 -4.15
CA LYS A 585 -24.00 7.15 -3.45
C LYS A 585 -24.88 7.01 -2.21
N TYR A 586 -26.07 7.60 -2.26
CA TYR A 586 -27.03 7.41 -1.17
C TYR A 586 -27.28 5.94 -0.91
N GLU A 587 -27.28 5.13 -1.96
CA GLU A 587 -27.49 3.70 -1.85
C GLU A 587 -26.61 3.06 -0.78
N GLN A 588 -25.42 3.60 -0.59
CA GLN A 588 -24.50 3.02 0.37
C GLN A 588 -25.13 2.98 1.76
N LEU A 589 -25.88 4.01 2.11
CA LEU A 589 -26.56 3.99 3.40
C LEU A 589 -27.55 2.85 3.46
N ALA A 590 -28.29 2.63 2.37
CA ALA A 590 -29.24 1.53 2.36
C ALA A 590 -28.54 0.22 2.63
N LEU A 591 -27.44 -0.01 1.92
CA LEU A 591 -26.70 -1.25 2.13
C LEU A 591 -26.20 -1.36 3.56
N ASP A 592 -25.62 -0.28 4.08
CA ASP A 592 -24.98 -0.36 5.38
C ASP A 592 -25.99 -0.63 6.47
N LEU A 593 -27.15 0.00 6.40
CA LEU A 593 -28.17 -0.24 7.41
C LEU A 593 -28.73 -1.65 7.28
N PHE A 594 -29.05 -2.05 6.04
CA PHE A 594 -29.62 -3.38 5.86
C PHE A 594 -28.70 -4.45 6.39
N SER A 595 -27.40 -4.31 6.14
CA SER A 595 -26.45 -5.27 6.69
C SER A 595 -26.57 -5.32 8.20
N GLU A 596 -26.55 -4.16 8.85
CA GLU A 596 -26.61 -4.13 10.31
C GLU A 596 -27.84 -4.85 10.82
N CYS A 597 -29.01 -4.54 10.29
CA CYS A 597 -30.21 -5.18 10.80
C CYS A 597 -30.21 -6.66 10.48
N TYR A 598 -29.69 -7.04 9.31
CA TYR A 598 -29.56 -8.45 8.97
C TYR A 598 -28.68 -9.20 9.95
N SER A 599 -27.72 -8.52 10.57
CA SER A 599 -26.80 -9.22 11.47
C SER A 599 -27.53 -9.83 12.65
N ASN A 600 -28.52 -9.13 13.19
CA ASN A 600 -29.24 -9.59 14.38
C ASN A 600 -30.69 -9.85 14.01
N SER A 601 -31.19 -11.02 14.39
CA SER A 601 -32.60 -11.36 14.25
C SER A 601 -33.07 -11.25 12.80
N GLU A 602 -32.61 -12.19 11.99
CA GLU A 602 -32.93 -12.18 10.57
C GLU A 602 -34.42 -12.38 10.33
N ASP A 603 -35.06 -13.24 11.13
CA ASP A 603 -36.49 -13.43 11.03
C ASP A 603 -37.25 -12.11 11.14
N ARG A 604 -36.68 -11.11 11.79
CA ARG A 604 -37.24 -9.77 11.76
C ARG A 604 -36.82 -9.02 10.51
N ALA A 605 -35.58 -9.26 10.05
CA ALA A 605 -35.09 -8.53 8.90
C ALA A 605 -35.95 -8.79 7.68
N PHE A 606 -36.32 -10.04 7.45
CA PHE A 606 -37.21 -10.34 6.32
C PHE A 606 -38.53 -9.62 6.49
N ALA A 607 -39.07 -9.57 7.70
CA ALA A 607 -40.29 -8.83 7.94
C ALA A 607 -40.13 -7.37 7.54
N LEU A 608 -38.97 -6.79 7.86
CA LEU A 608 -38.72 -5.41 7.46
C LEU A 608 -38.67 -5.29 5.95
N LEU A 609 -38.11 -6.30 5.29
CA LEU A 609 -37.76 -6.14 3.89
C LEU A 609 -39.00 -5.96 3.02
N VAL A 610 -40.09 -6.65 3.36
CA VAL A 610 -41.28 -6.60 2.52
C VAL A 610 -42.48 -6.04 3.28
N ARG A 611 -42.25 -5.32 4.36
CA ARG A 611 -43.36 -4.68 5.04
C ARG A 611 -43.88 -3.52 4.20
N ARG A 612 -45.20 -3.33 4.22
CA ARG A 612 -45.77 -2.16 3.61
C ARG A 612 -45.26 -0.92 4.33
N ASN A 613 -44.99 0.14 3.57
CA ASN A 613 -44.37 1.35 4.11
C ASN A 613 -45.43 2.41 4.37
N HIS A 614 -45.53 2.85 5.61
CA HIS A 614 -46.59 3.79 5.95
C HIS A 614 -46.44 5.11 5.23
N SER A 615 -45.23 5.63 5.12
CA SER A 615 -45.13 7.00 4.66
C SER A 615 -45.13 7.13 3.14
N TRP A 616 -44.33 6.33 2.43
CA TRP A 616 -44.19 6.52 0.99
C TRP A 616 -45.34 5.86 0.24
N SER A 617 -46.54 6.31 0.55
CA SER A 617 -47.75 5.92 -0.16
C SER A 617 -47.89 4.41 -0.26
N ARG A 618 -47.47 3.71 0.79
CA ARG A 618 -47.78 2.30 0.96
C ARG A 618 -47.24 1.47 -0.20
N THR A 619 -45.92 1.47 -0.32
CA THR A 619 -45.23 0.65 -1.30
C THR A 619 -44.12 -0.14 -0.60
N THR A 620 -43.82 -1.31 -1.14
CA THR A 620 -42.81 -2.16 -0.54
C THR A 620 -41.41 -1.76 -1.00
N CYS A 621 -40.43 -2.15 -0.19
CA CYS A 621 -39.05 -1.75 -0.44
C CYS A 621 -38.54 -2.33 -1.74
N LEU A 622 -38.98 -3.53 -2.07
CA LEU A 622 -38.48 -4.18 -3.28
C LEU A 622 -38.93 -3.44 -4.52
N HIS A 623 -40.21 -3.07 -4.59
CA HIS A 623 -40.69 -2.27 -5.70
C HIS A 623 -39.84 -1.02 -5.83
N LEU A 624 -39.54 -0.39 -4.70
CA LEU A 624 -38.78 0.84 -4.75
C LEU A 624 -37.37 0.60 -5.25
N ALA A 625 -36.77 -0.54 -4.90
CA ALA A 625 -35.44 -0.86 -5.42
C ALA A 625 -35.50 -1.10 -6.92
N THR A 626 -36.54 -1.77 -7.39
CA THR A 626 -36.70 -1.98 -8.81
C THR A 626 -36.77 -0.65 -9.54
N GLU A 627 -37.64 0.23 -9.09
CA GLU A 627 -37.77 1.53 -9.75
C GLU A 627 -36.46 2.29 -9.66
N ALA A 628 -35.76 2.17 -8.54
CA ALA A 628 -34.47 2.84 -8.40
C ALA A 628 -33.40 2.17 -9.24
N ASP A 629 -33.60 0.90 -9.59
CA ASP A 629 -32.62 0.14 -10.36
C ASP A 629 -31.30 0.05 -9.61
N ALA A 630 -31.38 -0.18 -8.31
CA ALA A 630 -30.20 -0.29 -7.47
C ALA A 630 -29.73 -1.74 -7.54
N LYS A 631 -28.81 -2.02 -8.46
CA LYS A 631 -28.32 -3.38 -8.59
C LYS A 631 -27.48 -3.78 -7.38
N ALA A 632 -26.67 -2.87 -6.87
CA ALA A 632 -25.79 -3.21 -5.75
C ALA A 632 -26.59 -3.67 -4.54
N PHE A 633 -27.79 -3.13 -4.37
CA PHE A 633 -28.61 -3.61 -3.26
C PHE A 633 -29.01 -5.05 -3.46
N PHE A 634 -29.47 -5.40 -4.66
CA PHE A 634 -29.82 -6.79 -4.92
C PHE A 634 -28.63 -7.70 -4.67
N ALA A 635 -27.43 -7.22 -4.96
CA ALA A 635 -26.25 -8.03 -4.76
C ALA A 635 -26.05 -8.43 -3.32
N HIS A 636 -26.72 -7.78 -2.39
CA HIS A 636 -26.50 -8.09 -0.98
C HIS A 636 -26.97 -9.50 -0.65
N ASP A 637 -26.31 -10.09 0.34
CA ASP A 637 -26.54 -11.49 0.65
C ASP A 637 -27.94 -11.71 1.21
N GLY A 638 -28.45 -10.76 1.98
CA GLY A 638 -29.78 -10.91 2.53
C GLY A 638 -30.83 -11.02 1.44
N VAL A 639 -30.68 -10.22 0.38
CA VAL A 639 -31.61 -10.30 -0.73
C VAL A 639 -31.61 -11.69 -1.32
N GLN A 640 -30.42 -12.27 -1.51
CA GLN A 640 -30.34 -13.58 -2.14
C GLN A 640 -30.91 -14.65 -1.23
N ALA A 641 -30.67 -14.52 0.07
CA ALA A 641 -31.24 -15.48 1.01
C ALA A 641 -32.75 -15.44 0.97
N PHE A 642 -33.33 -14.25 0.99
CA PHE A 642 -34.79 -14.15 0.94
C PHE A 642 -35.33 -14.69 -0.37
N LEU A 643 -34.69 -14.32 -1.48
CA LEU A 643 -35.10 -14.84 -2.78
C LEU A 643 -35.10 -16.35 -2.79
N THR A 644 -34.06 -16.96 -2.23
CA THR A 644 -33.99 -18.41 -2.20
C THR A 644 -35.09 -18.99 -1.33
N LYS A 645 -35.33 -18.39 -0.16
CA LYS A 645 -36.40 -18.87 0.69
C LYS A 645 -37.73 -18.89 -0.06
N ILE A 646 -37.98 -17.88 -0.88
CA ILE A 646 -39.18 -17.93 -1.71
C ILE A 646 -39.07 -19.03 -2.76
N TRP A 647 -37.86 -19.23 -3.29
CA TRP A 647 -37.69 -20.10 -4.45
C TRP A 647 -38.08 -21.54 -4.15
N TRP A 648 -37.90 -21.99 -2.92
CA TRP A 648 -38.20 -23.37 -2.57
C TRP A 648 -39.60 -23.55 -2.04
N GLY A 649 -40.45 -22.53 -2.11
CA GLY A 649 -41.81 -22.67 -1.62
C GLY A 649 -41.79 -23.00 -0.14
N ASP A 650 -42.29 -24.19 0.20
CA ASP A 650 -42.21 -24.72 1.55
C ASP A 650 -41.51 -26.07 1.49
N MET A 651 -40.18 -26.04 1.47
CA MET A 651 -39.41 -27.25 1.32
C MET A 651 -38.04 -27.03 1.96
N ALA A 652 -37.25 -28.09 1.99
CA ALA A 652 -35.86 -27.97 2.39
C ALA A 652 -35.14 -27.00 1.48
N THR A 653 -34.42 -26.06 2.09
CA THR A 653 -33.64 -25.10 1.31
C THR A 653 -32.69 -25.80 0.37
N GLY A 654 -31.85 -26.67 0.92
CA GLY A 654 -30.90 -27.45 0.13
C GLY A 654 -31.37 -28.89 0.02
N THR A 655 -31.33 -29.41 -1.21
CA THR A 655 -31.73 -30.79 -1.46
C THR A 655 -31.03 -31.23 -2.74
N PRO A 656 -30.45 -32.42 -2.76
CA PRO A 656 -29.74 -32.88 -3.96
C PRO A 656 -30.61 -32.79 -5.20
N ILE A 657 -29.98 -32.38 -6.30
CA ILE A 657 -30.69 -32.27 -7.58
C ILE A 657 -31.29 -33.61 -7.96
N LEU A 658 -30.56 -34.70 -7.73
CA LEU A 658 -31.09 -36.02 -8.00
C LEU A 658 -32.28 -36.34 -7.10
N ARG A 659 -32.17 -36.02 -5.81
CA ARG A 659 -33.31 -36.25 -4.91
C ARG A 659 -34.51 -35.44 -5.37
N LEU A 660 -34.28 -34.23 -5.85
CA LEU A 660 -35.37 -33.41 -6.36
C LEU A 660 -36.01 -34.05 -7.60
N LEU A 661 -35.18 -34.52 -8.52
CA LEU A 661 -35.72 -35.19 -9.71
C LEU A 661 -36.53 -36.41 -9.31
N GLY A 662 -36.04 -37.17 -8.35
CA GLY A 662 -36.77 -38.36 -7.91
C GLY A 662 -38.09 -38.02 -7.25
N ALA A 663 -38.10 -36.96 -6.45
CA ALA A 663 -39.36 -36.51 -5.86
C ALA A 663 -40.31 -36.01 -6.94
N PHE A 664 -39.79 -35.47 -8.03
CA PHE A 664 -40.63 -34.92 -9.08
C PHE A 664 -41.24 -35.99 -9.97
N THR A 665 -40.45 -37.00 -10.35
CA THR A 665 -40.92 -38.00 -11.31
C THR A 665 -42.00 -38.90 -10.72
N CYS A 666 -41.87 -39.27 -9.45
CA CYS A 666 -42.75 -40.26 -8.84
C CYS A 666 -43.50 -39.62 -7.68
N PRO A 667 -44.83 -39.47 -7.77
CA PRO A 667 -45.57 -38.85 -6.64
C PRO A 667 -45.56 -39.69 -5.38
N ALA A 668 -45.37 -41.00 -5.50
CA ALA A 668 -45.35 -41.85 -4.31
C ALA A 668 -44.18 -41.49 -3.39
N LEU A 669 -43.04 -41.16 -3.98
CA LEU A 669 -41.88 -40.76 -3.18
C LEU A 669 -42.20 -39.50 -2.38
N ILE A 670 -43.11 -38.67 -2.88
CA ILE A 670 -43.46 -37.43 -2.20
C ILE A 670 -44.04 -37.71 -0.81
N TYR A 671 -44.92 -38.71 -0.71
CA TYR A 671 -45.58 -38.97 0.56
C TYR A 671 -44.57 -39.33 1.63
N THR A 672 -43.50 -40.02 1.27
CA THR A 672 -42.42 -40.32 2.20
C THR A 672 -41.59 -39.07 2.46
N ASN A 673 -40.83 -39.10 3.55
CA ASN A 673 -39.98 -37.98 3.93
C ASN A 673 -38.58 -38.13 3.35
N LEU A 674 -38.50 -38.03 2.02
CA LEU A 674 -37.20 -37.98 1.36
C LEU A 674 -36.42 -36.74 1.79
N ILE A 675 -37.09 -35.59 1.80
CA ILE A 675 -36.51 -34.32 2.22
C ILE A 675 -37.50 -33.62 3.14
N SER A 676 -36.96 -32.75 3.98
CA SER A 676 -37.79 -32.08 4.98
C SER A 676 -38.83 -31.19 4.31
N PHE A 677 -40.04 -31.22 4.85
CA PHE A 677 -41.16 -30.49 4.30
C PHE A 677 -41.72 -29.55 5.36
N SER A 678 -41.84 -28.27 5.01
CA SER A 678 -42.31 -27.28 5.95
C SER A 678 -43.75 -27.57 6.37
N GLU A 679 -44.10 -27.13 7.56
CA GLU A 679 -45.47 -27.27 8.05
C GLU A 679 -46.38 -26.22 7.45
N ALA A 727 -57.29 -37.87 4.50
CA ALA A 727 -56.87 -37.59 3.12
C ALA A 727 -56.54 -36.11 2.96
N ALA A 728 -57.08 -35.28 3.85
CA ALA A 728 -56.79 -33.86 3.81
C ALA A 728 -55.30 -33.60 4.03
N PHE A 729 -54.66 -34.39 4.88
CA PHE A 729 -53.22 -34.26 5.09
C PHE A 729 -52.45 -34.54 3.81
N LEU A 730 -52.83 -35.61 3.09
CA LEU A 730 -52.18 -35.90 1.83
C LEU A 730 -52.42 -34.79 0.81
N LEU A 731 -53.62 -34.21 0.81
CA LEU A 731 -53.93 -33.12 -0.12
C LEU A 731 -53.08 -31.89 0.18
N THR A 732 -52.92 -31.56 1.47
CA THR A 732 -52.07 -30.43 1.84
C THR A 732 -50.62 -30.70 1.46
N ARG A 733 -50.15 -31.93 1.62
CA ARG A 733 -48.79 -32.25 1.18
C ARG A 733 -48.65 -32.11 -0.33
N TRP A 734 -49.64 -32.58 -1.07
CA TRP A 734 -49.63 -32.46 -2.53
C TRP A 734 -49.59 -31.00 -2.96
N ARG A 735 -50.42 -30.16 -2.33
CA ARG A 735 -50.43 -28.74 -2.61
C ARG A 735 -49.09 -28.10 -2.26
N LYS A 736 -48.51 -28.49 -1.12
CA LYS A 736 -47.21 -27.94 -0.73
C LYS A 736 -46.14 -28.30 -1.74
N PHE A 737 -46.21 -29.52 -2.29
CA PHE A 737 -45.22 -29.90 -3.29
C PHE A 737 -45.40 -29.12 -4.58
N TRP A 738 -46.63 -29.03 -5.08
CA TRP A 738 -46.83 -28.44 -6.39
C TRP A 738 -46.86 -26.91 -6.36
N GLY A 739 -46.97 -26.31 -5.17
CA GLY A 739 -46.98 -24.87 -5.09
C GLY A 739 -45.61 -24.24 -5.13
N ALA A 740 -44.58 -24.97 -4.71
CA ALA A 740 -43.24 -24.42 -4.67
C ALA A 740 -42.81 -24.00 -6.07
N PRO A 741 -42.11 -22.87 -6.21
CA PRO A 741 -41.81 -22.38 -7.57
C PRO A 741 -40.94 -23.33 -8.37
N VAL A 742 -39.85 -23.80 -7.75
CA VAL A 742 -38.87 -24.62 -8.46
C VAL A 742 -39.55 -25.76 -9.21
N THR A 743 -40.59 -26.35 -8.60
CA THR A 743 -41.29 -27.44 -9.27
C THR A 743 -42.00 -26.95 -10.53
N VAL A 744 -42.67 -25.81 -10.45
CA VAL A 744 -43.28 -25.25 -11.65
C VAL A 744 -42.22 -24.98 -12.71
N PHE A 745 -41.06 -24.50 -12.26
CA PHE A 745 -39.98 -24.22 -13.19
C PHE A 745 -39.59 -25.47 -13.96
N LEU A 746 -39.33 -26.56 -13.23
CA LEU A 746 -38.95 -27.81 -13.88
C LEU A 746 -40.04 -28.28 -14.82
N GLY A 747 -41.29 -28.15 -14.41
CA GLY A 747 -42.39 -28.57 -15.27
C GLY A 747 -42.42 -27.79 -16.58
N ASN A 748 -42.26 -26.47 -16.49
CA ASN A 748 -42.24 -25.68 -17.71
C ASN A 748 -41.06 -26.09 -18.58
N VAL A 749 -39.94 -26.43 -17.96
CA VAL A 749 -38.76 -26.86 -18.72
C VAL A 749 -39.10 -28.11 -19.53
N VAL A 750 -39.63 -29.12 -18.86
CA VAL A 750 -39.85 -30.40 -19.54
C VAL A 750 -40.92 -30.23 -20.61
N MET A 751 -41.95 -29.44 -20.32
CA MET A 751 -42.99 -29.21 -21.33
C MET A 751 -42.44 -28.49 -22.54
N TYR A 752 -41.57 -27.50 -22.32
CA TYR A 752 -40.97 -26.78 -23.43
C TYR A 752 -40.14 -27.71 -24.29
N PHE A 753 -39.38 -28.60 -23.65
CA PHE A 753 -38.66 -29.62 -24.40
C PHE A 753 -39.62 -30.47 -25.23
N ALA A 754 -40.70 -30.92 -24.62
CA ALA A 754 -41.69 -31.71 -25.35
C ALA A 754 -42.18 -30.97 -26.59
N PHE A 755 -42.57 -29.70 -26.43
CA PHE A 755 -43.08 -28.94 -27.55
C PHE A 755 -42.04 -28.81 -28.63
N LEU A 756 -40.80 -28.51 -28.24
CA LEU A 756 -39.74 -28.39 -29.22
C LEU A 756 -39.59 -29.67 -30.02
N PHE A 757 -39.71 -30.81 -29.36
CA PHE A 757 -39.51 -32.07 -30.08
C PHE A 757 -40.65 -32.33 -31.04
N LEU A 758 -41.89 -32.12 -30.59
CA LEU A 758 -43.02 -32.31 -31.50
C LEU A 758 -42.93 -31.38 -32.70
N PHE A 759 -42.54 -30.13 -32.47
CA PHE A 759 -42.42 -29.20 -33.59
C PHE A 759 -41.34 -29.67 -34.54
N SER A 760 -40.21 -30.12 -34.02
CA SER A 760 -39.15 -30.62 -34.88
C SER A 760 -39.64 -31.79 -35.71
N TYR A 761 -40.40 -32.70 -35.10
CA TYR A 761 -40.88 -33.83 -35.86
C TYR A 761 -41.82 -33.39 -36.98
N VAL A 762 -42.71 -32.45 -36.67
CA VAL A 762 -43.64 -31.98 -37.68
C VAL A 762 -42.87 -31.35 -38.84
N LEU A 763 -41.91 -30.48 -38.51
CA LEU A 763 -41.17 -29.80 -39.56
C LEU A 763 -40.40 -30.80 -40.42
N LEU A 764 -39.74 -31.76 -39.78
CA LEU A 764 -38.91 -32.72 -40.50
C LEU A 764 -39.71 -33.50 -41.55
N VAL A 765 -40.69 -34.30 -41.12
CA VAL A 765 -41.38 -35.19 -42.06
C VAL A 765 -42.81 -34.80 -42.36
N ASP A 766 -43.47 -34.09 -41.45
CA ASP A 766 -44.89 -33.82 -41.67
C ASP A 766 -45.10 -32.80 -42.77
N PHE A 767 -44.14 -31.91 -42.99
CA PHE A 767 -44.31 -30.88 -44.01
C PHE A 767 -44.60 -31.51 -45.37
N ARG A 768 -45.71 -31.08 -45.96
CA ARG A 768 -46.23 -31.74 -47.14
C ARG A 768 -47.03 -30.70 -47.94
N PRO A 769 -47.48 -30.98 -49.16
CA PRO A 769 -47.99 -29.90 -50.01
C PRO A 769 -49.26 -29.32 -49.45
N PRO A 770 -49.45 -28.01 -49.53
CA PRO A 770 -50.47 -27.31 -48.72
C PRO A 770 -51.86 -27.93 -48.82
N PRO A 771 -52.35 -28.29 -50.03
CA PRO A 771 -53.71 -28.87 -50.07
C PRO A 771 -53.84 -30.16 -49.29
N GLN A 772 -52.82 -31.01 -49.32
CA GLN A 772 -52.83 -32.30 -48.64
C GLN A 772 -51.55 -32.44 -47.81
N GLY A 773 -51.23 -31.39 -47.08
CA GLY A 773 -49.99 -31.33 -46.33
C GLY A 773 -50.10 -31.21 -44.82
N PRO A 774 -51.13 -30.55 -44.29
CA PRO A 774 -51.32 -30.56 -42.84
C PRO A 774 -52.05 -31.81 -42.36
N SER A 775 -51.85 -32.08 -41.07
CA SER A 775 -52.35 -33.31 -40.46
C SER A 775 -52.82 -32.99 -39.05
N GLY A 776 -53.43 -33.99 -38.40
CA GLY A 776 -53.86 -33.82 -37.03
C GLY A 776 -52.74 -33.39 -36.11
N SER A 777 -51.53 -33.90 -36.35
CA SER A 777 -50.38 -33.47 -35.56
C SER A 777 -50.11 -31.98 -35.75
N GLU A 778 -50.20 -31.50 -36.99
CA GLU A 778 -50.04 -30.07 -37.23
C GLU A 778 -51.09 -29.28 -36.47
N VAL A 779 -52.33 -29.77 -36.46
CA VAL A 779 -53.40 -29.11 -35.72
C VAL A 779 -53.05 -29.03 -34.24
N THR A 780 -52.57 -30.15 -33.68
CA THR A 780 -52.19 -30.16 -32.29
C THR A 780 -51.09 -29.15 -32.00
N LEU A 781 -50.12 -29.07 -32.91
CA LEU A 781 -49.05 -28.09 -32.75
C LEU A 781 -49.61 -26.67 -32.77
N TYR A 782 -50.53 -26.40 -33.70
CA TYR A 782 -51.12 -25.06 -33.80
C TYR A 782 -51.88 -24.72 -32.53
N PHE A 783 -52.65 -25.67 -32.00
CA PHE A 783 -53.37 -25.43 -30.76
C PHE A 783 -52.39 -25.19 -29.61
N TRP A 784 -51.29 -25.94 -29.60
CA TRP A 784 -50.25 -25.75 -28.61
C TRP A 784 -49.69 -24.33 -28.67
N VAL A 785 -49.47 -23.83 -29.89
CA VAL A 785 -48.97 -22.47 -30.07
C VAL A 785 -49.99 -21.45 -29.60
N PHE A 786 -51.28 -21.72 -29.85
CA PHE A 786 -52.32 -20.84 -29.36
C PHE A 786 -52.28 -20.77 -27.84
N THR A 787 -52.12 -21.91 -27.19
CA THR A 787 -51.97 -21.92 -25.74
C THR A 787 -50.76 -21.11 -25.30
N LEU A 788 -49.63 -21.30 -25.99
CA LEU A 788 -48.42 -20.57 -25.63
C LEU A 788 -48.63 -19.07 -25.70
N VAL A 789 -49.21 -18.59 -26.80
CA VAL A 789 -49.37 -17.15 -26.95
C VAL A 789 -50.38 -16.63 -25.93
N LEU A 790 -51.42 -17.41 -25.63
CA LEU A 790 -52.35 -16.99 -24.59
C LEU A 790 -51.65 -16.85 -23.24
N GLU A 791 -50.79 -17.80 -22.91
CA GLU A 791 -50.04 -17.71 -21.67
C GLU A 791 -49.14 -16.48 -21.67
N GLU A 792 -48.52 -16.18 -22.81
CA GLU A 792 -47.65 -15.01 -22.88
C GLU A 792 -48.44 -13.72 -22.69
N ILE A 793 -49.64 -13.64 -23.27
CA ILE A 793 -50.46 -12.45 -23.08
C ILE A 793 -50.86 -12.31 -21.62
N ARG A 794 -51.25 -13.42 -20.99
CA ARG A 794 -51.57 -13.35 -19.58
C ARG A 794 -50.38 -12.85 -18.77
N GLN A 795 -49.18 -13.37 -19.05
CA GLN A 795 -47.99 -12.93 -18.35
C GLN A 795 -47.72 -11.45 -18.61
N GLY A 796 -48.04 -10.98 -19.82
CA GLY A 796 -47.69 -9.62 -20.18
C GLY A 796 -48.63 -8.57 -19.60
N PHE A 797 -49.93 -8.87 -19.55
CA PHE A 797 -50.93 -7.84 -19.32
C PHE A 797 -51.65 -7.93 -17.99
N PHE A 798 -51.79 -9.12 -17.40
CA PHE A 798 -52.60 -9.27 -16.21
C PHE A 798 -51.77 -9.45 -14.95
N THR A 799 -50.49 -9.15 -15.00
CA THR A 799 -49.64 -9.22 -13.82
C THR A 799 -49.99 -8.11 -12.84
N ASP A 802 -50.60 -1.94 -11.97
CA ASP A 802 -50.31 -1.48 -13.32
C ASP A 802 -51.52 -0.69 -13.80
N THR A 803 -51.61 0.54 -13.28
CA THR A 803 -52.77 1.44 -13.41
C THR A 803 -53.27 1.48 -14.85
N ARG A 804 -52.49 1.98 -15.80
CA ARG A 804 -52.95 2.09 -17.17
C ARG A 804 -52.40 0.98 -18.04
N LEU A 805 -53.14 0.72 -19.13
CA LEU A 805 -52.73 -0.28 -20.10
C LEU A 805 -51.43 0.11 -20.79
N VAL A 806 -51.25 1.41 -21.06
CA VAL A 806 -50.00 1.86 -21.68
C VAL A 806 -48.83 1.56 -20.75
N LYS A 807 -49.03 1.72 -19.45
CA LYS A 807 -47.96 1.44 -18.50
C LYS A 807 -47.57 -0.03 -18.56
N LYS A 808 -48.55 -0.93 -18.46
CA LYS A 808 -48.25 -2.35 -18.50
C LYS A 808 -47.61 -2.75 -19.83
N PHE A 809 -48.09 -2.15 -20.93
CA PHE A 809 -47.50 -2.44 -22.23
C PHE A 809 -46.05 -2.03 -22.28
N THR A 810 -45.71 -0.89 -21.68
CA THR A 810 -44.32 -0.48 -21.60
C THR A 810 -43.50 -1.46 -20.77
N LEU A 811 -44.06 -1.89 -19.63
CA LEU A 811 -43.38 -2.89 -18.82
C LEU A 811 -43.08 -4.14 -19.63
N TYR A 812 -44.02 -4.53 -20.50
CA TYR A 812 -43.83 -5.71 -21.32
C TYR A 812 -42.76 -5.47 -22.37
N VAL A 813 -42.77 -4.29 -23.00
CA VAL A 813 -41.74 -3.96 -24.00
C VAL A 813 -40.35 -3.98 -23.36
N GLU A 814 -40.27 -3.61 -22.08
CA GLU A 814 -38.98 -3.44 -21.42
C GLU A 814 -38.03 -4.61 -21.67
N ASP A 815 -38.44 -5.82 -21.27
CA ASP A 815 -37.55 -6.98 -21.35
C ASP A 815 -37.29 -7.37 -22.80
N ASN A 816 -36.12 -7.96 -23.03
CA ASN A 816 -35.76 -8.44 -24.37
C ASN A 816 -36.45 -9.76 -24.69
N TRP A 817 -36.52 -10.67 -23.71
CA TRP A 817 -37.04 -12.00 -23.96
C TRP A 817 -38.49 -11.95 -24.42
N ASN A 818 -39.28 -11.07 -23.81
CA ASN A 818 -40.66 -10.89 -24.26
C ASN A 818 -40.69 -10.51 -25.73
N LYS A 819 -39.79 -9.61 -26.14
CA LYS A 819 -39.73 -9.19 -27.54
C LYS A 819 -39.37 -10.37 -28.43
N CYS A 820 -38.40 -11.18 -28.02
CA CYS A 820 -38.03 -12.34 -28.83
C CYS A 820 -39.21 -13.29 -28.96
N ASP A 821 -39.95 -13.49 -27.87
CA ASP A 821 -41.15 -14.32 -27.94
C ASP A 821 -42.16 -13.74 -28.92
N MET A 822 -42.31 -12.42 -28.92
CA MET A 822 -43.22 -11.78 -29.85
C MET A 822 -42.79 -12.02 -31.28
N VAL A 823 -41.50 -11.87 -31.57
CA VAL A 823 -40.99 -12.15 -32.91
C VAL A 823 -41.26 -13.60 -33.28
N ALA A 824 -41.08 -14.51 -32.32
CA ALA A 824 -41.31 -15.92 -32.60
C ALA A 824 -42.75 -16.18 -33.00
N ILE A 825 -43.70 -15.65 -32.22
CA ILE A 825 -45.09 -15.93 -32.52
C ILE A 825 -45.51 -15.23 -33.81
N PHE A 826 -44.92 -14.07 -34.08
CA PHE A 826 -45.18 -13.41 -35.37
C PHE A 826 -44.72 -14.28 -36.52
N LEU A 827 -43.51 -14.83 -36.40
CA LEU A 827 -43.00 -15.71 -37.44
C LEU A 827 -43.90 -16.92 -37.61
N PHE A 828 -44.38 -17.49 -36.50
CA PHE A 828 -45.25 -18.65 -36.63
C PHE A 828 -46.56 -18.29 -37.31
N ILE A 829 -47.14 -17.15 -36.92
CA ILE A 829 -48.42 -16.75 -37.51
C ILE A 829 -48.27 -16.56 -39.01
N VAL A 830 -47.23 -15.84 -39.43
CA VAL A 830 -47.06 -15.59 -40.85
C VAL A 830 -46.75 -16.89 -41.59
N GLY A 831 -46.03 -17.81 -40.93
CA GLY A 831 -45.74 -19.06 -41.59
C GLY A 831 -46.97 -19.92 -41.78
N VAL A 832 -47.89 -19.88 -40.81
CA VAL A 832 -49.08 -20.72 -40.90
C VAL A 832 -49.86 -20.46 -42.18
N THR A 833 -49.69 -19.26 -42.75
CA THR A 833 -50.34 -18.94 -44.01
C THR A 833 -49.91 -19.87 -45.14
N CYS A 834 -48.80 -20.59 -44.98
CA CYS A 834 -48.32 -21.45 -46.05
C CYS A 834 -49.33 -22.53 -46.44
N ARG A 835 -49.98 -23.14 -45.45
CA ARG A 835 -50.92 -24.20 -45.75
C ARG A 835 -52.06 -23.70 -46.63
N MET A 836 -52.40 -22.42 -46.49
CA MET A 836 -53.51 -21.87 -47.26
C MET A 836 -53.16 -21.70 -48.74
N VAL A 837 -51.96 -21.23 -49.03
CA VAL A 837 -51.58 -20.87 -50.40
C VAL A 837 -50.78 -21.99 -51.04
N PRO A 838 -51.32 -22.64 -52.07
CA PRO A 838 -50.58 -23.74 -52.73
C PRO A 838 -49.23 -23.35 -53.27
N SER A 839 -49.15 -22.22 -53.99
CA SER A 839 -47.94 -21.90 -54.73
C SER A 839 -46.76 -21.62 -53.81
N VAL A 840 -47.01 -20.99 -52.66
CA VAL A 840 -45.94 -20.55 -51.77
C VAL A 840 -45.56 -21.72 -50.85
N PHE A 841 -45.78 -22.94 -51.34
CA PHE A 841 -45.52 -24.14 -50.55
C PHE A 841 -44.14 -24.16 -49.90
N GLU A 842 -43.13 -23.64 -50.60
CA GLU A 842 -41.75 -23.77 -50.13
C GLU A 842 -41.34 -22.63 -49.21
N ALA A 843 -41.69 -21.40 -49.59
CA ALA A 843 -41.21 -20.24 -48.85
C ALA A 843 -41.73 -20.24 -47.41
N GLY A 844 -43.03 -20.47 -47.23
CA GLY A 844 -43.58 -20.58 -45.89
C GLY A 844 -42.92 -21.67 -45.08
N ARG A 845 -42.64 -22.82 -45.71
CA ARG A 845 -41.90 -23.87 -45.03
C ARG A 845 -40.56 -23.36 -44.52
N THR A 846 -39.85 -22.60 -45.35
CA THR A 846 -38.59 -22.01 -44.91
C THR A 846 -38.81 -21.09 -43.72
N VAL A 847 -39.89 -20.31 -43.75
CA VAL A 847 -40.20 -19.43 -42.63
C VAL A 847 -40.35 -20.26 -41.35
N LEU A 848 -41.06 -21.38 -41.45
CA LEU A 848 -41.20 -22.27 -40.31
C LEU A 848 -39.84 -22.75 -39.81
N ALA A 849 -38.97 -23.12 -40.75
CA ALA A 849 -37.63 -23.54 -40.39
C ALA A 849 -36.94 -22.45 -39.57
N ILE A 850 -37.05 -21.20 -40.01
CA ILE A 850 -36.43 -20.12 -39.26
C ILE A 850 -37.04 -19.99 -37.87
N ASP A 851 -38.37 -20.15 -37.80
CA ASP A 851 -39.04 -20.12 -36.51
C ASP A 851 -38.44 -21.14 -35.56
N PHE A 852 -38.04 -22.29 -36.10
CA PHE A 852 -37.39 -23.28 -35.26
C PHE A 852 -36.11 -22.72 -34.64
N MET A 853 -35.27 -22.10 -35.47
CA MET A 853 -34.09 -21.40 -34.98
C MET A 853 -34.46 -20.44 -33.86
N VAL A 854 -35.56 -19.70 -34.07
CA VAL A 854 -35.97 -18.70 -33.09
C VAL A 854 -36.27 -19.35 -31.75
N PHE A 855 -37.04 -20.44 -31.77
CA PHE A 855 -37.34 -21.13 -30.52
C PHE A 855 -36.07 -21.65 -29.85
N THR A 856 -35.16 -22.21 -30.65
CA THR A 856 -33.91 -22.71 -30.11
C THR A 856 -33.15 -21.60 -29.39
N LEU A 857 -33.13 -20.40 -29.98
CA LEU A 857 -32.54 -19.28 -29.26
C LEU A 857 -33.34 -18.93 -28.01
N ARG A 858 -34.66 -19.06 -28.07
CA ARG A 858 -35.48 -18.79 -26.90
C ARG A 858 -35.04 -19.66 -25.73
N LEU A 859 -34.63 -20.88 -26.04
CA LEU A 859 -34.27 -21.82 -24.98
C LEU A 859 -33.21 -21.28 -24.04
N ILE A 860 -32.30 -20.43 -24.54
CA ILE A 860 -31.15 -19.99 -23.76
C ILE A 860 -31.57 -19.37 -22.44
N HIS A 861 -32.69 -18.65 -22.44
CA HIS A 861 -33.13 -17.92 -21.23
C HIS A 861 -33.16 -18.83 -20.01
N ILE A 862 -33.50 -20.10 -20.22
CA ILE A 862 -33.69 -21.04 -19.11
C ILE A 862 -32.45 -21.08 -18.23
N PHE A 863 -31.29 -21.04 -18.86
CA PHE A 863 -30.03 -21.30 -18.19
C PHE A 863 -29.70 -20.37 -17.03
N ALA A 864 -30.47 -19.30 -16.88
CA ALA A 864 -30.09 -18.22 -15.99
C ALA A 864 -29.92 -18.71 -14.56
N ILE A 865 -30.71 -19.70 -14.14
CA ILE A 865 -30.74 -20.08 -12.74
C ILE A 865 -29.38 -20.59 -12.28
N HIS A 866 -28.73 -21.40 -13.10
CA HIS A 866 -27.57 -22.14 -12.62
C HIS A 866 -26.42 -21.20 -12.28
N LYS A 867 -25.75 -21.49 -11.16
CA LYS A 867 -24.68 -20.63 -10.67
C LYS A 867 -23.53 -20.55 -11.66
N GLN A 868 -23.20 -21.67 -12.30
CA GLN A 868 -22.06 -21.70 -13.21
C GLN A 868 -22.40 -21.11 -14.56
N LEU A 869 -23.45 -21.62 -15.19
CA LEU A 869 -23.74 -21.27 -16.58
C LEU A 869 -23.95 -19.77 -16.76
N GLY A 870 -24.81 -19.18 -15.94
CA GLY A 870 -25.27 -17.82 -16.10
C GLY A 870 -24.20 -16.81 -16.50
N PRO A 871 -23.17 -16.64 -15.66
CA PRO A 871 -22.14 -15.64 -15.95
C PRO A 871 -21.56 -15.74 -17.35
N LYS A 872 -21.51 -16.94 -17.93
CA LYS A 872 -21.05 -17.08 -19.30
C LYS A 872 -21.99 -16.36 -20.26
N ILE A 873 -23.30 -16.60 -20.11
CA ILE A 873 -24.27 -15.92 -20.96
C ILE A 873 -24.19 -14.41 -20.76
N ILE A 874 -24.01 -13.98 -19.51
CA ILE A 874 -23.85 -12.55 -19.26
C ILE A 874 -22.65 -12.01 -20.03
N ILE A 875 -21.56 -12.76 -20.02
CA ILE A 875 -20.33 -12.29 -20.65
C ILE A 875 -20.51 -12.19 -22.16
N VAL A 876 -21.12 -13.21 -22.76
CA VAL A 876 -21.30 -13.18 -24.21
C VAL A 876 -22.29 -12.11 -24.63
N GLU A 877 -23.30 -11.86 -23.79
CA GLU A 877 -24.27 -10.83 -24.11
C GLU A 877 -23.64 -9.43 -24.01
N ARG A 878 -22.78 -9.22 -23.01
CA ARG A 878 -22.17 -7.90 -22.89
C ARG A 878 -21.27 -7.58 -24.08
N MET A 879 -20.69 -8.60 -24.71
CA MET A 879 -19.76 -8.39 -25.81
C MET A 879 -20.54 -8.20 -27.11
N MET A 880 -21.03 -6.97 -27.31
CA MET A 880 -21.78 -6.63 -28.50
C MET A 880 -21.05 -5.65 -29.42
N LYS A 881 -19.84 -5.21 -29.07
CA LYS A 881 -19.08 -4.38 -29.99
C LYS A 881 -18.59 -5.20 -31.18
N ASP A 882 -18.35 -6.49 -30.96
CA ASP A 882 -17.74 -7.33 -31.97
C ASP A 882 -18.57 -7.37 -33.24
N VAL A 883 -19.89 -7.48 -33.12
CA VAL A 883 -20.73 -7.59 -34.30
C VAL A 883 -20.47 -6.42 -35.25
N PHE A 884 -20.69 -5.20 -34.77
CA PHE A 884 -20.55 -4.02 -35.61
C PHE A 884 -19.12 -3.86 -36.11
N PHE A 885 -18.17 -3.84 -35.17
CA PHE A 885 -16.79 -3.57 -35.56
C PHE A 885 -16.31 -4.60 -36.57
N PHE A 886 -16.55 -5.88 -36.29
CA PHE A 886 -16.03 -6.93 -37.14
C PHE A 886 -16.78 -7.00 -38.46
N LEU A 887 -18.07 -6.69 -38.48
CA LEU A 887 -18.76 -6.68 -39.78
C LEU A 887 -18.11 -5.64 -40.67
N PHE A 888 -17.85 -4.44 -40.13
CA PHE A 888 -17.09 -3.47 -40.92
C PHE A 888 -15.72 -4.01 -41.32
N PHE A 889 -14.98 -4.55 -40.36
CA PHE A 889 -13.60 -4.92 -40.60
C PHE A 889 -13.50 -6.01 -41.66
N LEU A 890 -14.45 -6.93 -41.67
CA LEU A 890 -14.45 -7.99 -42.66
C LEU A 890 -14.91 -7.46 -44.02
N SER A 891 -15.99 -6.68 -44.04
CA SER A 891 -16.57 -6.24 -45.30
C SER A 891 -15.60 -5.35 -46.07
N VAL A 892 -15.04 -4.35 -45.40
CA VAL A 892 -14.23 -3.36 -46.11
C VAL A 892 -13.10 -4.03 -46.87
N TRP A 893 -12.54 -5.10 -46.31
CA TRP A 893 -11.45 -5.78 -46.98
C TRP A 893 -11.96 -6.81 -47.97
N LEU A 894 -13.01 -7.56 -47.61
CA LEU A 894 -13.48 -8.66 -48.44
C LEU A 894 -14.03 -8.15 -49.76
N VAL A 895 -14.89 -7.12 -49.71
CA VAL A 895 -15.51 -6.65 -50.94
C VAL A 895 -14.47 -6.09 -51.89
N ALA A 896 -13.52 -5.31 -51.36
CA ALA A 896 -12.48 -4.72 -52.21
C ALA A 896 -11.58 -5.81 -52.78
N TYR A 897 -11.17 -6.76 -51.95
CA TYR A 897 -10.36 -7.88 -52.42
C TYR A 897 -11.07 -8.62 -53.54
N GLY A 898 -12.35 -8.94 -53.35
CA GLY A 898 -13.08 -9.66 -54.37
C GLY A 898 -13.20 -8.88 -55.67
N VAL A 899 -13.52 -7.58 -55.56
CA VAL A 899 -13.59 -6.75 -56.76
C VAL A 899 -12.28 -6.80 -57.51
N THR A 900 -11.18 -6.60 -56.80
CA THR A 900 -9.88 -6.56 -57.47
C THR A 900 -9.53 -7.90 -58.10
N THR A 901 -9.75 -8.99 -57.37
CA THR A 901 -9.37 -10.30 -57.87
C THR A 901 -10.22 -10.69 -59.08
N GLN A 902 -11.52 -10.42 -59.02
CA GLN A 902 -12.38 -10.74 -60.16
C GLN A 902 -12.04 -9.85 -61.35
N ALA A 903 -11.59 -8.62 -61.09
CA ALA A 903 -11.08 -7.79 -62.17
C ALA A 903 -9.88 -8.44 -62.83
N LEU A 904 -8.97 -9.03 -62.04
CA LEU A 904 -7.79 -9.64 -62.62
C LEU A 904 -8.12 -10.90 -63.41
N LEU A 905 -8.88 -11.81 -62.80
CA LEU A 905 -8.99 -13.17 -63.35
C LEU A 905 -9.84 -13.19 -64.61
N HIS A 906 -11.06 -12.67 -64.53
CA HIS A 906 -11.98 -12.65 -65.67
C HIS A 906 -12.49 -11.23 -65.86
N PRO A 907 -11.93 -10.48 -66.82
CA PRO A 907 -12.36 -9.10 -67.01
C PRO A 907 -13.71 -8.95 -67.70
N HIS A 908 -14.29 -10.05 -68.19
CA HIS A 908 -15.55 -10.02 -68.92
C HIS A 908 -16.56 -10.89 -68.19
N ASP A 909 -17.33 -10.27 -67.30
CA ASP A 909 -18.45 -10.91 -66.62
C ASP A 909 -19.67 -10.03 -66.80
N GLY A 910 -20.71 -10.55 -67.44
CA GLY A 910 -21.91 -9.81 -67.72
C GLY A 910 -23.09 -10.08 -66.80
N ARG A 911 -22.91 -10.90 -65.78
CA ARG A 911 -23.99 -11.26 -64.87
C ARG A 911 -23.72 -10.68 -63.48
N LEU A 912 -24.66 -9.85 -63.01
CA LEU A 912 -24.54 -9.30 -61.66
C LEU A 912 -24.75 -10.38 -60.61
N GLU A 913 -25.72 -11.28 -60.83
CA GLU A 913 -26.00 -12.33 -59.86
C GLU A 913 -24.88 -13.37 -59.81
N TRP A 914 -24.29 -13.72 -60.96
CA TRP A 914 -23.18 -14.65 -60.94
C TRP A 914 -21.96 -14.05 -60.25
N ILE A 915 -21.69 -12.77 -60.52
CA ILE A 915 -20.61 -12.08 -59.82
C ILE A 915 -20.90 -12.04 -58.33
N PHE A 916 -22.16 -11.84 -57.96
CA PHE A 916 -22.54 -11.85 -56.56
C PHE A 916 -22.24 -13.21 -55.92
N ARG A 917 -22.63 -14.28 -56.60
CA ARG A 917 -22.40 -15.63 -56.08
C ARG A 917 -20.91 -15.90 -55.90
N ARG A 918 -20.10 -15.57 -56.92
CA ARG A 918 -18.67 -15.82 -56.86
C ARG A 918 -18.01 -15.00 -55.74
N VAL A 919 -18.24 -13.69 -55.75
CA VAL A 919 -17.59 -12.80 -54.80
C VAL A 919 -18.08 -13.04 -53.38
N LEU A 920 -19.27 -13.62 -53.21
CA LEU A 920 -19.71 -14.02 -51.88
C LEU A 920 -19.07 -15.34 -51.45
N TYR A 921 -19.05 -16.32 -52.37
CA TYR A 921 -18.55 -17.65 -52.01
C TYR A 921 -17.06 -17.65 -51.72
N ARG A 922 -16.29 -16.83 -52.43
CA ARG A 922 -14.83 -16.87 -52.27
C ARG A 922 -14.41 -16.58 -50.85
N PRO A 923 -14.67 -15.39 -50.26
CA PRO A 923 -14.25 -15.18 -48.87
C PRO A 923 -15.00 -16.04 -47.87
N TYR A 924 -16.20 -16.49 -48.22
CA TYR A 924 -16.94 -17.38 -47.34
C TYR A 924 -16.31 -18.76 -47.28
N LEU A 925 -15.64 -19.17 -48.36
CA LEU A 925 -15.08 -20.52 -48.44
C LEU A 925 -13.57 -20.56 -48.21
N GLN A 926 -12.85 -19.48 -48.52
CA GLN A 926 -11.40 -19.48 -48.33
C GLN A 926 -11.01 -19.61 -46.87
N ILE A 927 -11.86 -19.18 -45.94
CA ILE A 927 -11.54 -19.28 -44.53
C ILE A 927 -11.54 -20.73 -44.08
N PHE A 928 -12.45 -21.54 -44.63
CA PHE A 928 -12.66 -22.92 -44.17
C PHE A 928 -12.03 -23.95 -45.11
N GLY A 929 -10.88 -23.64 -45.69
CA GLY A 929 -10.14 -24.62 -46.46
C GLY A 929 -10.68 -24.95 -47.82
N GLN A 930 -11.65 -24.18 -48.34
CA GLN A 930 -12.21 -24.41 -49.66
C GLN A 930 -11.56 -23.40 -50.61
N ILE A 931 -10.45 -23.80 -51.22
CA ILE A 931 -9.69 -22.95 -52.12
C ILE A 931 -9.71 -23.54 -53.52
N PRO A 932 -10.66 -23.15 -54.37
CA PRO A 932 -10.71 -23.70 -55.75
C PRO A 932 -9.68 -23.06 -56.68
N LEU A 933 -8.45 -23.59 -56.62
CA LEU A 933 -7.38 -23.10 -57.48
C LEU A 933 -7.62 -23.42 -58.95
N ASP A 934 -8.57 -24.32 -59.25
CA ASP A 934 -8.89 -24.62 -60.64
C ASP A 934 -9.50 -23.43 -61.36
N GLU A 935 -9.97 -22.42 -60.64
CA GLU A 935 -10.51 -21.22 -61.23
C GLU A 935 -9.67 -19.98 -60.94
N ILE A 936 -8.55 -20.12 -60.24
CA ILE A 936 -7.77 -18.96 -59.83
C ILE A 936 -6.34 -19.03 -60.37
N ASP A 937 -5.83 -20.24 -60.59
CA ASP A 937 -4.46 -20.45 -61.02
C ASP A 937 -4.46 -20.87 -62.48
N GLU A 938 -3.83 -20.05 -63.34
CA GLU A 938 -3.77 -20.36 -64.76
C GLU A 938 -3.12 -21.70 -65.02
N ALA A 939 -2.14 -22.07 -64.20
CA ALA A 939 -1.55 -23.41 -64.29
C ALA A 939 -2.52 -24.49 -63.84
N ARG A 940 -3.62 -24.12 -63.17
CA ARG A 940 -4.58 -25.09 -62.65
C ARG A 940 -5.94 -25.02 -63.33
N VAL A 941 -6.17 -24.06 -64.22
CA VAL A 941 -7.44 -24.01 -64.95
C VAL A 941 -7.45 -25.09 -66.04
N ALA A 961 -0.48 -12.46 -61.53
CA ALA A 961 -1.50 -12.07 -60.57
C ALA A 961 -1.52 -12.95 -59.34
N ASN A 962 -0.82 -14.08 -59.36
CA ASN A 962 -0.89 -15.02 -58.24
C ASN A 962 -0.22 -14.46 -56.98
N TRP A 963 0.99 -13.92 -57.13
CA TRP A 963 1.77 -13.53 -55.95
C TRP A 963 1.12 -12.39 -55.20
N LEU A 964 0.48 -11.46 -55.92
CA LEU A 964 -0.26 -10.41 -55.24
C LEU A 964 -1.42 -10.98 -54.43
N VAL A 965 -2.12 -11.96 -54.99
CA VAL A 965 -3.22 -12.61 -54.26
C VAL A 965 -2.69 -13.31 -53.02
N ILE A 966 -1.54 -13.99 -53.15
CA ILE A 966 -0.96 -14.66 -52.00
C ILE A 966 -0.58 -13.65 -50.93
N LEU A 967 0.05 -12.54 -51.31
CA LEU A 967 0.44 -11.53 -50.34
C LEU A 967 -0.77 -10.95 -49.63
N LEU A 968 -1.83 -10.65 -50.37
CA LEU A 968 -3.05 -10.12 -49.76
C LEU A 968 -3.70 -11.13 -48.83
N LEU A 969 -3.75 -12.40 -49.22
CA LEU A 969 -4.34 -13.41 -48.35
C LEU A 969 -3.52 -13.61 -47.10
N VAL A 970 -2.19 -13.51 -47.19
CA VAL A 970 -1.35 -13.60 -46.00
C VAL A 970 -1.60 -12.42 -45.08
N THR A 971 -1.63 -11.21 -45.65
CA THR A 971 -1.92 -10.03 -44.84
C THR A 971 -3.25 -10.18 -44.12
N PHE A 972 -4.26 -10.68 -44.81
CA PHE A 972 -5.55 -10.92 -44.17
C PHE A 972 -5.43 -11.94 -43.04
N LEU A 973 -5.00 -13.15 -43.38
CA LEU A 973 -4.92 -14.23 -42.39
C LEU A 973 -4.01 -13.89 -41.21
N LEU A 974 -3.21 -12.83 -41.31
CA LEU A 974 -2.46 -12.38 -40.14
C LEU A 974 -3.20 -11.27 -39.39
N VAL A 975 -3.62 -10.20 -40.08
CA VAL A 975 -4.14 -9.05 -39.35
C VAL A 975 -5.51 -9.35 -38.76
N THR A 976 -6.38 -10.06 -39.49
CA THR A 976 -7.67 -10.43 -38.93
C THR A 976 -7.51 -11.41 -37.79
N ASN A 977 -6.59 -12.37 -37.95
CA ASN A 977 -6.33 -13.34 -36.89
C ASN A 977 -5.92 -12.65 -35.58
N VAL A 978 -4.81 -11.93 -35.61
CA VAL A 978 -4.35 -11.26 -34.40
C VAL A 978 -5.37 -10.23 -33.93
N LEU A 979 -5.94 -9.51 -34.87
CA LEU A 979 -6.95 -8.51 -34.58
C LEU A 979 -8.25 -9.07 -33.99
N LEU A 980 -8.72 -10.22 -34.47
CA LEU A 980 -10.01 -10.71 -33.95
C LEU A 980 -9.96 -11.31 -32.58
N MET A 981 -9.32 -12.46 -32.47
CA MET A 981 -9.26 -13.14 -31.18
C MET A 981 -8.68 -12.25 -30.09
N ASN A 982 -7.66 -11.48 -30.43
CA ASN A 982 -7.03 -10.59 -29.46
C ASN A 982 -7.98 -9.55 -28.90
N LEU A 983 -8.67 -8.84 -29.79
CA LEU A 983 -9.60 -7.78 -29.37
C LEU A 983 -10.76 -8.36 -28.63
N LEU A 984 -11.18 -9.55 -29.07
CA LEU A 984 -12.30 -10.19 -28.43
C LEU A 984 -11.90 -10.43 -27.01
N ILE A 985 -10.71 -10.99 -26.86
CA ILE A 985 -10.09 -11.38 -25.60
C ILE A 985 -9.67 -10.25 -24.68
N ALA A 986 -9.09 -9.16 -25.19
CA ALA A 986 -8.73 -8.09 -24.27
C ALA A 986 -10.03 -7.54 -23.67
N MET A 987 -10.99 -7.32 -24.57
CA MET A 987 -12.32 -6.85 -24.19
C MET A 987 -13.02 -7.95 -23.39
N PHE A 988 -12.80 -9.22 -23.75
CA PHE A 988 -13.44 -10.29 -23.00
C PHE A 988 -12.95 -10.23 -21.59
N SER A 989 -11.65 -10.08 -21.36
CA SER A 989 -11.10 -10.01 -20.02
C SER A 989 -11.66 -8.82 -19.28
N TYR A 990 -11.56 -7.66 -19.95
CA TYR A 990 -12.01 -6.37 -19.43
C TYR A 990 -13.51 -6.39 -19.40
N THR A 991 -14.10 -6.91 -20.49
CA THR A 991 -15.54 -7.10 -20.61
C THR A 991 -15.94 -8.17 -19.58
N PHE A 992 -15.08 -9.19 -19.49
CA PHE A 992 -15.22 -10.27 -18.55
C PHE A 992 -15.14 -9.69 -17.14
N GLN A 993 -14.07 -8.92 -16.93
CA GLN A 993 -13.70 -8.26 -15.68
C GLN A 993 -14.79 -7.28 -15.32
N VAL A 994 -15.34 -6.63 -16.34
CA VAL A 994 -16.45 -5.73 -16.16
C VAL A 994 -17.62 -6.59 -15.67
N VAL A 995 -17.80 -7.74 -16.33
CA VAL A 995 -18.79 -8.74 -15.97
C VAL A 995 -18.49 -9.40 -14.60
N GLN A 996 -17.22 -9.46 -14.23
CA GLN A 996 -16.84 -10.05 -12.97
C GLN A 996 -17.47 -9.25 -11.83
N GLY A 997 -17.63 -7.95 -12.06
CA GLY A 997 -18.30 -7.12 -11.10
C GLY A 997 -19.75 -6.87 -11.51
N ASN A 998 -19.91 -5.92 -12.43
CA ASN A 998 -21.25 -5.50 -12.86
C ASN A 998 -22.14 -6.56 -13.48
N ALA A 999 -21.64 -7.36 -14.42
CA ALA A 999 -22.53 -8.40 -14.97
C ALA A 999 -22.80 -9.53 -13.99
N ASP A 1000 -21.89 -9.76 -13.03
CA ASP A 1000 -22.14 -10.75 -11.97
C ASP A 1000 -23.30 -10.23 -11.14
N MET A 1001 -23.30 -8.92 -10.87
CA MET A 1001 -24.41 -8.30 -10.19
C MET A 1001 -25.69 -8.46 -11.04
N PHE A 1002 -25.57 -8.30 -12.36
CA PHE A 1002 -26.70 -8.47 -13.27
C PHE A 1002 -27.26 -9.89 -13.19
N TRP A 1003 -26.36 -10.87 -13.11
CA TRP A 1003 -26.69 -12.27 -13.02
C TRP A 1003 -27.61 -12.40 -11.84
N LYS A 1004 -27.25 -11.75 -10.75
CA LYS A 1004 -28.06 -11.79 -9.56
C LYS A 1004 -29.35 -11.05 -9.86
N PHE A 1005 -29.23 -9.96 -10.62
CA PHE A 1005 -30.40 -9.18 -11.00
C PHE A 1005 -31.30 -10.04 -11.86
N GLN A 1006 -30.70 -10.77 -12.79
CA GLN A 1006 -31.43 -11.67 -13.67
C GLN A 1006 -32.09 -12.76 -12.86
N ARG A 1007 -31.37 -13.28 -11.85
CA ARG A 1007 -31.93 -14.32 -11.01
C ARG A 1007 -33.16 -13.79 -10.30
N TYR A 1008 -33.09 -12.58 -9.78
CA TYR A 1008 -34.23 -12.02 -9.08
C TYR A 1008 -35.39 -11.86 -10.02
N HIS A 1009 -35.12 -11.39 -11.23
CA HIS A 1009 -36.23 -11.21 -12.16
C HIS A 1009 -36.88 -12.54 -12.48
N LEU A 1010 -36.08 -13.57 -12.69
CA LEU A 1010 -36.63 -14.88 -13.01
C LEU A 1010 -37.46 -15.40 -11.86
N ILE A 1011 -36.96 -15.21 -10.64
CA ILE A 1011 -37.66 -15.69 -9.46
C ILE A 1011 -39.06 -15.12 -9.39
N VAL A 1012 -39.16 -13.81 -9.59
CA VAL A 1012 -40.47 -13.17 -9.53
C VAL A 1012 -41.36 -13.67 -10.65
N GLU A 1013 -40.78 -13.85 -11.85
CA GLU A 1013 -41.56 -14.30 -12.99
C GLU A 1013 -42.18 -15.66 -12.72
N TYR A 1014 -41.37 -16.61 -12.26
CA TYR A 1014 -41.92 -17.95 -12.03
C TYR A 1014 -42.89 -17.96 -10.86
N HIS A 1015 -42.66 -17.10 -9.86
CA HIS A 1015 -43.62 -17.02 -8.77
C HIS A 1015 -45.01 -16.69 -9.28
N GLY A 1016 -45.11 -15.80 -10.25
CA GLY A 1016 -46.39 -15.39 -10.78
C GLY A 1016 -47.04 -16.41 -11.68
N ARG A 1017 -46.37 -17.48 -12.01
CA ARG A 1017 -46.96 -18.42 -12.94
C ARG A 1017 -47.80 -19.44 -12.19
N PRO A 1018 -48.86 -19.95 -12.80
CA PRO A 1018 -49.63 -21.04 -12.21
C PRO A 1018 -49.04 -22.40 -12.58
N ALA A 1019 -49.55 -23.42 -11.89
CA ALA A 1019 -48.92 -24.74 -11.95
C ALA A 1019 -49.00 -25.35 -13.34
N LEU A 1020 -50.11 -25.16 -14.04
CA LEU A 1020 -50.31 -25.87 -15.30
C LEU A 1020 -49.28 -25.44 -16.33
N ALA A 1021 -48.95 -26.36 -17.23
CA ALA A 1021 -47.91 -26.16 -18.22
C ALA A 1021 -48.46 -25.33 -19.37
N PRO A 1022 -47.62 -24.97 -20.35
CA PRO A 1022 -48.11 -24.26 -21.54
C PRO A 1022 -49.36 -24.89 -22.14
N PRO A 1023 -49.38 -26.20 -22.42
CA PRO A 1023 -50.58 -26.77 -23.03
C PRO A 1023 -51.74 -26.90 -22.08
N PHE A 1024 -51.49 -26.85 -20.79
CA PHE A 1024 -52.53 -27.00 -19.79
C PHE A 1024 -53.05 -25.67 -19.30
N ILE A 1025 -52.37 -24.57 -19.64
CA ILE A 1025 -52.78 -23.23 -19.20
C ILE A 1025 -54.23 -22.96 -19.60
N LEU A 1026 -54.66 -23.57 -20.70
CA LEU A 1026 -56.02 -23.39 -21.23
C LEU A 1026 -57.08 -23.67 -20.17
N LEU A 1027 -56.71 -24.39 -19.11
CA LEU A 1027 -57.61 -24.61 -18.00
C LEU A 1027 -57.44 -23.62 -16.86
N SER A 1028 -56.20 -23.25 -16.53
CA SER A 1028 -55.99 -22.34 -15.40
C SER A 1028 -56.43 -20.92 -15.74
N HIS A 1029 -56.07 -20.43 -16.92
CA HIS A 1029 -56.51 -19.11 -17.34
C HIS A 1029 -58.03 -19.05 -17.43
N LEU A 1030 -58.65 -20.10 -17.97
CA LEU A 1030 -60.10 -20.12 -18.06
C LEU A 1030 -60.73 -20.13 -16.68
N SER A 1031 -60.17 -20.91 -15.75
CA SER A 1031 -60.70 -20.95 -14.39
C SER A 1031 -60.55 -19.59 -13.70
N LEU A 1032 -59.41 -18.94 -13.88
CA LEU A 1032 -59.20 -17.63 -13.28
C LEU A 1032 -60.16 -16.60 -13.84
N VAL A 1033 -60.37 -16.62 -15.16
CA VAL A 1033 -61.32 -15.69 -15.77
C VAL A 1033 -62.72 -15.95 -15.26
N LEU A 1034 -63.08 -17.22 -15.11
CA LEU A 1034 -64.40 -17.56 -14.59
C LEU A 1034 -64.57 -17.08 -13.16
N LYS A 1035 -63.54 -17.26 -12.33
CA LYS A 1035 -63.63 -16.80 -10.94
C LYS A 1035 -63.73 -15.29 -10.88
N GLN A 1036 -62.98 -14.58 -11.73
CA GLN A 1036 -63.05 -13.13 -11.74
C GLN A 1036 -64.42 -12.64 -12.19
N VAL A 1037 -65.01 -13.31 -13.19
CA VAL A 1037 -66.35 -12.94 -13.63
C VAL A 1037 -67.36 -13.22 -12.54
N PHE A 1038 -67.18 -14.31 -11.79
CA PHE A 1038 -68.10 -14.63 -10.71
C PHE A 1038 -68.01 -13.61 -9.58
N ARG A 1039 -66.79 -13.23 -9.19
CA ARG A 1039 -66.59 -12.28 -8.11
C ARG A 1039 -66.86 -10.86 -8.58
N HIS A 1048 -48.45 -12.83 0.34
CA HIS A 1048 -47.04 -12.89 -0.03
C HIS A 1048 -46.28 -11.66 0.44
N LEU A 1049 -45.59 -11.01 -0.50
CA LEU A 1049 -44.82 -9.81 -0.23
C LEU A 1049 -45.69 -8.66 0.27
N GLU A 1050 -46.86 -8.55 -0.34
CA GLU A 1050 -47.83 -7.50 -0.02
C GLU A 1050 -48.34 -7.49 1.40
N ARG A 1051 -48.51 -8.67 1.99
CA ARG A 1051 -49.06 -8.78 3.34
C ARG A 1051 -48.29 -7.98 4.37
N ASP A 1052 -49.03 -7.32 5.25
CA ASP A 1052 -48.46 -6.49 6.31
C ASP A 1052 -49.12 -6.77 7.65
N LEU A 1053 -48.40 -6.50 8.73
CA LEU A 1053 -48.89 -6.76 10.08
C LEU A 1053 -49.84 -5.69 10.63
N PRO A 1054 -50.18 -5.80 11.92
CA PRO A 1054 -51.07 -4.88 12.63
C PRO A 1054 -50.27 -3.77 13.29
N ASP A 1055 -50.97 -2.79 13.86
CA ASP A 1055 -50.32 -1.66 14.53
C ASP A 1055 -49.26 -2.10 15.55
N PRO A 1056 -49.71 -2.80 16.59
CA PRO A 1056 -48.85 -3.29 17.68
C PRO A 1056 -47.60 -3.98 17.17
N VAL A 1057 -47.78 -5.10 16.48
CA VAL A 1057 -46.67 -5.88 15.95
C VAL A 1057 -45.68 -5.04 15.16
N ASP A 1058 -46.18 -4.31 14.17
CA ASP A 1058 -45.30 -3.50 13.33
C ASP A 1058 -44.50 -2.51 14.15
N GLN A 1059 -45.16 -1.74 15.11
CA GLN A 1059 -44.52 -0.69 15.89
C GLN A 1059 -43.25 -1.18 16.55
N LYS A 1060 -43.32 -2.36 17.17
CA LYS A 1060 -42.13 -2.97 17.74
C LYS A 1060 -41.03 -3.09 16.70
N ILE A 1061 -41.39 -3.51 15.49
CA ILE A 1061 -40.39 -3.67 14.43
C ILE A 1061 -39.75 -2.33 14.12
N ILE A 1062 -40.57 -1.29 13.97
CA ILE A 1062 -40.05 0.02 13.64
C ILE A 1062 -39.08 0.49 14.72
N THR A 1063 -39.48 0.35 15.97
CA THR A 1063 -38.61 0.78 17.06
C THR A 1063 -37.31 -0.01 17.06
N TRP A 1064 -37.39 -1.32 16.82
CA TRP A 1064 -36.19 -2.14 16.79
C TRP A 1064 -35.24 -1.68 15.69
N GLU A 1065 -35.78 -1.43 14.50
CA GLU A 1065 -34.96 -0.93 13.41
C GLU A 1065 -34.31 0.38 13.78
N THR A 1066 -35.06 1.26 14.45
CA THR A 1066 -34.50 2.52 14.89
C THR A 1066 -33.30 2.28 15.79
N VAL A 1067 -33.44 1.38 16.74
CA VAL A 1067 -32.34 1.12 17.65
C VAL A 1067 -31.15 0.59 16.89
N GLN A 1068 -31.40 -0.26 15.90
CA GLN A 1068 -30.30 -0.78 15.09
C GLN A 1068 -29.57 0.35 14.38
N LYS A 1069 -30.32 1.29 13.81
CA LYS A 1069 -29.69 2.40 13.12
C LYS A 1069 -28.83 3.21 14.07
N GLU A 1070 -29.34 3.45 15.29
CA GLU A 1070 -28.56 4.20 16.26
C GLU A 1070 -27.26 3.50 16.59
N ASN A 1071 -27.34 2.18 16.82
CA ASN A 1071 -26.12 1.43 17.12
C ASN A 1071 -25.14 1.53 15.96
N PHE A 1072 -25.65 1.43 14.75
CA PHE A 1072 -24.77 1.52 13.58
C PHE A 1072 -24.05 2.85 13.55
N LEU A 1073 -24.78 3.95 13.76
CA LEU A 1073 -24.14 5.26 13.71
C LEU A 1073 -23.13 5.43 14.83
N SER A 1074 -23.47 4.97 16.04
CA SER A 1074 -22.53 5.08 17.14
C SER A 1074 -21.26 4.29 16.83
N THR A 1075 -21.40 3.12 16.21
CA THR A 1075 -20.23 2.34 15.84
C THR A 1075 -19.39 3.07 14.82
N MET A 1076 -20.03 3.68 13.82
CA MET A 1076 -19.28 4.44 12.82
C MET A 1076 -18.50 5.56 13.48
N GLU A 1077 -19.14 6.26 14.41
CA GLU A 1077 -18.44 7.34 15.12
C GLU A 1077 -17.26 6.78 15.89
N LYS A 1078 -17.46 5.67 16.60
CA LYS A 1078 -16.36 5.10 17.37
C LYS A 1078 -15.20 4.75 16.47
N ARG A 1079 -15.47 4.13 15.33
CA ARG A 1079 -14.40 3.84 14.39
C ARG A 1079 -13.73 5.11 13.92
N ARG A 1080 -14.48 6.20 13.81
CA ARG A 1080 -13.88 7.47 13.44
C ARG A 1080 -12.94 7.97 14.54
N ARG A 1081 -13.27 7.68 15.80
CA ARG A 1081 -12.46 8.17 16.91
C ARG A 1081 -11.06 7.59 16.88
N ASP A 1082 -10.92 6.34 16.46
CA ASP A 1082 -9.64 5.66 16.47
C ASP A 1082 -8.85 5.83 15.19
N SER A 1083 -9.21 6.77 14.34
CA SER A 1083 -8.40 7.02 13.16
C SER A 1083 -7.02 7.49 13.60
N GLU A 1084 -5.99 6.90 13.00
CA GLU A 1084 -4.63 7.31 13.33
C GLU A 1084 -4.48 8.81 13.16
N GLU A 1085 -5.09 9.35 12.11
CA GLU A 1085 -5.09 10.79 11.91
C GLU A 1085 -5.68 11.51 13.11
N GLU A 1086 -6.83 11.04 13.61
CA GLU A 1086 -7.45 11.72 14.74
C GLU A 1086 -6.55 11.67 15.96
N VAL A 1087 -5.95 10.51 16.21
CA VAL A 1087 -5.05 10.38 17.36
C VAL A 1087 -3.91 11.37 17.23
N LEU A 1088 -3.31 11.45 16.03
CA LEU A 1088 -2.20 12.36 15.81
C LEU A 1088 -2.62 13.80 16.06
N ARG A 1089 -3.78 14.19 15.53
CA ARG A 1089 -4.20 15.57 15.69
C ARG A 1089 -4.43 15.90 17.16
N LYS A 1090 -5.11 15.01 17.89
CA LYS A 1090 -5.34 15.26 19.31
C LYS A 1090 -4.01 15.36 20.04
N THR A 1091 -3.06 14.49 19.69
CA THR A 1091 -1.77 14.52 20.34
C THR A 1091 -1.07 15.83 20.09
N ALA A 1092 -1.06 16.28 18.84
CA ALA A 1092 -0.39 17.53 18.51
C ALA A 1092 -1.02 18.69 19.26
N HIS A 1093 -2.35 18.72 19.31
CA HIS A 1093 -3.02 19.80 20.01
C HIS A 1093 -2.62 19.83 21.48
N ARG A 1094 -2.62 18.66 22.11
CA ARG A 1094 -2.27 18.61 23.52
C ARG A 1094 -0.82 19.03 23.75
N VAL A 1095 0.08 18.61 22.87
CA VAL A 1095 1.48 19.01 23.01
C VAL A 1095 1.61 20.52 22.90
N ASP A 1096 0.92 21.11 21.93
CA ASP A 1096 1.02 22.55 21.76
C ASP A 1096 0.49 23.28 22.99
N LEU A 1097 -0.63 22.79 23.54
CA LEU A 1097 -1.16 23.40 24.76
C LEU A 1097 -0.17 23.28 25.90
N ILE A 1098 0.43 22.09 26.06
CA ILE A 1098 1.39 21.89 27.14
C ILE A 1098 2.59 22.82 26.96
N ALA A 1099 3.03 22.99 25.71
CA ALA A 1099 4.18 23.85 25.46
C ALA A 1099 3.87 25.30 25.78
N LYS A 1100 2.71 25.79 25.32
CA LYS A 1100 2.34 27.16 25.62
C LYS A 1100 2.20 27.38 27.12
N TYR A 1101 1.64 26.41 27.83
CA TYR A 1101 1.45 26.57 29.26
C TYR A 1101 2.79 26.55 29.99
N ILE A 1102 3.61 25.53 29.72
CA ILE A 1102 4.92 25.41 30.36
C ILE A 1102 5.80 26.61 30.09
N CYS B 35 -51.36 -4.46 53.82
CA CYS B 35 -52.43 -4.09 52.91
C CYS B 35 -51.93 -3.96 51.47
N LYS B 36 -51.75 -5.10 50.80
CA LYS B 36 -51.26 -5.11 49.44
C LYS B 36 -52.42 -5.00 48.46
N GLY B 37 -52.20 -4.24 47.39
CA GLY B 37 -53.22 -4.08 46.37
C GLY B 37 -52.60 -3.83 45.02
N GLU B 38 -53.45 -3.79 44.00
CA GLU B 38 -53.01 -3.58 42.63
C GLU B 38 -53.88 -2.53 41.97
N VAL B 39 -53.25 -1.68 41.15
CA VAL B 39 -53.95 -0.66 40.38
C VAL B 39 -53.85 -1.05 38.91
N ASN B 40 -54.99 -1.37 38.30
CA ASN B 40 -55.05 -1.85 36.93
C ASN B 40 -55.19 -0.66 35.99
N PHE B 41 -54.06 -0.04 35.69
CA PHE B 41 -54.02 1.09 34.78
C PHE B 41 -53.63 0.65 33.37
N LYS B 47 -51.91 -2.45 32.72
CA LYS B 47 -50.72 -2.02 33.43
C LYS B 47 -50.96 -2.01 34.94
N ARG B 48 -51.20 -3.19 35.50
CA ARG B 48 -51.47 -3.33 36.92
C ARG B 48 -50.17 -3.18 37.70
N SER B 49 -50.16 -2.26 38.66
CA SER B 49 -48.98 -1.94 39.46
C SER B 49 -49.32 -2.20 40.92
N LYS B 50 -48.46 -2.96 41.59
CA LYS B 50 -48.73 -3.32 42.98
C LYS B 50 -48.31 -2.21 43.92
N PHE B 51 -48.92 -2.19 45.10
CA PHE B 51 -48.64 -1.18 46.10
C PHE B 51 -48.88 -1.78 47.48
N VAL B 52 -48.06 -1.37 48.44
CA VAL B 52 -48.17 -1.83 49.82
C VAL B 52 -48.12 -0.61 50.72
N LYS B 53 -49.16 -0.44 51.54
CA LYS B 53 -49.18 0.66 52.49
C LYS B 53 -48.48 0.24 53.78
N VAL B 54 -47.46 0.99 54.18
CA VAL B 54 -46.66 0.64 55.34
C VAL B 54 -46.44 1.87 56.21
N PRO B 55 -46.77 1.82 57.49
CA PRO B 55 -46.42 2.93 58.39
C PRO B 55 -44.92 2.90 58.71
N SER B 56 -44.49 3.94 59.41
CA SER B 56 -43.09 4.04 59.78
C SER B 56 -42.77 3.12 60.95
N ASN B 57 -41.47 2.92 61.18
CA ASN B 57 -40.95 2.08 62.25
C ASN B 57 -41.37 0.62 62.12
N VAL B 58 -41.75 0.19 60.93
CA VAL B 58 -42.11 -1.21 60.69
C VAL B 58 -40.84 -2.03 60.49
N ALA B 59 -40.86 -3.27 61.00
CA ALA B 59 -39.74 -4.18 60.87
C ALA B 59 -39.34 -4.32 59.40
N PRO B 60 -38.16 -3.85 59.00
CA PRO B 60 -37.77 -3.88 57.59
C PRO B 60 -37.70 -5.29 57.03
N SER B 61 -37.24 -6.24 57.84
CA SER B 61 -37.13 -7.63 57.41
C SER B 61 -38.44 -8.14 56.81
N MET B 62 -39.55 -7.88 57.50
CA MET B 62 -40.85 -8.30 57.00
C MET B 62 -41.14 -7.65 55.65
N LEU B 63 -40.78 -6.37 55.49
CA LEU B 63 -41.01 -5.68 54.23
C LEU B 63 -40.22 -6.33 53.10
N PHE B 64 -38.94 -6.56 53.32
CA PHE B 64 -38.08 -7.13 52.28
C PHE B 64 -38.55 -8.54 51.91
N GLU B 65 -38.95 -9.32 52.91
CA GLU B 65 -39.40 -10.68 52.63
C GLU B 65 -40.73 -10.68 51.88
N LEU B 66 -41.66 -9.81 52.29
CA LEU B 66 -42.91 -9.69 51.56
C LEU B 66 -42.66 -9.31 50.12
N LEU B 67 -41.80 -8.31 49.90
CA LEU B 67 -41.40 -7.95 48.55
C LEU B 67 -40.96 -9.18 47.77
N LEU B 68 -39.91 -9.85 48.25
CA LEU B 68 -39.30 -10.95 47.51
C LEU B 68 -40.30 -12.06 47.21
N THR B 69 -41.08 -12.47 48.20
CA THR B 69 -41.97 -13.61 47.99
C THR B 69 -43.22 -13.21 47.20
N GLU B 70 -44.00 -12.26 47.72
CA GLU B 70 -45.29 -11.96 47.11
C GLU B 70 -45.15 -11.31 45.74
N TRP B 71 -44.06 -10.57 45.49
CA TRP B 71 -43.86 -9.99 44.18
C TRP B 71 -43.02 -10.87 43.27
N HIS B 72 -42.32 -11.86 43.83
CA HIS B 72 -41.51 -12.80 43.06
C HIS B 72 -40.48 -12.06 42.21
N LEU B 73 -39.76 -11.15 42.85
CA LEU B 73 -38.73 -10.37 42.21
C LEU B 73 -37.39 -11.06 42.36
N PRO B 74 -36.52 -10.99 41.35
CA PRO B 74 -35.24 -11.69 41.41
C PRO B 74 -34.33 -11.09 42.47
N ALA B 75 -33.40 -11.90 42.94
CA ALA B 75 -32.42 -11.42 43.90
C ALA B 75 -31.56 -10.34 43.26
N PRO B 76 -31.30 -9.24 43.95
CA PRO B 76 -30.54 -8.16 43.34
C PRO B 76 -29.04 -8.29 43.56
N ASN B 77 -28.25 -8.06 42.51
CA ASN B 77 -26.80 -8.01 42.63
C ASN B 77 -26.29 -6.61 42.93
N LEU B 78 -27.18 -5.62 43.02
CA LEU B 78 -26.79 -4.24 43.26
C LEU B 78 -28.04 -3.43 43.58
N VAL B 79 -27.89 -2.44 44.45
CA VAL B 79 -28.96 -1.48 44.73
C VAL B 79 -28.34 -0.08 44.84
N VAL B 80 -28.94 0.88 44.15
CA VAL B 80 -28.51 2.27 44.18
C VAL B 80 -29.73 3.12 44.53
N SER B 81 -29.54 4.07 45.44
CA SER B 81 -30.63 4.87 45.97
C SER B 81 -30.45 6.32 45.55
N LEU B 82 -31.46 6.87 44.88
CA LEU B 82 -31.44 8.26 44.48
C LEU B 82 -31.69 9.17 45.69
N VAL B 83 -31.08 10.35 45.66
CA VAL B 83 -31.19 11.30 46.77
C VAL B 83 -31.56 12.70 46.29
N GLY B 84 -31.82 12.88 45.00
CA GLY B 84 -32.12 14.21 44.49
C GLY B 84 -33.33 14.28 43.60
N GLU B 85 -34.21 15.25 43.86
CA GLU B 85 -35.38 15.51 43.01
C GLU B 85 -35.75 16.98 43.17
N GLU B 86 -35.32 17.79 42.20
CA GLU B 86 -35.66 19.21 42.15
C GLU B 86 -36.07 19.54 40.72
N ARG B 87 -37.36 19.74 40.49
CA ARG B 87 -37.87 19.99 39.15
C ARG B 87 -37.46 21.37 38.64
N LEU B 88 -36.88 22.20 39.50
CA LEU B 88 -36.53 23.56 39.10
C LEU B 88 -35.44 23.57 38.03
N PHE B 89 -34.39 22.78 38.22
CA PHE B 89 -33.25 22.74 37.32
C PHE B 89 -33.37 21.56 36.37
N ALA B 90 -33.31 21.83 35.07
CA ALA B 90 -33.41 20.78 34.07
C ALA B 90 -32.08 20.05 33.96
N MET B 91 -32.12 18.91 33.26
CA MET B 91 -30.95 18.05 33.11
C MET B 91 -30.19 18.42 31.85
N LYS B 92 -28.90 18.70 32.02
CA LYS B 92 -28.05 19.04 30.88
C LYS B 92 -27.76 17.79 30.06
N SER B 93 -27.14 18.01 28.90
CA SER B 93 -26.83 16.91 27.99
C SER B 93 -25.82 15.95 28.63
N TRP B 94 -24.66 16.49 29.03
CA TRP B 94 -23.59 15.71 29.64
C TRP B 94 -24.10 14.87 30.81
N LEU B 95 -25.19 15.30 31.44
CA LEU B 95 -25.82 14.53 32.49
C LEU B 95 -26.70 13.42 31.95
N ARG B 96 -27.71 13.78 31.14
CA ARG B 96 -28.64 12.80 30.61
C ARG B 96 -27.92 11.65 29.92
N ASP B 97 -27.07 11.99 28.93
CA ASP B 97 -26.52 10.95 28.07
C ASP B 97 -25.85 9.86 28.89
N VAL B 98 -24.78 10.21 29.61
CA VAL B 98 -24.09 9.20 30.40
C VAL B 98 -25.04 8.62 31.46
N LEU B 99 -25.55 9.46 32.37
CA LEU B 99 -26.27 8.99 33.55
C LEU B 99 -27.32 7.95 33.20
N ARG B 100 -28.09 8.16 32.14
CA ARG B 100 -29.11 7.19 31.81
C ARG B 100 -28.67 6.21 30.75
N LYS B 101 -28.30 6.67 29.55
CA LYS B 101 -27.97 5.71 28.49
C LYS B 101 -26.77 4.85 28.90
N GLY B 102 -25.64 5.47 29.20
CA GLY B 102 -24.41 4.70 29.35
C GLY B 102 -24.41 3.86 30.61
N LEU B 103 -25.18 4.28 31.62
CA LEU B 103 -25.25 3.50 32.85
C LEU B 103 -26.24 2.35 32.73
N VAL B 104 -27.48 2.64 32.29
CA VAL B 104 -28.49 1.60 32.27
C VAL B 104 -28.24 0.59 31.17
N LYS B 105 -27.69 1.01 30.02
CA LYS B 105 -27.38 0.06 28.97
C LYS B 105 -26.38 -0.98 29.45
N ALA B 106 -25.45 -0.57 30.32
CA ALA B 106 -24.51 -1.53 30.90
C ALA B 106 -25.16 -2.34 32.01
N ALA B 107 -25.96 -1.69 32.86
CA ALA B 107 -26.59 -2.39 33.97
C ALA B 107 -27.61 -3.42 33.49
N GLN B 108 -28.04 -3.33 32.24
CA GLN B 108 -28.99 -4.29 31.70
C GLN B 108 -28.39 -5.67 31.54
N SER B 109 -27.09 -5.82 31.84
CA SER B 109 -26.43 -7.11 31.76
C SER B 109 -26.43 -7.86 33.09
N THR B 110 -26.46 -7.13 34.20
CA THR B 110 -26.46 -7.74 35.53
C THR B 110 -27.70 -7.42 36.36
N GLY B 111 -28.43 -6.36 36.03
CA GLY B 111 -29.64 -6.04 36.75
C GLY B 111 -29.39 -5.46 38.13
N ALA B 112 -30.33 -4.65 38.63
CA ALA B 112 -30.19 -4.00 39.93
C ALA B 112 -31.55 -3.44 40.33
N TRP B 113 -31.58 -2.73 41.45
CA TRP B 113 -32.77 -2.07 41.94
C TRP B 113 -32.53 -0.57 41.98
N ILE B 114 -33.60 0.21 41.85
CA ILE B 114 -33.54 1.66 41.84
C ILE B 114 -34.58 2.17 42.84
N LEU B 115 -34.11 2.77 43.94
CA LEU B 115 -35.02 3.30 44.95
C LEU B 115 -35.36 4.75 44.64
N THR B 116 -36.14 4.93 43.57
CA THR B 116 -36.52 6.26 43.11
C THR B 116 -37.77 6.74 43.84
N SER B 117 -37.76 8.02 44.22
CA SER B 117 -38.91 8.58 44.93
C SER B 117 -40.04 8.87 43.96
N ALA B 118 -41.24 8.40 44.31
CA ALA B 118 -42.42 8.59 43.48
C ALA B 118 -43.29 9.73 44.01
N LEU B 119 -44.45 9.91 43.39
CA LEU B 119 -45.42 10.95 43.75
C LEU B 119 -44.84 12.36 43.73
N HIS B 120 -43.99 12.63 42.73
CA HIS B 120 -43.35 13.93 42.59
C HIS B 120 -42.96 14.15 41.13
N VAL B 121 -42.71 15.40 40.76
CA VAL B 121 -42.31 15.71 39.40
C VAL B 121 -40.80 15.93 39.35
N GLY B 122 -40.12 15.14 38.52
CA GLY B 122 -38.68 15.24 38.38
C GLY B 122 -38.13 14.14 37.50
N LEU B 123 -36.80 14.04 37.43
CA LEU B 123 -36.14 13.02 36.62
C LEU B 123 -36.67 11.62 36.91
N ALA B 124 -37.47 11.49 37.96
CA ALA B 124 -38.02 10.19 38.33
C ALA B 124 -38.77 9.54 37.15
N ARG B 125 -39.72 10.27 36.56
CA ARG B 125 -40.46 9.71 35.44
C ARG B 125 -39.55 9.48 34.24
N HIS B 126 -38.54 10.34 34.07
CA HIS B 126 -37.57 10.13 33.02
C HIS B 126 -36.90 8.78 33.16
N VAL B 127 -36.34 8.49 34.33
CA VAL B 127 -35.68 7.21 34.57
C VAL B 127 -36.68 6.06 34.41
N GLY B 128 -37.90 6.25 34.92
CA GLY B 128 -38.89 5.18 34.85
C GLY B 128 -39.22 4.79 33.42
N GLN B 129 -39.58 5.77 32.59
CA GLN B 129 -39.89 5.45 31.20
C GLN B 129 -38.65 5.00 30.45
N ALA B 130 -37.46 5.46 30.86
CA ALA B 130 -36.24 5.00 30.21
C ALA B 130 -36.04 3.52 30.42
N VAL B 131 -36.27 3.03 31.64
CA VAL B 131 -36.14 1.60 31.89
C VAL B 131 -37.15 0.81 31.07
N ARG B 132 -38.38 1.33 30.93
CA ARG B 132 -39.39 0.62 30.16
C ARG B 132 -39.02 0.57 28.68
N ASP B 133 -38.51 1.68 28.15
CA ASP B 133 -38.13 1.71 26.73
C ASP B 133 -36.91 0.83 26.48
N HIS B 134 -36.01 0.74 27.46
CA HIS B 134 -34.86 -0.15 27.31
C HIS B 134 -35.30 -1.61 27.36
N SER B 135 -36.22 -1.95 28.27
CA SER B 135 -36.71 -3.32 28.34
C SER B 135 -37.49 -3.70 27.09
N LEU B 136 -38.18 -2.72 26.49
CA LEU B 136 -38.91 -3.00 25.26
C LEU B 136 -37.98 -3.47 24.15
N ALA B 137 -36.71 -3.06 24.20
CA ALA B 137 -35.73 -3.49 23.22
C ALA B 137 -34.86 -4.62 23.78
N VAL B 143 -32.10 -11.23 34.20
CA VAL B 143 -31.49 -9.95 34.57
C VAL B 143 -32.35 -8.81 34.07
N ARG B 144 -32.86 -8.00 34.99
CA ARG B 144 -33.67 -6.84 34.64
C ARG B 144 -33.42 -5.73 35.64
N VAL B 145 -33.77 -4.51 35.23
CA VAL B 145 -33.65 -3.33 36.07
C VAL B 145 -35.05 -2.84 36.41
N VAL B 146 -35.32 -2.66 37.70
CA VAL B 146 -36.64 -2.25 38.16
C VAL B 146 -36.48 -1.07 39.10
N ALA B 147 -37.58 -0.33 39.27
CA ALA B 147 -37.60 0.86 40.12
C ALA B 147 -38.69 0.70 41.16
N ILE B 148 -38.37 1.04 42.41
CA ILE B 148 -39.30 0.93 43.53
C ILE B 148 -39.56 2.34 44.03
N GLY B 149 -40.82 2.76 44.01
CA GLY B 149 -41.20 4.10 44.41
C GLY B 149 -41.73 4.13 45.83
N MET B 150 -41.04 4.87 46.69
CA MET B 150 -41.47 5.07 48.07
C MET B 150 -41.72 6.55 48.32
N ALA B 151 -42.83 6.84 49.00
CA ALA B 151 -43.24 8.22 49.24
C ALA B 151 -44.25 8.25 50.38
N SER B 152 -44.33 9.39 51.05
CA SER B 152 -45.27 9.55 52.14
C SER B 152 -46.69 9.65 51.62
N LEU B 153 -47.61 8.98 52.32
CA LEU B 153 -49.01 8.93 51.87
C LEU B 153 -49.73 10.26 52.03
N ASP B 154 -49.18 11.19 52.81
CA ASP B 154 -49.86 12.46 53.02
C ASP B 154 -49.74 13.39 51.82
N ARG B 155 -48.54 13.48 51.24
CA ARG B 155 -48.31 14.39 50.13
C ARG B 155 -48.99 13.95 48.84
N ILE B 156 -49.41 12.69 48.74
CA ILE B 156 -50.09 12.23 47.54
C ILE B 156 -51.46 12.88 47.44
N LEU B 157 -51.93 13.07 46.22
CA LEU B 157 -53.28 13.56 45.98
C LEU B 157 -54.24 12.38 45.84
N HIS B 158 -55.48 12.58 46.26
CA HIS B 158 -56.52 11.55 46.20
C HIS B 158 -56.09 10.30 46.96
N ARG B 159 -55.66 10.52 48.21
CA ARG B 159 -55.25 9.43 49.08
C ARG B 159 -56.41 8.76 49.78
N GLN B 160 -57.49 9.49 50.05
CA GLN B 160 -58.67 8.87 50.64
C GLN B 160 -59.31 7.88 49.68
N LEU B 161 -59.32 8.21 48.38
CA LEU B 161 -59.86 7.30 47.39
C LEU B 161 -59.03 6.02 47.28
N LEU B 162 -57.72 6.12 47.48
CA LEU B 162 -56.87 4.92 47.47
C LEU B 162 -57.06 4.12 48.75
N ASP B 163 -57.18 4.80 49.89
CA ASP B 163 -57.32 4.10 51.17
C ASP B 163 -58.63 3.34 51.25
N GLY B 164 -59.68 3.82 50.57
CA GLY B 164 -60.97 3.16 50.61
C GLY B 164 -61.21 2.23 49.43
N THR B 171 -58.10 -4.89 43.85
CA THR B 171 -58.98 -3.73 43.95
C THR B 171 -58.31 -2.49 43.38
N PRO B 172 -58.41 -2.29 42.07
CA PRO B 172 -57.78 -1.14 41.42
C PRO B 172 -58.52 0.16 41.76
N ILE B 173 -57.92 0.97 42.62
CA ILE B 173 -58.44 2.30 42.88
C ILE B 173 -58.08 3.21 41.72
N HIS B 174 -59.09 3.66 40.98
CA HIS B 174 -58.85 4.46 39.78
C HIS B 174 -58.08 5.72 40.15
N TYR B 175 -57.00 5.98 39.41
CA TYR B 175 -56.12 7.13 39.68
C TYR B 175 -55.86 7.97 38.43
N PRO B 176 -56.93 8.50 37.79
CA PRO B 176 -56.71 9.47 36.72
C PRO B 176 -56.57 10.87 37.29
N ALA B 177 -55.36 11.41 37.25
CA ALA B 177 -55.05 12.72 37.79
C ALA B 177 -54.63 13.66 36.67
N ASP B 178 -55.16 14.87 36.68
CA ASP B 178 -54.85 15.85 35.66
C ASP B 178 -53.44 16.42 35.86
N LEU B 186 -49.06 19.41 47.71
CA LEU B 186 -49.79 18.36 46.99
C LEU B 186 -49.26 18.20 45.57
N CYS B 187 -49.16 16.95 45.12
CA CYS B 187 -48.68 16.65 43.78
C CYS B 187 -49.22 15.30 43.36
N PRO B 188 -49.63 15.15 42.10
CA PRO B 188 -50.16 13.86 41.65
C PRO B 188 -49.08 12.82 41.51
N LEU B 189 -49.52 11.57 41.36
CA LEU B 189 -48.63 10.42 41.35
C LEU B 189 -48.43 9.91 39.92
N ASP B 190 -47.25 9.34 39.68
CA ASP B 190 -46.90 8.82 38.38
C ASP B 190 -47.59 7.48 38.15
N SER B 191 -47.91 7.20 36.90
CA SER B 191 -48.42 5.89 36.49
C SER B 191 -47.41 5.11 35.66
N ASN B 192 -46.12 5.47 35.72
CA ASN B 192 -45.12 4.70 35.01
C ASN B 192 -44.50 3.62 35.88
N LEU B 193 -44.09 3.96 37.10
CA LEU B 193 -43.47 2.99 37.99
C LEU B 193 -44.45 1.87 38.33
N SER B 194 -43.95 0.64 38.36
CA SER B 194 -44.80 -0.53 38.49
C SER B 194 -45.01 -1.00 39.92
N HIS B 195 -44.32 -0.41 40.90
CA HIS B 195 -44.45 -0.85 42.28
C HIS B 195 -44.45 0.36 43.19
N PHE B 196 -45.11 0.23 44.34
CA PHE B 196 -45.18 1.35 45.27
C PHE B 196 -45.12 0.86 46.71
N ILE B 197 -44.30 1.55 47.50
CA ILE B 197 -44.20 1.34 48.94
C ILE B 197 -44.66 2.62 49.61
N LEU B 198 -45.95 2.72 49.91
CA LEU B 198 -46.56 3.96 50.36
C LEU B 198 -46.49 4.05 51.87
N VAL B 199 -46.03 5.19 52.37
CA VAL B 199 -45.92 5.41 53.80
C VAL B 199 -47.23 5.98 54.35
N LEU B 211 -40.34 9.93 56.17
CA LEU B 211 -40.14 8.60 55.60
C LEU B 211 -38.66 8.26 55.51
N ALA B 212 -37.82 9.25 55.80
CA ALA B 212 -36.37 9.06 55.67
C ALA B 212 -35.88 7.93 56.57
N GLU B 213 -36.47 7.79 57.75
CA GLU B 213 -36.07 6.71 58.65
C GLU B 213 -36.27 5.35 58.00
N LEU B 214 -37.36 5.19 57.24
CA LEU B 214 -37.62 3.92 56.57
C LEU B 214 -36.54 3.64 55.52
N GLN B 215 -36.20 4.64 54.72
CA GLN B 215 -35.17 4.45 53.70
C GLN B 215 -33.84 4.08 54.34
N LEU B 216 -33.46 4.80 55.40
CA LEU B 216 -32.20 4.51 56.08
C LEU B 216 -32.18 3.09 56.63
N SER B 217 -33.26 2.68 57.32
CA SER B 217 -33.27 1.37 57.95
C SER B 217 -33.35 0.26 56.91
N LEU B 218 -34.04 0.50 55.80
CA LEU B 218 -34.09 -0.50 54.74
C LEU B 218 -32.74 -0.66 54.06
N GLU B 219 -32.00 0.46 53.89
CA GLU B 219 -30.64 0.34 53.38
C GLU B 219 -29.77 -0.44 54.35
N LYS B 220 -29.92 -0.18 55.65
CA LYS B 220 -29.14 -0.93 56.63
C LYS B 220 -29.46 -2.41 56.60
N HIS B 221 -30.73 -2.74 56.34
CA HIS B 221 -31.10 -4.15 56.26
C HIS B 221 -30.54 -4.79 55.00
N ILE B 222 -30.66 -4.12 53.86
CA ILE B 222 -30.19 -4.71 52.61
C ILE B 222 -28.68 -4.90 52.62
N SER B 223 -27.94 -3.88 53.10
CA SER B 223 -26.49 -3.96 53.15
C SER B 223 -25.98 -5.07 54.07
N GLN B 224 -26.86 -5.73 54.81
CA GLN B 224 -26.47 -6.72 55.81
C GLN B 224 -26.86 -8.14 55.44
N GLN B 225 -28.06 -8.33 54.88
CA GLN B 225 -28.53 -9.68 54.56
C GLN B 225 -27.63 -10.33 53.53
N ARG B 226 -27.36 -11.62 53.74
CA ARG B 226 -26.43 -12.37 52.90
C ARG B 226 -27.24 -13.31 52.02
N THR B 227 -27.34 -12.99 50.73
CA THR B 227 -28.16 -13.76 49.79
C THR B 227 -27.42 -14.91 49.13
N GLY B 228 -26.12 -15.05 49.39
CA GLY B 228 -25.36 -16.15 48.80
C GLY B 228 -25.84 -17.50 49.27
N SER B 233 -20.51 -20.65 49.37
CA SER B 233 -21.24 -19.67 48.58
C SER B 233 -22.10 -18.77 49.46
N SER B 234 -21.46 -17.76 50.06
CA SER B 234 -22.13 -16.79 50.92
C SER B 234 -21.66 -15.40 50.50
N ILE B 235 -22.49 -14.68 49.74
CA ILE B 235 -22.11 -13.40 49.17
C ILE B 235 -23.05 -12.32 49.70
N GLN B 236 -22.54 -11.10 49.76
CA GLN B 236 -23.28 -9.95 50.25
C GLN B 236 -23.96 -9.23 49.08
N ILE B 237 -24.71 -8.18 49.42
CA ILE B 237 -25.41 -7.36 48.44
C ILE B 237 -24.83 -5.95 48.53
N PRO B 238 -24.24 -5.42 47.46
CA PRO B 238 -23.70 -4.07 47.52
C PRO B 238 -24.78 -3.02 47.47
N VAL B 239 -24.54 -1.92 48.18
CA VAL B 239 -25.46 -0.79 48.26
C VAL B 239 -24.69 0.48 47.94
N LEU B 240 -25.35 1.41 47.25
CA LEU B 240 -24.72 2.68 46.92
C LEU B 240 -25.77 3.78 46.86
N CYS B 241 -25.34 5.01 47.10
CA CYS B 241 -26.23 6.17 47.15
C CYS B 241 -25.75 7.20 46.14
N LEU B 242 -26.68 7.77 45.37
CA LEU B 242 -26.38 8.68 44.28
C LEU B 242 -27.06 10.01 44.55
N LEU B 243 -26.27 11.03 44.89
CA LEU B 243 -26.80 12.35 45.25
C LEU B 243 -26.77 13.23 44.01
N VAL B 244 -27.92 13.73 43.60
CA VAL B 244 -28.07 14.50 42.36
C VAL B 244 -28.77 15.82 42.70
N ASN B 245 -27.99 16.85 42.98
CA ASN B 245 -28.47 18.23 43.16
C ASN B 245 -29.70 18.31 44.06
N GLY B 246 -29.53 17.93 45.32
CA GLY B 246 -30.63 17.94 46.26
C GLY B 246 -30.79 19.27 46.99
N ASP B 247 -31.84 19.31 47.80
CA ASP B 247 -32.15 20.46 48.63
C ASP B 247 -31.35 20.38 49.93
N PRO B 248 -31.24 21.48 50.68
CA PRO B 248 -30.44 21.45 51.91
C PRO B 248 -30.91 20.42 52.93
N SER B 249 -32.21 20.17 53.02
CA SER B 249 -32.74 19.26 54.03
C SER B 249 -32.08 17.88 53.95
N THR B 250 -31.79 17.41 52.73
CA THR B 250 -31.22 16.08 52.53
C THR B 250 -29.91 15.92 53.30
N LEU B 251 -29.31 17.04 53.71
CA LEU B 251 -28.15 16.99 54.60
C LEU B 251 -28.39 16.04 55.77
N GLU B 252 -29.49 16.24 56.49
CA GLU B 252 -29.84 15.33 57.58
C GLU B 252 -29.92 13.90 57.07
N ARG B 253 -30.63 13.70 55.96
CA ARG B 253 -30.75 12.36 55.38
C ARG B 253 -29.39 11.76 55.08
N MET B 254 -28.40 12.59 54.77
CA MET B 254 -27.07 12.04 54.51
C MET B 254 -26.27 11.87 55.80
N SER B 255 -26.52 12.71 56.80
CA SER B 255 -25.68 12.73 58.00
C SER B 255 -25.63 11.36 58.66
N ARG B 256 -26.79 10.89 59.15
CA ARG B 256 -26.85 9.57 59.75
C ARG B 256 -26.43 8.49 58.76
N ALA B 257 -26.57 8.76 57.46
CA ALA B 257 -26.16 7.78 56.46
C ALA B 257 -24.68 7.46 56.56
N VAL B 258 -23.86 8.39 57.03
CA VAL B 258 -22.44 8.11 57.19
C VAL B 258 -22.23 7.10 58.31
N GLU B 259 -23.08 7.14 59.33
CA GLU B 259 -23.03 6.13 60.38
C GLU B 259 -23.48 4.76 59.88
N GLN B 260 -24.28 4.73 58.82
CA GLN B 260 -24.87 3.50 58.32
C GLN B 260 -23.92 2.69 57.44
N ALA B 261 -22.71 3.19 57.18
CA ALA B 261 -21.69 2.47 56.43
C ALA B 261 -22.18 2.07 55.04
N ALA B 262 -22.46 3.09 54.22
CA ALA B 262 -22.84 2.90 52.84
C ALA B 262 -22.14 3.96 52.00
N PRO B 263 -21.40 3.57 50.96
CA PRO B 263 -20.61 4.56 50.20
C PRO B 263 -21.51 5.50 49.42
N TRP B 264 -21.18 6.78 49.47
CA TRP B 264 -21.92 7.82 48.77
C TRP B 264 -21.12 8.29 47.57
N LEU B 265 -21.82 8.56 46.47
CA LEU B 265 -21.21 9.08 45.25
C LEU B 265 -21.88 10.41 44.91
N ILE B 266 -21.10 11.48 44.91
CA ILE B 266 -21.64 12.83 44.72
C ILE B 266 -21.22 13.35 43.37
N LEU B 267 -22.20 13.70 42.55
CA LEU B 267 -21.95 14.26 41.24
C LEU B 267 -21.64 15.75 41.37
N ALA B 268 -20.41 16.13 41.00
CA ALA B 268 -19.90 17.46 41.35
C ALA B 268 -20.56 18.57 40.55
N GLY B 269 -20.99 18.31 39.32
CA GLY B 269 -21.66 19.31 38.53
C GLY B 269 -23.16 19.29 38.59
N SER B 270 -23.74 18.65 39.61
CA SER B 270 -25.19 18.45 39.65
C SER B 270 -25.93 19.78 39.66
N GLY B 271 -25.61 20.64 40.62
CA GLY B 271 -26.22 21.96 40.70
C GLY B 271 -27.17 22.18 41.84
N GLY B 272 -27.04 21.44 42.94
CA GLY B 272 -27.85 21.69 44.12
C GLY B 272 -26.99 21.82 45.36
N ILE B 273 -27.26 20.99 46.37
CA ILE B 273 -26.34 20.88 47.49
C ILE B 273 -25.12 20.07 47.11
N ALA B 274 -25.21 19.25 46.06
CA ALA B 274 -24.04 18.52 45.58
C ALA B 274 -22.91 19.48 45.23
N ASP B 275 -23.25 20.67 44.73
CA ASP B 275 -22.23 21.64 44.38
C ASP B 275 -21.43 22.08 45.61
N VAL B 276 -22.13 22.57 46.63
CA VAL B 276 -21.44 23.04 47.84
C VAL B 276 -20.70 21.89 48.51
N LEU B 277 -21.26 20.69 48.44
CA LEU B 277 -20.59 19.54 49.03
C LEU B 277 -19.30 19.25 48.30
N ALA B 278 -19.36 19.11 46.97
CA ALA B 278 -18.17 18.92 46.17
C ALA B 278 -17.13 19.98 46.45
N ALA B 279 -17.56 21.22 46.66
CA ALA B 279 -16.61 22.28 46.97
C ALA B 279 -15.95 22.07 48.32
N LEU B 280 -16.75 21.74 49.34
CA LEU B 280 -16.28 21.80 50.72
C LEU B 280 -15.94 20.44 51.32
N VAL B 281 -15.58 19.45 50.50
CA VAL B 281 -14.99 18.25 51.07
C VAL B 281 -13.48 18.42 51.22
N GLY B 282 -12.89 19.32 50.45
CA GLY B 282 -11.47 19.60 50.56
C GLY B 282 -11.19 21.06 50.87
N GLN B 283 -10.59 21.32 52.02
CA GLN B 283 -10.28 22.67 52.43
C GLN B 283 -8.97 22.69 53.23
N PRO B 284 -8.36 23.87 53.41
CA PRO B 284 -7.27 23.94 54.40
C PRO B 284 -7.76 23.65 55.81
N HIS B 285 -8.78 24.38 56.26
CA HIS B 285 -9.49 24.09 57.49
C HIS B 285 -10.91 23.69 57.09
N LEU B 286 -11.19 22.38 57.14
CA LEU B 286 -12.50 21.90 56.71
C LEU B 286 -13.62 22.48 57.54
N LEU B 287 -13.32 22.97 58.74
CA LEU B 287 -14.31 23.68 59.55
C LEU B 287 -14.81 24.89 58.79
N VAL B 288 -16.13 25.02 58.69
CA VAL B 288 -16.75 26.10 57.91
C VAL B 288 -17.52 27.02 58.84
N PRO B 289 -16.87 27.97 59.48
CA PRO B 289 -17.62 28.91 60.34
C PRO B 289 -18.57 29.78 59.54
N GLN B 290 -18.03 30.41 58.49
CA GLN B 290 -18.81 31.30 57.65
C GLN B 290 -18.63 31.06 56.15
N VAL B 291 -17.62 30.30 55.73
CA VAL B 291 -17.45 30.01 54.32
C VAL B 291 -18.63 29.19 53.82
N THR B 292 -19.23 28.39 54.69
CA THR B 292 -20.47 27.72 54.33
C THR B 292 -21.57 28.73 54.02
N GLU B 293 -21.65 29.79 54.84
CA GLU B 293 -22.58 30.88 54.53
C GLU B 293 -22.27 31.49 53.18
N LYS B 294 -20.98 31.66 52.87
CA LYS B 294 -20.58 32.19 51.58
C LYS B 294 -21.08 31.33 50.43
N GLN B 295 -20.89 30.02 50.54
CA GLN B 295 -21.33 29.12 49.49
C GLN B 295 -22.85 29.12 49.35
N PHE B 296 -23.56 28.99 50.47
CA PHE B 296 -25.02 28.99 50.42
C PHE B 296 -25.55 30.31 49.87
N ARG B 297 -24.82 31.40 50.08
CA ARG B 297 -25.20 32.66 49.45
C ARG B 297 -24.92 32.61 47.95
N GLU B 298 -23.84 31.95 47.55
CA GLU B 298 -23.49 31.88 46.13
C GLU B 298 -24.52 31.07 45.36
N LYS B 299 -24.77 29.84 45.78
CA LYS B 299 -25.69 28.97 45.07
C LYS B 299 -27.08 29.04 45.65
N PHE B 300 -28.09 28.89 44.77
CA PHE B 300 -29.51 29.12 45.03
C PHE B 300 -29.74 30.32 45.94
N PRO B 301 -29.38 31.52 45.49
CA PRO B 301 -29.47 32.70 46.35
C PRO B 301 -30.88 33.18 46.63
N SER B 302 -31.89 32.63 45.96
CA SER B 302 -33.26 33.10 46.16
C SER B 302 -33.72 32.85 47.59
N GLU B 303 -33.17 31.83 48.25
CA GLU B 303 -33.57 31.46 49.60
C GLU B 303 -32.60 32.07 50.59
N CYS B 304 -33.10 32.96 51.44
CA CYS B 304 -32.30 33.50 52.53
C CYS B 304 -32.30 32.55 53.73
N PHE B 305 -31.22 32.59 54.49
CA PHE B 305 -31.03 31.65 55.61
C PHE B 305 -30.59 32.42 56.84
N SER B 306 -31.11 32.00 58.00
CA SER B 306 -30.73 32.60 59.27
C SER B 306 -29.40 32.05 59.75
N TRP B 307 -28.58 32.93 60.31
CA TRP B 307 -27.26 32.53 60.82
C TRP B 307 -27.39 31.44 61.88
N GLU B 308 -28.44 31.51 62.69
CA GLU B 308 -28.68 30.47 63.70
C GLU B 308 -28.95 29.13 63.05
N ALA B 309 -29.57 29.13 61.86
CA ALA B 309 -29.75 27.89 61.13
C ALA B 309 -28.43 27.40 60.57
N ILE B 310 -27.56 28.31 60.13
CA ILE B 310 -26.30 27.93 59.51
C ILE B 310 -25.39 27.27 60.55
N VAL B 311 -25.27 27.89 61.72
CA VAL B 311 -24.36 27.43 62.77
C VAL B 311 -24.57 25.96 63.10
N HIS B 312 -25.69 25.39 62.65
CA HIS B 312 -25.96 23.96 62.84
C HIS B 312 -25.52 23.15 61.62
N TRP B 313 -25.87 23.62 60.42
CA TRP B 313 -25.49 22.90 59.21
C TRP B 313 -23.98 22.84 59.05
N THR B 314 -23.26 23.87 59.50
CA THR B 314 -21.81 23.82 59.43
C THR B 314 -21.25 22.73 60.32
N GLU B 315 -21.86 22.50 61.49
CA GLU B 315 -21.43 21.40 62.33
C GLU B 315 -21.78 20.06 61.69
N LEU B 316 -22.94 20.00 61.02
CA LEU B 316 -23.28 18.80 60.26
C LEU B 316 -22.21 18.47 59.23
N LEU B 317 -21.76 19.48 58.49
CA LEU B 317 -20.71 19.26 57.51
C LEU B 317 -19.39 18.87 58.16
N GLN B 318 -19.06 19.51 59.28
CA GLN B 318 -17.83 19.16 59.98
C GLN B 318 -17.85 17.72 60.47
N ASN B 319 -19.04 17.19 60.76
CA ASN B 319 -19.12 15.79 61.13
C ASN B 319 -19.06 14.88 59.91
N ILE B 320 -19.75 15.26 58.83
CA ILE B 320 -19.80 14.40 57.64
C ILE B 320 -18.41 14.24 57.04
N ALA B 321 -17.68 15.36 56.89
CA ALA B 321 -16.36 15.29 56.27
C ALA B 321 -15.35 14.52 57.11
N ALA B 322 -15.74 14.01 58.27
CA ALA B 322 -14.82 13.26 59.13
C ALA B 322 -14.73 11.78 58.76
N HIS B 323 -15.28 11.40 57.60
CA HIS B 323 -15.21 10.03 57.12
C HIS B 323 -14.97 10.07 55.62
N PRO B 324 -13.73 10.32 55.21
CA PRO B 324 -13.45 10.53 53.78
C PRO B 324 -13.57 9.26 52.96
N HIS B 325 -13.39 8.11 53.60
CA HIS B 325 -13.34 6.85 52.86
C HIS B 325 -14.69 6.53 52.22
N LEU B 326 -15.78 6.83 52.93
CA LEU B 326 -17.09 6.43 52.43
C LEU B 326 -17.48 7.25 51.20
N LEU B 327 -17.55 8.57 51.33
CA LEU B 327 -18.04 9.41 50.24
C LEU B 327 -16.95 9.61 49.20
N THR B 328 -17.38 9.80 47.95
CA THR B 328 -16.48 10.13 46.84
C THR B 328 -17.18 11.12 45.92
N VAL B 329 -16.55 12.26 45.70
CA VAL B 329 -17.07 13.26 44.78
C VAL B 329 -16.39 13.09 43.42
N TYR B 330 -17.18 13.20 42.36
CA TYR B 330 -16.62 13.02 41.03
C TYR B 330 -17.22 14.02 40.06
N ASP B 331 -16.41 14.42 39.08
CA ASP B 331 -16.81 15.37 38.05
C ASP B 331 -16.82 14.68 36.70
N PHE B 332 -17.91 14.87 35.96
CA PHE B 332 -18.11 14.22 34.67
C PHE B 332 -17.89 15.12 33.47
N GLU B 333 -18.09 16.42 33.63
CA GLU B 333 -18.01 17.31 32.47
C GLU B 333 -16.56 17.55 32.03
N GLN B 334 -15.65 17.65 33.00
CA GLN B 334 -14.26 17.95 32.67
C GLN B 334 -13.65 16.87 31.78
N GLU B 335 -13.72 15.61 32.20
CA GLU B 335 -13.25 14.50 31.39
C GLU B 335 -14.15 13.30 31.64
N GLY B 336 -15.11 13.10 30.75
CA GLY B 336 -16.07 12.02 30.86
C GLY B 336 -15.58 10.68 30.36
N SER B 337 -14.27 10.50 30.24
CA SER B 337 -13.73 9.23 29.75
C SER B 337 -14.14 8.08 30.65
N GLU B 338 -14.07 8.27 31.97
CA GLU B 338 -14.44 7.23 32.93
C GLU B 338 -15.97 7.14 32.97
N ASP B 339 -16.51 6.04 32.48
CA ASP B 339 -17.95 5.83 32.51
C ASP B 339 -18.43 5.64 33.94
N LEU B 340 -19.75 5.53 34.10
CA LEU B 340 -20.32 5.46 35.44
C LEU B 340 -19.94 4.16 36.15
N ASP B 341 -19.97 3.05 35.42
CA ASP B 341 -19.67 1.76 36.05
C ASP B 341 -18.27 1.75 36.63
N THR B 342 -17.32 2.43 35.98
CA THR B 342 -15.95 2.47 36.48
C THR B 342 -15.91 3.14 37.86
N VAL B 343 -16.49 4.34 37.97
CA VAL B 343 -16.43 5.04 39.25
C VAL B 343 -17.27 4.33 40.31
N ILE B 344 -18.37 3.69 39.91
CA ILE B 344 -19.16 2.92 40.86
C ILE B 344 -18.32 1.81 41.47
N LEU B 345 -17.70 1.01 40.61
CA LEU B 345 -16.88 -0.09 41.12
C LEU B 345 -15.71 0.43 41.94
N LYS B 346 -15.11 1.54 41.51
CA LYS B 346 -14.00 2.12 42.26
C LYS B 346 -14.43 2.52 43.66
N ALA B 347 -15.57 3.20 43.78
CA ALA B 347 -16.05 3.63 45.08
C ALA B 347 -16.43 2.45 45.96
N LEU B 348 -17.07 1.43 45.36
CA LEU B 348 -17.42 0.24 46.11
C LEU B 348 -16.18 -0.43 46.69
N VAL B 349 -15.13 -0.57 45.89
CA VAL B 349 -13.92 -1.22 46.40
C VAL B 349 -13.23 -0.33 47.42
N LYS B 350 -13.22 0.98 47.21
CA LYS B 350 -12.61 1.88 48.18
C LYS B 350 -13.30 1.78 49.53
N ALA B 351 -14.64 1.67 49.52
CA ALA B 351 -15.36 1.54 50.78
C ALA B 351 -15.13 0.18 51.41
N CYS B 352 -15.15 -0.89 50.61
CA CYS B 352 -14.96 -2.22 51.16
C CYS B 352 -13.54 -2.43 51.68
N LYS B 353 -12.58 -1.62 51.23
CA LYS B 353 -11.23 -1.72 51.77
C LYS B 353 -11.20 -1.43 53.25
N SER B 354 -11.86 -0.35 53.68
CA SER B 354 -11.73 0.09 55.07
C SER B 354 -12.38 -0.89 56.04
N HIS B 355 -13.48 -1.52 55.64
CA HIS B 355 -14.23 -2.39 56.55
C HIS B 355 -13.35 -3.55 57.03
N SER B 356 -12.95 -4.42 56.11
CA SER B 356 -12.18 -5.62 56.47
C SER B 356 -11.32 -6.04 55.30
N ARG B 357 -10.45 -7.01 55.55
CA ARG B 357 -9.55 -7.56 54.55
C ARG B 357 -9.69 -9.08 54.40
N ASP B 358 -10.89 -9.60 54.61
CA ASP B 358 -11.12 -11.02 54.47
C ASP B 358 -11.32 -11.39 53.01
N ALA B 359 -11.12 -12.67 52.71
CA ALA B 359 -11.24 -13.13 51.32
C ALA B 359 -12.69 -13.09 50.87
N GLN B 360 -13.61 -13.53 51.71
CA GLN B 360 -15.01 -13.66 51.29
C GLN B 360 -15.66 -12.30 51.05
N ASP B 361 -15.32 -11.31 51.88
CA ASP B 361 -16.02 -10.02 51.83
C ASP B 361 -15.85 -9.34 50.48
N TYR B 362 -14.74 -9.60 49.80
CA TYR B 362 -14.48 -9.00 48.49
C TYR B 362 -15.23 -9.69 47.35
N LEU B 363 -15.91 -10.81 47.60
CA LEU B 363 -16.45 -11.61 46.51
C LEU B 363 -17.52 -10.85 45.73
N ASP B 364 -18.55 -10.35 46.43
CA ASP B 364 -19.66 -9.69 45.76
C ASP B 364 -19.17 -8.64 44.77
N GLU B 365 -18.44 -7.64 45.28
CA GLU B 365 -17.87 -6.62 44.41
C GLU B 365 -17.09 -7.25 43.25
N LEU B 366 -16.24 -8.22 43.57
CA LEU B 366 -15.47 -8.90 42.51
C LEU B 366 -16.40 -9.48 41.45
N LYS B 367 -17.46 -10.15 41.87
CA LYS B 367 -18.41 -10.69 40.90
C LYS B 367 -18.93 -9.60 39.99
N LEU B 368 -19.25 -8.43 40.57
CA LEU B 368 -19.74 -7.32 39.77
C LEU B 368 -18.73 -6.95 38.69
N ALA B 369 -17.44 -6.97 39.04
CA ALA B 369 -16.41 -6.69 38.04
C ALA B 369 -16.50 -7.65 36.86
N VAL B 370 -16.70 -8.94 37.15
CA VAL B 370 -16.82 -9.92 36.07
C VAL B 370 -17.99 -9.55 35.17
N ALA B 371 -19.07 -9.02 35.74
CA ALA B 371 -20.22 -8.65 34.94
C ALA B 371 -19.92 -7.41 34.10
N TRP B 372 -19.04 -6.55 34.58
CA TRP B 372 -18.68 -5.36 33.82
C TRP B 372 -17.50 -5.60 32.88
N ASP B 373 -16.77 -6.69 33.04
CA ASP B 373 -15.57 -6.99 32.27
C ASP B 373 -14.53 -5.86 32.42
N ARG B 374 -14.09 -5.67 33.66
CA ARG B 374 -13.10 -4.65 34.00
C ARG B 374 -11.92 -5.34 34.66
N VAL B 375 -10.97 -5.79 33.84
CA VAL B 375 -9.84 -6.56 34.37
C VAL B 375 -8.84 -5.65 35.05
N ASP B 376 -8.60 -4.46 34.49
CA ASP B 376 -7.54 -3.59 35.00
C ASP B 376 -7.82 -3.18 36.44
N ILE B 377 -9.07 -2.82 36.75
CA ILE B 377 -9.40 -2.39 38.09
C ILE B 377 -9.29 -3.55 39.07
N ALA B 378 -9.85 -4.71 38.70
CA ALA B 378 -9.77 -5.88 39.57
C ALA B 378 -8.32 -6.25 39.84
N LYS B 379 -7.43 -6.02 38.89
CA LYS B 379 -6.02 -6.29 39.10
C LYS B 379 -5.38 -5.25 40.00
N SER B 380 -5.71 -3.98 39.78
CA SER B 380 -5.06 -2.90 40.53
C SER B 380 -5.56 -2.85 41.97
N GLU B 381 -6.87 -2.87 42.16
CA GLU B 381 -7.47 -2.66 43.48
C GLU B 381 -7.58 -3.95 44.29
N ILE B 382 -8.19 -4.99 43.72
CA ILE B 382 -8.47 -6.19 44.49
C ILE B 382 -7.20 -7.03 44.66
N PHE B 383 -6.56 -7.39 43.55
CA PHE B 383 -5.39 -8.25 43.56
C PHE B 383 -4.10 -7.50 43.83
N ASN B 384 -4.17 -6.31 44.43
CA ASN B 384 -2.98 -5.51 44.67
C ASN B 384 -1.97 -6.21 45.58
N GLY B 385 -2.43 -7.15 46.40
CA GLY B 385 -1.55 -7.84 47.32
C GLY B 385 -2.03 -7.76 48.75
N ASP B 386 -3.08 -6.98 48.98
CA ASP B 386 -3.64 -6.86 50.32
C ASP B 386 -4.33 -8.16 50.74
N VAL B 387 -5.31 -8.59 49.97
CA VAL B 387 -6.09 -9.78 50.29
C VAL B 387 -5.31 -11.01 49.86
N GLU B 388 -5.05 -11.90 50.81
CA GLU B 388 -4.38 -13.16 50.50
C GLU B 388 -5.41 -14.19 50.04
N TRP B 389 -5.35 -14.55 48.76
CA TRP B 389 -6.32 -15.47 48.17
C TRP B 389 -5.80 -16.89 48.23
N LYS B 390 -6.73 -17.84 48.37
CA LYS B 390 -6.42 -19.26 48.37
C LYS B 390 -7.17 -19.93 47.22
N SER B 391 -6.77 -21.16 46.92
CA SER B 391 -7.38 -21.89 45.82
C SER B 391 -8.76 -22.43 46.19
N CYS B 392 -9.14 -22.39 47.46
CA CYS B 392 -10.38 -23.03 47.88
C CYS B 392 -11.60 -22.18 47.51
N ASP B 393 -11.49 -20.87 47.61
CA ASP B 393 -12.64 -19.99 47.51
C ASP B 393 -12.83 -19.36 46.12
N LEU B 394 -11.88 -19.56 45.21
CA LEU B 394 -12.02 -18.95 43.88
C LEU B 394 -12.83 -19.82 42.93
N GLU B 395 -13.29 -20.98 43.39
CA GLU B 395 -13.98 -21.92 42.51
C GLU B 395 -15.26 -21.34 41.91
N GLU B 396 -16.07 -20.70 42.74
CA GLU B 396 -17.36 -20.17 42.28
C GLU B 396 -17.18 -19.11 41.21
N VAL B 397 -16.34 -18.11 41.50
CA VAL B 397 -16.11 -17.05 40.53
C VAL B 397 -15.40 -17.59 39.30
N MET B 398 -14.61 -18.66 39.45
CA MET B 398 -13.98 -19.28 38.29
C MET B 398 -15.01 -19.90 37.37
N THR B 399 -15.97 -20.64 37.94
CA THR B 399 -17.03 -21.22 37.12
C THR B 399 -17.86 -20.11 36.48
N ASP B 400 -18.09 -19.02 37.21
CA ASP B 400 -18.86 -17.91 36.66
C ASP B 400 -18.13 -17.27 35.49
N ALA B 401 -16.80 -17.21 35.57
CA ALA B 401 -16.02 -16.65 34.46
C ALA B 401 -15.97 -17.59 33.27
N LEU B 402 -15.90 -18.90 33.53
CA LEU B 402 -15.90 -19.87 32.43
C LEU B 402 -17.22 -19.85 31.68
N VAL B 403 -18.34 -19.94 32.40
CA VAL B 403 -19.63 -20.04 31.75
C VAL B 403 -19.93 -18.79 30.92
N SER B 404 -19.55 -17.63 31.43
CA SER B 404 -19.73 -16.39 30.68
C SER B 404 -18.63 -16.15 29.64
N ASN B 405 -17.76 -17.14 29.43
CA ASN B 405 -16.65 -17.13 28.47
C ASN B 405 -15.87 -15.83 28.42
N LYS B 406 -15.64 -15.20 29.57
CA LYS B 406 -14.71 -14.07 29.63
C LYS B 406 -13.31 -14.60 29.92
N PRO B 407 -12.45 -14.71 28.91
CA PRO B 407 -11.15 -15.37 29.12
C PRO B 407 -10.10 -14.50 29.75
N ASP B 408 -10.24 -13.17 29.69
CA ASP B 408 -9.26 -12.30 30.33
C ASP B 408 -9.27 -12.47 31.84
N PHE B 409 -10.36 -12.98 32.41
CA PHE B 409 -10.42 -13.21 33.84
C PHE B 409 -9.92 -14.59 34.24
N VAL B 410 -10.08 -15.59 33.36
CA VAL B 410 -9.64 -16.93 33.71
C VAL B 410 -8.12 -16.97 33.89
N ARG B 411 -7.41 -16.28 33.01
CA ARG B 411 -5.95 -16.20 33.15
C ARG B 411 -5.58 -15.52 34.46
N LEU B 412 -6.28 -14.45 34.81
CA LEU B 412 -5.99 -13.74 36.05
C LEU B 412 -6.21 -14.63 37.26
N PHE B 413 -7.29 -15.41 37.25
CA PHE B 413 -7.57 -16.28 38.38
C PHE B 413 -6.55 -17.41 38.46
N VAL B 414 -6.16 -17.96 37.32
CA VAL B 414 -5.13 -19.01 37.33
C VAL B 414 -3.82 -18.47 37.88
N ASP B 415 -3.44 -17.26 37.48
CA ASP B 415 -2.20 -16.69 37.98
C ASP B 415 -2.29 -16.28 39.44
N SER B 416 -3.50 -15.96 39.92
CA SER B 416 -3.64 -15.48 41.29
C SER B 416 -3.47 -16.60 42.31
N GLY B 417 -3.58 -17.86 41.91
CA GLY B 417 -3.39 -18.96 42.83
C GLY B 417 -4.27 -20.15 42.58
N ALA B 418 -5.32 -19.98 41.77
CA ALA B 418 -6.18 -21.09 41.44
C ALA B 418 -5.43 -22.09 40.58
N ASP B 419 -5.84 -23.36 40.65
CA ASP B 419 -5.20 -24.43 39.89
C ASP B 419 -6.27 -25.21 39.13
N MET B 420 -5.98 -25.52 37.86
CA MET B 420 -6.87 -26.38 37.10
C MET B 420 -6.66 -27.85 37.43
N ALA B 421 -5.59 -28.19 38.13
CA ALA B 421 -5.31 -29.59 38.43
C ALA B 421 -6.33 -30.18 39.39
N GLU B 422 -6.60 -29.48 40.49
CA GLU B 422 -7.51 -29.98 41.51
C GLU B 422 -8.93 -29.46 41.37
N PHE B 423 -9.15 -28.41 40.57
CA PHE B 423 -10.49 -27.86 40.42
C PHE B 423 -11.34 -28.71 39.50
N LEU B 424 -10.80 -29.13 38.36
CA LEU B 424 -11.58 -29.78 37.32
C LEU B 424 -11.64 -31.28 37.60
N THR B 425 -12.77 -31.74 38.13
CA THR B 425 -13.06 -33.16 38.25
C THR B 425 -14.27 -33.48 37.41
N TYR B 426 -14.48 -34.77 37.17
CA TYR B 426 -15.49 -35.21 36.20
C TYR B 426 -16.87 -34.63 36.52
N GLY B 427 -17.17 -34.46 37.82
CA GLY B 427 -18.42 -33.82 38.18
C GLY B 427 -18.48 -32.37 37.73
N ARG B 428 -17.41 -31.62 37.98
CA ARG B 428 -17.34 -30.24 37.54
C ARG B 428 -17.43 -30.15 36.03
N LEU B 429 -16.83 -31.09 35.33
CA LEU B 429 -16.84 -31.07 33.88
C LEU B 429 -18.24 -31.37 33.34
N GLN B 430 -18.93 -32.31 33.99
CA GLN B 430 -20.33 -32.57 33.63
C GLN B 430 -21.19 -31.34 33.88
N GLN B 431 -20.94 -30.63 34.98
CA GLN B 431 -21.68 -29.41 35.27
C GLN B 431 -21.42 -28.34 34.20
N LEU B 432 -20.17 -28.22 33.77
CA LEU B 432 -19.84 -27.28 32.70
C LEU B 432 -20.55 -27.65 31.40
N TYR B 433 -20.56 -28.94 31.06
CA TYR B 433 -21.22 -29.36 29.83
C TYR B 433 -22.73 -29.21 29.90
N HIS B 434 -23.31 -29.27 31.11
CA HIS B 434 -24.74 -29.04 31.24
C HIS B 434 -25.11 -27.59 30.93
N SER B 435 -24.17 -26.67 31.11
CA SER B 435 -24.40 -25.24 30.95
C SER B 435 -24.32 -24.77 29.51
N VAL B 436 -24.33 -25.63 28.49
CA VAL B 436 -24.32 -25.14 27.13
C VAL B 436 -25.61 -24.37 26.84
N SER B 437 -25.47 -23.26 26.14
CA SER B 437 -26.63 -22.42 25.81
C SER B 437 -27.63 -23.22 25.00
N PRO B 438 -28.91 -23.26 25.41
CA PRO B 438 -29.88 -24.12 24.70
C PRO B 438 -30.02 -23.84 23.23
N LYS B 439 -29.68 -22.63 22.79
CA LYS B 439 -29.83 -22.30 21.37
C LYS B 439 -28.73 -22.94 20.52
N SER B 440 -27.53 -23.14 21.08
CA SER B 440 -26.37 -23.55 20.30
C SER B 440 -26.55 -24.92 19.68
N LEU B 441 -25.61 -25.31 18.80
CA LEU B 441 -25.74 -26.55 18.05
C LEU B 441 -25.33 -27.76 18.89
N LEU B 442 -24.27 -27.63 19.68
CA LEU B 442 -23.82 -28.73 20.52
C LEU B 442 -24.93 -29.21 21.44
N PHE B 443 -25.73 -28.28 21.96
CA PHE B 443 -26.87 -28.64 22.80
C PHE B 443 -27.80 -29.60 22.07
N GLU B 444 -28.22 -29.23 20.86
CA GLU B 444 -29.14 -30.06 20.10
C GLU B 444 -28.50 -31.39 19.71
N LEU B 445 -27.21 -31.37 19.39
CA LEU B 445 -26.51 -32.61 19.04
C LEU B 445 -26.54 -33.59 20.20
N LEU B 446 -26.13 -33.14 21.39
CA LEU B 446 -26.12 -34.02 22.55
C LEU B 446 -27.53 -34.48 22.90
N GLU B 447 -28.52 -33.59 22.78
CA GLU B 447 -29.88 -33.97 23.12
C GLU B 447 -30.42 -35.03 22.17
N ARG B 448 -30.15 -34.85 20.88
CA ARG B 448 -30.57 -35.84 19.89
C ARG B 448 -29.90 -37.18 20.14
N LYS B 449 -28.60 -37.16 20.45
CA LYS B 449 -27.90 -38.41 20.72
C LYS B 449 -28.49 -39.12 21.94
N HIS B 450 -28.78 -38.36 22.99
CA HIS B 450 -29.39 -38.95 24.18
C HIS B 450 -30.76 -39.56 23.86
N GLU B 451 -31.60 -38.80 23.17
CA GLU B 451 -32.93 -39.31 22.83
C GLU B 451 -32.83 -40.58 22.00
N GLU B 452 -31.93 -40.61 21.02
CA GLU B 452 -31.78 -41.81 20.20
C GLU B 452 -31.24 -42.97 21.02
N GLY B 453 -30.33 -42.70 21.95
CA GLY B 453 -29.81 -43.76 22.80
C GLY B 453 -30.84 -44.31 23.76
N ARG B 454 -31.84 -43.49 24.11
CA ARG B 454 -32.90 -43.96 25.00
C ARG B 454 -33.70 -45.10 24.37
N LEU B 455 -33.69 -45.19 23.04
CA LEU B 455 -34.39 -46.27 22.34
C LEU B 455 -33.73 -47.61 22.59
N LEU B 472 -32.90 -28.53 34.00
CA LEU B 472 -31.72 -29.35 33.82
C LEU B 472 -31.84 -30.21 32.57
N PRO B 473 -30.72 -30.42 31.87
CA PRO B 473 -30.73 -31.25 30.67
C PRO B 473 -30.46 -32.71 30.98
N ALA B 474 -30.84 -33.58 30.04
CA ALA B 474 -30.83 -35.01 30.31
C ALA B 474 -29.48 -35.66 29.97
N PHE B 475 -28.70 -35.06 29.08
CA PHE B 475 -27.52 -35.74 28.56
C PHE B 475 -26.42 -35.82 29.62
N SER B 476 -25.49 -36.75 29.40
CA SER B 476 -24.35 -36.96 30.28
C SER B 476 -23.10 -37.16 29.45
N LEU B 477 -21.97 -37.37 30.13
CA LEU B 477 -20.68 -37.53 29.47
C LEU B 477 -20.70 -38.65 28.43
N HIS B 478 -21.60 -39.61 28.59
CA HIS B 478 -21.72 -40.67 27.60
C HIS B 478 -22.00 -40.09 26.22
N GLU B 479 -22.91 -39.13 26.13
CA GLU B 479 -23.26 -38.54 24.85
C GLU B 479 -22.10 -37.70 24.30
N VAL B 480 -21.36 -37.03 25.19
CA VAL B 480 -20.19 -36.29 24.74
C VAL B 480 -19.17 -37.23 24.11
N SER B 481 -18.91 -38.37 24.77
CA SER B 481 -17.99 -39.34 24.21
C SER B 481 -18.49 -39.86 22.87
N ARG B 482 -19.79 -40.12 22.76
CA ARG B 482 -20.33 -40.65 21.51
C ARG B 482 -20.20 -39.64 20.38
N VAL B 483 -20.46 -38.35 20.66
CA VAL B 483 -20.38 -37.36 19.59
C VAL B 483 -18.93 -37.12 19.19
N LEU B 484 -18.00 -37.22 20.15
CA LEU B 484 -16.59 -37.12 19.79
C LEU B 484 -16.18 -38.30 18.92
N LYS B 485 -16.68 -39.49 19.22
CA LYS B 485 -16.42 -40.63 18.34
C LYS B 485 -16.96 -40.38 16.94
N ASP B 486 -18.17 -39.80 16.86
CA ASP B 486 -18.75 -39.52 15.55
C ASP B 486 -17.91 -38.52 14.76
N PHE B 487 -17.27 -37.59 15.45
CA PHE B 487 -16.43 -36.62 14.76
C PHE B 487 -15.08 -37.22 14.39
N LEU B 488 -14.47 -37.96 15.30
CA LEU B 488 -13.17 -38.60 15.06
C LEU B 488 -13.27 -40.06 15.46
N HIS B 489 -12.97 -40.96 14.53
CA HIS B 489 -13.11 -42.38 14.81
C HIS B 489 -11.93 -42.91 15.62
N ASP B 490 -10.72 -42.83 15.05
CA ASP B 490 -9.58 -43.49 15.66
C ASP B 490 -8.88 -42.62 16.71
N ALA B 491 -8.94 -41.30 16.58
CA ALA B 491 -8.10 -40.45 17.40
C ALA B 491 -8.55 -40.44 18.86
N CYS B 492 -9.84 -40.24 19.11
CA CYS B 492 -10.34 -39.98 20.46
C CYS B 492 -11.57 -40.81 20.78
N ARG B 493 -11.52 -42.12 20.54
CA ARG B 493 -12.68 -42.96 20.80
C ARG B 493 -12.80 -43.31 22.28
N GLY B 494 -11.67 -43.49 22.97
CA GLY B 494 -11.70 -44.05 24.31
C GLY B 494 -12.11 -43.09 25.41
N PHE B 495 -12.30 -41.81 25.08
CA PHE B 495 -12.52 -40.78 26.10
C PHE B 495 -13.65 -41.15 27.06
N TYR B 496 -13.38 -41.02 28.35
CA TYR B 496 -14.36 -41.20 29.41
C TYR B 496 -14.95 -42.62 29.41
N GLN B 497 -14.07 -43.61 29.26
CA GLN B 497 -14.52 -45.00 29.29
C GLN B 497 -14.86 -45.42 30.72
N ASP B 498 -13.97 -45.16 31.66
CA ASP B 498 -14.20 -45.51 33.06
C ASP B 498 -13.27 -44.71 33.98
N TRP B 516 -22.42 -46.19 33.01
CA TRP B 516 -21.48 -46.13 31.90
C TRP B 516 -20.47 -45.02 32.12
N LEU B 517 -20.62 -44.31 33.23
CA LEU B 517 -19.74 -43.19 33.53
C LEU B 517 -18.75 -43.55 34.64
N PRO B 518 -17.74 -42.72 34.88
CA PRO B 518 -16.82 -42.94 36.00
C PRO B 518 -17.19 -42.17 37.25
N ASP B 519 -16.62 -42.57 38.38
CA ASP B 519 -16.85 -41.86 39.63
C ASP B 519 -16.47 -40.40 39.49
N LEU B 520 -17.39 -39.52 39.86
CA LEU B 520 -17.17 -38.08 39.70
C LEU B 520 -16.05 -37.60 40.62
N SER B 521 -15.89 -38.23 41.77
CA SER B 521 -14.86 -37.81 42.71
C SER B 521 -13.48 -37.83 42.08
N ARG B 522 -13.25 -38.74 41.14
CA ARG B 522 -11.94 -38.82 40.50
C ARG B 522 -11.70 -37.59 39.61
N LYS B 523 -10.52 -36.99 39.78
CA LYS B 523 -10.09 -35.96 38.87
C LYS B 523 -9.65 -36.58 37.55
N SER B 524 -9.82 -35.83 36.46
CA SER B 524 -9.47 -36.38 35.16
C SER B 524 -7.97 -36.50 34.99
N GLU B 525 -7.58 -37.45 34.15
CA GLU B 525 -6.15 -37.74 33.97
C GLU B 525 -5.42 -36.52 33.45
N ASP B 526 -6.01 -35.82 32.48
CA ASP B 526 -5.37 -34.66 31.85
C ASP B 526 -6.42 -33.57 31.68
N PRO B 527 -6.39 -32.54 32.51
CA PRO B 527 -7.47 -31.56 32.46
C PRO B 527 -7.43 -30.68 31.23
N TRP B 528 -6.25 -30.18 30.88
CA TRP B 528 -6.15 -29.14 29.88
C TRP B 528 -6.79 -29.56 28.57
N ARG B 529 -6.60 -30.82 28.18
CA ARG B 529 -7.23 -31.28 26.94
C ARG B 529 -8.74 -31.24 27.05
N ASP B 530 -9.28 -31.66 28.19
CA ASP B 530 -10.72 -31.62 28.36
C ASP B 530 -11.24 -30.20 28.23
N LEU B 531 -10.57 -29.25 28.90
CA LEU B 531 -11.02 -27.87 28.79
C LEU B 531 -10.89 -27.36 27.38
N PHE B 532 -9.83 -27.75 26.68
CA PHE B 532 -9.66 -27.29 25.31
C PHE B 532 -10.78 -27.81 24.43
N LEU B 533 -11.12 -29.08 24.59
CA LEU B 533 -12.23 -29.64 23.83
C LEU B 533 -13.53 -28.94 24.16
N TRP B 534 -13.80 -28.73 25.45
CA TRP B 534 -15.01 -28.03 25.84
C TRP B 534 -15.08 -26.66 25.20
N ALA B 535 -13.95 -25.97 25.13
CA ALA B 535 -13.95 -24.64 24.53
C ALA B 535 -14.22 -24.73 23.03
N VAL B 536 -13.54 -25.64 22.35
CA VAL B 536 -13.64 -25.66 20.91
C VAL B 536 -15.02 -26.11 20.48
N LEU B 537 -15.66 -26.96 21.27
CA LEU B 537 -17.02 -27.37 20.95
C LEU B 537 -17.97 -26.19 21.00
N GLN B 538 -18.03 -25.52 22.15
CA GLN B 538 -18.93 -24.39 22.27
C GLN B 538 -18.55 -23.23 21.38
N ASN B 539 -17.55 -23.39 20.52
CA ASN B 539 -17.19 -22.37 19.55
C ASN B 539 -16.80 -21.07 20.23
N ARG B 540 -15.80 -21.12 21.09
CA ARG B 540 -15.27 -19.95 21.77
C ARG B 540 -13.77 -19.93 21.53
N TYR B 541 -13.34 -19.08 20.61
CA TYR B 541 -11.94 -19.13 20.17
C TYR B 541 -11.00 -18.61 21.24
N GLU B 542 -11.13 -17.34 21.59
CA GLU B 542 -10.11 -16.68 22.39
C GLU B 542 -9.92 -17.32 23.75
N MET B 543 -10.74 -18.30 24.10
CA MET B 543 -10.49 -19.15 25.24
C MET B 543 -9.86 -20.47 24.84
N ALA B 544 -10.26 -21.00 23.69
CA ALA B 544 -9.64 -22.23 23.21
C ALA B 544 -8.16 -22.03 23.03
N THR B 545 -7.76 -20.89 22.48
CA THR B 545 -6.34 -20.61 22.35
C THR B 545 -5.65 -20.65 23.70
N TYR B 546 -6.25 -20.01 24.69
CA TYR B 546 -5.63 -19.97 25.99
C TYR B 546 -5.46 -21.37 26.56
N PHE B 547 -6.49 -22.20 26.44
CA PHE B 547 -6.37 -23.55 26.96
C PHE B 547 -5.28 -24.31 26.23
N TRP B 548 -5.20 -24.15 24.91
CA TRP B 548 -4.16 -24.82 24.16
C TRP B 548 -2.78 -24.39 24.64
N ALA B 549 -2.66 -23.15 25.09
CA ALA B 549 -1.35 -22.61 25.43
C ALA B 549 -0.66 -23.47 26.49
N MET B 550 -1.33 -23.70 27.61
CA MET B 550 -0.68 -24.39 28.71
C MET B 550 -0.90 -25.90 28.66
N GLY B 551 -1.23 -26.44 27.49
CA GLY B 551 -1.41 -27.87 27.32
C GLY B 551 -0.24 -28.44 26.54
N ARG B 552 0.23 -29.60 27.00
CA ARG B 552 1.31 -30.27 26.28
C ARG B 552 0.77 -30.95 25.02
N GLU B 553 1.70 -31.34 24.14
CA GLU B 553 1.37 -32.12 22.94
C GLU B 553 0.48 -31.31 22.00
N GLY B 554 0.87 -30.07 21.75
CA GLY B 554 -0.05 -29.12 21.15
C GLY B 554 -0.24 -29.30 19.66
N VAL B 555 0.83 -29.62 18.93
CA VAL B 555 0.72 -29.68 17.48
C VAL B 555 -0.25 -30.76 17.07
N ALA B 556 -0.43 -31.78 17.89
CA ALA B 556 -1.47 -32.76 17.60
C ALA B 556 -2.85 -32.20 17.86
N ALA B 557 -3.01 -31.38 18.90
CA ALA B 557 -4.32 -30.85 19.21
C ALA B 557 -4.77 -29.90 18.12
N ALA B 558 -3.99 -28.86 17.88
CA ALA B 558 -4.41 -27.78 17.01
C ALA B 558 -4.75 -28.26 15.62
N LEU B 559 -4.65 -29.56 15.36
CA LEU B 559 -5.06 -30.13 14.11
C LEU B 559 -6.39 -30.86 14.22
N ALA B 560 -6.55 -31.66 15.25
CA ALA B 560 -7.85 -32.28 15.48
C ALA B 560 -8.90 -31.22 15.70
N ALA B 561 -8.53 -30.11 16.33
CA ALA B 561 -9.49 -29.05 16.51
C ALA B 561 -9.97 -28.50 15.18
N CYS B 562 -9.04 -28.29 14.25
CA CYS B 562 -9.44 -27.84 12.93
C CYS B 562 -10.35 -28.85 12.29
N LYS B 563 -10.06 -30.14 12.48
CA LYS B 563 -10.94 -31.16 11.92
C LYS B 563 -12.34 -31.04 12.47
N ILE B 564 -12.46 -30.85 13.78
CA ILE B 564 -13.79 -30.81 14.39
C ILE B 564 -14.57 -29.61 13.88
N ILE B 565 -13.94 -28.44 13.86
CA ILE B 565 -14.69 -27.27 13.43
C ILE B 565 -15.06 -27.36 11.95
N LYS B 566 -14.10 -27.70 11.09
CA LYS B 566 -14.42 -27.89 9.68
C LYS B 566 -15.52 -28.91 9.51
N GLU B 567 -15.57 -29.91 10.38
CA GLU B 567 -16.66 -30.88 10.31
C GLU B 567 -17.99 -30.22 10.66
N MET B 568 -18.00 -29.41 11.71
CA MET B 568 -19.30 -28.89 12.13
C MET B 568 -19.71 -27.72 11.26
N SER B 569 -19.58 -27.88 9.94
CA SER B 569 -20.04 -26.87 9.01
C SER B 569 -21.32 -27.28 8.30
N HIS B 570 -21.42 -28.56 7.97
CA HIS B 570 -22.61 -29.08 7.33
C HIS B 570 -23.71 -29.29 8.38
N LEU B 571 -23.35 -29.17 9.65
CA LEU B 571 -24.30 -29.34 10.75
C LEU B 571 -24.77 -28.02 11.33
N GLU B 572 -24.44 -26.90 10.68
CA GLU B 572 -24.85 -25.60 11.19
C GLU B 572 -26.21 -25.17 10.66
N LYS B 573 -27.16 -24.97 11.58
CA LYS B 573 -28.51 -24.56 11.24
C LYS B 573 -28.60 -23.16 10.63
N GLU B 574 -27.82 -22.23 11.14
CA GLU B 574 -27.84 -20.85 10.64
C GLU B 574 -26.61 -20.53 9.82
N ALA B 575 -26.83 -20.02 8.62
CA ALA B 575 -25.76 -19.68 7.70
C ALA B 575 -24.82 -18.57 8.19
N GLU B 576 -25.39 -17.54 8.81
CA GLU B 576 -24.56 -16.43 9.26
C GLU B 576 -23.53 -16.91 10.27
N VAL B 577 -23.96 -17.72 11.23
CA VAL B 577 -23.05 -18.27 12.23
C VAL B 577 -22.05 -19.19 11.54
N ALA B 578 -22.57 -19.99 10.62
CA ALA B 578 -21.77 -20.94 9.88
C ALA B 578 -20.56 -20.30 9.22
N ARG B 579 -20.55 -18.98 9.11
CA ARG B 579 -19.40 -18.33 8.48
C ARG B 579 -18.28 -18.12 9.47
N THR B 580 -18.60 -17.63 10.68
CA THR B 580 -17.57 -17.37 11.66
C THR B 580 -16.79 -18.62 12.00
N MET B 581 -17.50 -19.71 12.30
CA MET B 581 -16.80 -20.95 12.62
C MET B 581 -16.04 -21.46 11.40
N ARG B 582 -16.57 -21.23 10.19
CA ARG B 582 -15.81 -21.56 8.99
C ARG B 582 -14.58 -20.69 8.84
N GLU B 583 -14.46 -19.62 9.64
CA GLU B 583 -13.25 -18.81 9.70
C GLU B 583 -12.39 -19.15 10.91
N ALA B 584 -12.45 -20.40 11.39
CA ALA B 584 -11.74 -20.76 12.61
C ALA B 584 -10.23 -20.70 12.46
N LYS B 585 -9.71 -21.22 11.34
CA LYS B 585 -8.28 -21.20 10.99
C LYS B 585 -7.38 -21.72 12.12
N TYR B 586 -7.89 -22.68 12.89
CA TYR B 586 -7.07 -23.32 13.90
C TYR B 586 -5.80 -23.88 13.31
N GLU B 587 -5.88 -24.37 12.08
CA GLU B 587 -4.72 -24.93 11.39
C GLU B 587 -3.52 -23.99 11.42
N GLN B 588 -3.77 -22.69 11.43
CA GLN B 588 -2.67 -21.74 11.42
C GLN B 588 -1.75 -21.95 12.61
N LEU B 589 -2.33 -22.29 13.76
CA LEU B 589 -1.48 -22.57 14.91
C LEU B 589 -0.61 -23.78 14.65
N ALA B 590 -1.17 -24.81 14.03
CA ALA B 590 -0.38 -25.99 13.73
C ALA B 590 0.80 -25.62 12.86
N LEU B 591 0.55 -24.84 11.81
CA LEU B 591 1.64 -24.44 10.94
C LEU B 591 2.67 -23.62 11.70
N ASP B 592 2.22 -22.66 12.49
CA ASP B 592 3.14 -21.74 13.11
C ASP B 592 4.03 -22.44 14.11
N LEU B 593 3.47 -23.38 14.88
CA LEU B 593 4.29 -24.10 15.83
C LEU B 593 5.24 -25.05 15.11
N PHE B 594 4.74 -25.77 14.12
CA PHE B 594 5.60 -26.71 13.42
C PHE B 594 6.79 -25.99 12.80
N SER B 595 6.56 -24.83 12.21
CA SER B 595 7.67 -24.05 11.67
C SER B 595 8.70 -23.78 12.75
N GLU B 596 8.25 -23.27 13.90
CA GLU B 596 9.17 -22.93 14.96
C GLU B 596 10.02 -24.11 15.37
N CYS B 597 9.39 -25.26 15.61
CA CYS B 597 10.19 -26.40 16.05
C CYS B 597 11.10 -26.89 14.94
N TYR B 598 10.64 -26.81 13.68
CA TYR B 598 11.49 -27.17 12.55
C TYR B 598 12.72 -26.29 12.46
N SER B 599 12.63 -25.06 12.94
CA SER B 599 13.77 -24.14 12.83
C SER B 599 14.99 -24.67 13.57
N ASN B 600 14.79 -25.25 14.74
CA ASN B 600 15.88 -25.72 15.57
C ASN B 600 15.80 -27.23 15.70
N SER B 601 16.92 -27.91 15.46
CA SER B 601 17.05 -29.34 15.70
C SER B 601 16.00 -30.14 14.93
N GLU B 602 16.20 -30.18 13.61
CA GLU B 602 15.25 -30.86 12.73
C GLU B 602 15.21 -32.36 13.01
N ASP B 603 16.36 -32.96 13.31
CA ASP B 603 16.39 -34.37 13.67
C ASP B 603 15.45 -34.68 14.81
N ARG B 604 15.13 -33.71 15.66
CA ARG B 604 14.09 -33.89 16.64
C ARG B 604 12.72 -33.63 16.04
N ALA B 605 12.64 -32.68 15.12
CA ALA B 605 11.34 -32.32 14.54
C ALA B 605 10.71 -33.52 13.86
N PHE B 606 11.50 -34.26 13.09
CA PHE B 606 10.97 -35.45 12.45
C PHE B 606 10.49 -36.46 13.49
N ALA B 607 11.24 -36.60 14.59
CA ALA B 607 10.78 -37.48 15.66
C ALA B 607 9.44 -37.04 16.19
N LEU B 608 9.23 -35.73 16.32
CA LEU B 608 7.94 -35.24 16.77
C LEU B 608 6.87 -35.57 15.76
N LEU B 609 7.21 -35.50 14.48
CA LEU B 609 6.18 -35.51 13.45
C LEU B 609 5.45 -36.84 13.41
N VAL B 610 6.15 -37.94 13.65
CA VAL B 610 5.53 -39.26 13.53
C VAL B 610 5.58 -40.01 14.86
N ARG B 611 5.74 -39.31 15.97
CA ARG B 611 5.67 -39.99 17.25
C ARG B 611 4.24 -40.39 17.55
N ARG B 612 4.07 -41.55 18.17
CA ARG B 612 2.76 -41.94 18.66
C ARG B 612 2.30 -40.94 19.71
N ASN B 613 1.02 -40.61 19.70
CA ASN B 613 0.49 -39.57 20.58
C ASN B 613 -0.18 -40.20 21.79
N HIS B 614 0.29 -39.84 22.99
CA HIS B 614 -0.22 -40.47 24.18
C HIS B 614 -1.70 -40.17 24.41
N SER B 615 -2.12 -38.94 24.16
CA SER B 615 -3.45 -38.61 24.63
C SER B 615 -4.54 -38.98 23.63
N TRP B 616 -4.38 -38.65 22.36
CA TRP B 616 -5.46 -38.86 21.39
C TRP B 616 -5.49 -40.30 20.89
N SER B 617 -5.67 -41.20 21.85
CA SER B 617 -5.87 -42.63 21.56
C SER B 617 -4.79 -43.18 20.64
N ARG B 618 -3.56 -42.70 20.80
CA ARG B 618 -2.39 -43.32 20.21
C ARG B 618 -2.51 -43.35 18.68
N THR B 619 -2.56 -42.16 18.10
CA THR B 619 -2.54 -42.01 16.66
C THR B 619 -1.47 -41.01 16.27
N THR B 620 -0.92 -41.19 15.07
CA THR B 620 0.14 -40.30 14.59
C THR B 620 -0.43 -39.03 13.98
N CYS B 621 0.42 -38.00 13.96
CA CYS B 621 0.00 -36.69 13.49
C CYS B 621 -0.41 -36.73 12.04
N LEU B 622 0.27 -37.55 11.25
CA LEU B 622 -0.01 -37.58 9.82
C LEU B 622 -1.40 -38.14 9.55
N HIS B 623 -1.74 -39.24 10.21
CA HIS B 623 -3.09 -39.77 10.08
C HIS B 623 -4.11 -38.69 10.42
N LEU B 624 -3.84 -37.93 11.48
CA LEU B 624 -4.77 -36.91 11.90
C LEU B 624 -4.88 -35.81 10.86
N ALA B 625 -3.77 -35.46 10.21
CA ALA B 625 -3.84 -34.47 9.14
C ALA B 625 -4.64 -34.98 7.96
N THR B 626 -4.46 -36.25 7.63
CA THR B 626 -5.24 -36.83 6.54
C THR B 626 -6.73 -36.74 6.85
N GLU B 627 -7.12 -37.20 8.04
CA GLU B 627 -8.54 -37.14 8.39
C GLU B 627 -9.02 -35.70 8.41
N ALA B 628 -8.17 -34.79 8.86
CA ALA B 628 -8.55 -33.38 8.88
C ALA B 628 -8.56 -32.79 7.48
N ASP B 629 -7.83 -33.41 6.55
CA ASP B 629 -7.73 -32.91 5.19
C ASP B 629 -7.14 -31.51 5.16
N ALA B 630 -6.12 -31.30 5.98
CA ALA B 630 -5.45 -30.01 6.04
C ALA B 630 -4.39 -29.98 4.96
N LYS B 631 -4.76 -29.45 3.79
CA LYS B 631 -3.80 -29.40 2.70
C LYS B 631 -2.69 -28.40 2.99
N ALA B 632 -3.02 -27.27 3.60
CA ALA B 632 -2.01 -26.25 3.85
C ALA B 632 -0.89 -26.78 4.73
N PHE B 633 -1.21 -27.70 5.63
CA PHE B 633 -0.16 -28.29 6.44
C PHE B 633 0.80 -29.10 5.59
N PHE B 634 0.26 -29.94 4.70
CA PHE B 634 1.14 -30.71 3.82
C PHE B 634 2.01 -29.79 3.00
N ALA B 635 1.50 -28.62 2.64
CA ALA B 635 2.27 -27.69 1.84
C ALA B 635 3.53 -27.21 2.56
N HIS B 636 3.63 -27.42 3.86
CA HIS B 636 4.79 -26.92 4.58
C HIS B 636 6.05 -27.64 4.15
N ASP B 637 7.17 -26.93 4.25
CA ASP B 637 8.43 -27.44 3.72
C ASP B 637 8.91 -28.64 4.50
N GLY B 638 8.69 -28.64 5.82
CA GLY B 638 9.12 -29.76 6.62
C GLY B 638 8.46 -31.06 6.18
N VAL B 639 7.17 -31.00 5.85
CA VAL B 639 6.47 -32.17 5.37
C VAL B 639 7.14 -32.70 4.12
N GLN B 640 7.49 -31.81 3.20
CA GLN B 640 8.07 -32.25 1.94
C GLN B 640 9.46 -32.82 2.15
N ALA B 641 10.23 -32.21 3.06
CA ALA B 641 11.55 -32.74 3.36
C ALA B 641 11.45 -34.15 3.93
N PHE B 642 10.55 -34.36 4.87
CA PHE B 642 10.38 -35.69 5.45
C PHE B 642 9.92 -36.69 4.41
N LEU B 643 8.94 -36.30 3.59
CA LEU B 643 8.47 -37.17 2.53
C LEU B 643 9.61 -37.57 1.62
N THR B 644 10.47 -36.61 1.25
CA THR B 644 11.58 -36.94 0.38
C THR B 644 12.56 -37.88 1.07
N LYS B 645 12.86 -37.62 2.34
CA LYS B 645 13.74 -38.51 3.07
C LYS B 645 13.25 -39.95 3.01
N ILE B 646 11.93 -40.13 3.15
CA ILE B 646 11.39 -41.48 2.99
C ILE B 646 11.55 -41.94 1.54
N TRP B 647 11.38 -41.03 0.58
CA TRP B 647 11.28 -41.42 -0.82
C TRP B 647 12.56 -42.09 -1.33
N TRP B 648 13.71 -41.71 -0.79
CA TRP B 648 14.98 -42.26 -1.25
C TRP B 648 15.42 -43.47 -0.45
N GLY B 649 14.57 -43.99 0.43
CA GLY B 649 14.97 -45.15 1.20
C GLY B 649 16.18 -44.84 2.05
N ASP B 650 17.30 -45.52 1.76
CA ASP B 650 18.58 -45.22 2.38
C ASP B 650 19.58 -44.95 1.26
N MET B 651 19.58 -43.72 0.76
CA MET B 651 20.42 -43.36 -0.36
C MET B 651 20.71 -41.87 -0.30
N ALA B 652 21.55 -41.42 -1.21
CA ALA B 652 21.76 -40.00 -1.38
C ALA B 652 20.45 -39.31 -1.71
N THR B 653 20.16 -38.22 -1.00
CA THR B 653 18.95 -37.46 -1.25
C THR B 653 18.89 -37.02 -2.71
N GLY B 654 19.93 -36.32 -3.17
CA GLY B 654 20.03 -35.86 -4.54
C GLY B 654 21.03 -36.71 -5.30
N THR B 655 20.62 -37.16 -6.49
CA THR B 655 21.48 -37.95 -7.35
C THR B 655 21.01 -37.77 -8.78
N PRO B 656 21.91 -37.55 -9.73
CA PRO B 656 21.49 -37.35 -11.12
C PRO B 656 20.58 -38.47 -11.61
N ILE B 657 19.57 -38.08 -12.38
CA ILE B 657 18.63 -39.03 -12.95
C ILE B 657 19.38 -40.05 -13.79
N LEU B 658 20.38 -39.61 -14.56
CA LEU B 658 21.19 -40.52 -15.34
C LEU B 658 21.99 -41.47 -14.45
N ARG B 659 22.59 -40.93 -13.38
CA ARG B 659 23.32 -41.80 -12.46
C ARG B 659 22.38 -42.82 -11.83
N LEU B 660 21.14 -42.41 -11.53
CA LEU B 660 20.16 -43.35 -11.00
C LEU B 660 19.83 -44.44 -12.02
N LEU B 661 19.59 -44.05 -13.27
CA LEU B 661 19.30 -45.04 -14.29
C LEU B 661 20.47 -46.01 -14.44
N GLY B 662 21.70 -45.50 -14.40
CA GLY B 662 22.86 -46.37 -14.53
C GLY B 662 22.99 -47.32 -13.36
N ALA B 663 22.72 -46.84 -12.15
CA ALA B 663 22.72 -47.73 -10.99
C ALA B 663 21.62 -48.77 -11.09
N PHE B 664 20.51 -48.43 -11.74
CA PHE B 664 19.37 -49.34 -11.84
C PHE B 664 19.59 -50.44 -12.87
N THR B 665 20.13 -50.08 -14.04
CA THR B 665 20.24 -51.04 -15.14
C THR B 665 21.28 -52.12 -14.86
N CYS B 666 22.40 -51.75 -14.23
CA CYS B 666 23.52 -52.67 -14.05
C CYS B 666 23.76 -52.87 -12.57
N PRO B 667 23.57 -54.09 -12.03
CA PRO B 667 23.81 -54.30 -10.60
C PRO B 667 25.26 -54.19 -10.21
N ALA B 668 26.20 -54.39 -11.14
CA ALA B 668 27.61 -54.28 -10.82
C ALA B 668 27.97 -52.86 -10.39
N LEU B 669 27.37 -51.86 -11.06
CA LEU B 669 27.61 -50.48 -10.68
C LEU B 669 27.19 -50.21 -9.24
N ILE B 670 26.20 -50.97 -8.75
CA ILE B 670 25.71 -50.77 -7.39
C ILE B 670 26.81 -51.02 -6.37
N TYR B 671 27.60 -52.07 -6.56
CA TYR B 671 28.61 -52.42 -5.58
C TYR B 671 29.62 -51.29 -5.41
N THR B 672 29.92 -50.58 -6.49
CA THR B 672 30.79 -49.41 -6.41
C THR B 672 30.03 -48.24 -5.79
N ASN B 673 30.79 -47.25 -5.34
CA ASN B 673 30.23 -46.06 -4.71
C ASN B 673 30.00 -44.95 -5.75
N LEU B 674 29.05 -45.21 -6.66
CA LEU B 674 28.61 -44.17 -7.58
C LEU B 674 27.98 -43.01 -6.83
N ILE B 675 27.10 -43.32 -5.88
CA ILE B 675 26.42 -42.33 -5.05
C ILE B 675 26.47 -42.81 -3.61
N SER B 676 26.38 -41.85 -2.68
CA SER B 676 26.50 -42.17 -1.27
C SER B 676 25.37 -43.07 -0.82
N PHE B 677 25.71 -44.06 0.00
CA PHE B 677 24.77 -45.05 0.48
C PHE B 677 24.73 -45.02 2.00
N SER B 678 23.53 -44.89 2.56
CA SER B 678 23.38 -44.81 4.00
C SER B 678 23.84 -46.11 4.65
N GLU B 679 24.27 -46.00 5.90
CA GLU B 679 24.67 -47.17 6.68
C GLU B 679 23.44 -47.89 7.23
N ALA B 727 30.02 -61.90 2.30
CA ALA B 727 28.93 -61.80 1.34
C ALA B 727 27.71 -61.13 1.98
N ALA B 728 27.65 -61.18 3.31
CA ALA B 728 26.55 -60.53 4.02
C ALA B 728 26.55 -59.03 3.77
N PHE B 729 27.72 -58.43 3.66
CA PHE B 729 27.80 -57.01 3.34
C PHE B 729 27.19 -56.71 1.98
N LEU B 730 27.52 -57.53 0.98
CA LEU B 730 26.94 -57.36 -0.34
C LEU B 730 25.42 -57.55 -0.30
N LEU B 731 24.95 -58.52 0.49
CA LEU B 731 23.51 -58.75 0.60
C LEU B 731 22.80 -57.56 1.24
N THR B 732 23.40 -56.97 2.27
CA THR B 732 22.80 -55.80 2.89
C THR B 732 22.79 -54.62 1.92
N ARG B 733 23.85 -54.47 1.12
CA ARG B 733 23.85 -53.42 0.10
C ARG B 733 22.76 -53.65 -0.93
N TRP B 734 22.59 -54.90 -1.37
CA TRP B 734 21.55 -55.25 -2.33
C TRP B 734 20.17 -54.93 -1.77
N ARG B 735 19.93 -55.32 -0.52
CA ARG B 735 18.66 -55.01 0.14
C ARG B 735 18.45 -53.51 0.27
N LYS B 736 19.50 -52.77 0.62
CA LYS B 736 19.38 -51.32 0.73
C LYS B 736 19.02 -50.70 -0.61
N PHE B 737 19.58 -51.23 -1.70
CA PHE B 737 19.24 -50.70 -3.01
C PHE B 737 17.81 -51.00 -3.39
N TRP B 738 17.38 -52.24 -3.22
CA TRP B 738 16.05 -52.62 -3.72
C TRP B 738 14.94 -52.23 -2.76
N GLY B 739 15.25 -51.86 -1.53
CA GLY B 739 14.21 -51.45 -0.60
C GLY B 739 13.75 -50.03 -0.78
N ALA B 740 14.61 -49.16 -1.30
CA ALA B 740 14.25 -47.76 -1.46
C ALA B 740 13.03 -47.63 -2.36
N PRO B 741 12.10 -46.72 -2.05
CA PRO B 741 10.86 -46.69 -2.83
C PRO B 741 11.07 -46.33 -4.29
N VAL B 742 11.87 -45.30 -4.54
CA VAL B 742 12.05 -44.79 -5.91
C VAL B 742 12.40 -45.93 -6.86
N THR B 743 13.22 -46.88 -6.40
CA THR B 743 13.59 -48.01 -7.25
C THR B 743 12.38 -48.87 -7.58
N VAL B 744 11.54 -49.16 -6.59
CA VAL B 744 10.32 -49.90 -6.87
C VAL B 744 9.45 -49.13 -7.85
N PHE B 745 9.41 -47.81 -7.69
CA PHE B 745 8.61 -46.99 -8.61
C PHE B 745 9.08 -47.17 -10.04
N LEU B 746 10.38 -47.02 -10.27
CA LEU B 746 10.91 -47.18 -11.61
C LEU B 746 10.63 -48.57 -12.16
N GLY B 747 10.76 -49.59 -11.32
CA GLY B 747 10.48 -50.94 -11.75
C GLY B 747 9.04 -51.11 -12.20
N ASN B 748 8.11 -50.60 -11.41
CA ASN B 748 6.71 -50.69 -11.81
C ASN B 748 6.47 -49.93 -13.11
N VAL B 749 7.17 -48.82 -13.30
CA VAL B 749 7.03 -48.06 -14.54
C VAL B 749 7.43 -48.92 -15.73
N VAL B 750 8.63 -49.50 -15.67
CA VAL B 750 9.14 -50.23 -16.83
C VAL B 750 8.29 -51.47 -17.08
N MET B 751 7.84 -52.13 -16.01
CA MET B 751 7.00 -53.30 -16.20
C MET B 751 5.66 -52.93 -16.83
N TYR B 752 5.09 -51.80 -16.41
CA TYR B 752 3.83 -51.36 -16.99
C TYR B 752 4.00 -51.06 -18.48
N PHE B 753 5.11 -50.43 -18.84
CA PHE B 753 5.41 -50.23 -20.26
C PHE B 753 5.48 -51.57 -20.98
N ALA B 754 6.20 -52.54 -20.41
CA ALA B 754 6.28 -53.85 -21.02
C ALA B 754 4.90 -54.44 -21.27
N PHE B 755 4.04 -54.42 -20.25
CA PHE B 755 2.72 -54.99 -20.39
C PHE B 755 1.94 -54.28 -21.47
N LEU B 756 2.00 -52.96 -21.49
CA LEU B 756 1.29 -52.20 -22.51
C LEU B 756 1.74 -52.61 -23.90
N PHE B 757 3.04 -52.86 -24.07
CA PHE B 757 3.52 -53.20 -25.40
C PHE B 757 3.06 -54.59 -25.81
N LEU B 758 3.16 -55.55 -24.90
CA LEU B 758 2.69 -56.90 -25.23
C LEU B 758 1.20 -56.88 -25.55
N PHE B 759 0.40 -56.13 -24.78
CA PHE B 759 -1.02 -56.06 -25.06
C PHE B 759 -1.26 -55.45 -26.44
N SER B 760 -0.54 -54.39 -26.76
CA SER B 760 -0.71 -53.77 -28.07
C SER B 760 -0.37 -54.76 -29.16
N TYR B 761 0.69 -55.54 -29.00
CA TYR B 761 1.04 -56.50 -30.04
C TYR B 761 -0.05 -57.54 -30.20
N VAL B 762 -0.58 -58.03 -29.09
CA VAL B 762 -1.63 -59.04 -29.17
C VAL B 762 -2.84 -58.47 -29.89
N LEU B 763 -3.25 -57.28 -29.51
CA LEU B 763 -4.43 -56.68 -30.12
C LEU B 763 -4.22 -56.46 -31.62
N LEU B 764 -3.06 -55.93 -31.99
CA LEU B 764 -2.78 -55.62 -33.39
C LEU B 764 -2.90 -56.85 -34.29
N VAL B 765 -2.05 -57.87 -34.09
CA VAL B 765 -1.99 -58.99 -35.03
C VAL B 765 -2.53 -60.28 -34.47
N ASP B 766 -2.50 -60.47 -33.14
CA ASP B 766 -2.87 -61.77 -32.61
C ASP B 766 -4.38 -61.98 -32.70
N PHE B 767 -5.17 -60.91 -32.68
CA PHE B 767 -6.62 -61.08 -32.72
C PHE B 767 -7.03 -61.87 -33.95
N ARG B 768 -7.78 -62.95 -33.70
CA ARG B 768 -8.07 -63.93 -34.73
C ARG B 768 -9.40 -64.60 -34.37
N PRO B 769 -9.99 -65.42 -35.24
CA PRO B 769 -11.38 -65.84 -35.00
C PRO B 769 -11.49 -66.71 -33.76
N PRO B 770 -12.54 -66.55 -32.97
CA PRO B 770 -12.57 -67.10 -31.60
C PRO B 770 -12.20 -68.57 -31.52
N PRO B 771 -12.73 -69.44 -32.40
CA PRO B 771 -12.37 -70.87 -32.26
C PRO B 771 -10.88 -71.12 -32.43
N GLN B 772 -10.23 -70.41 -33.35
CA GLN B 772 -8.80 -70.58 -33.62
C GLN B 772 -8.13 -69.22 -33.61
N GLY B 773 -8.43 -68.44 -32.59
CA GLY B 773 -7.96 -67.08 -32.48
C GLY B 773 -7.06 -66.73 -31.31
N PRO B 774 -7.24 -67.37 -30.16
CA PRO B 774 -6.29 -67.16 -29.06
C PRO B 774 -5.05 -68.03 -29.19
N SER B 775 -3.99 -67.58 -28.52
CA SER B 775 -2.69 -68.21 -28.62
C SER B 775 -2.02 -68.17 -27.26
N GLY B 776 -0.86 -68.84 -27.17
CA GLY B 776 -0.10 -68.82 -25.94
C GLY B 776 0.21 -67.42 -25.45
N SER B 777 0.48 -66.50 -26.38
CA SER B 777 0.69 -65.11 -26.01
C SER B 777 -0.55 -64.51 -25.35
N GLU B 778 -1.72 -64.79 -25.91
CA GLU B 778 -2.96 -64.34 -25.29
C GLU B 778 -3.08 -64.89 -23.87
N VAL B 779 -2.75 -66.17 -23.69
CA VAL B 779 -2.79 -66.77 -22.37
C VAL B 779 -1.87 -66.05 -21.41
N THR B 780 -0.65 -65.75 -21.87
CA THR B 780 0.29 -65.02 -21.02
C THR B 780 -0.26 -63.66 -20.65
N LEU B 781 -0.89 -62.97 -21.60
CA LEU B 781 -1.51 -61.68 -21.31
C LEU B 781 -2.60 -61.83 -20.27
N TYR B 782 -3.44 -62.86 -20.40
CA TYR B 782 -4.52 -63.06 -19.46
C TYR B 782 -3.98 -63.34 -18.06
N PHE B 783 -2.94 -64.16 -17.97
CA PHE B 783 -2.32 -64.42 -16.67
C PHE B 783 -1.73 -63.15 -16.09
N TRP B 784 -1.13 -62.33 -16.95
CA TRP B 784 -0.59 -61.04 -16.52
C TRP B 784 -1.69 -60.17 -15.93
N VAL B 785 -2.85 -60.17 -16.58
CA VAL B 785 -3.99 -59.38 -16.08
C VAL B 785 -4.48 -59.94 -14.75
N PHE B 786 -4.48 -61.26 -14.62
CA PHE B 786 -4.85 -61.86 -13.33
C PHE B 786 -3.91 -61.40 -12.22
N THR B 787 -2.61 -61.36 -12.52
CA THR B 787 -1.65 -60.85 -11.55
C THR B 787 -1.94 -59.40 -11.22
N LEU B 788 -2.23 -58.59 -12.24
CA LEU B 788 -2.50 -57.17 -12.01
C LEU B 788 -3.70 -56.98 -11.09
N VAL B 789 -4.79 -57.69 -11.36
CA VAL B 789 -5.98 -57.49 -10.55
C VAL B 789 -5.73 -58.01 -9.14
N LEU B 790 -4.98 -59.10 -8.99
CA LEU B 790 -4.65 -59.58 -7.66
C LEU B 790 -3.86 -58.53 -6.89
N GLU B 791 -2.89 -57.89 -7.55
CA GLU B 791 -2.13 -56.84 -6.89
C GLU B 791 -3.03 -55.68 -6.50
N GLU B 792 -3.99 -55.33 -7.36
CA GLU B 792 -4.89 -54.24 -7.04
C GLU B 792 -5.76 -54.57 -5.84
N ILE B 793 -6.25 -55.82 -5.76
CA ILE B 793 -7.04 -56.21 -4.59
C ILE B 793 -6.20 -56.15 -3.32
N ARG B 794 -4.96 -56.63 -3.39
CA ARG B 794 -4.09 -56.53 -2.23
C ARG B 794 -3.91 -55.07 -1.81
N GLN B 795 -3.67 -54.19 -2.78
CA GLN B 795 -3.51 -52.77 -2.47
C GLN B 795 -4.79 -52.21 -1.87
N GLY B 796 -5.94 -52.70 -2.32
CA GLY B 796 -7.20 -52.11 -1.89
C GLY B 796 -7.64 -52.54 -0.50
N PHE B 797 -7.42 -53.82 -0.17
CA PHE B 797 -8.08 -54.39 1.00
C PHE B 797 -7.16 -54.73 2.16
N PHE B 798 -5.88 -55.01 1.91
CA PHE B 798 -5.01 -55.49 2.98
C PHE B 798 -4.02 -54.43 3.44
N THR B 799 -4.25 -53.17 3.10
CA THR B 799 -3.40 -52.09 3.57
C THR B 799 -3.61 -51.85 5.07
N ASP B 802 -7.71 -50.53 9.59
CA ASP B 802 -8.94 -50.51 8.82
C ASP B 802 -9.89 -51.55 9.40
N THR B 803 -10.48 -51.17 10.53
CA THR B 803 -11.29 -52.03 11.42
C THR B 803 -12.27 -52.87 10.61
N ARG B 804 -13.25 -52.27 9.96
CA ARG B 804 -14.24 -53.04 9.22
C ARG B 804 -13.96 -53.06 7.73
N LEU B 805 -14.48 -54.11 7.09
CA LEU B 805 -14.35 -54.25 5.64
C LEU B 805 -15.06 -53.13 4.90
N VAL B 806 -16.22 -52.70 5.41
CA VAL B 806 -16.92 -51.58 4.77
C VAL B 806 -16.06 -50.33 4.80
N LYS B 807 -15.34 -50.11 5.91
CA LYS B 807 -14.47 -48.96 6.01
C LYS B 807 -13.39 -49.00 4.94
N LYS B 808 -12.67 -50.12 4.83
CA LYS B 808 -11.61 -50.23 3.84
C LYS B 808 -12.17 -50.10 2.43
N PHE B 809 -13.35 -50.68 2.18
CA PHE B 809 -13.96 -50.57 0.87
C PHE B 809 -14.26 -49.12 0.53
N THR B 810 -14.73 -48.35 1.52
CA THR B 810 -14.95 -46.92 1.28
C THR B 810 -13.64 -46.21 0.98
N LEU B 811 -12.59 -46.53 1.74
CA LEU B 811 -11.28 -45.95 1.46
C LEU B 811 -10.87 -46.23 0.02
N TYR B 812 -11.15 -47.43 -0.46
CA TYR B 812 -10.79 -47.80 -1.82
C TYR B 812 -11.64 -47.02 -2.84
N VAL B 813 -12.94 -46.88 -2.57
CA VAL B 813 -13.81 -46.12 -3.46
C VAL B 813 -13.34 -44.68 -3.56
N GLU B 814 -12.78 -44.15 -2.47
CA GLU B 814 -12.44 -42.74 -2.38
C GLU B 814 -11.69 -42.24 -3.61
N ASP B 815 -10.53 -42.82 -3.90
CA ASP B 815 -9.69 -42.33 -4.98
C ASP B 815 -10.33 -42.59 -6.34
N ASN B 816 -10.00 -41.73 -7.30
CA ASN B 816 -10.50 -41.89 -8.67
C ASN B 816 -9.73 -42.95 -9.42
N TRP B 817 -8.41 -43.00 -9.24
CA TRP B 817 -7.59 -43.90 -10.03
C TRP B 817 -7.95 -45.36 -9.76
N ASN B 818 -8.25 -45.70 -8.51
CA ASN B 818 -8.72 -47.04 -8.20
C ASN B 818 -9.97 -47.36 -9.00
N LYS B 819 -10.89 -46.40 -9.09
CA LYS B 819 -12.11 -46.60 -9.86
C LYS B 819 -11.81 -46.83 -11.32
N CYS B 820 -10.89 -46.03 -11.89
CA CYS B 820 -10.53 -46.23 -13.29
C CYS B 820 -9.93 -47.60 -13.51
N ASP B 821 -9.09 -48.05 -12.58
CA ASP B 821 -8.54 -49.40 -12.67
C ASP B 821 -9.64 -50.44 -12.64
N MET B 822 -10.64 -50.23 -11.79
CA MET B 822 -11.77 -51.15 -11.72
C MET B 822 -12.51 -51.21 -13.04
N VAL B 823 -12.77 -50.04 -13.63
CA VAL B 823 -13.42 -50.01 -14.94
C VAL B 823 -12.58 -50.74 -15.96
N ALA B 824 -11.26 -50.56 -15.90
CA ALA B 824 -10.38 -51.23 -16.85
C ALA B 824 -10.50 -52.74 -16.75
N ILE B 825 -10.40 -53.27 -15.52
CA ILE B 825 -10.44 -54.71 -15.38
C ILE B 825 -11.81 -55.25 -15.72
N PHE B 826 -12.85 -54.48 -15.44
CA PHE B 826 -14.20 -54.89 -15.85
C PHE B 826 -14.28 -55.00 -17.36
N LEU B 827 -13.74 -54.00 -18.06
CA LEU B 827 -13.75 -54.04 -19.52
C LEU B 827 -12.97 -55.25 -20.02
N PHE B 828 -11.83 -55.54 -19.39
CA PHE B 828 -11.06 -56.69 -19.85
C PHE B 828 -11.82 -57.99 -19.62
N ILE B 829 -12.44 -58.13 -18.45
CA ILE B 829 -13.16 -59.35 -18.13
C ILE B 829 -14.28 -59.57 -19.13
N VAL B 830 -15.08 -58.53 -19.39
CA VAL B 830 -16.19 -58.68 -20.32
C VAL B 830 -15.67 -58.93 -21.74
N GLY B 831 -14.54 -58.35 -22.09
CA GLY B 831 -14.00 -58.58 -23.41
C GLY B 831 -13.52 -60.01 -23.59
N VAL B 832 -12.95 -60.59 -22.55
CA VAL B 832 -12.39 -61.94 -22.64
C VAL B 832 -13.45 -62.93 -23.11
N THR B 833 -14.72 -62.61 -22.86
CA THR B 833 -15.81 -63.45 -23.31
C THR B 833 -15.84 -63.62 -24.82
N CYS B 834 -15.15 -62.74 -25.57
CA CYS B 834 -15.20 -62.81 -27.02
C CYS B 834 -14.66 -64.13 -27.55
N ARG B 835 -13.57 -64.64 -26.98
CA ARG B 835 -12.98 -65.88 -27.47
C ARG B 835 -13.97 -67.03 -27.36
N MET B 836 -14.86 -66.97 -26.37
CA MET B 836 -15.82 -68.05 -26.16
C MET B 836 -16.89 -68.08 -27.23
N VAL B 837 -17.42 -66.91 -27.62
CA VAL B 837 -18.56 -66.86 -28.51
C VAL B 837 -18.12 -66.58 -29.94
N PRO B 838 -18.31 -67.52 -30.87
CA PRO B 838 -17.89 -67.33 -32.25
C PRO B 838 -18.51 -66.10 -32.91
N SER B 839 -19.82 -65.93 -32.78
CA SER B 839 -20.52 -64.92 -33.57
C SER B 839 -20.10 -63.51 -33.19
N VAL B 840 -19.84 -63.26 -31.92
CA VAL B 840 -19.55 -61.91 -31.43
C VAL B 840 -18.06 -61.64 -31.62
N PHE B 841 -17.45 -62.28 -32.61
CA PHE B 841 -16.02 -62.15 -32.86
C PHE B 841 -15.55 -60.71 -32.94
N GLU B 842 -16.36 -59.82 -33.51
CA GLU B 842 -15.91 -58.46 -33.78
C GLU B 842 -16.17 -57.53 -32.60
N ALA B 843 -17.36 -57.61 -31.99
CA ALA B 843 -17.74 -56.66 -30.96
C ALA B 843 -16.81 -56.76 -29.76
N GLY B 844 -16.56 -57.98 -29.27
CA GLY B 844 -15.61 -58.15 -28.18
C GLY B 844 -14.24 -57.62 -28.51
N ARG B 845 -13.78 -57.83 -29.74
CA ARG B 845 -12.51 -57.26 -30.17
C ARG B 845 -12.53 -55.74 -30.01
N THR B 846 -13.63 -55.10 -30.42
CA THR B 846 -13.75 -53.66 -30.23
C THR B 846 -13.67 -53.28 -28.76
N VAL B 847 -14.32 -54.08 -27.90
CA VAL B 847 -14.25 -53.84 -26.47
C VAL B 847 -12.80 -53.86 -26.00
N LEU B 848 -12.03 -54.84 -26.47
CA LEU B 848 -10.61 -54.91 -26.14
C LEU B 848 -9.90 -53.64 -26.59
N ALA B 849 -10.21 -53.18 -27.81
CA ALA B 849 -9.61 -51.95 -28.30
C ALA B 849 -9.87 -50.80 -27.34
N ILE B 850 -11.11 -50.69 -26.86
CA ILE B 850 -11.43 -49.62 -25.92
C ILE B 850 -10.64 -49.79 -24.64
N ASP B 851 -10.50 -51.03 -24.17
CA ASP B 851 -9.70 -51.31 -22.98
C ASP B 851 -8.29 -50.76 -23.15
N PHE B 852 -7.76 -50.85 -24.37
CA PHE B 852 -6.43 -50.28 -24.62
C PHE B 852 -6.43 -48.79 -24.32
N MET B 853 -7.42 -48.07 -24.86
CA MET B 853 -7.59 -46.65 -24.54
C MET B 853 -7.59 -46.44 -23.04
N VAL B 854 -8.32 -47.31 -22.33
CA VAL B 854 -8.46 -47.17 -20.89
C VAL B 854 -7.10 -47.25 -20.21
N PHE B 855 -6.31 -48.25 -20.58
CA PHE B 855 -4.97 -48.39 -20.00
C PHE B 855 -4.11 -47.18 -20.32
N THR B 856 -4.18 -46.70 -21.57
CA THR B 856 -3.42 -45.52 -21.95
C THR B 856 -3.77 -44.33 -21.07
N LEU B 857 -5.05 -44.16 -20.77
CA LEU B 857 -5.41 -43.12 -19.82
C LEU B 857 -4.88 -43.42 -18.43
N ARG B 858 -4.86 -44.70 -18.05
CA ARG B 858 -4.32 -45.07 -16.75
C ARG B 858 -2.89 -44.59 -16.61
N LEU B 859 -2.14 -44.61 -17.70
CA LEU B 859 -0.73 -44.24 -17.66
C LEU B 859 -0.52 -42.85 -17.07
N ILE B 860 -1.46 -41.93 -17.26
CA ILE B 860 -1.24 -40.53 -16.89
C ILE B 860 -0.86 -40.40 -15.43
N HIS B 861 -1.43 -41.25 -14.55
CA HIS B 861 -1.21 -41.14 -13.12
C HIS B 861 0.28 -41.08 -12.78
N ILE B 862 1.09 -41.79 -13.55
CA ILE B 862 2.52 -41.92 -13.26
C ILE B 862 3.17 -40.55 -13.13
N PHE B 863 2.76 -39.63 -13.98
CA PHE B 863 3.42 -38.34 -14.14
C PHE B 863 3.49 -37.49 -12.89
N ALA B 864 2.75 -37.88 -11.87
CA ALA B 864 2.54 -37.00 -10.73
C ALA B 864 3.84 -36.58 -10.07
N ILE B 865 4.84 -37.47 -10.08
CA ILE B 865 6.04 -37.21 -9.29
C ILE B 865 6.76 -35.97 -9.79
N HIS B 866 6.86 -35.80 -11.10
CA HIS B 866 7.77 -34.79 -11.63
C HIS B 866 7.31 -33.39 -11.28
N LYS B 867 8.29 -32.54 -10.92
CA LYS B 867 7.97 -31.20 -10.45
C LYS B 867 7.31 -30.37 -11.55
N GLN B 868 7.75 -30.55 -12.80
CA GLN B 868 7.21 -29.73 -13.88
C GLN B 868 5.86 -30.26 -14.36
N LEU B 869 5.81 -31.55 -14.70
CA LEU B 869 4.63 -32.09 -15.37
C LEU B 869 3.38 -31.94 -14.52
N GLY B 870 3.44 -32.34 -13.26
CA GLY B 870 2.28 -32.45 -12.39
C GLY B 870 1.29 -31.30 -12.47
N PRO B 871 1.76 -30.08 -12.17
CA PRO B 871 0.83 -28.94 -12.17
C PRO B 871 0.00 -28.80 -13.43
N LYS B 872 0.54 -29.24 -14.57
CA LYS B 872 -0.25 -29.21 -15.81
C LYS B 872 -1.44 -30.16 -15.71
N ILE B 873 -1.20 -31.38 -15.24
CA ILE B 873 -2.29 -32.33 -15.08
C ILE B 873 -3.30 -31.79 -14.07
N ILE B 874 -2.81 -31.18 -12.99
CA ILE B 874 -3.71 -30.58 -12.02
C ILE B 874 -4.59 -29.54 -12.68
N ILE B 875 -3.99 -28.73 -13.55
CA ILE B 875 -4.72 -27.63 -14.17
C ILE B 875 -5.79 -28.18 -15.11
N VAL B 876 -5.44 -29.18 -15.91
CA VAL B 876 -6.41 -29.72 -16.86
C VAL B 876 -7.51 -30.47 -16.13
N GLU B 877 -7.18 -31.11 -15.01
CA GLU B 877 -8.21 -31.81 -14.26
C GLU B 877 -9.17 -30.84 -13.60
N ARG B 878 -8.67 -29.72 -13.08
CA ARG B 878 -9.57 -28.76 -12.43
C ARG B 878 -10.56 -28.17 -13.42
N MET B 879 -10.18 -28.07 -14.70
CA MET B 879 -11.03 -27.44 -15.71
C MET B 879 -12.04 -28.47 -16.21
N MET B 880 -13.12 -28.65 -15.44
CA MET B 880 -14.18 -29.57 -15.80
C MET B 880 -15.50 -28.89 -16.14
N LYS B 881 -15.57 -27.56 -16.08
CA LYS B 881 -16.78 -26.87 -16.52
C LYS B 881 -16.93 -26.96 -18.04
N ASP B 882 -15.79 -27.02 -18.74
CA ASP B 882 -15.80 -26.95 -20.20
C ASP B 882 -16.63 -28.07 -20.80
N VAL B 883 -16.50 -29.29 -20.28
CA VAL B 883 -17.23 -30.42 -20.87
C VAL B 883 -18.71 -30.12 -20.93
N PHE B 884 -19.33 -29.87 -19.78
CA PHE B 884 -20.77 -29.65 -19.73
C PHE B 884 -21.18 -28.42 -20.52
N PHE B 885 -20.55 -27.28 -20.21
CA PHE B 885 -20.97 -26.05 -20.85
C PHE B 885 -20.83 -26.15 -22.36
N PHE B 886 -19.70 -26.63 -22.83
CA PHE B 886 -19.44 -26.66 -24.26
C PHE B 886 -20.27 -27.73 -24.96
N LEU B 887 -20.56 -28.86 -24.29
CA LEU B 887 -21.43 -29.82 -24.94
C LEU B 887 -22.79 -29.20 -25.19
N PHE B 888 -23.33 -28.48 -24.20
CA PHE B 888 -24.55 -27.73 -24.46
C PHE B 888 -24.37 -26.72 -25.58
N PHE B 889 -23.31 -25.92 -25.51
CA PHE B 889 -23.15 -24.80 -26.42
C PHE B 889 -23.02 -25.28 -27.86
N LEU B 890 -22.35 -26.43 -28.06
CA LEU B 890 -22.21 -26.97 -29.39
C LEU B 890 -23.50 -27.62 -29.86
N SER B 891 -24.14 -28.41 -29.00
CA SER B 891 -25.31 -29.17 -29.41
C SER B 891 -26.46 -28.25 -29.79
N VAL B 892 -26.77 -27.28 -28.92
CA VAL B 892 -27.96 -26.45 -29.16
C VAL B 892 -27.91 -25.79 -30.51
N TRP B 893 -26.72 -25.41 -30.96
CA TRP B 893 -26.62 -24.76 -32.26
C TRP B 893 -26.49 -25.78 -33.39
N LEU B 894 -25.72 -26.85 -33.17
CA LEU B 894 -25.45 -27.79 -34.24
C LEU B 894 -26.72 -28.53 -34.66
N VAL B 895 -27.48 -29.04 -33.69
CA VAL B 895 -28.67 -29.82 -34.04
C VAL B 895 -29.68 -28.96 -34.78
N ALA B 896 -29.90 -27.73 -34.30
CA ALA B 896 -30.86 -26.84 -34.94
C ALA B 896 -30.39 -26.45 -36.33
N TYR B 897 -29.12 -26.10 -36.46
CA TYR B 897 -28.56 -25.78 -37.77
C TYR B 897 -28.75 -26.93 -38.75
N GLY B 898 -28.43 -28.15 -38.31
CA GLY B 898 -28.57 -29.30 -39.18
C GLY B 898 -30.01 -29.55 -39.59
N VAL B 899 -30.92 -29.47 -38.63
CA VAL B 899 -32.34 -29.64 -38.94
C VAL B 899 -32.76 -28.63 -40.00
N THR B 900 -32.40 -27.37 -39.80
CA THR B 900 -32.85 -26.34 -40.73
C THR B 900 -32.23 -26.55 -42.12
N THR B 901 -30.93 -26.84 -42.17
CA THR B 901 -30.26 -26.98 -43.45
C THR B 901 -30.78 -28.20 -44.21
N GLN B 902 -30.99 -29.32 -43.52
CA GLN B 902 -31.52 -30.50 -44.19
C GLN B 902 -32.95 -30.27 -44.63
N ALA B 903 -33.70 -29.45 -43.89
CA ALA B 903 -35.02 -29.04 -44.34
C ALA B 903 -34.93 -28.29 -45.65
N LEU B 904 -33.94 -27.39 -45.78
CA LEU B 904 -33.82 -26.61 -47.01
C LEU B 904 -33.40 -27.48 -48.19
N LEU B 905 -32.33 -28.26 -48.02
CA LEU B 905 -31.67 -28.87 -49.16
C LEU B 905 -32.49 -30.00 -49.76
N HIS B 906 -32.87 -30.97 -48.92
CA HIS B 906 -33.66 -32.12 -49.37
C HIS B 906 -34.87 -32.26 -48.47
N PRO B 907 -36.05 -31.80 -48.91
CA PRO B 907 -37.24 -31.89 -48.06
C PRO B 907 -37.83 -33.28 -47.96
N HIS B 908 -37.33 -34.24 -48.73
CA HIS B 908 -37.88 -35.61 -48.75
C HIS B 908 -36.77 -36.58 -48.37
N ASP B 909 -36.67 -36.87 -47.08
CA ASP B 909 -35.77 -37.90 -46.56
C ASP B 909 -36.59 -38.84 -45.69
N GLY B 910 -36.64 -40.12 -46.08
CA GLY B 910 -37.43 -41.11 -45.38
C GLY B 910 -36.65 -42.01 -44.43
N ARG B 911 -35.36 -41.79 -44.27
CA ARG B 911 -34.52 -42.64 -43.44
C ARG B 911 -34.05 -41.87 -42.21
N LEU B 912 -34.40 -42.39 -41.03
CA LEU B 912 -33.93 -41.77 -39.79
C LEU B 912 -32.42 -41.98 -39.61
N GLU B 913 -31.91 -43.16 -39.94
CA GLU B 913 -30.49 -43.44 -39.78
C GLU B 913 -29.64 -42.68 -40.78
N TRP B 914 -30.12 -42.53 -42.03
CA TRP B 914 -29.37 -41.75 -43.00
C TRP B 914 -29.34 -40.28 -42.60
N ILE B 915 -30.47 -39.74 -42.14
CA ILE B 915 -30.50 -38.38 -41.64
C ILE B 915 -29.57 -38.23 -40.45
N PHE B 916 -29.52 -39.25 -39.58
CA PHE B 916 -28.60 -39.22 -38.45
C PHE B 916 -27.15 -39.13 -38.94
N ARG B 917 -26.79 -39.97 -39.92
CA ARG B 917 -25.43 -39.98 -40.44
C ARG B 917 -25.07 -38.62 -41.04
N ARG B 918 -25.96 -38.06 -41.87
CA ARG B 918 -25.68 -36.79 -42.52
C ARG B 918 -25.56 -35.66 -41.50
N VAL B 919 -26.56 -35.52 -40.61
CA VAL B 919 -26.59 -34.43 -39.65
C VAL B 919 -25.49 -34.56 -38.61
N LEU B 920 -24.98 -35.77 -38.40
CA LEU B 920 -23.82 -35.94 -37.52
C LEU B 920 -22.54 -35.58 -38.25
N TYR B 921 -22.38 -36.06 -39.49
CA TYR B 921 -21.13 -35.87 -40.22
C TYR B 921 -20.91 -34.40 -40.58
N ARG B 922 -21.97 -33.66 -40.89
CA ARG B 922 -21.78 -32.29 -41.35
C ARG B 922 -21.06 -31.41 -40.33
N PRO B 923 -21.59 -31.19 -39.11
CA PRO B 923 -20.83 -30.37 -38.15
C PRO B 923 -19.55 -31.03 -37.68
N TYR B 924 -19.46 -32.35 -37.74
CA TYR B 924 -18.23 -33.04 -37.36
C TYR B 924 -17.13 -32.81 -38.39
N LEU B 925 -17.50 -32.59 -39.65
CA LEU B 925 -16.53 -32.44 -40.73
C LEU B 925 -16.30 -31.00 -41.16
N GLN B 926 -17.31 -30.13 -41.00
CA GLN B 926 -17.15 -28.74 -41.42
C GLN B 926 -16.08 -28.01 -40.61
N ILE B 927 -15.82 -28.45 -39.37
CA ILE B 927 -14.81 -27.79 -38.55
C ILE B 927 -13.40 -28.07 -39.11
N PHE B 928 -13.18 -29.26 -39.65
CA PHE B 928 -11.85 -29.70 -40.06
C PHE B 928 -11.67 -29.65 -41.57
N GLY B 929 -12.26 -28.67 -42.24
CA GLY B 929 -12.00 -28.44 -43.64
C GLY B 929 -12.66 -29.41 -44.59
N GLN B 930 -13.59 -30.23 -44.13
CA GLN B 930 -14.31 -31.17 -45.00
C GLN B 930 -15.67 -30.55 -45.31
N ILE B 931 -15.73 -29.79 -46.40
CA ILE B 931 -16.95 -29.10 -46.81
C ILE B 931 -17.42 -29.65 -48.15
N PRO B 932 -18.28 -30.67 -48.17
CA PRO B 932 -18.79 -31.23 -49.44
C PRO B 932 -19.84 -30.35 -50.11
N LEU B 933 -19.38 -29.35 -50.85
CA LEU B 933 -20.27 -28.45 -51.57
C LEU B 933 -21.00 -29.16 -52.71
N ASP B 934 -20.55 -30.35 -53.11
CA ASP B 934 -21.23 -31.11 -54.14
C ASP B 934 -22.63 -31.55 -53.72
N GLU B 935 -22.93 -31.51 -52.42
CA GLU B 935 -24.24 -31.86 -51.92
C GLU B 935 -24.95 -30.67 -51.28
N ILE B 936 -24.37 -29.47 -51.30
CA ILE B 936 -24.95 -28.34 -50.61
C ILE B 936 -25.21 -27.18 -51.57
N ASP B 937 -24.43 -27.10 -52.64
CA ASP B 937 -24.52 -25.99 -53.59
C ASP B 937 -25.15 -26.50 -54.88
N GLU B 938 -26.31 -25.93 -55.23
CA GLU B 938 -27.01 -26.34 -56.44
C GLU B 938 -26.14 -26.16 -57.68
N ALA B 939 -25.30 -25.13 -57.69
CA ALA B 939 -24.33 -24.98 -58.78
C ALA B 939 -23.24 -26.04 -58.74
N ARG B 940 -23.12 -26.77 -57.63
CA ARG B 940 -22.07 -27.78 -57.48
C ARG B 940 -22.61 -29.21 -57.40
N VAL B 941 -23.92 -29.40 -57.37
CA VAL B 941 -24.47 -30.76 -57.38
C VAL B 941 -24.36 -31.35 -58.78
N ALA B 961 -30.77 -20.31 -50.69
CA ALA B 961 -30.47 -20.89 -49.40
C ALA B 961 -29.00 -20.82 -49.03
N ASN B 962 -28.13 -20.47 -49.99
CA ASN B 962 -26.69 -20.49 -49.74
C ASN B 962 -26.29 -19.39 -48.77
N TRP B 963 -26.75 -18.16 -49.01
CA TRP B 963 -26.24 -17.02 -48.24
C TRP B 963 -26.65 -17.11 -46.77
N LEU B 964 -27.84 -17.64 -46.48
CA LEU B 964 -28.21 -17.87 -45.10
C LEU B 964 -27.27 -18.87 -44.43
N VAL B 965 -26.92 -19.94 -45.14
CA VAL B 965 -25.99 -20.93 -44.60
C VAL B 965 -24.63 -20.30 -44.35
N ILE B 966 -24.17 -19.45 -45.27
CA ILE B 966 -22.89 -18.77 -45.08
C ILE B 966 -22.94 -17.87 -43.86
N LEU B 967 -24.01 -17.10 -43.72
CA LEU B 967 -24.13 -16.20 -42.57
C LEU B 967 -24.14 -16.98 -41.26
N LEU B 968 -24.89 -18.08 -41.21
CA LEU B 968 -24.92 -18.90 -39.99
C LEU B 968 -23.57 -19.52 -39.69
N LEU B 969 -22.87 -20.02 -40.71
CA LEU B 969 -21.55 -20.60 -40.48
C LEU B 969 -20.56 -19.54 -40.01
N VAL B 970 -20.66 -18.32 -40.53
CA VAL B 970 -19.78 -17.24 -40.07
C VAL B 970 -20.08 -16.91 -38.61
N THR B 971 -21.36 -16.76 -38.27
CA THR B 971 -21.74 -16.50 -36.89
C THR B 971 -21.20 -17.58 -35.97
N PHE B 972 -21.29 -18.84 -36.38
CA PHE B 972 -20.73 -19.93 -35.58
C PHE B 972 -19.22 -19.78 -35.43
N LEU B 973 -18.50 -19.80 -36.56
CA LEU B 973 -17.04 -19.75 -36.52
C LEU B 973 -16.51 -18.50 -35.83
N LEU B 974 -17.35 -17.50 -35.58
CA LEU B 974 -16.91 -16.37 -34.76
C LEU B 974 -17.27 -16.55 -33.29
N VAL B 975 -18.54 -16.84 -32.99
CA VAL B 975 -18.95 -16.83 -31.58
C VAL B 975 -18.37 -18.01 -30.83
N THR B 976 -18.34 -19.20 -31.44
CA THR B 976 -17.73 -20.34 -30.77
C THR B 976 -16.23 -20.15 -30.62
N ASN B 977 -15.59 -19.60 -31.65
CA ASN B 977 -14.15 -19.33 -31.57
C ASN B 977 -13.80 -18.43 -30.39
N VAL B 978 -14.33 -17.21 -30.39
CA VAL B 978 -14.04 -16.28 -29.30
C VAL B 978 -14.53 -16.84 -27.97
N LEU B 979 -15.73 -17.43 -28.00
CA LEU B 979 -16.33 -18.02 -26.81
C LEU B 979 -15.55 -19.21 -26.24
N LEU B 980 -14.99 -20.07 -27.10
CA LEU B 980 -14.33 -21.27 -26.55
C LEU B 980 -12.98 -21.00 -25.94
N MET B 981 -12.01 -20.69 -26.80
CA MET B 981 -10.66 -20.46 -26.30
C MET B 981 -10.60 -19.40 -25.21
N ASN B 982 -11.38 -18.33 -25.39
CA ASN B 982 -11.40 -17.24 -24.42
C ASN B 982 -11.84 -17.69 -23.03
N LEU B 983 -12.99 -18.38 -22.98
CA LEU B 983 -13.55 -18.84 -21.71
C LEU B 983 -12.65 -19.87 -21.08
N LEU B 984 -12.05 -20.69 -21.95
CA LEU B 984 -11.18 -21.74 -21.46
C LEU B 984 -10.07 -21.05 -20.74
N ILE B 985 -9.50 -20.04 -21.42
CA ILE B 985 -8.36 -19.25 -21.00
C ILE B 985 -8.60 -18.31 -19.84
N ALA B 986 -9.74 -17.62 -19.77
CA ALA B 986 -9.95 -16.75 -18.61
C ALA B 986 -10.00 -17.64 -17.38
N MET B 987 -10.79 -18.72 -17.50
CA MET B 987 -10.93 -19.72 -16.46
C MET B 987 -9.59 -20.44 -16.28
N PHE B 988 -8.85 -20.67 -17.38
CA PHE B 988 -7.58 -21.35 -17.24
C PHE B 988 -6.69 -20.49 -16.39
N SER B 989 -6.63 -19.20 -16.63
CA SER B 989 -5.78 -18.32 -15.86
C SER B 989 -6.21 -18.31 -14.41
N TYR B 990 -7.52 -18.09 -14.23
CA TYR B 990 -8.17 -18.02 -12.92
C TYR B 990 -8.19 -19.41 -12.34
N THR B 991 -8.52 -20.38 -13.19
CA THR B 991 -8.48 -21.81 -12.85
C THR B 991 -7.02 -22.18 -12.62
N PHE B 992 -6.16 -21.63 -13.49
CA PHE B 992 -4.73 -21.80 -13.41
C PHE B 992 -4.25 -21.19 -12.10
N GLN B 993 -4.67 -19.94 -11.89
CA GLN B 993 -4.33 -19.09 -10.76
C GLN B 993 -4.87 -19.73 -9.51
N VAL B 994 -6.05 -20.34 -9.64
CA VAL B 994 -6.64 -21.08 -8.54
C VAL B 994 -5.70 -22.26 -8.28
N VAL B 995 -5.27 -22.90 -9.37
CA VAL B 995 -4.31 -23.99 -9.33
C VAL B 995 -2.91 -23.53 -8.86
N GLN B 996 -2.58 -22.27 -9.13
CA GLN B 996 -1.29 -21.74 -8.73
C GLN B 996 -1.18 -21.79 -7.21
N GLY B 997 -2.30 -21.67 -6.53
CA GLY B 997 -2.33 -21.80 -5.10
C GLY B 997 -2.83 -23.18 -4.69
N ASN B 998 -4.15 -23.34 -4.70
CA ASN B 998 -4.79 -24.56 -4.26
C ASN B 998 -4.42 -25.85 -5.00
N ALA B 999 -4.42 -25.86 -6.33
CA ALA B 999 -4.01 -27.09 -7.01
C ALA B 999 -2.53 -27.38 -6.89
N ASP B 1000 -1.70 -26.35 -6.68
CA ASP B 1000 -0.26 -26.56 -6.44
C ASP B 1000 -0.15 -27.27 -5.10
N MET B 1001 -0.96 -26.85 -4.13
CA MET B 1001 -1.02 -27.52 -2.85
C MET B 1001 -1.49 -28.97 -3.06
N PHE B 1002 -2.47 -29.18 -3.95
CA PHE B 1002 -2.97 -30.51 -4.26
C PHE B 1002 -1.85 -31.39 -4.84
N TRP B 1003 -1.04 -30.79 -5.71
CA TRP B 1003 0.07 -31.46 -6.36
C TRP B 1003 0.91 -32.03 -5.26
N LYS B 1004 1.14 -31.22 -4.24
CA LYS B 1004 1.92 -31.67 -3.10
C LYS B 1004 1.14 -32.74 -2.39
N PHE B 1005 -0.17 -32.54 -2.33
CA PHE B 1005 -1.05 -33.51 -1.69
C PHE B 1005 -0.99 -34.82 -2.46
N GLN B 1006 -1.02 -34.69 -3.79
CA GLN B 1006 -0.95 -35.86 -4.67
C GLN B 1006 0.40 -36.54 -4.50
N ARG B 1007 1.46 -35.74 -4.36
CA ARG B 1007 2.79 -36.31 -4.18
C ARG B 1007 2.82 -37.12 -2.90
N TYR B 1008 2.25 -36.59 -1.83
CA TYR B 1008 2.25 -37.30 -0.58
C TYR B 1008 1.47 -38.59 -0.71
N HIS B 1009 0.33 -38.54 -1.38
CA HIS B 1009 -0.43 -39.77 -1.52
C HIS B 1009 0.34 -40.82 -2.29
N LEU B 1010 1.01 -40.40 -3.35
CA LEU B 1010 1.77 -41.34 -4.15
C LEU B 1010 2.89 -41.94 -3.33
N ILE B 1011 3.56 -41.10 -2.55
CA ILE B 1011 4.68 -41.56 -1.74
C ILE B 1011 4.25 -42.67 -0.81
N VAL B 1012 3.13 -42.48 -0.14
CA VAL B 1012 2.65 -43.50 0.78
C VAL B 1012 2.26 -44.76 0.03
N GLU B 1013 1.64 -44.60 -1.14
CA GLU B 1013 1.20 -45.75 -1.93
C GLU B 1013 2.40 -46.62 -2.31
N TYR B 1014 3.44 -45.99 -2.86
CA TYR B 1014 4.59 -46.79 -3.30
C TYR B 1014 5.33 -47.39 -2.11
N HIS B 1015 5.34 -46.68 -0.98
CA HIS B 1015 5.97 -47.24 0.21
C HIS B 1015 5.35 -48.59 0.57
N GLY B 1016 4.04 -48.69 0.46
CA GLY B 1016 3.35 -49.92 0.81
C GLY B 1016 3.50 -51.04 -0.20
N ARG B 1017 4.12 -50.78 -1.32
CA ARG B 1017 4.21 -51.83 -2.31
C ARG B 1017 5.45 -52.68 -2.08
N PRO B 1018 5.40 -53.96 -2.41
CA PRO B 1018 6.59 -54.80 -2.35
C PRO B 1018 7.39 -54.72 -3.64
N ALA B 1019 8.60 -55.28 -3.58
CA ALA B 1019 9.58 -55.07 -4.64
C ALA B 1019 9.13 -55.68 -5.97
N LEU B 1020 8.49 -56.84 -5.93
CA LEU B 1020 8.19 -57.56 -7.16
C LEU B 1020 7.23 -56.77 -8.03
N ALA B 1021 7.35 -56.96 -9.33
CA ALA B 1021 6.58 -56.20 -10.31
C ALA B 1021 5.18 -56.80 -10.43
N PRO B 1022 4.30 -56.19 -11.21
CA PRO B 1022 2.96 -56.77 -11.44
C PRO B 1022 3.01 -58.26 -11.77
N PRO B 1023 3.83 -58.70 -12.74
CA PRO B 1023 3.82 -60.14 -13.07
C PRO B 1023 4.50 -60.99 -12.03
N PHE B 1024 5.33 -60.39 -11.19
CA PHE B 1024 6.06 -61.12 -10.18
C PHE B 1024 5.35 -61.12 -8.83
N ILE B 1025 4.32 -60.29 -8.68
CA ILE B 1025 3.59 -60.20 -7.42
C ILE B 1025 3.08 -61.56 -6.99
N LEU B 1026 2.80 -62.43 -7.96
CA LEU B 1026 2.29 -63.77 -7.72
C LEU B 1026 3.16 -64.54 -6.74
N LEU B 1027 4.41 -64.11 -6.55
CA LEU B 1027 5.27 -64.71 -5.56
C LEU B 1027 5.27 -63.97 -4.23
N SER B 1028 5.25 -62.63 -4.24
CA SER B 1028 5.31 -61.91 -2.98
C SER B 1028 4.00 -62.02 -2.21
N HIS B 1029 2.88 -61.87 -2.89
CA HIS B 1029 1.58 -62.04 -2.22
C HIS B 1029 1.44 -63.45 -1.67
N LEU B 1030 1.86 -64.45 -2.45
CA LEU B 1030 1.77 -65.82 -1.98
C LEU B 1030 2.67 -66.03 -0.76
N SER B 1031 3.88 -65.47 -0.79
CA SER B 1031 4.79 -65.61 0.35
C SER B 1031 4.22 -64.93 1.59
N LEU B 1032 3.63 -63.75 1.41
CA LEU B 1032 3.04 -63.03 2.54
C LEU B 1032 1.87 -63.81 3.13
N VAL B 1033 1.01 -64.36 2.27
CA VAL B 1033 -0.11 -65.15 2.75
C VAL B 1033 0.38 -66.38 3.49
N LEU B 1034 1.43 -67.02 2.96
CA LEU B 1034 1.99 -68.19 3.63
C LEU B 1034 2.56 -67.83 5.00
N LYS B 1035 3.26 -66.70 5.09
CA LYS B 1035 3.82 -66.28 6.36
C LYS B 1035 2.71 -65.95 7.36
N GLN B 1036 1.64 -65.31 6.90
CA GLN B 1036 0.53 -64.98 7.78
C GLN B 1036 -0.16 -66.24 8.27
N VAL B 1037 -0.33 -67.23 7.40
CA VAL B 1037 -0.93 -68.50 7.80
C VAL B 1037 -0.03 -69.21 8.80
N PHE B 1038 1.28 -69.13 8.61
CA PHE B 1038 2.22 -69.78 9.53
C PHE B 1038 2.19 -69.12 10.90
N ARG B 1039 2.17 -67.79 10.94
CA ARG B 1039 2.17 -67.05 12.20
C ARG B 1039 0.77 -67.05 12.82
N HIS B 1048 8.62 -48.14 10.98
CA HIS B 1048 8.46 -46.95 10.15
C HIS B 1048 7.86 -45.79 10.93
N LEU B 1049 6.77 -45.24 10.39
CA LEU B 1049 6.07 -44.12 11.01
C LEU B 1049 5.50 -44.49 12.37
N GLU B 1050 4.98 -45.71 12.46
CA GLU B 1050 4.36 -46.24 13.67
C GLU B 1050 5.29 -46.33 14.89
N ARG B 1051 6.56 -46.64 14.66
CA ARG B 1051 7.50 -46.82 15.76
C ARG B 1051 7.60 -45.61 16.67
N ASP B 1052 7.64 -45.88 17.97
CA ASP B 1052 7.73 -44.85 19.00
C ASP B 1052 8.80 -45.19 20.02
N LEU B 1053 9.33 -44.15 20.67
CA LEU B 1053 10.39 -44.31 21.67
C LEU B 1053 9.91 -44.75 23.05
N PRO B 1054 10.83 -44.74 24.03
CA PRO B 1054 10.57 -45.14 25.41
C PRO B 1054 10.19 -43.92 26.24
N ASP B 1055 9.81 -44.15 27.49
CA ASP B 1055 9.40 -43.07 28.39
C ASP B 1055 10.43 -41.94 28.45
N PRO B 1056 11.63 -42.25 28.94
CA PRO B 1056 12.73 -41.29 29.09
C PRO B 1056 12.95 -40.46 27.85
N VAL B 1057 13.35 -41.11 26.76
CA VAL B 1057 13.62 -40.44 25.50
C VAL B 1057 12.50 -39.51 25.07
N ASP B 1058 11.29 -40.04 25.00
CA ASP B 1058 10.15 -39.24 24.55
C ASP B 1058 9.96 -38.02 25.41
N GLN B 1059 9.98 -38.16 26.81
CA GLN B 1059 9.71 -37.08 27.74
C GLN B 1059 10.56 -35.86 27.43
N LYS B 1060 11.85 -36.07 27.20
CA LYS B 1060 12.71 -34.97 26.78
C LYS B 1060 12.16 -34.27 25.56
N ILE B 1061 11.68 -35.04 24.60
CA ILE B 1061 11.14 -34.45 23.38
C ILE B 1061 9.93 -33.57 23.71
N ILE B 1062 9.03 -34.10 24.52
CA ILE B 1062 7.84 -33.36 24.89
C ILE B 1062 8.21 -32.05 25.56
N THR B 1063 9.13 -32.11 26.51
CA THR B 1063 9.54 -30.90 27.21
C THR B 1063 10.18 -29.90 26.24
N TRP B 1064 11.00 -30.40 25.33
CA TRP B 1064 11.64 -29.52 24.36
C TRP B 1064 10.60 -28.82 23.50
N GLU B 1065 9.61 -29.57 23.01
CA GLU B 1065 8.55 -28.96 22.23
C GLU B 1065 7.81 -27.91 23.03
N THR B 1066 7.57 -28.20 24.31
CA THR B 1066 6.92 -27.22 25.16
C THR B 1066 7.71 -25.93 25.21
N VAL B 1067 9.02 -26.05 25.39
CA VAL B 1067 9.84 -24.85 25.47
C VAL B 1067 9.78 -24.10 24.15
N GLN B 1068 9.77 -24.82 23.04
CA GLN B 1068 9.66 -24.16 21.75
C GLN B 1068 8.37 -23.37 21.65
N LYS B 1069 7.27 -23.97 22.09
CA LYS B 1069 5.99 -23.27 22.02
C LYS B 1069 6.02 -22.00 22.86
N GLU B 1070 6.62 -22.08 24.05
CA GLU B 1070 6.71 -20.91 24.89
C GLU B 1070 7.50 -19.80 24.21
N ASN B 1071 8.64 -20.16 23.62
CA ASN B 1071 9.43 -19.15 22.91
C ASN B 1071 8.64 -18.53 21.79
N PHE B 1072 7.90 -19.36 21.06
CA PHE B 1072 7.09 -18.84 19.96
C PHE B 1072 6.08 -17.82 20.46
N LEU B 1073 5.38 -18.14 21.54
CA LEU B 1073 4.38 -17.22 22.05
C LEU B 1073 5.01 -15.94 22.57
N SER B 1074 6.13 -16.05 23.27
CA SER B 1074 6.80 -14.85 23.75
C SER B 1074 7.22 -13.97 22.59
N THR B 1075 7.69 -14.58 21.50
CA THR B 1075 8.07 -13.80 20.34
C THR B 1075 6.87 -13.10 19.73
N MET B 1076 5.74 -13.81 19.63
CA MET B 1076 4.54 -13.18 19.10
C MET B 1076 4.15 -11.98 19.93
N GLU B 1077 4.20 -12.13 21.26
CA GLU B 1077 3.88 -11.01 22.12
C GLU B 1077 4.84 -9.85 21.90
N LYS B 1078 6.13 -10.14 21.81
CA LYS B 1078 7.11 -9.08 21.60
C LYS B 1078 6.81 -8.33 20.32
N ARG B 1079 6.52 -9.06 19.24
CA ARG B 1079 6.16 -8.40 17.99
C ARG B 1079 4.90 -7.57 18.17
N ARG B 1080 3.99 -8.00 19.03
CA ARG B 1080 2.81 -7.20 19.30
C ARG B 1080 3.17 -5.91 20.02
N ARG B 1081 4.21 -5.96 20.86
CA ARG B 1081 4.59 -4.77 21.64
C ARG B 1081 5.04 -3.64 20.74
N ASP B 1082 5.71 -3.95 19.63
CA ASP B 1082 6.28 -2.95 18.76
C ASP B 1082 5.34 -2.52 17.66
N SER B 1083 4.05 -2.83 17.76
CA SER B 1083 3.12 -2.33 16.76
C SER B 1083 3.08 -0.81 16.83
N GLU B 1084 3.17 -0.17 15.67
CA GLU B 1084 3.12 1.28 15.63
C GLU B 1084 1.87 1.78 16.34
N GLU B 1085 0.77 1.07 16.16
CA GLU B 1085 -0.46 1.41 16.88
C GLU B 1085 -0.23 1.37 18.38
N GLU B 1086 0.40 0.31 18.89
CA GLU B 1086 0.63 0.22 20.32
C GLU B 1086 1.48 1.37 20.82
N VAL B 1087 2.54 1.69 20.07
CA VAL B 1087 3.41 2.80 20.47
C VAL B 1087 2.61 4.09 20.53
N LEU B 1088 1.79 4.33 19.51
CA LEU B 1088 0.99 5.54 19.48
C LEU B 1088 0.05 5.61 20.67
N ARG B 1089 -0.62 4.50 20.97
CA ARG B 1089 -1.58 4.52 22.07
C ARG B 1089 -0.87 4.79 23.39
N LYS B 1090 0.26 4.12 23.63
CA LYS B 1090 1.00 4.36 24.86
C LYS B 1090 1.43 5.81 24.94
N THR B 1091 1.89 6.37 23.82
CA THR B 1091 2.32 7.75 23.82
C THR B 1091 1.19 8.68 24.14
N ALA B 1092 0.03 8.46 23.52
CA ALA B 1092 -1.11 9.33 23.78
C ALA B 1092 -1.50 9.26 25.25
N HIS B 1093 -1.54 8.05 25.81
CA HIS B 1093 -1.92 7.90 27.21
C HIS B 1093 -0.97 8.66 28.10
N ARG B 1094 0.33 8.54 27.86
CA ARG B 1094 1.31 9.24 28.69
C ARG B 1094 1.18 10.74 28.55
N VAL B 1095 0.94 11.22 27.34
CA VAL B 1095 0.77 12.66 27.15
C VAL B 1095 -0.44 13.16 27.91
N ASP B 1096 -1.55 12.41 27.85
CA ASP B 1096 -2.74 12.85 28.56
C ASP B 1096 -2.49 12.88 30.05
N LEU B 1097 -1.80 11.87 30.58
CA LEU B 1097 -1.48 11.87 32.00
C LEU B 1097 -0.62 13.06 32.36
N ILE B 1098 0.40 13.34 31.55
CA ILE B 1098 1.28 14.46 31.82
C ILE B 1098 0.50 15.77 31.79
N ALA B 1099 -0.43 15.89 30.85
CA ALA B 1099 -1.22 17.11 30.75
C ALA B 1099 -2.11 17.30 31.96
N LYS B 1100 -2.80 16.24 32.37
CA LYS B 1100 -3.67 16.33 33.54
C LYS B 1100 -2.86 16.68 34.79
N TYR B 1101 -1.67 16.08 34.92
CA TYR B 1101 -0.85 16.34 36.11
C TYR B 1101 -0.32 17.77 36.10
N ILE B 1102 0.28 18.19 34.99
CA ILE B 1102 0.84 19.54 34.87
C ILE B 1102 -0.23 20.60 35.06
N CYS C 35 62.63 40.09 4.24
CA CYS C 35 63.46 38.96 3.88
C CYS C 35 62.62 37.73 3.55
N LYS C 36 62.07 37.71 2.34
CA LYS C 36 61.22 36.61 1.88
C LYS C 36 62.07 35.51 1.26
N GLY C 37 61.70 34.26 1.54
CA GLY C 37 62.42 33.14 0.98
C GLY C 37 61.49 31.95 0.81
N GLU C 38 62.03 30.91 0.19
CA GLU C 38 61.26 29.69 -0.07
C GLU C 38 62.08 28.48 0.32
N VAL C 39 61.41 27.49 0.89
CA VAL C 39 62.03 26.21 1.26
C VAL C 39 61.47 25.13 0.36
N ASN C 40 62.34 24.57 -0.49
CA ASN C 40 61.92 23.60 -1.50
C ASN C 40 62.00 22.20 -0.88
N PHE C 41 60.95 21.84 -0.17
CA PHE C 41 60.85 20.53 0.46
C PHE C 41 60.03 19.57 -0.41
N LYS C 47 57.70 20.75 -2.90
CA LYS C 47 56.85 21.36 -1.90
C LYS C 47 57.48 22.62 -1.33
N ARG C 48 57.67 23.63 -2.19
CA ARG C 48 58.29 24.88 -1.80
C ARG C 48 57.30 25.71 -0.99
N SER C 49 57.71 26.11 0.21
CA SER C 49 56.86 26.85 1.15
C SER C 49 57.54 28.19 1.42
N LYS C 50 56.78 29.27 1.28
CA LYS C 50 57.36 30.60 1.47
C LYS C 50 57.40 30.97 2.95
N PHE C 51 58.32 31.88 3.27
CA PHE C 51 58.49 32.33 4.64
C PHE C 51 59.00 33.76 4.63
N VAL C 52 58.55 34.54 5.60
CA VAL C 52 58.96 35.93 5.75
C VAL C 52 59.37 36.16 7.19
N LYS C 53 60.60 36.61 7.39
CA LYS C 53 61.06 36.91 8.73
C LYS C 53 60.69 38.35 9.09
N VAL C 54 59.95 38.52 10.19
CA VAL C 54 59.46 39.83 10.58
C VAL C 54 59.71 40.04 12.07
N PRO C 55 60.35 41.12 12.47
CA PRO C 55 60.45 41.44 13.90
C PRO C 55 59.13 41.99 14.42
N SER C 56 59.08 42.18 15.73
CA SER C 56 57.87 42.69 16.35
C SER C 56 57.73 44.20 16.13
N ASN C 57 56.54 44.71 16.40
CA ASN C 57 56.20 46.12 16.26
C ASN C 57 56.30 46.62 14.83
N VAL C 58 56.28 45.72 13.85
CA VAL C 58 56.31 46.10 12.44
C VAL C 58 54.92 46.53 12.00
N ALA C 59 54.87 47.54 11.13
CA ALA C 59 53.61 48.04 10.60
C ALA C 59 52.81 46.89 9.97
N PRO C 60 51.66 46.54 10.54
CA PRO C 60 50.89 45.39 10.03
C PRO C 60 50.45 45.57 8.59
N SER C 61 50.07 46.80 8.24
CA SER C 61 49.61 47.09 6.88
C SER C 61 50.60 46.60 5.83
N MET C 62 51.89 46.88 6.04
CA MET C 62 52.91 46.41 5.12
C MET C 62 52.92 44.90 5.04
N LEU C 63 52.76 44.23 6.17
CA LEU C 63 52.74 42.77 6.19
C LEU C 63 51.58 42.22 5.39
N PHE C 64 50.37 42.74 5.62
CA PHE C 64 49.18 42.25 4.93
C PHE C 64 49.30 42.49 3.43
N GLU C 65 49.81 43.67 3.05
CA GLU C 65 49.93 43.99 1.63
C GLU C 65 50.99 43.11 0.96
N LEU C 66 52.13 42.90 1.63
CA LEU C 66 53.14 42.00 1.08
C LEU C 66 52.56 40.62 0.88
N LEU C 67 51.86 40.10 1.90
CA LEU C 67 51.17 38.83 1.76
C LEU C 67 50.33 38.80 0.49
N LEU C 68 49.36 39.72 0.40
CA LEU C 68 48.38 39.68 -0.69
C LEU C 68 49.07 39.77 -2.06
N THR C 69 50.01 40.70 -2.22
CA THR C 69 50.60 40.90 -3.54
C THR C 69 51.63 39.81 -3.85
N GLU C 70 52.68 39.68 -3.03
CA GLU C 70 53.78 38.80 -3.38
C GLU C 70 53.37 37.33 -3.34
N TRP C 71 52.41 36.95 -2.50
CA TRP C 71 51.96 35.57 -2.49
C TRP C 71 50.76 35.34 -3.40
N HIS C 72 50.08 36.40 -3.84
CA HIS C 72 48.94 36.31 -4.75
C HIS C 72 47.86 35.39 -4.18
N LEU C 73 47.52 35.67 -2.92
CA LEU C 73 46.49 34.91 -2.22
C LEU C 73 45.14 35.59 -2.39
N PRO C 74 44.06 34.83 -2.51
CA PRO C 74 42.75 35.42 -2.75
C PRO C 74 42.27 36.20 -1.53
N ALA C 75 41.39 37.16 -1.79
CA ALA C 75 40.81 37.93 -0.70
C ALA C 75 39.98 37.02 0.20
N PRO C 76 40.12 37.15 1.50
CA PRO C 76 39.42 36.24 2.41
C PRO C 76 38.04 36.74 2.79
N ASN C 77 37.05 35.85 2.78
CA ASN C 77 35.72 36.18 3.27
C ASN C 77 35.54 35.87 4.75
N LEU C 78 36.58 35.35 5.40
CA LEU C 78 36.51 34.98 6.81
C LEU C 78 37.92 34.66 7.29
N VAL C 79 38.18 34.98 8.56
CA VAL C 79 39.43 34.59 9.22
C VAL C 79 39.11 34.14 10.64
N VAL C 80 39.65 32.99 11.03
CA VAL C 80 39.50 32.44 12.37
C VAL C 80 40.88 32.14 12.92
N SER C 81 41.12 32.53 14.17
CA SER C 81 42.43 32.43 14.78
C SER C 81 42.38 31.41 15.92
N LEU C 82 43.25 30.40 15.84
CA LEU C 82 43.35 29.40 16.89
C LEU C 82 44.07 30.00 18.10
N VAL C 83 43.69 29.53 19.28
CA VAL C 83 44.26 30.02 20.54
C VAL C 83 44.70 28.89 21.46
N GLY C 84 44.63 27.63 21.01
CA GLY C 84 44.99 26.53 21.87
C GLY C 84 45.91 25.51 21.23
N GLU C 85 46.98 25.14 21.94
CA GLU C 85 47.91 24.09 21.49
C GLU C 85 48.54 23.47 22.74
N GLU C 86 48.00 22.33 23.16
CA GLU C 86 48.55 21.55 24.27
C GLU C 86 48.60 20.09 23.85
N ARG C 87 49.80 19.59 23.58
CA ARG C 87 49.95 18.22 23.11
C ARG C 87 49.65 17.21 24.21
N LEU C 88 49.48 17.66 25.45
CA LEU C 88 49.27 16.73 26.55
C LEU C 88 47.95 15.99 26.41
N PHE C 89 46.87 16.70 26.09
CA PHE C 89 45.54 16.13 26.01
C PHE C 89 45.19 15.84 24.55
N ALA C 90 44.82 14.60 24.26
CA ALA C 90 44.46 14.21 22.92
C ALA C 90 43.05 14.67 22.59
N MET C 91 42.72 14.59 21.30
CA MET C 91 41.42 15.06 20.81
C MET C 91 40.41 13.92 20.83
N LYS C 92 39.28 14.15 21.50
CA LYS C 92 38.22 13.15 21.55
C LYS C 92 37.51 13.06 20.21
N SER C 93 36.65 12.05 20.08
CA SER C 93 35.91 11.84 18.84
C SER C 93 34.97 13.01 18.56
N TRP C 94 34.08 13.30 19.50
CA TRP C 94 33.10 14.38 19.37
C TRP C 94 33.76 15.70 18.98
N LEU C 95 35.04 15.86 19.33
CA LEU C 95 35.80 17.02 18.92
C LEU C 95 36.29 16.92 17.48
N ARG C 96 37.09 15.89 17.19
CA ARG C 96 37.66 15.72 15.86
C ARG C 96 36.59 15.79 14.79
N ASP C 97 35.58 14.92 14.89
CA ASP C 97 34.64 14.74 13.79
C ASP C 97 34.04 16.08 13.37
N VAL C 98 33.29 16.72 14.26
CA VAL C 98 32.70 17.99 13.90
C VAL C 98 33.77 19.02 13.57
N LEU C 99 34.65 19.33 14.54
CA LEU C 99 35.57 20.45 14.42
C LEU C 99 36.29 20.46 13.09
N ARG C 100 36.77 19.31 12.62
CA ARG C 100 37.49 19.30 11.37
C ARG C 100 36.60 18.92 10.19
N LYS C 101 36.01 17.72 10.19
CA LYS C 101 35.25 17.30 9.02
C LYS C 101 34.08 18.26 8.76
N GLY C 102 33.19 18.43 9.74
CA GLY C 102 31.94 19.13 9.47
C GLY C 102 32.15 20.61 9.27
N LEU C 103 33.22 21.16 9.83
CA LEU C 103 33.50 22.59 9.65
C LEU C 103 34.21 22.84 8.33
N VAL C 104 35.30 22.12 8.06
CA VAL C 104 36.09 22.43 6.87
C VAL C 104 35.38 21.97 5.60
N LYS C 105 34.62 20.88 5.65
CA LYS C 105 33.87 20.46 4.47
C LYS C 105 32.87 21.54 4.04
N ALA C 106 32.30 22.25 5.02
CA ALA C 106 31.41 23.36 4.69
C ALA C 106 32.19 24.59 4.25
N ALA C 107 33.30 24.89 4.95
CA ALA C 107 34.08 26.08 4.62
C ALA C 107 34.74 25.97 3.26
N GLN C 108 34.83 24.77 2.70
CA GLN C 108 35.41 24.59 1.38
C GLN C 108 34.56 25.20 0.28
N SER C 109 33.40 25.75 0.63
CA SER C 109 32.53 26.39 -0.35
C SER C 109 32.76 27.89 -0.43
N THR C 110 33.22 28.52 0.65
CA THR C 110 33.48 29.95 0.66
C THR C 110 34.93 30.31 0.94
N GLY C 111 35.72 29.41 1.52
CA GLY C 111 37.12 29.69 1.78
C GLY C 111 37.36 30.66 2.91
N ALA C 112 38.52 30.55 3.56
CA ALA C 112 38.85 31.39 4.70
C ALA C 112 40.35 31.25 4.98
N TRP C 113 40.80 31.89 6.06
CA TRP C 113 42.18 31.81 6.50
C TRP C 113 42.22 31.18 7.89
N ILE C 114 43.32 30.52 8.21
CA ILE C 114 43.50 29.85 9.50
C ILE C 114 44.84 30.31 10.06
N LEU C 115 44.82 31.05 11.16
CA LEU C 115 46.04 31.54 11.80
C LEU C 115 46.52 30.52 12.83
N THR C 116 46.99 29.39 12.33
CA THR C 116 47.45 28.29 13.19
C THR C 116 48.91 28.49 13.57
N SER C 117 49.23 28.24 14.83
CA SER C 117 50.60 28.39 15.30
C SER C 117 51.45 27.23 14.83
N ALA C 118 52.61 27.55 14.25
CA ALA C 118 53.53 26.54 13.75
C ALA C 118 54.69 26.32 14.72
N LEU C 119 55.65 25.49 14.29
CA LEU C 119 56.84 25.15 15.08
C LEU C 119 56.52 24.58 16.46
N HIS C 120 55.49 23.73 16.51
CA HIS C 120 55.06 23.11 17.75
C HIS C 120 54.32 21.82 17.46
N VAL C 121 54.19 20.95 18.45
CA VAL C 121 53.50 19.69 18.26
C VAL C 121 52.10 19.80 18.86
N GLY C 122 51.09 19.56 18.02
CA GLY C 122 49.71 19.64 18.44
C GLY C 122 48.76 19.48 17.27
N LEU C 123 47.48 19.69 17.52
CA LEU C 123 46.45 19.58 16.49
C LEU C 123 46.79 20.40 15.25
N ALA C 124 47.81 21.23 15.34
CA ALA C 124 48.23 22.06 14.21
C ALA C 124 48.49 21.22 12.97
N ARG C 125 49.36 20.21 13.08
CA ARG C 125 49.66 19.37 11.93
C ARG C 125 48.43 18.58 11.49
N HIS C 126 47.57 18.22 12.44
CA HIS C 126 46.32 17.55 12.09
C HIS C 126 45.50 18.42 11.15
N VAL C 127 45.24 19.67 11.55
CA VAL C 127 44.47 20.57 10.71
C VAL C 127 45.17 20.81 9.38
N GLY C 128 46.50 20.96 9.41
CA GLY C 128 47.24 21.23 8.20
C GLY C 128 47.09 20.12 7.17
N GLN C 129 47.38 18.88 7.57
CA GLN C 129 47.22 17.77 6.64
C GLN C 129 45.77 17.54 6.28
N ALA C 130 44.85 17.88 7.17
CA ALA C 130 43.43 17.73 6.85
C ALA C 130 43.04 18.64 5.70
N VAL C 131 43.52 19.90 5.72
CA VAL C 131 43.22 20.80 4.61
C VAL C 131 43.82 20.28 3.30
N ARG C 132 45.03 19.71 3.37
CA ARG C 132 45.66 19.21 2.16
C ARG C 132 44.89 18.01 1.60
N ASP C 133 44.45 17.11 2.48
CA ASP C 133 43.71 15.94 2.03
C ASP C 133 42.34 16.34 1.49
N HIS C 134 41.73 17.38 2.07
CA HIS C 134 40.46 17.86 1.54
C HIS C 134 40.63 18.51 0.18
N SER C 135 41.69 19.30 0.01
CA SER C 135 41.96 19.93 -1.28
C SER C 135 42.29 18.88 -2.35
N LEU C 136 42.94 17.78 -1.94
CA LEU C 136 43.25 16.71 -2.89
C LEU C 136 41.98 16.13 -3.50
N ALA C 137 40.87 16.21 -2.77
CA ALA C 137 39.59 15.72 -3.28
C ALA C 137 38.74 16.88 -3.79
N VAL C 143 37.86 29.49 -4.46
CA VAL C 143 37.61 29.30 -3.04
C VAL C 143 38.47 28.18 -2.48
N ARG C 144 39.34 28.53 -1.54
CA ARG C 144 40.22 27.54 -0.90
C ARG C 144 40.45 27.94 0.55
N VAL C 145 40.86 26.95 1.33
CA VAL C 145 41.19 27.16 2.74
C VAL C 145 42.68 26.98 2.91
N VAL C 146 43.33 27.97 3.53
CA VAL C 146 44.77 27.95 3.72
C VAL C 146 45.08 28.24 5.18
N ALA C 147 46.28 27.86 5.60
CA ALA C 147 46.74 28.03 6.97
C ALA C 147 48.03 28.83 6.96
N ILE C 148 48.13 29.81 7.86
CA ILE C 148 49.30 30.68 7.97
C ILE C 148 49.92 30.41 9.34
N GLY C 149 51.18 29.99 9.34
CA GLY C 149 51.87 29.65 10.57
C GLY C 149 52.77 30.77 11.04
N MET C 150 52.48 31.29 12.22
CA MET C 150 53.29 32.32 12.85
C MET C 150 53.85 31.81 14.17
N ALA C 151 55.13 32.08 14.40
CA ALA C 151 55.82 31.57 15.58
C ALA C 151 57.10 32.37 15.79
N SER C 152 57.55 32.40 17.04
CA SER C 152 58.76 33.13 17.39
C SER C 152 59.99 32.38 16.86
N LEU C 153 60.94 33.15 16.31
CA LEU C 153 62.12 32.56 15.70
C LEU C 153 63.07 31.94 16.72
N ASP C 154 62.93 32.27 18.01
CA ASP C 154 63.85 31.75 19.00
C ASP C 154 63.55 30.30 19.35
N ARG C 155 62.28 29.96 19.52
CA ARG C 155 61.91 28.60 19.92
C ARG C 155 62.12 27.57 18.82
N ILE C 156 62.29 28.00 17.57
CA ILE C 156 62.52 27.08 16.47
C ILE C 156 63.90 26.45 16.63
N LEU C 157 64.04 25.22 16.16
CA LEU C 157 65.33 24.56 16.11
C LEU C 157 66.00 24.81 14.76
N HIS C 158 67.33 24.88 14.77
CA HIS C 158 68.13 25.13 13.57
C HIS C 158 67.72 26.45 12.92
N ARG C 159 67.69 27.50 13.75
CA ARG C 159 67.35 28.84 13.27
C ARG C 159 68.53 29.57 12.66
N GLN C 160 69.75 29.27 13.11
CA GLN C 160 70.93 29.88 12.49
C GLN C 160 71.11 29.38 11.06
N LEU C 161 70.80 28.11 10.80
CA LEU C 161 70.89 27.58 9.45
C LEU C 161 69.86 28.23 8.53
N LEU C 162 68.69 28.59 9.06
CA LEU C 162 67.69 29.27 8.25
C LEU C 162 68.08 30.72 8.03
N ASP C 163 68.62 31.38 9.05
CA ASP C 163 68.99 32.79 8.94
C ASP C 163 70.13 33.00 7.96
N GLY C 164 71.01 32.01 7.81
CA GLY C 164 72.13 32.12 6.89
C GLY C 164 71.87 31.50 5.53
N THR C 171 66.20 30.50 -2.11
CA THR C 171 67.26 29.90 -1.29
C THR C 171 66.67 28.94 -0.27
N PRO C 172 66.44 27.69 -0.68
CA PRO C 172 65.86 26.70 0.24
C PRO C 172 66.87 26.27 1.29
N ILE C 173 66.68 26.73 2.52
CA ILE C 173 67.48 26.25 3.63
C ILE C 173 66.96 24.88 4.06
N HIS C 174 67.79 23.86 3.86
CA HIS C 174 67.36 22.49 4.13
C HIS C 174 66.96 22.34 5.58
N TYR C 175 65.77 21.76 5.80
CA TYR C 175 65.21 21.61 7.14
C TYR C 175 64.77 20.17 7.42
N PRO C 176 65.68 19.19 7.33
CA PRO C 176 65.35 17.84 7.79
C PRO C 176 65.61 17.71 9.29
N ALA C 177 64.54 17.63 10.07
CA ALA C 177 64.62 17.54 11.51
C ALA C 177 64.07 16.19 11.98
N ASP C 178 64.79 15.54 12.88
CA ASP C 178 64.36 14.25 13.40
C ASP C 178 63.19 14.41 14.37
N LEU C 186 62.80 24.03 23.06
CA LEU C 186 63.11 23.78 21.66
C LEU C 186 62.19 22.71 21.08
N CYS C 187 61.77 22.91 19.83
CA CYS C 187 60.89 21.98 19.15
C CYS C 187 61.07 22.15 17.66
N PRO C 188 61.09 21.07 16.89
CA PRO C 188 61.25 21.18 15.43
C PRO C 188 60.00 21.73 14.76
N LEU C 189 60.17 22.11 13.51
CA LEU C 189 59.13 22.78 12.75
C LEU C 189 58.46 21.82 11.78
N ASP C 190 57.18 22.07 11.51
CA ASP C 190 56.41 21.25 10.60
C ASP C 190 56.78 21.56 9.15
N SER C 191 56.69 20.54 8.31
CA SER C 191 56.83 20.71 6.87
C SER C 191 55.52 20.53 6.13
N ASN C 192 54.38 20.63 6.81
CA ASN C 192 53.09 20.54 6.13
C ASN C 192 52.58 21.91 5.71
N LEU C 193 52.58 22.88 6.62
CA LEU C 193 52.07 24.21 6.33
C LEU C 193 52.91 24.86 5.23
N SER C 194 52.24 25.55 4.31
CA SER C 194 52.88 26.07 3.11
C SER C 194 53.39 27.48 3.24
N HIS C 195 53.11 28.18 4.34
CA HIS C 195 53.54 29.56 4.50
C HIS C 195 53.98 29.79 5.94
N PHE C 196 54.90 30.73 6.11
CA PHE C 196 55.42 31.00 7.44
C PHE C 196 55.67 32.49 7.63
N ILE C 197 55.22 32.99 8.78
CA ILE C 197 55.49 34.36 9.22
C ILE C 197 56.32 34.26 10.49
N LEU C 198 57.64 34.26 10.34
CA LEU C 198 58.55 33.97 11.44
C LEU C 198 58.93 35.25 12.16
N VAL C 199 58.81 35.24 13.47
CA VAL C 199 59.14 36.39 14.30
C VAL C 199 60.63 36.38 14.65
N LEU C 211 55.28 37.27 20.73
CA LEU C 211 54.70 37.44 19.39
C LEU C 211 53.22 37.77 19.47
N ALA C 212 52.66 37.69 20.68
CA ALA C 212 51.23 37.92 20.86
C ALA C 212 50.82 39.31 20.38
N GLU C 213 51.68 40.30 20.58
CA GLU C 213 51.37 41.65 20.12
C GLU C 213 51.15 41.69 18.62
N LEU C 214 51.95 40.93 17.87
CA LEU C 214 51.79 40.89 16.43
C LEU C 214 50.44 40.30 16.04
N GLN C 215 50.06 39.18 16.67
CA GLN C 215 48.78 38.57 16.37
C GLN C 215 47.63 39.51 16.68
N LEU C 216 47.67 40.17 17.85
CA LEU C 216 46.62 41.11 18.21
C LEU C 216 46.52 42.26 17.22
N SER C 217 47.66 42.85 16.85
CA SER C 217 47.63 44.01 15.97
C SER C 217 47.22 43.62 14.57
N LEU C 218 47.61 42.42 14.12
CA LEU C 218 47.20 41.96 12.80
C LEU C 218 45.71 41.67 12.76
N GLU C 219 45.16 41.13 13.85
CA GLU C 219 43.71 40.97 13.90
C GLU C 219 43.01 42.32 13.88
N LYS C 220 43.56 43.30 14.59
CA LYS C 220 42.97 44.64 14.57
C LYS C 220 43.02 45.24 13.18
N HIS C 221 44.09 44.97 12.44
CA HIS C 221 44.17 45.49 11.08
C HIS C 221 43.19 44.79 10.15
N ILE C 222 43.10 43.46 10.24
CA ILE C 222 42.21 42.73 9.33
C ILE C 222 40.75 43.08 9.59
N SER C 223 40.36 43.16 10.88
CA SER C 223 38.99 43.48 11.22
C SER C 223 38.57 44.88 10.78
N GLN C 224 39.49 45.68 10.27
CA GLN C 224 39.23 47.08 9.93
C GLN C 224 39.26 47.35 8.44
N GLN C 225 40.21 46.75 7.72
CA GLN C 225 40.35 47.03 6.29
C GLN C 225 39.10 46.60 5.54
N ARG C 226 38.68 47.41 4.59
CA ARG C 226 37.45 47.20 3.83
C ARG C 226 37.81 46.73 2.42
N THR C 227 37.60 45.45 2.15
CA THR C 227 38.00 44.85 0.88
C THR C 227 36.92 44.95 -0.20
N GLY C 228 35.73 45.45 0.14
CA GLY C 228 34.67 45.58 -0.84
C GLY C 228 35.02 46.55 -1.97
N SER C 233 29.48 49.00 -3.19
CA SER C 233 30.12 47.73 -2.86
C SER C 233 31.32 47.94 -1.95
N SER C 234 31.05 48.10 -0.65
CA SER C 234 32.09 48.26 0.36
C SER C 234 31.76 47.34 1.52
N ILE C 235 32.46 46.20 1.60
CA ILE C 235 32.16 45.17 2.59
C ILE C 235 33.38 44.97 3.49
N GLN C 236 33.12 44.53 4.71
CA GLN C 236 34.14 44.29 5.71
C GLN C 236 34.59 42.84 5.66
N ILE C 237 35.56 42.51 6.50
CA ILE C 237 36.11 41.16 6.62
C ILE C 237 35.82 40.67 8.04
N PRO C 238 35.05 39.61 8.22
CA PRO C 238 34.77 39.11 9.57
C PRO C 238 35.98 38.40 10.17
N VAL C 239 36.12 38.53 11.48
CA VAL C 239 37.20 37.92 12.23
C VAL C 239 36.60 37.18 13.42
N LEU C 240 37.19 36.04 13.76
CA LEU C 240 36.73 35.26 14.90
C LEU C 240 37.89 34.54 15.54
N CYS C 241 37.75 34.23 16.83
CA CYS C 241 38.79 33.58 17.60
C CYS C 241 38.24 32.30 18.22
N LEU C 242 39.00 31.22 18.13
CA LEU C 242 38.57 29.89 18.56
C LEU C 242 39.51 29.39 19.64
N LEU C 243 39.04 29.35 20.88
CA LEU C 243 39.86 28.95 22.03
C LEU C 243 39.64 27.47 22.29
N VAL C 244 40.71 26.69 22.24
CA VAL C 244 40.63 25.22 22.36
C VAL C 244 41.61 24.79 23.44
N ASN C 245 41.12 24.68 24.68
CA ASN C 245 41.86 24.11 25.81
C ASN C 245 43.29 24.64 25.92
N GLY C 246 43.40 25.95 26.16
CA GLY C 246 44.70 26.57 26.25
C GLY C 246 45.28 26.56 27.65
N ASP C 247 46.51 27.06 27.74
CA ASP C 247 47.22 27.20 29.01
C ASP C 247 46.81 28.51 29.68
N PRO C 248 47.10 28.65 30.98
CA PRO C 248 46.67 29.88 31.69
C PRO C 248 47.22 31.16 31.09
N SER C 249 48.44 31.13 30.55
CA SER C 249 49.05 32.35 30.03
C SER C 249 48.18 33.03 28.98
N THR C 250 47.49 32.24 28.15
CA THR C 250 46.67 32.78 27.07
C THR C 250 45.62 33.75 27.61
N LEU C 251 45.35 33.69 28.91
CA LEU C 251 44.48 34.67 29.56
C LEU C 251 44.87 36.09 29.15
N GLU C 252 46.15 36.43 29.32
CA GLU C 252 46.62 37.75 28.88
C GLU C 252 46.32 37.97 27.41
N ARG C 253 46.66 36.98 26.57
CA ARG C 253 46.39 37.08 25.15
C ARG C 253 44.92 37.33 24.86
N MET C 254 44.03 36.84 25.73
CA MET C 254 42.61 37.09 25.53
C MET C 254 42.18 38.43 26.12
N SER C 255 42.82 38.86 27.21
CA SER C 255 42.36 40.03 27.95
C SER C 255 42.28 41.25 27.03
N ARG C 256 43.42 41.71 26.52
CA ARG C 256 43.42 42.83 25.60
C ARG C 256 42.57 42.55 24.37
N ALA C 257 42.39 41.26 24.03
CA ALA C 257 41.56 40.92 22.88
C ALA C 257 40.14 41.42 23.04
N VAL C 258 39.65 41.52 24.27
CA VAL C 258 38.30 42.03 24.49
C VAL C 258 38.24 43.51 24.12
N GLU C 259 39.33 44.24 24.35
CA GLU C 259 39.39 45.63 23.93
C GLU C 259 39.47 45.75 22.41
N GLN C 260 39.92 44.71 21.73
CA GLN C 260 40.13 44.75 20.29
C GLN C 260 38.86 44.54 19.48
N ALA C 261 37.72 44.27 20.14
CA ALA C 261 36.43 44.14 19.48
C ALA C 261 36.45 43.02 18.43
N ALA C 262 36.66 41.80 18.89
CA ALA C 262 36.60 40.62 18.04
C ALA C 262 35.89 39.51 18.81
N PRO C 263 34.83 38.92 18.25
CA PRO C 263 34.05 37.94 19.01
C PRO C 263 34.85 36.66 19.25
N TRP C 264 34.76 36.17 20.48
CA TRP C 264 35.45 34.95 20.89
C TRP C 264 34.43 33.81 21.02
N LEU C 265 34.84 32.62 20.61
CA LEU C 265 34.01 31.43 20.73
C LEU C 265 34.78 30.40 21.56
N ILE C 266 34.23 30.03 22.70
CA ILE C 266 34.92 29.15 23.65
C ILE C 266 34.23 27.80 23.66
N LEU C 267 35.00 26.75 23.35
CA LEU C 267 34.48 25.39 23.36
C LEU C 267 34.48 24.88 24.79
N ALA C 268 33.29 24.58 25.31
CA ALA C 268 33.12 24.35 26.75
C ALA C 268 33.71 23.03 27.21
N GLY C 269 33.74 22.02 26.35
CA GLY C 269 34.32 20.73 26.70
C GLY C 269 35.76 20.56 26.30
N SER C 270 36.48 21.63 26.01
CA SER C 270 37.82 21.51 25.45
C SER C 270 38.76 20.78 26.40
N GLY C 271 38.85 21.27 27.65
CA GLY C 271 39.68 20.62 28.65
C GLY C 271 40.93 21.35 29.05
N GLY C 272 40.98 22.66 28.90
CA GLY C 272 42.11 23.43 29.38
C GLY C 272 41.67 24.59 30.24
N ILE C 273 42.06 25.81 29.86
CA ILE C 273 41.47 26.99 30.48
C ILE C 273 40.08 27.25 29.97
N ALA C 274 39.74 26.70 28.78
CA ALA C 274 38.38 26.81 28.28
C ALA C 274 37.38 26.26 29.28
N ASP C 275 37.76 25.21 30.02
CA ASP C 275 36.86 24.63 31.00
C ASP C 275 36.52 25.63 32.09
N VAL C 276 37.54 26.17 32.76
CA VAL C 276 37.30 27.11 33.85
C VAL C 276 36.60 28.36 33.34
N LEU C 277 36.90 28.77 32.11
CA LEU C 277 36.24 29.93 31.54
C LEU C 277 34.75 29.65 31.34
N ALA C 278 34.43 28.54 30.66
CA ALA C 278 33.04 28.14 30.49
C ALA C 278 32.32 28.06 31.81
N ALA C 279 32.99 27.60 32.85
CA ALA C 279 32.36 27.52 34.16
C ALA C 279 32.07 28.91 34.72
N LEU C 280 33.05 29.82 34.63
CA LEU C 280 33.00 31.06 35.38
C LEU C 280 32.60 32.28 34.55
N VAL C 281 31.88 32.08 33.45
CA VAL C 281 31.28 33.25 32.79
C VAL C 281 29.92 33.55 33.42
N GLY C 282 29.29 32.56 34.04
CA GLY C 282 28.03 32.76 34.73
C GLY C 282 28.10 32.40 36.19
N GLN C 283 27.89 33.38 37.06
CA GLN C 283 27.93 33.16 38.50
C GLN C 283 26.93 34.06 39.20
N PRO C 284 26.58 33.77 40.46
CA PRO C 284 25.85 34.78 41.24
C PRO C 284 26.65 36.06 41.42
N HIS C 285 27.85 35.94 41.98
CA HIS C 285 28.82 37.03 42.03
C HIS C 285 29.99 36.63 41.14
N LEU C 286 30.04 37.23 39.95
CA LEU C 286 31.08 36.86 38.99
C LEU C 286 32.48 37.11 39.54
N LEU C 287 32.59 37.99 40.53
CA LEU C 287 33.87 38.18 41.20
C LEU C 287 34.35 36.87 41.82
N VAL C 288 35.59 36.50 41.52
CA VAL C 288 36.14 35.23 41.96
C VAL C 288 37.28 35.46 42.94
N PRO C 289 37.00 35.69 44.21
CA PRO C 289 38.11 35.87 45.17
C PRO C 289 38.92 34.61 45.32
N GLN C 290 38.25 33.49 45.58
CA GLN C 290 38.90 32.21 45.80
C GLN C 290 38.28 31.06 45.04
N VAL C 291 37.07 31.22 44.48
CA VAL C 291 36.47 30.16 43.68
C VAL C 291 37.32 29.90 42.43
N THR C 292 37.99 30.94 41.94
CA THR C 292 38.95 30.73 40.86
C THR C 292 40.08 29.80 41.32
N GLU C 293 40.56 29.99 42.54
CA GLU C 293 41.54 29.07 43.11
C GLU C 293 40.98 27.66 43.17
N LYS C 294 39.70 27.54 43.54
CA LYS C 294 39.06 26.23 43.58
C LYS C 294 39.07 25.55 42.22
N GLN C 295 38.69 26.30 41.17
CA GLN C 295 38.68 25.72 39.84
C GLN C 295 40.08 25.35 39.37
N PHE C 296 41.03 26.26 39.53
CA PHE C 296 42.40 25.98 39.10
C PHE C 296 42.97 24.80 39.87
N ARG C 297 42.52 24.58 41.11
CA ARG C 297 42.91 23.38 41.83
C ARG C 297 42.24 22.15 41.26
N GLU C 298 40.99 22.29 40.81
CA GLU C 298 40.26 21.16 40.26
C GLU C 298 40.89 20.69 38.96
N LYS C 299 41.03 21.59 37.99
CA LYS C 299 41.56 21.22 36.68
C LYS C 299 43.05 21.46 36.61
N PHE C 300 43.73 20.59 35.84
CA PHE C 300 45.19 20.47 35.75
C PHE C 300 45.86 20.66 37.11
N PRO C 301 45.60 19.77 38.06
CA PRO C 301 46.12 19.96 39.43
C PRO C 301 47.62 19.73 39.56
N SER C 302 48.30 19.23 38.52
CA SER C 302 49.72 18.97 38.64
C SER C 302 50.51 20.25 38.89
N GLU C 303 50.00 21.38 38.43
CA GLU C 303 50.68 22.66 38.56
C GLU C 303 50.14 23.41 39.76
N CYS C 304 51.00 23.65 40.75
CA CYS C 304 50.63 24.47 41.89
C CYS C 304 50.80 25.95 41.56
N PHE C 305 50.00 26.79 42.21
CA PHE C 305 49.96 28.21 41.92
C PHE C 305 50.01 29.01 43.21
N SER C 306 50.76 30.12 43.18
CA SER C 306 50.85 31.00 44.33
C SER C 306 49.62 31.91 44.42
N TRP C 307 49.15 32.13 45.64
CA TRP C 307 47.97 32.97 45.85
C TRP C 307 48.20 34.37 45.32
N GLU C 308 49.43 34.88 45.42
CA GLU C 308 49.76 36.19 44.88
C GLU C 308 49.61 36.20 43.36
N ALA C 309 49.87 35.07 42.71
CA ALA C 309 49.64 34.98 41.28
C ALA C 309 48.14 34.95 40.98
N ILE C 310 47.36 34.28 41.83
CA ILE C 310 45.92 34.14 41.58
C ILE C 310 45.24 35.50 41.70
N VAL C 311 45.56 36.25 42.75
CA VAL C 311 44.91 37.53 43.04
C VAL C 311 44.94 38.47 41.84
N HIS C 312 45.79 38.16 40.85
CA HIS C 312 45.85 38.94 39.61
C HIS C 312 44.97 38.34 38.53
N TRP C 313 45.04 37.02 38.35
CA TRP C 313 44.23 36.37 37.32
C TRP C 313 42.74 36.51 37.62
N THR C 314 42.37 36.54 38.89
CA THR C 314 40.97 36.74 39.22
C THR C 314 40.50 38.13 38.79
N GLU C 315 41.36 39.14 38.91
CA GLU C 315 41.00 40.46 38.42
C GLU C 315 40.93 40.47 36.90
N LEU C 316 41.82 39.72 36.25
CA LEU C 316 41.75 39.57 34.80
C LEU C 316 40.38 39.00 34.39
N LEU C 317 39.93 37.97 35.08
CA LEU C 317 38.63 37.39 34.77
C LEU C 317 37.49 38.37 35.06
N GLN C 318 37.60 39.10 36.18
CA GLN C 318 36.56 40.08 36.50
C GLN C 318 36.47 41.16 35.45
N ASN C 319 37.59 41.46 34.77
CA ASN C 319 37.54 42.43 33.69
C ASN C 319 36.98 41.80 32.41
N ILE C 320 37.41 40.57 32.11
CA ILE C 320 36.98 39.94 30.86
C ILE C 320 35.47 39.71 30.86
N ALA C 321 34.94 39.20 31.95
CA ALA C 321 33.50 38.92 32.00
C ALA C 321 32.65 40.16 31.96
N ALA C 322 33.24 41.36 31.89
CA ALA C 322 32.49 42.60 31.85
C ALA C 322 32.05 42.97 30.44
N HIS C 323 32.19 42.06 29.48
CA HIS C 323 31.77 42.30 28.11
C HIS C 323 31.12 41.02 27.59
N PRO C 324 29.88 40.75 27.98
CA PRO C 324 29.26 39.46 27.64
C PRO C 324 28.93 39.32 26.17
N HIS C 325 28.74 40.44 25.48
CA HIS C 325 28.28 40.39 24.10
C HIS C 325 29.33 39.77 23.18
N LEU C 326 30.61 40.05 23.43
CA LEU C 326 31.64 39.58 22.53
C LEU C 326 31.81 38.07 22.62
N LEU C 327 32.14 37.56 23.80
CA LEU C 327 32.44 36.14 23.95
C LEU C 327 31.16 35.32 23.99
N THR C 328 31.26 34.07 23.52
CA THR C 328 30.15 33.11 23.60
C THR C 328 30.73 31.73 23.88
N VAL C 329 30.27 31.12 24.96
CA VAL C 329 30.67 29.77 25.30
C VAL C 329 29.64 28.78 24.78
N TYR C 330 30.11 27.67 24.20
CA TYR C 330 29.18 26.70 23.65
C TYR C 330 29.65 25.28 23.96
N ASP C 331 28.68 24.38 24.12
CA ASP C 331 28.93 22.98 24.42
C ASP C 331 28.46 22.13 23.26
N PHE C 332 29.33 21.21 22.82
CA PHE C 332 29.05 20.37 21.67
C PHE C 332 28.65 18.94 22.02
N GLU C 333 29.11 18.42 23.16
CA GLU C 333 28.86 17.02 23.46
C GLU C 333 27.41 16.79 23.87
N GLN C 334 26.83 17.72 24.63
CA GLN C 334 25.47 17.54 25.13
C GLN C 334 24.47 17.36 24.00
N GLU C 335 24.45 18.31 23.05
CA GLU C 335 23.59 18.22 21.88
C GLU C 335 24.31 18.83 20.70
N GLY C 336 24.94 17.98 19.89
CA GLY C 336 25.69 18.42 18.74
C GLY C 336 24.88 18.70 17.51
N SER C 337 23.56 18.90 17.66
CA SER C 337 22.71 19.16 16.50
C SER C 337 23.15 20.42 15.76
N GLU C 338 23.47 21.48 16.50
CA GLU C 338 23.92 22.73 15.88
C GLU C 338 25.35 22.56 15.41
N ASP C 339 25.55 22.56 14.10
CA ASP C 339 26.88 22.43 13.53
C ASP C 339 27.70 23.69 13.83
N LEU C 340 28.98 23.65 13.44
CA LEU C 340 29.88 24.75 13.78
C LEU C 340 29.50 26.03 13.04
N ASP C 341 29.14 25.91 11.76
CA ASP C 341 28.79 27.11 10.99
C ASP C 341 27.63 27.87 11.61
N THR C 342 26.67 27.14 12.18
CA THR C 342 25.52 27.78 12.80
C THR C 342 25.96 28.67 13.97
N VAL C 343 26.75 28.12 14.90
CA VAL C 343 27.17 28.91 16.04
C VAL C 343 28.13 30.01 15.64
N ILE C 344 28.95 29.78 14.61
CA ILE C 344 29.84 30.84 14.13
C ILE C 344 29.02 32.02 13.64
N LEU C 345 28.06 31.76 12.76
CA LEU C 345 27.23 32.85 12.25
C LEU C 345 26.44 33.52 13.36
N LYS C 346 25.94 32.72 14.31
CA LYS C 346 25.19 33.29 15.42
C LYS C 346 26.05 34.24 16.24
N ALA C 347 27.28 33.84 16.56
CA ALA C 347 28.18 34.69 17.35
C ALA C 347 28.57 35.94 16.56
N LEU C 348 28.83 35.78 15.26
CA LEU C 348 29.18 36.94 14.45
C LEU C 348 28.06 37.96 14.44
N VAL C 349 26.81 37.51 14.27
CA VAL C 349 25.70 38.46 14.26
C VAL C 349 25.47 39.06 15.64
N LYS C 350 25.62 38.25 16.70
CA LYS C 350 25.47 38.78 18.05
C LYS C 350 26.48 39.89 18.32
N ALA C 351 27.72 39.70 17.87
CA ALA C 351 28.74 40.73 18.07
C ALA C 351 28.46 41.96 17.22
N CYS C 352 28.08 41.75 15.95
CA CYS C 352 27.82 42.88 15.07
C CYS C 352 26.59 43.67 15.49
N LYS C 353 25.69 43.07 16.27
CA LYS C 353 24.54 43.80 16.78
C LYS C 353 24.97 44.97 17.66
N SER C 354 25.89 44.73 18.59
CA SER C 354 26.23 45.74 19.58
C SER C 354 26.94 46.93 18.96
N HIS C 355 27.78 46.69 17.94
CA HIS C 355 28.57 47.77 17.36
C HIS C 355 27.68 48.86 16.79
N SER C 356 26.90 48.54 15.77
CA SER C 356 26.09 49.54 15.09
C SER C 356 24.87 48.87 14.47
N ARG C 357 23.94 49.69 13.97
CA ARG C 357 22.72 49.22 13.32
C ARG C 357 22.56 49.78 11.92
N ASP C 358 23.68 50.00 11.21
CA ASP C 358 23.62 50.51 9.86
C ASP C 358 23.34 49.38 8.88
N ALA C 359 22.84 49.75 7.69
CA ALA C 359 22.51 48.75 6.70
C ALA C 359 23.76 48.08 6.14
N GLN C 360 24.79 48.87 5.86
CA GLN C 360 25.98 48.33 5.19
C GLN C 360 26.75 47.38 6.09
N ASP C 361 26.82 47.68 7.38
CA ASP C 361 27.69 46.93 8.28
C ASP C 361 27.28 45.46 8.38
N TYR C 362 25.99 45.18 8.17
CA TYR C 362 25.50 43.81 8.22
C TYR C 362 25.77 43.02 6.94
N LEU C 363 26.30 43.65 5.89
CA LEU C 363 26.37 42.98 4.60
C LEU C 363 27.30 41.77 4.63
N ASP C 364 28.55 41.97 5.08
CA ASP C 364 29.53 40.89 5.06
C ASP C 364 28.97 39.62 5.70
N GLU C 365 28.58 39.72 6.98
CA GLU C 365 27.98 38.58 7.66
C GLU C 365 26.82 38.01 6.86
N LEU C 366 25.93 38.88 6.38
CA LEU C 366 24.81 38.41 5.56
C LEU C 366 25.29 37.60 4.38
N LYS C 367 26.31 38.10 3.66
CA LYS C 367 26.84 37.35 2.54
C LYS C 367 27.26 35.96 2.97
N LEU C 368 27.92 35.87 4.12
CA LEU C 368 28.36 34.57 4.62
C LEU C 368 27.17 33.64 4.78
N ALA C 369 26.04 34.16 5.26
CA ALA C 369 24.84 33.34 5.38
C ALA C 369 24.44 32.76 4.03
N VAL C 370 24.48 33.57 2.97
CA VAL C 370 24.14 33.06 1.64
C VAL C 370 25.07 31.91 1.27
N ALA C 371 26.33 31.98 1.66
CA ALA C 371 27.26 30.92 1.34
C ALA C 371 26.96 29.66 2.15
N TRP C 372 26.40 29.82 3.35
CA TRP C 372 26.05 28.67 4.16
C TRP C 372 24.63 28.16 3.89
N ASP C 373 23.80 28.95 3.20
CA ASP C 373 22.40 28.61 2.96
C ASP C 373 21.66 28.39 4.28
N ARG C 374 21.61 29.45 5.08
CA ARG C 374 20.94 29.44 6.38
C ARG C 374 19.88 30.53 6.38
N VAL C 375 18.68 30.20 5.91
CA VAL C 375 17.63 31.20 5.76
C VAL C 375 17.01 31.53 7.12
N ASP C 376 16.84 30.53 7.98
CA ASP C 376 16.13 30.75 9.23
C ASP C 376 16.86 31.76 10.11
N ILE C 377 18.18 31.65 10.21
CA ILE C 377 18.94 32.57 11.06
C ILE C 377 18.91 33.97 10.47
N ALA C 378 19.14 34.10 9.16
CA ALA C 378 19.11 35.41 8.54
C ALA C 378 17.75 36.07 8.72
N LYS C 379 16.68 35.27 8.76
CA LYS C 379 15.35 35.82 9.00
C LYS C 379 15.18 36.23 10.46
N SER C 380 15.64 35.39 11.39
CA SER C 380 15.42 35.65 12.81
C SER C 380 16.29 36.79 13.31
N GLU C 381 17.58 36.73 13.01
CA GLU C 381 18.54 37.69 13.58
C GLU C 381 18.65 38.97 12.76
N ILE C 382 18.91 38.86 11.45
CA ILE C 382 19.18 40.05 10.65
C ILE C 382 17.88 40.79 10.35
N PHE C 383 16.91 40.10 9.74
CA PHE C 383 15.66 40.72 9.32
C PHE C 383 14.64 40.81 10.44
N ASN C 384 15.07 40.77 11.70
CA ASN C 384 14.14 40.81 12.83
C ASN C 384 13.33 42.09 12.87
N GLY C 385 13.82 43.16 12.27
CA GLY C 385 13.13 44.44 12.29
C GLY C 385 13.98 45.57 12.82
N ASP C 386 15.17 45.21 13.32
CA ASP C 386 16.10 46.23 13.81
C ASP C 386 16.64 47.09 12.66
N VAL C 387 17.29 46.44 11.70
CA VAL C 387 17.91 47.15 10.58
C VAL C 387 16.84 47.49 9.56
N GLU C 388 16.71 48.77 9.25
CA GLU C 388 15.78 49.21 8.21
C GLU C 388 16.46 49.11 6.84
N TRP C 389 15.99 48.18 6.02
CA TRP C 389 16.59 47.93 4.71
C TRP C 389 15.88 48.73 3.64
N LYS C 390 16.64 49.15 2.63
CA LYS C 390 16.10 49.85 1.47
C LYS C 390 16.39 49.06 0.21
N SER C 391 15.70 49.43 -0.87
CA SER C 391 15.87 48.71 -2.13
C SER C 391 17.18 49.05 -2.83
N CYS C 392 17.90 50.08 -2.36
CA CYS C 392 19.08 50.53 -3.08
C CYS C 392 20.27 49.61 -2.84
N ASP C 393 20.42 49.09 -1.63
CA ASP C 393 21.63 48.40 -1.22
C ASP C 393 21.53 46.88 -1.30
N LEU C 394 20.36 46.33 -1.59
CA LEU C 394 20.22 44.88 -1.65
C LEU C 394 20.58 44.32 -3.02
N GLU C 395 20.94 45.18 -3.96
CA GLU C 395 21.20 44.74 -5.33
C GLU C 395 22.35 43.74 -5.43
N GLU C 396 23.45 44.02 -4.75
CA GLU C 396 24.63 43.15 -4.85
C GLU C 396 24.34 41.76 -4.31
N VAL C 397 23.79 41.68 -3.09
CA VAL C 397 23.49 40.39 -2.51
C VAL C 397 22.39 39.69 -3.30
N MET C 398 21.51 40.46 -3.94
CA MET C 398 20.49 39.84 -4.78
C MET C 398 21.11 39.15 -5.99
N THR C 399 22.03 39.84 -6.67
CA THR C 399 22.72 39.22 -7.78
C THR C 399 23.52 38.01 -7.32
N ASP C 400 24.12 38.09 -6.13
CA ASP C 400 24.88 36.96 -5.61
C ASP C 400 23.98 35.77 -5.34
N ALA C 401 22.75 36.03 -4.89
CA ALA C 401 21.81 34.95 -4.65
C ALA C 401 21.27 34.37 -5.94
N LEU C 402 21.05 35.21 -6.96
CA LEU C 402 20.59 34.71 -8.25
C LEU C 402 21.63 33.83 -8.91
N VAL C 403 22.88 34.31 -8.99
CA VAL C 403 23.91 33.57 -9.70
C VAL C 403 24.17 32.22 -9.04
N SER C 404 24.15 32.18 -7.72
CA SER C 404 24.32 30.92 -7.00
C SER C 404 23.04 30.09 -6.93
N ASN C 405 21.99 30.51 -7.63
CA ASN C 405 20.69 29.86 -7.73
C ASN C 405 20.15 29.35 -6.39
N LYS C 406 20.35 30.09 -5.30
CA LYS C 406 19.67 29.77 -4.05
C LYS C 406 18.34 30.51 -4.00
N PRO C 407 17.23 29.83 -4.27
CA PRO C 407 15.94 30.53 -4.41
C PRO C 407 15.27 30.86 -3.10
N ASP C 408 15.61 30.16 -2.01
CA ASP C 408 15.00 30.48 -0.72
C ASP C 408 15.40 31.86 -0.25
N PHE C 409 16.50 32.40 -0.76
CA PHE C 409 16.92 33.75 -0.38
C PHE C 409 16.31 34.82 -1.28
N VAL C 410 16.06 34.50 -2.56
CA VAL C 410 15.51 35.50 -3.46
C VAL C 410 14.12 35.92 -2.99
N ARG C 411 13.31 34.97 -2.57
CA ARG C 411 11.99 35.30 -2.03
C ARG C 411 12.11 36.19 -0.80
N LEU C 412 13.06 35.86 0.08
CA LEU C 412 13.24 36.65 1.29
C LEU C 412 13.63 38.09 0.96
N PHE C 413 14.52 38.26 -0.01
CA PHE C 413 14.94 39.61 -0.38
C PHE C 413 13.82 40.38 -1.06
N VAL C 414 13.03 39.71 -1.90
CA VAL C 414 11.89 40.37 -2.52
C VAL C 414 10.90 40.83 -1.47
N ASP C 415 10.64 39.98 -0.48
CA ASP C 415 9.69 40.35 0.57
C ASP C 415 10.24 41.41 1.50
N SER C 416 11.57 41.47 1.64
CA SER C 416 12.16 42.43 2.58
C SER C 416 12.09 43.85 2.09
N GLY C 417 11.87 44.07 0.80
CA GLY C 417 11.76 45.43 0.28
C GLY C 417 12.33 45.62 -1.10
N ALA C 418 13.12 44.66 -1.57
CA ALA C 418 13.66 44.74 -2.93
C ALA C 418 12.55 44.58 -3.94
N ASP C 419 12.74 45.17 -5.12
CA ASP C 419 11.76 45.12 -6.19
C ASP C 419 12.42 44.64 -7.47
N MET C 420 11.74 43.74 -8.18
CA MET C 420 12.24 43.32 -9.50
C MET C 420 11.87 44.32 -10.58
N ALA C 421 10.99 45.28 -10.28
CA ALA C 421 10.57 46.24 -11.30
C ALA C 421 11.70 47.18 -11.69
N GLU C 422 12.39 47.76 -10.71
CA GLU C 422 13.44 48.73 -10.97
C GLU C 422 14.84 48.12 -10.96
N PHE C 423 15.00 46.90 -10.45
CA PHE C 423 16.32 46.29 -10.40
C PHE C 423 16.74 45.74 -11.75
N LEU C 424 15.83 45.04 -12.43
CA LEU C 424 16.18 44.32 -13.65
C LEU C 424 16.06 45.24 -14.85
N THR C 425 17.19 45.72 -15.34
CA THR C 425 17.26 46.45 -16.59
C THR C 425 18.13 45.66 -17.56
N TYR C 426 18.04 46.03 -18.84
CA TYR C 426 18.67 45.21 -19.89
C TYR C 426 20.14 44.99 -19.64
N GLY C 427 20.82 45.97 -19.04
CA GLY C 427 22.21 45.78 -18.67
C GLY C 427 22.39 44.71 -17.61
N ARG C 428 21.56 44.76 -16.57
CA ARG C 428 21.62 43.74 -15.54
C ARG C 428 21.30 42.36 -16.10
N LEU C 429 20.37 42.31 -17.05
CA LEU C 429 20.00 41.03 -17.64
C LEU C 429 21.11 40.48 -18.50
N GLN C 430 21.80 41.35 -19.24
CA GLN C 430 22.98 40.93 -19.98
C GLN C 430 24.06 40.42 -19.05
N GLN C 431 24.25 41.09 -17.92
CA GLN C 431 25.24 40.64 -16.94
C GLN C 431 24.88 39.27 -16.40
N LEU C 432 23.59 39.04 -16.11
CA LEU C 432 23.16 37.74 -15.65
C LEU C 432 23.39 36.66 -16.70
N TYR C 433 23.10 36.96 -17.97
CA TYR C 433 23.31 35.98 -19.03
C TYR C 433 24.79 35.73 -19.28
N HIS C 434 25.65 36.69 -18.99
CA HIS C 434 27.09 36.46 -19.13
C HIS C 434 27.59 35.46 -18.10
N SER C 435 26.91 35.34 -16.98
CA SER C 435 27.32 34.49 -15.86
C SER C 435 26.94 33.04 -16.02
N VAL C 436 26.52 32.56 -17.19
CA VAL C 436 26.22 31.14 -17.33
C VAL C 436 27.49 30.32 -17.13
N SER C 437 27.36 29.21 -16.41
CA SER C 437 28.50 28.34 -16.15
C SER C 437 29.10 27.85 -17.46
N PRO C 438 30.41 28.00 -17.67
CA PRO C 438 30.99 27.64 -18.97
C PRO C 438 30.76 26.19 -19.38
N LYS C 439 30.53 25.29 -18.41
CA LYS C 439 30.33 23.88 -18.76
C LYS C 439 28.95 23.64 -19.36
N SER C 440 27.94 24.41 -18.97
CA SER C 440 26.55 24.13 -19.33
C SER C 440 26.31 24.20 -20.84
N LEU C 441 25.12 23.79 -21.27
CA LEU C 441 24.83 23.68 -22.70
C LEU C 441 24.47 25.04 -23.28
N LEU C 442 23.71 25.85 -22.55
CA LEU C 442 23.33 27.17 -23.04
C LEU C 442 24.55 28.01 -23.39
N PHE C 443 25.61 27.89 -22.58
CA PHE C 443 26.85 28.59 -22.86
C PHE C 443 27.38 28.26 -24.25
N GLU C 444 27.50 26.95 -24.54
CA GLU C 444 28.03 26.54 -25.83
C GLU C 444 27.09 26.92 -26.97
N LEU C 445 25.78 26.85 -26.73
CA LEU C 445 24.82 27.24 -27.76
C LEU C 445 25.00 28.70 -28.15
N LEU C 446 25.00 29.59 -27.15
CA LEU C 446 25.17 31.01 -27.43
C LEU C 446 26.52 31.29 -28.07
N GLU C 447 27.57 30.61 -27.61
CA GLU C 447 28.90 30.85 -28.18
C GLU C 447 28.96 30.42 -29.64
N ARG C 448 28.38 29.27 -29.95
CA ARG C 448 28.35 28.80 -31.34
C ARG C 448 27.55 29.76 -32.21
N LYS C 449 26.41 30.24 -31.70
CA LYS C 449 25.61 31.17 -32.48
C LYS C 449 26.38 32.46 -32.75
N HIS C 450 27.09 32.97 -31.74
CA HIS C 450 27.88 34.18 -31.93
C HIS C 450 28.98 33.96 -32.96
N GLU C 451 29.73 32.86 -32.82
CA GLU C 451 30.80 32.57 -33.77
C GLU C 451 30.27 32.45 -35.19
N GLU C 452 29.13 31.79 -35.37
CA GLU C 452 28.56 31.65 -36.71
C GLU C 452 28.09 33.00 -37.23
N GLY C 453 27.53 33.84 -36.36
CA GLY C 453 27.09 35.15 -36.79
C GLY C 453 28.24 36.07 -37.15
N ARG C 454 29.42 35.82 -36.57
CA ARG C 454 30.59 36.63 -36.90
C ARG C 454 30.98 36.48 -38.37
N LEU C 455 30.59 35.39 -39.00
CA LEU C 455 30.88 35.15 -40.41
C LEU C 455 30.10 36.11 -41.30
N LEU C 472 35.66 37.24 -19.78
CA LEU C 472 34.35 37.68 -20.25
C LEU C 472 33.98 36.96 -21.55
N PRO C 473 32.69 36.64 -21.71
CA PRO C 473 32.23 35.99 -22.93
C PRO C 473 31.81 36.99 -23.99
N ALA C 474 31.77 36.51 -25.23
CA ALA C 474 31.59 37.41 -26.37
C ALA C 474 30.11 37.65 -26.70
N PHE C 475 29.23 36.73 -26.35
CA PHE C 475 27.85 36.80 -26.81
C PHE C 475 27.10 37.94 -26.15
N SER C 476 26.00 38.34 -26.78
CA SER C 476 25.13 39.40 -26.29
C SER C 476 23.67 38.97 -26.47
N LEU C 477 22.76 39.86 -26.05
CA LEU C 477 21.32 39.57 -26.12
C LEU C 477 20.87 39.20 -27.52
N HIS C 478 21.60 39.63 -28.54
CA HIS C 478 21.27 39.24 -29.91
C HIS C 478 21.24 37.73 -30.05
N GLU C 479 22.25 37.06 -29.49
CA GLU C 479 22.32 35.60 -29.61
C GLU C 479 21.22 34.93 -28.79
N VAL C 480 20.88 35.51 -27.64
CA VAL C 480 19.77 34.97 -26.86
C VAL C 480 18.48 35.04 -27.66
N SER C 481 18.22 36.19 -28.30
CA SER C 481 17.03 36.31 -29.13
C SER C 481 17.04 35.30 -30.27
N ARG C 482 18.21 35.11 -30.89
CA ARG C 482 18.28 34.18 -32.02
C ARG C 482 18.02 32.74 -31.57
N VAL C 483 18.56 32.35 -30.42
CA VAL C 483 18.36 30.98 -29.97
C VAL C 483 16.92 30.77 -29.54
N LEU C 484 16.29 31.79 -28.96
CA LEU C 484 14.88 31.68 -28.64
C LEU C 484 14.04 31.53 -29.91
N LYS C 485 14.39 32.27 -30.96
CA LYS C 485 13.72 32.08 -32.25
C LYS C 485 13.89 30.66 -32.76
N ASP C 486 15.10 30.11 -32.61
CA ASP C 486 15.34 28.74 -33.07
C ASP C 486 14.49 27.74 -32.30
N PHE C 487 14.24 28.01 -31.03
CA PHE C 487 13.42 27.09 -30.24
C PHE C 487 11.94 27.28 -30.55
N LEU C 488 11.48 28.52 -30.65
CA LEU C 488 10.08 28.84 -30.94
C LEU C 488 10.04 29.85 -32.07
N HIS C 489 9.34 29.50 -33.16
CA HIS C 489 9.32 30.39 -34.31
C HIS C 489 8.34 31.54 -34.11
N ASP C 490 7.05 31.22 -33.95
CA ASP C 490 6.03 32.25 -33.95
C ASP C 490 5.80 32.87 -32.58
N ALA C 491 6.04 32.13 -31.50
CA ALA C 491 5.61 32.59 -30.19
C ALA C 491 6.44 33.77 -29.70
N CYS C 492 7.77 33.68 -29.78
CA CYS C 492 8.64 34.64 -29.13
C CYS C 492 9.75 35.11 -30.06
N ARG C 493 9.43 35.52 -31.28
CA ARG C 493 10.47 35.94 -32.22
C ARG C 493 10.92 37.36 -31.94
N GLY C 494 10.02 38.24 -31.51
CA GLY C 494 10.31 39.66 -31.45
C GLY C 494 11.16 40.09 -30.28
N PHE C 495 11.47 39.18 -29.35
CA PHE C 495 12.13 39.55 -28.10
C PHE C 495 13.41 40.35 -28.33
N TYR C 496 13.52 41.46 -27.60
CA TYR C 496 14.71 42.31 -27.60
C TYR C 496 15.02 42.87 -28.98
N GLN C 497 13.98 43.34 -29.67
CA GLN C 497 14.19 43.95 -30.98
C GLN C 497 14.84 45.32 -30.85
N ASP C 498 14.29 46.18 -29.99
CA ASP C 498 14.83 47.51 -29.77
C ASP C 498 14.34 48.09 -28.46
N TRP C 516 22.49 46.40 -32.65
CA TRP C 516 21.30 45.57 -32.81
C TRP C 516 20.60 45.40 -31.46
N LEU C 517 21.17 46.01 -30.43
CA LEU C 517 20.61 45.90 -29.09
C LEU C 517 19.91 47.21 -28.67
N PRO C 518 19.15 47.19 -27.57
CA PRO C 518 18.55 48.42 -27.05
C PRO C 518 19.38 49.08 -25.96
N ASP C 519 19.09 50.35 -25.70
CA ASP C 519 19.76 51.06 -24.63
C ASP C 519 19.60 50.33 -23.30
N LEU C 520 20.73 50.08 -22.64
CA LEU C 520 20.72 49.31 -21.40
C LEU C 520 19.99 50.06 -20.30
N SER C 521 20.05 51.39 -20.33
CA SER C 521 19.41 52.18 -19.29
C SER C 521 17.92 51.88 -19.18
N ARG C 522 17.30 51.52 -20.30
CA ARG C 522 15.87 51.22 -20.28
C ARG C 522 15.60 49.93 -19.52
N LYS C 523 14.62 49.99 -18.61
CA LYS C 523 14.14 48.78 -17.96
C LYS C 523 13.26 48.01 -18.92
N SER C 524 13.25 46.69 -18.76
CA SER C 524 12.48 45.87 -19.69
C SER C 524 10.99 46.03 -19.45
N GLU C 525 10.22 45.82 -20.52
CA GLU C 525 8.78 46.04 -20.44
C GLU C 525 8.14 45.13 -19.40
N ASP C 526 8.55 43.87 -19.36
CA ASP C 526 7.97 42.88 -18.44
C ASP C 526 9.11 42.06 -17.86
N PRO C 527 9.47 42.30 -16.60
CA PRO C 527 10.65 41.61 -16.07
C PRO C 527 10.42 40.14 -15.82
N TRP C 528 9.29 39.80 -15.20
CA TRP C 528 9.11 38.46 -14.67
C TRP C 528 9.28 37.41 -15.76
N ARG C 529 8.78 37.70 -16.97
CA ARG C 529 8.95 36.74 -18.04
C ARG C 529 10.42 36.55 -18.38
N ASP C 530 11.17 37.65 -18.43
CA ASP C 530 12.59 37.53 -18.71
C ASP C 530 13.28 36.67 -17.67
N LEU C 531 13.00 36.93 -16.40
CA LEU C 531 13.63 36.12 -15.37
C LEU C 531 13.21 34.67 -15.47
N PHE C 532 11.94 34.42 -15.80
CA PHE C 532 11.48 33.04 -15.92
C PHE C 532 12.21 32.33 -17.05
N LEU C 533 12.36 33.02 -18.18
CA LEU C 533 13.11 32.43 -19.28
C LEU C 533 14.55 32.16 -18.88
N TRP C 534 15.19 33.13 -18.26
CA TRP C 534 16.56 32.95 -17.81
C TRP C 534 16.68 31.74 -16.91
N ALA C 535 15.71 31.55 -16.02
CA ALA C 535 15.78 30.41 -15.13
C ALA C 535 15.61 29.11 -15.89
N VAL C 536 14.62 29.05 -16.77
CA VAL C 536 14.30 27.79 -17.42
C VAL C 536 15.42 27.39 -18.37
N LEU C 537 16.10 28.37 -18.95
CA LEU C 537 17.23 28.05 -19.82
C LEU C 537 18.34 27.39 -19.03
N GLN C 538 18.83 28.06 -17.99
CA GLN C 538 19.91 27.49 -17.21
C GLN C 538 19.50 26.23 -16.46
N ASN C 539 18.29 25.74 -16.70
CA ASN C 539 17.85 24.48 -16.11
C ASN C 539 17.90 24.52 -14.59
N ARG C 540 17.17 25.47 -14.00
CA ARG C 540 17.06 25.60 -12.55
C ARG C 540 15.58 25.63 -12.23
N TYR C 541 15.06 24.51 -11.74
CA TYR C 541 13.61 24.38 -11.60
C TYR C 541 13.09 25.23 -10.44
N GLU C 542 13.52 24.92 -9.22
CA GLU C 542 12.89 25.48 -8.04
C GLU C 542 12.97 26.99 -7.99
N MET C 543 13.69 27.62 -8.91
CA MET C 543 13.62 29.05 -9.11
C MET C 543 12.69 29.42 -10.25
N ALA C 544 12.66 28.60 -11.30
CA ALA C 544 11.74 28.86 -12.39
C ALA C 544 10.31 28.86 -11.89
N THR C 545 9.98 27.93 -11.01
CA THR C 545 8.65 27.91 -10.44
C THR C 545 8.36 29.22 -9.73
N TYR C 546 9.32 29.68 -8.92
CA TYR C 546 9.09 30.91 -8.18
C TYR C 546 8.85 32.08 -9.11
N PHE C 547 9.65 32.19 -10.17
CA PHE C 547 9.44 33.29 -11.09
C PHE C 547 8.08 33.19 -11.76
N TRP C 548 7.68 31.99 -12.14
CA TRP C 548 6.37 31.82 -12.74
C TRP C 548 5.28 32.27 -11.80
N ALA C 549 5.49 32.10 -10.50
CA ALA C 549 4.43 32.37 -9.53
C ALA C 549 3.93 33.80 -9.63
N MET C 550 4.83 34.77 -9.57
CA MET C 550 4.41 36.15 -9.54
C MET C 550 4.34 36.78 -10.93
N GLY C 551 4.24 35.97 -11.97
CA GLY C 551 4.12 36.45 -13.32
C GLY C 551 2.71 36.24 -13.83
N ARG C 552 2.18 37.25 -14.52
CA ARG C 552 0.87 37.13 -15.10
C ARG C 552 0.91 36.27 -16.36
N GLU C 553 -0.28 35.84 -16.81
CA GLU C 553 -0.43 35.10 -18.06
C GLU C 553 0.29 33.77 -18.00
N GLY C 554 0.05 33.03 -16.92
CA GLY C 554 0.92 31.91 -16.59
C GLY C 554 0.67 30.66 -17.41
N VAL C 555 -0.59 30.37 -17.70
CA VAL C 555 -0.91 29.11 -18.39
C VAL C 555 -0.27 29.10 -19.76
N ALA C 556 -0.05 30.26 -20.36
CA ALA C 556 0.68 30.28 -21.61
C ALA C 556 2.15 30.02 -21.40
N ALA C 557 2.73 30.52 -20.31
CA ALA C 557 4.15 30.31 -20.07
C ALA C 557 4.44 28.85 -19.82
N ALA C 558 3.80 28.28 -18.80
CA ALA C 558 4.15 26.96 -18.34
C ALA C 558 4.01 25.91 -19.43
N LEU C 559 3.61 26.32 -20.63
CA LEU C 559 3.56 25.43 -21.76
C LEU C 559 4.73 25.63 -22.71
N ALA C 560 5.04 26.89 -23.03
CA ALA C 560 6.22 27.16 -23.83
C ALA C 560 7.47 26.67 -23.10
N ALA C 561 7.46 26.76 -21.78
CA ALA C 561 8.61 26.26 -21.04
C ALA C 561 8.78 24.76 -21.25
N CYS C 562 7.68 24.01 -21.19
CA CYS C 562 7.78 22.59 -21.46
C CYS C 562 8.29 22.35 -22.86
N LYS C 563 7.85 23.17 -23.81
CA LYS C 563 8.35 23.01 -25.18
C LYS C 563 9.87 23.19 -25.22
N ILE C 564 10.37 24.22 -24.54
CA ILE C 564 11.80 24.51 -24.62
C ILE C 564 12.59 23.38 -24.01
N ILE C 565 12.19 22.91 -22.83
CA ILE C 565 12.98 21.86 -22.19
C ILE C 565 12.90 20.57 -22.99
N LYS C 566 11.70 20.15 -23.38
CA LYS C 566 11.59 18.96 -24.21
C LYS C 566 12.41 19.09 -25.47
N GLU C 567 12.54 20.31 -26.00
CA GLU C 567 13.38 20.51 -27.16
C GLU C 567 14.84 20.29 -26.81
N MET C 568 15.29 20.82 -25.68
CA MET C 568 16.72 20.73 -25.41
C MET C 568 17.06 19.35 -24.87
N SER C 569 16.55 18.31 -25.51
CA SER C 569 16.90 16.95 -25.14
C SER C 569 17.84 16.31 -26.15
N HIS C 570 17.62 16.61 -27.42
CA HIS C 570 18.50 16.10 -28.47
C HIS C 570 19.79 16.90 -28.52
N LEU C 571 19.83 18.02 -27.80
CA LEU C 571 20.98 18.90 -27.74
C LEU C 571 21.82 18.71 -26.48
N GLU C 572 21.51 17.67 -25.69
CA GLU C 572 22.26 17.44 -24.46
C GLU C 572 23.48 16.54 -24.68
N LYS C 573 24.66 17.09 -24.39
CA LYS C 573 25.92 16.38 -24.54
C LYS C 573 26.08 15.17 -23.62
N GLU C 574 25.63 15.32 -22.37
CA GLU C 574 25.74 14.24 -21.39
C GLU C 574 24.41 13.58 -21.11
N ALA C 575 24.38 12.26 -21.23
CA ALA C 575 23.16 11.49 -21.03
C ALA C 575 22.61 11.56 -19.60
N GLU C 576 23.48 11.52 -18.59
CA GLU C 576 23.00 11.53 -17.23
C GLU C 576 22.22 12.81 -16.93
N VAL C 577 22.76 13.94 -17.37
CA VAL C 577 22.08 15.22 -17.17
C VAL C 577 20.80 15.22 -17.98
N ALA C 578 20.90 14.70 -19.20
CA ALA C 578 19.78 14.64 -20.12
C ALA C 578 18.56 13.98 -19.50
N ARG C 579 18.74 13.26 -18.40
CA ARG C 579 17.59 12.61 -17.78
C ARG C 579 16.83 13.56 -16.87
N THR C 580 17.55 14.32 -16.05
CA THR C 580 16.89 15.22 -15.12
C THR C 580 16.03 16.24 -15.85
N MET C 581 16.60 16.88 -16.87
CA MET C 581 15.82 17.86 -17.63
C MET C 581 14.68 17.17 -18.36
N ARG C 582 14.88 15.93 -18.82
CA ARG C 582 13.78 15.17 -19.39
C ARG C 582 12.72 14.84 -18.35
N GLU C 583 13.01 15.04 -17.07
CA GLU C 583 12.02 14.93 -16.01
C GLU C 583 11.47 16.28 -15.57
N ALA C 584 11.45 17.27 -16.46
CA ALA C 584 11.07 18.63 -16.07
C ALA C 584 9.60 18.71 -15.67
N LYS C 585 8.71 18.07 -16.44
CA LYS C 585 7.27 18.01 -16.18
C LYS C 585 6.64 19.37 -15.92
N TYR C 586 7.18 20.41 -16.57
CA TYR C 586 6.56 21.73 -16.48
C TYR C 586 5.10 21.69 -16.86
N GLU C 587 4.75 20.84 -17.83
CA GLU C 587 3.37 20.69 -18.27
C GLU C 587 2.41 20.49 -17.12
N GLN C 588 2.86 19.84 -16.05
CA GLN C 588 1.98 19.57 -14.93
C GLN C 588 1.41 20.86 -14.37
N LEU C 589 2.21 21.92 -14.34
CA LEU C 589 1.68 23.20 -13.88
C LEU C 589 0.57 23.68 -14.79
N ALA C 590 0.76 23.53 -16.10
CA ALA C 590 -0.27 23.95 -17.03
C ALA C 590 -1.57 23.22 -16.75
N LEU C 591 -1.48 21.91 -16.59
CA LEU C 591 -2.69 21.15 -16.29
C LEU C 591 -3.33 21.60 -14.99
N ASP C 592 -2.51 21.77 -13.94
CA ASP C 592 -3.06 22.03 -12.63
C ASP C 592 -3.75 23.38 -12.59
N LEU C 593 -3.16 24.38 -13.23
CA LEU C 593 -3.79 25.68 -13.25
C LEU C 593 -5.06 25.66 -14.09
N PHE C 594 -4.97 25.05 -15.28
CA PHE C 594 -6.14 25.02 -16.15
C PHE C 594 -7.31 24.35 -15.46
N SER C 595 -7.06 23.26 -14.74
CA SER C 595 -8.13 22.62 -14.00
C SER C 595 -8.76 23.60 -13.03
N GLU C 596 -7.93 24.28 -12.24
CA GLU C 596 -8.45 25.20 -11.24
C GLU C 596 -9.35 26.25 -11.88
N CYS C 597 -8.87 26.90 -12.94
CA CYS C 597 -9.71 27.94 -13.54
C CYS C 597 -10.96 27.35 -14.17
N TYR C 598 -10.84 26.16 -14.74
CA TYR C 598 -12.02 25.49 -15.29
C TYR C 598 -13.06 25.20 -14.22
N SER C 599 -12.64 25.03 -12.97
CA SER C 599 -13.60 24.69 -11.93
C SER C 599 -14.64 25.79 -11.74
N ASN C 600 -14.22 27.05 -11.81
CA ASN C 600 -15.11 28.17 -11.58
C ASN C 600 -15.25 28.98 -12.86
N SER C 601 -16.49 29.27 -13.24
CA SER C 601 -16.79 30.17 -14.34
C SER C 601 -16.15 29.68 -15.64
N GLU C 602 -16.70 28.59 -16.17
CA GLU C 602 -16.16 27.99 -17.39
C GLU C 602 -16.29 28.93 -18.58
N ASP C 603 -17.41 29.66 -18.65
CA ASP C 603 -17.58 30.63 -19.72
C ASP C 603 -16.42 31.62 -19.79
N ARG C 604 -15.73 31.85 -18.68
CA ARG C 604 -14.50 32.61 -18.71
C ARG C 604 -13.31 31.74 -19.11
N ALA C 605 -13.33 30.47 -18.70
CA ALA C 605 -12.20 29.60 -18.98
C ALA C 605 -12.01 29.45 -20.48
N PHE C 606 -13.09 29.26 -21.22
CA PHE C 606 -12.96 29.17 -22.67
C PHE C 606 -12.38 30.47 -23.23
N ALA C 607 -12.82 31.61 -22.71
CA ALA C 607 -12.25 32.88 -23.14
C ALA C 607 -10.75 32.91 -22.92
N LEU C 608 -10.31 32.37 -21.78
CA LEU C 608 -8.88 32.31 -21.52
C LEU C 608 -8.19 31.40 -22.52
N LEU C 609 -8.84 30.31 -22.90
CA LEU C 609 -8.17 29.26 -23.62
C LEU C 609 -7.70 29.73 -24.99
N VAL C 610 -8.48 30.57 -25.66
CA VAL C 610 -8.15 30.98 -27.01
C VAL C 610 -7.96 32.48 -27.11
N ARG C 611 -7.69 33.15 -25.99
CA ARG C 611 -7.39 34.57 -26.07
C ARG C 611 -6.01 34.77 -26.69
N ARG C 612 -5.88 35.82 -27.49
CA ARG C 612 -4.57 36.20 -27.97
C ARG C 612 -3.69 36.58 -26.80
N ASN C 613 -2.42 36.19 -26.86
CA ASN C 613 -1.50 36.38 -25.74
C ASN C 613 -0.64 37.62 -25.98
N HIS C 614 -0.70 38.56 -25.05
CA HIS C 614 0.01 39.82 -25.24
C HIS C 614 1.52 39.61 -25.29
N SER C 615 2.07 38.77 -24.44
CA SER C 615 3.52 38.78 -24.33
C SER C 615 4.21 37.91 -25.36
N TRP C 616 3.75 36.67 -25.55
CA TRP C 616 4.49 35.75 -26.43
C TRP C 616 4.13 36.00 -27.89
N SER C 617 4.40 37.22 -28.34
CA SER C 617 4.27 37.59 -29.74
C SER C 617 2.90 37.23 -30.31
N ARG C 618 1.88 37.36 -29.49
CA ARG C 618 0.50 37.32 -29.95
C ARG C 618 0.19 36.00 -30.64
N THR C 619 0.27 34.93 -29.87
CA THR C 619 -0.11 33.60 -30.32
C THR C 619 -1.07 32.98 -29.33
N THR C 620 -1.94 32.11 -29.82
CA THR C 620 -2.93 31.47 -28.97
C THR C 620 -2.35 30.25 -28.27
N CYS C 621 -2.99 29.89 -27.15
CA CYS C 621 -2.50 28.81 -26.32
C CYS C 621 -2.52 27.49 -27.07
N LEU C 622 -3.52 27.30 -27.92
CA LEU C 622 -3.64 26.03 -28.61
C LEU C 622 -2.50 25.82 -29.59
N HIS C 623 -2.18 26.85 -30.38
CA HIS C 623 -1.02 26.76 -31.25
C HIS C 623 0.21 26.37 -30.45
N LEU C 624 0.37 26.98 -29.28
CA LEU C 624 1.54 26.72 -28.48
C LEU C 624 1.54 25.29 -27.98
N ALA C 625 0.38 24.74 -27.65
CA ALA C 625 0.31 23.34 -27.24
C ALA C 625 0.66 22.42 -28.39
N THR C 626 0.19 22.75 -29.59
CA THR C 626 0.54 21.96 -30.75
C THR C 626 2.03 21.93 -30.95
N GLU C 627 2.66 23.10 -30.97
CA GLU C 627 4.10 23.14 -31.16
C GLU C 627 4.82 22.41 -30.04
N ALA C 628 4.29 22.52 -28.82
CA ALA C 628 4.89 21.82 -27.70
C ALA C 628 4.62 20.32 -27.77
N ASP C 629 3.57 19.92 -28.49
CA ASP C 629 3.17 18.52 -28.60
C ASP C 629 2.85 17.95 -27.23
N ALA C 630 2.14 18.73 -26.43
CA ALA C 630 1.74 18.30 -25.09
C ALA C 630 0.44 17.53 -25.22
N LYS C 631 0.56 16.20 -25.36
CA LYS C 631 -0.64 15.38 -25.49
C LYS C 631 -1.44 15.37 -24.20
N ALA C 632 -0.77 15.30 -23.06
CA ALA C 632 -1.49 15.22 -21.79
C ALA C 632 -2.38 16.42 -21.58
N PHE C 633 -1.99 17.58 -22.10
CA PHE C 633 -2.87 18.74 -21.98
C PHE C 633 -4.15 18.54 -22.78
N PHE C 634 -4.02 18.08 -24.03
CA PHE C 634 -5.22 17.82 -24.82
C PHE C 634 -6.13 16.82 -24.11
N ALA C 635 -5.54 15.87 -23.40
CA ALA C 635 -6.33 14.87 -22.69
C ALA C 635 -7.25 15.48 -21.65
N HIS C 636 -7.01 16.73 -21.26
CA HIS C 636 -7.83 17.32 -20.22
C HIS C 636 -9.27 17.50 -20.67
N ASP C 637 -10.18 17.43 -19.70
CA ASP C 637 -11.60 17.42 -20.01
C ASP C 637 -12.05 18.75 -20.59
N GLY C 638 -11.48 19.85 -20.12
CA GLY C 638 -11.85 21.15 -20.65
C GLY C 638 -11.56 21.26 -22.13
N VAL C 639 -10.43 20.72 -22.56
CA VAL C 639 -10.09 20.74 -23.98
C VAL C 639 -11.17 20.01 -24.77
N GLN C 640 -11.59 18.85 -24.28
CA GLN C 640 -12.56 18.07 -25.03
C GLN C 640 -13.91 18.76 -25.05
N ALA C 641 -14.29 19.39 -23.94
CA ALA C 641 -15.54 20.12 -23.91
C ALA C 641 -15.54 21.25 -24.92
N PHE C 642 -14.45 22.01 -24.96
CA PHE C 642 -14.37 23.11 -25.92
C PHE C 642 -14.39 22.60 -27.36
N LEU C 643 -13.61 21.54 -27.62
CA LEU C 643 -13.61 20.94 -28.94
C LEU C 643 -15.01 20.53 -29.35
N THR C 644 -15.75 19.91 -28.45
CA THR C 644 -17.10 19.50 -28.77
C THR C 644 -17.99 20.70 -29.04
N LYS C 645 -17.89 21.73 -28.20
CA LYS C 645 -18.68 22.94 -28.44
C LYS C 645 -18.46 23.47 -29.84
N ILE C 646 -17.22 23.44 -30.31
CA ILE C 646 -16.98 23.84 -31.70
C ILE C 646 -17.60 22.83 -32.66
N TRP C 647 -17.55 21.55 -32.30
CA TRP C 647 -17.91 20.50 -33.25
C TRP C 647 -19.36 20.58 -33.68
N TRP C 648 -20.24 21.07 -32.81
CA TRP C 648 -21.65 21.13 -33.14
C TRP C 648 -22.06 22.47 -33.74
N GLY C 649 -21.12 23.33 -34.06
CA GLY C 649 -21.47 24.61 -34.64
C GLY C 649 -22.33 25.40 -33.68
N ASP C 650 -23.57 25.66 -34.08
CA ASP C 650 -24.57 26.27 -33.22
C ASP C 650 -25.78 25.34 -33.18
N MET C 651 -25.71 24.34 -32.30
CA MET C 651 -26.75 23.33 -32.23
C MET C 651 -26.76 22.75 -30.83
N ALA C 652 -27.73 21.88 -30.59
CA ALA C 652 -27.74 21.11 -29.36
C ALA C 652 -26.48 20.28 -29.26
N THR C 653 -25.82 20.34 -28.11
CA THR C 653 -24.61 19.56 -27.88
C THR C 653 -24.89 18.08 -28.11
N GLY C 654 -25.87 17.54 -27.42
CA GLY C 654 -26.28 16.15 -27.56
C GLY C 654 -27.57 16.05 -28.33
N THR C 655 -27.59 15.16 -29.32
CA THR C 655 -28.77 14.93 -30.13
C THR C 655 -28.68 13.52 -30.69
N PRO C 656 -29.76 12.75 -30.66
CA PRO C 656 -29.71 11.38 -31.17
C PRO C 656 -29.17 11.32 -32.59
N ILE C 657 -28.37 10.29 -32.84
CA ILE C 657 -27.80 10.09 -34.17
C ILE C 657 -28.90 9.96 -35.20
N LEU C 658 -29.99 9.26 -34.85
CA LEU C 658 -31.12 9.13 -35.75
C LEU C 658 -31.79 10.49 -35.98
N ARG C 659 -31.97 11.27 -34.91
CA ARG C 659 -32.56 12.60 -35.08
C ARG C 659 -31.67 13.46 -35.97
N LEU C 660 -30.35 13.32 -35.83
CA LEU C 660 -29.43 14.05 -36.70
C LEU C 660 -29.58 13.63 -38.15
N LEU C 661 -29.63 12.33 -38.39
CA LEU C 661 -29.81 11.85 -39.77
C LEU C 661 -31.11 12.36 -40.35
N GLY C 662 -32.18 12.36 -39.55
CA GLY C 662 -33.47 12.86 -40.04
C GLY C 662 -33.43 14.34 -40.34
N ALA C 663 -32.75 15.12 -39.50
CA ALA C 663 -32.59 16.54 -39.78
C ALA C 663 -31.75 16.75 -41.04
N PHE C 664 -30.82 15.84 -41.31
CA PHE C 664 -29.93 16.00 -42.46
C PHE C 664 -30.60 15.65 -43.77
N THR C 665 -31.37 14.55 -43.80
CA THR C 665 -31.94 14.06 -45.06
C THR C 665 -33.03 15.00 -45.59
N CYS C 666 -33.85 15.56 -44.71
CA CYS C 666 -35.02 16.33 -45.13
C CYS C 666 -34.87 17.76 -44.62
N PRO C 667 -34.75 18.74 -45.50
CA PRO C 667 -34.62 20.14 -45.04
C PRO C 667 -35.87 20.67 -44.37
N ALA C 668 -37.04 20.11 -44.68
CA ALA C 668 -38.27 20.57 -44.06
C ALA C 668 -38.26 20.34 -42.55
N LEU C 669 -37.71 19.21 -42.13
CA LEU C 669 -37.60 18.92 -40.70
C LEU C 669 -36.76 19.97 -40.00
N ILE C 670 -35.82 20.59 -40.73
CA ILE C 670 -34.94 21.59 -40.12
C ILE C 670 -35.74 22.78 -39.62
N TYR C 671 -36.72 23.24 -40.38
CA TYR C 671 -37.47 24.43 -40.00
C TYR C 671 -38.18 24.21 -38.67
N THR C 672 -38.65 23.00 -38.42
CA THR C 672 -39.25 22.66 -37.14
C THR C 672 -38.16 22.53 -36.08
N ASN C 673 -38.60 22.59 -34.82
CA ASN C 673 -37.69 22.49 -33.68
C ASN C 673 -37.57 21.02 -33.22
N LEU C 674 -36.97 20.20 -34.08
CA LEU C 674 -36.63 18.83 -33.67
C LEU C 674 -35.63 18.84 -32.53
N ILE C 675 -34.58 19.66 -32.64
CA ILE C 675 -33.56 19.81 -31.63
C ILE C 675 -33.28 21.29 -31.43
N SER C 676 -32.79 21.63 -30.25
CA SER C 676 -32.57 23.03 -29.90
C SER C 676 -31.51 23.65 -30.81
N PHE C 677 -31.78 24.88 -31.24
CA PHE C 677 -30.92 25.59 -32.15
C PHE C 677 -30.47 26.90 -31.52
N SER C 678 -29.16 27.12 -31.50
CA SER C 678 -28.61 28.31 -30.88
C SER C 678 -29.08 29.55 -31.60
N GLU C 679 -29.13 30.66 -30.87
CA GLU C 679 -29.48 31.94 -31.46
C GLU C 679 -28.30 32.56 -32.20
N ALA C 727 -38.24 35.92 -44.58
CA ALA C 727 -37.44 34.87 -45.20
C ALA C 727 -36.01 34.90 -44.70
N ALA C 728 -35.60 36.07 -44.19
CA ALA C 728 -34.26 36.20 -43.65
C ALA C 728 -34.05 35.28 -42.45
N PHE C 729 -35.10 35.10 -41.64
CA PHE C 729 -35.02 34.17 -40.52
C PHE C 729 -34.77 32.74 -40.99
N LEU C 730 -35.49 32.32 -42.03
CA LEU C 730 -35.28 30.99 -42.59
C LEU C 730 -33.87 30.86 -43.16
N LEU C 731 -33.36 31.92 -43.79
CA LEU C 731 -32.01 31.89 -44.35
C LEU C 731 -30.96 31.76 -43.24
N THR C 732 -31.14 32.49 -42.15
CA THR C 732 -30.22 32.37 -41.03
C THR C 732 -30.27 30.98 -40.41
N ARG C 733 -31.47 30.38 -40.32
CA ARG C 733 -31.57 29.01 -39.83
C ARG C 733 -30.86 28.04 -40.76
N TRP C 734 -31.03 28.22 -42.08
CA TRP C 734 -30.37 27.37 -43.06
C TRP C 734 -28.85 27.48 -42.94
N ARG C 735 -28.35 28.70 -42.81
CA ARG C 735 -26.92 28.92 -42.62
C ARG C 735 -26.43 28.29 -41.32
N LYS C 736 -27.20 28.43 -40.25
CA LYS C 736 -26.82 27.83 -38.98
C LYS C 736 -26.74 26.31 -39.09
N PHE C 737 -27.66 25.72 -39.85
CA PHE C 737 -27.60 24.27 -40.01
C PHE C 737 -26.40 23.84 -40.83
N TRP C 738 -26.16 24.50 -41.97
CA TRP C 738 -25.11 24.01 -42.85
C TRP C 738 -23.72 24.47 -42.44
N GLY C 739 -23.61 25.43 -41.52
CA GLY C 739 -22.32 25.87 -41.07
C GLY C 739 -21.68 24.97 -40.03
N ALA C 740 -22.49 24.25 -39.26
CA ALA C 740 -21.96 23.40 -38.20
C ALA C 740 -21.03 22.35 -38.79
N PRO C 741 -19.92 22.05 -38.13
CA PRO C 741 -18.94 21.14 -38.76
C PRO C 741 -19.49 19.75 -39.00
N VAL C 742 -20.14 19.17 -37.99
CA VAL C 742 -20.59 17.78 -38.07
C VAL C 742 -21.38 17.55 -39.36
N THR C 743 -22.19 18.53 -39.76
CA THR C 743 -22.95 18.38 -40.99
C THR C 743 -22.05 18.28 -42.21
N VAL C 744 -21.04 19.15 -42.28
CA VAL C 744 -20.08 19.04 -43.38
C VAL C 744 -19.40 17.69 -43.35
N PHE C 745 -19.10 17.19 -42.16
CA PHE C 745 -18.46 15.89 -42.03
C PHE C 745 -19.32 14.81 -42.66
N LEU C 746 -20.59 14.75 -42.26
CA LEU C 746 -21.49 13.75 -42.81
C LEU C 746 -21.60 13.88 -44.32
N GLY C 747 -21.67 15.11 -44.81
CA GLY C 747 -21.76 15.31 -46.26
C GLY C 747 -20.54 14.76 -46.98
N ASN C 748 -19.35 15.05 -46.46
CA ASN C 748 -18.15 14.51 -47.09
C ASN C 748 -18.17 12.99 -47.05
N VAL C 749 -18.68 12.42 -45.96
CA VAL C 749 -18.77 10.97 -45.85
C VAL C 749 -19.62 10.40 -46.98
N VAL C 750 -20.83 10.93 -47.13
CA VAL C 750 -21.76 10.36 -48.10
C VAL C 750 -21.23 10.57 -49.51
N MET C 751 -20.63 11.73 -49.77
CA MET C 751 -20.08 11.97 -51.10
C MET C 751 -18.91 11.03 -51.39
N TYR C 752 -18.07 10.77 -50.40
CA TYR C 752 -16.96 9.83 -50.60
C TYR C 752 -17.48 8.44 -50.91
N PHE C 753 -18.53 8.02 -50.20
CA PHE C 753 -19.17 6.74 -50.54
C PHE C 753 -19.66 6.75 -51.98
N ALA C 754 -20.34 7.82 -52.39
CA ALA C 754 -20.82 7.92 -53.77
C ALA C 754 -19.67 7.74 -54.76
N PHE C 755 -18.58 8.47 -54.55
CA PHE C 755 -17.45 8.39 -55.47
C PHE C 755 -16.89 7.00 -55.52
N LEU C 756 -16.74 6.37 -54.35
CA LEU C 756 -16.22 5.01 -54.32
C LEU C 756 -17.10 4.08 -55.12
N PHE C 757 -18.42 4.26 -55.05
CA PHE C 757 -19.29 3.35 -55.76
C PHE C 757 -19.21 3.57 -57.27
N LEU C 758 -19.21 4.82 -57.71
CA LEU C 758 -19.08 5.08 -59.13
C LEU C 758 -17.75 4.54 -59.66
N PHE C 759 -16.67 4.72 -58.91
CA PHE C 759 -15.38 4.21 -59.35
C PHE C 759 -15.42 2.70 -59.47
N SER C 760 -16.03 2.04 -58.48
CA SER C 760 -16.12 0.59 -58.52
C SER C 760 -16.90 0.14 -59.75
N TYR C 761 -18.00 0.84 -60.06
CA TYR C 761 -18.77 0.45 -61.23
C TYR C 761 -17.96 0.60 -62.51
N VAL C 762 -17.23 1.72 -62.62
CA VAL C 762 -16.44 1.94 -63.81
C VAL C 762 -15.40 0.84 -63.95
N LEU C 763 -14.70 0.55 -62.87
CA LEU C 763 -13.65 -0.47 -62.93
C LEU C 763 -14.23 -1.83 -63.29
N LEU C 764 -15.34 -2.21 -62.68
CA LEU C 764 -15.93 -3.52 -62.91
C LEU C 764 -16.28 -3.75 -64.38
N VAL C 765 -17.19 -2.96 -64.94
CA VAL C 765 -17.70 -3.25 -66.29
C VAL C 765 -17.25 -2.24 -67.32
N ASP C 766 -16.95 -1.00 -66.94
CA ASP C 766 -16.67 0.01 -67.95
C ASP C 766 -15.31 -0.22 -68.58
N PHE C 767 -14.37 -0.85 -67.87
CA PHE C 767 -13.04 -1.04 -68.42
C PHE C 767 -13.11 -1.80 -69.74
N ARG C 768 -12.53 -1.20 -70.77
CA ARG C 768 -12.70 -1.69 -72.12
C ARG C 768 -11.45 -1.30 -72.92
N PRO C 769 -11.25 -1.77 -74.15
CA PRO C 769 -9.95 -1.60 -74.80
C PRO C 769 -9.66 -0.14 -75.07
N PRO C 770 -8.42 0.30 -74.89
CA PRO C 770 -8.10 1.74 -74.81
C PRO C 770 -8.68 2.55 -75.95
N PRO C 771 -8.57 2.12 -77.22
CA PRO C 771 -9.11 2.96 -78.30
C PRO C 771 -10.61 3.19 -78.18
N GLN C 772 -11.36 2.16 -77.77
CA GLN C 772 -12.81 2.25 -77.65
C GLN C 772 -13.22 1.73 -76.27
N GLY C 773 -12.52 2.21 -75.24
CA GLY C 773 -12.71 1.74 -73.89
C GLY C 773 -13.19 2.75 -72.86
N PRO C 774 -12.80 4.03 -72.99
CA PRO C 774 -13.37 5.03 -72.09
C PRO C 774 -14.72 5.54 -72.57
N SER C 775 -15.46 6.09 -71.61
CA SER C 775 -16.84 6.52 -71.83
C SER C 775 -17.09 7.80 -71.06
N GLY C 776 -18.27 8.37 -71.28
CA GLY C 776 -18.65 9.56 -70.54
C GLY C 776 -18.57 9.38 -69.03
N SER C 777 -18.92 8.20 -68.56
CA SER C 777 -18.79 7.90 -67.13
C SER C 777 -17.34 7.98 -66.69
N GLU C 778 -16.43 7.44 -67.48
CA GLU C 778 -15.00 7.55 -67.17
C GLU C 778 -14.59 9.01 -67.09
N VAL C 779 -15.07 9.82 -68.04
CA VAL C 779 -14.77 11.25 -68.03
C VAL C 779 -15.26 11.90 -66.75
N THR C 780 -16.49 11.57 -66.34
CA THR C 780 -17.03 12.12 -65.10
C THR C 780 -16.17 11.72 -63.92
N LEU C 781 -15.72 10.47 -63.89
CA LEU C 781 -14.85 10.02 -62.82
C LEU C 781 -13.54 10.80 -62.82
N TYR C 782 -12.96 11.02 -63.99
CA TYR C 782 -11.70 11.76 -64.08
C TYR C 782 -11.89 13.19 -63.59
N PHE C 783 -12.98 13.82 -63.99
CA PHE C 783 -13.26 15.18 -63.51
C PHE C 783 -13.45 15.19 -62.00
N TRP C 784 -14.11 14.16 -61.48
CA TRP C 784 -14.29 14.02 -60.04
C TRP C 784 -12.93 13.94 -59.34
N VAL C 785 -12.00 13.18 -59.92
CA VAL C 785 -10.67 13.06 -59.34
C VAL C 785 -9.93 14.38 -59.41
N PHE C 786 -10.12 15.12 -60.50
CA PHE C 786 -9.51 16.45 -60.60
C PHE C 786 -10.02 17.35 -59.48
N THR C 787 -11.32 17.30 -59.21
CA THR C 787 -11.88 18.06 -58.11
C THR C 787 -11.27 17.62 -56.78
N LEU C 788 -11.14 16.32 -56.58
CA LEU C 788 -10.58 15.80 -55.34
C LEU C 788 -9.17 16.32 -55.12
N VAL C 789 -8.33 16.22 -56.14
CA VAL C 789 -6.95 16.65 -55.96
C VAL C 789 -6.87 18.15 -55.75
N LEU C 790 -7.74 18.91 -56.44
CA LEU C 790 -7.76 20.35 -56.21
C LEU C 790 -8.12 20.66 -54.76
N GLU C 791 -9.11 19.96 -54.22
CA GLU C 791 -9.47 20.15 -52.83
C GLU C 791 -8.32 19.80 -51.91
N GLU C 792 -7.59 18.73 -52.22
CA GLU C 792 -6.47 18.35 -51.38
C GLU C 792 -5.36 19.40 -51.42
N ILE C 793 -5.09 19.98 -52.59
CA ILE C 793 -4.09 21.04 -52.68
C ILE C 793 -4.52 22.25 -51.86
N ARG C 794 -5.80 22.62 -51.98
CA ARG C 794 -6.28 23.73 -51.17
C ARG C 794 -6.09 23.45 -49.68
N GLN C 795 -6.44 22.23 -49.24
CA GLN C 795 -6.27 21.87 -47.85
C GLN C 795 -4.79 21.90 -47.46
N GLY C 796 -3.90 21.56 -48.38
CA GLY C 796 -2.50 21.43 -48.04
C GLY C 796 -1.78 22.77 -47.97
N PHE C 797 -2.11 23.70 -48.87
CA PHE C 797 -1.26 24.86 -49.07
C PHE C 797 -1.86 26.18 -48.63
N PHE C 798 -3.20 26.32 -48.63
CA PHE C 798 -3.81 27.61 -48.36
C PHE C 798 -4.44 27.69 -46.98
N THR C 799 -4.10 26.77 -46.09
CA THR C 799 -4.59 26.82 -44.72
C THR C 799 -3.95 27.96 -43.95
N ASP C 802 1.40 30.58 -42.06
CA ASP C 802 2.35 29.68 -42.70
C ASP C 802 3.24 30.53 -43.62
N THR C 803 4.17 31.22 -42.99
CA THR C 803 5.03 32.27 -43.59
C THR C 803 5.60 31.79 -44.92
N ARG C 804 6.45 30.77 -44.94
CA ARG C 804 7.05 30.33 -46.18
C ARG C 804 6.38 29.09 -46.75
N LEU C 805 6.53 28.93 -48.06
CA LEU C 805 5.98 27.77 -48.75
C LEU C 805 6.63 26.49 -48.28
N VAL C 806 7.94 26.52 -48.01
CA VAL C 806 8.62 25.34 -47.50
C VAL C 806 8.03 24.93 -46.16
N LYS C 807 7.68 25.90 -45.33
CA LYS C 807 7.08 25.58 -44.03
C LYS C 807 5.76 24.86 -44.22
N LYS C 808 4.86 25.42 -45.03
CA LYS C 808 3.57 24.79 -45.25
C LYS C 808 3.73 23.42 -45.88
N PHE C 809 4.68 23.27 -46.80
CA PHE C 809 4.91 21.98 -47.42
C PHE C 809 5.35 20.95 -46.39
N THR C 810 6.19 21.37 -45.44
CA THR C 810 6.58 20.46 -44.36
C THR C 810 5.37 20.09 -43.51
N LEU C 811 4.53 21.07 -43.18
CA LEU C 811 3.31 20.78 -42.44
C LEU C 811 2.48 19.73 -43.15
N TYR C 812 2.42 19.83 -44.48
CA TYR C 812 1.65 18.87 -45.26
C TYR C 812 2.29 17.50 -45.23
N VAL C 813 3.62 17.44 -45.36
CA VAL C 813 4.33 16.16 -45.31
C VAL C 813 4.11 15.48 -43.97
N GLU C 814 3.97 16.28 -42.90
CA GLU C 814 3.90 15.75 -41.54
C GLU C 814 2.93 14.58 -41.42
N ASP C 815 1.66 14.80 -41.73
CA ASP C 815 0.65 13.78 -41.52
C ASP C 815 0.85 12.60 -42.48
N ASN C 816 0.42 11.42 -42.03
CA ASN C 816 0.48 10.22 -42.87
C ASN C 816 -0.64 10.20 -43.90
N TRP C 817 -1.84 10.60 -43.51
CA TRP C 817 -2.99 10.48 -44.39
C TRP C 817 -2.82 11.32 -45.64
N ASN C 818 -2.25 12.52 -45.50
CA ASN C 818 -1.96 13.33 -46.66
C ASN C 818 -1.04 12.58 -47.62
N LYS C 819 -0.03 11.90 -47.07
CA LYS C 819 0.89 11.12 -47.90
C LYS C 819 0.15 10.01 -48.63
N CYS C 820 -0.73 9.30 -47.92
CA CYS C 820 -1.49 8.22 -48.56
C CYS C 820 -2.35 8.79 -49.68
N ASP C 821 -2.96 9.94 -49.46
CA ASP C 821 -3.75 10.59 -50.51
C ASP C 821 -2.87 10.92 -51.71
N MET C 822 -1.65 11.39 -51.45
CA MET C 822 -0.71 11.69 -52.53
C MET C 822 -0.38 10.44 -53.33
N VAL C 823 -0.12 9.34 -52.63
CA VAL C 823 0.15 8.07 -53.32
C VAL C 823 -1.05 7.67 -54.15
N ALA C 824 -2.25 7.87 -53.61
CA ALA C 824 -3.46 7.50 -54.34
C ALA C 824 -3.58 8.28 -55.63
N ILE C 825 -3.41 9.61 -55.56
CA ILE C 825 -3.60 10.40 -56.77
C ILE C 825 -2.46 10.12 -57.75
N PHE C 826 -1.27 9.83 -57.25
CA PHE C 826 -0.18 9.44 -58.14
C PHE C 826 -0.54 8.17 -58.89
N LEU C 827 -1.07 7.18 -58.16
CA LEU C 827 -1.48 5.94 -58.81
C LEU C 827 -2.54 6.19 -59.84
N PHE C 828 -3.50 7.06 -59.53
CA PHE C 828 -4.55 7.34 -60.50
C PHE C 828 -3.99 8.02 -61.74
N ILE C 829 -3.10 8.99 -61.55
CA ILE C 829 -2.54 9.72 -62.69
C ILE C 829 -1.79 8.76 -63.60
N VAL C 830 -0.93 7.92 -63.01
CA VAL C 830 -0.16 6.99 -63.84
C VAL C 830 -1.08 5.97 -64.50
N GLY C 831 -2.16 5.58 -63.82
CA GLY C 831 -3.07 4.63 -64.43
C GLY C 831 -3.81 5.22 -65.61
N VAL C 832 -4.17 6.50 -65.52
CA VAL C 832 -4.94 7.13 -66.58
C VAL C 832 -4.23 7.01 -67.92
N THR C 833 -2.91 6.86 -67.89
CA THR C 833 -2.15 6.69 -69.12
C THR C 833 -2.56 5.44 -69.89
N CYS C 834 -3.27 4.51 -69.26
CA CYS C 834 -3.64 3.27 -69.92
C CYS C 834 -4.51 3.52 -71.14
N ARG C 835 -5.47 4.44 -71.04
CA ARG C 835 -6.38 4.68 -72.16
C ARG C 835 -5.60 5.15 -73.39
N MET C 836 -4.47 5.83 -73.17
CA MET C 836 -3.70 6.36 -74.28
C MET C 836 -2.98 5.25 -75.05
N VAL C 837 -2.40 4.29 -74.35
CA VAL C 837 -1.54 3.29 -74.97
C VAL C 837 -2.31 2.00 -75.20
N PRO C 838 -2.54 1.62 -76.46
CA PRO C 838 -3.28 0.38 -76.74
C PRO C 838 -2.68 -0.87 -76.13
N SER C 839 -1.38 -1.05 -76.28
CA SER C 839 -0.76 -2.33 -75.93
C SER C 839 -0.81 -2.59 -74.42
N VAL C 840 -0.66 -1.56 -73.61
CA VAL C 840 -0.58 -1.71 -72.15
C VAL C 840 -1.99 -1.76 -71.59
N PHE C 841 -2.96 -2.22 -72.39
CA PHE C 841 -4.36 -2.25 -71.99
C PHE C 841 -4.58 -2.91 -70.64
N GLU C 842 -3.81 -3.96 -70.32
CA GLU C 842 -4.08 -4.75 -69.13
C GLU C 842 -3.36 -4.20 -67.91
N ALA C 843 -2.09 -3.84 -68.06
CA ALA C 843 -1.27 -3.44 -66.92
C ALA C 843 -1.85 -2.20 -66.24
N GLY C 844 -2.15 -1.17 -67.03
CA GLY C 844 -2.77 0.01 -66.47
C GLY C 844 -4.08 -0.28 -65.76
N ARG C 845 -4.88 -1.19 -66.33
CA ARG C 845 -6.10 -1.61 -65.66
C ARG C 845 -5.80 -2.18 -64.29
N THR C 846 -4.75 -3.01 -64.20
CA THR C 846 -4.35 -3.54 -62.90
C THR C 846 -3.96 -2.43 -61.95
N VAL C 847 -3.24 -1.42 -62.47
CA VAL C 847 -2.87 -0.27 -61.65
C VAL C 847 -4.12 0.38 -61.07
N LEU C 848 -5.15 0.57 -61.91
CA LEU C 848 -6.40 1.12 -61.43
C LEU C 848 -6.99 0.26 -60.33
N ALA C 849 -6.96 -1.06 -60.52
CA ALA C 849 -7.45 -1.96 -59.49
C ALA C 849 -6.74 -1.71 -58.17
N ILE C 850 -5.42 -1.56 -58.22
CA ILE C 850 -4.68 -1.29 -56.98
C ILE C 850 -5.10 0.03 -56.38
N ASP C 851 -5.32 1.04 -57.23
CA ASP C 851 -5.79 2.33 -56.76
C ASP C 851 -7.08 2.17 -55.97
N PHE C 852 -7.93 1.24 -56.40
CA PHE C 852 -9.16 0.99 -55.64
C PHE C 852 -8.83 0.54 -54.23
N MET C 853 -7.93 -0.42 -54.10
CA MET C 853 -7.44 -0.84 -52.78
C MET C 853 -6.98 0.36 -51.97
N VAL C 854 -6.25 1.26 -52.63
CA VAL C 854 -5.69 2.43 -51.95
C VAL C 854 -6.81 3.28 -51.37
N PHE C 855 -7.84 3.56 -52.17
CA PHE C 855 -8.96 4.36 -51.69
C PHE C 855 -9.67 3.65 -50.53
N THR C 856 -9.85 2.34 -50.66
CA THR C 856 -10.49 1.59 -49.58
C THR C 856 -9.71 1.73 -48.29
N LEU C 857 -8.39 1.69 -48.35
CA LEU C 857 -7.61 1.97 -47.15
C LEU C 857 -7.78 3.41 -46.71
N ARG C 858 -7.91 4.35 -47.65
CA ARG C 858 -8.12 5.74 -47.29
C ARG C 858 -9.36 5.88 -46.40
N LEU C 859 -10.36 5.06 -46.68
CA LEU C 859 -11.63 5.17 -45.96
C LEU C 859 -11.44 5.07 -44.45
N ILE C 860 -10.45 4.31 -43.98
CA ILE C 860 -10.31 4.02 -42.56
C ILE C 860 -10.25 5.30 -41.73
N HIS C 861 -9.62 6.34 -42.26
CA HIS C 861 -9.41 7.58 -41.52
C HIS C 861 -10.71 8.10 -40.92
N ILE C 862 -11.82 7.89 -41.62
CA ILE C 862 -13.11 8.46 -41.22
C ILE C 862 -13.46 8.03 -39.81
N PHE C 863 -13.15 6.80 -39.48
CA PHE C 863 -13.61 6.16 -38.24
C PHE C 863 -13.18 6.87 -36.97
N ALA C 864 -12.26 7.81 -37.08
CA ALA C 864 -11.60 8.35 -35.90
C ALA C 864 -12.58 8.95 -34.91
N ILE C 865 -13.68 9.52 -35.41
CA ILE C 865 -14.57 10.29 -34.53
C ILE C 865 -15.18 9.40 -33.46
N HIS C 866 -15.61 8.20 -33.83
CA HIS C 866 -16.44 7.42 -32.93
C HIS C 866 -15.67 7.00 -31.69
N LYS C 867 -16.34 7.08 -30.54
CA LYS C 867 -15.70 6.80 -29.26
C LYS C 867 -15.23 5.35 -29.18
N GLN C 868 -16.01 4.42 -29.73
CA GLN C 868 -15.67 3.01 -29.62
C GLN C 868 -14.62 2.61 -30.65
N LEU C 869 -14.87 2.91 -31.92
CA LEU C 869 -14.04 2.38 -32.99
C LEU C 869 -12.58 2.83 -32.85
N GLY C 870 -12.37 4.14 -32.66
CA GLY C 870 -11.05 4.73 -32.71
C GLY C 870 -9.94 3.98 -32.02
N PRO C 871 -10.09 3.74 -30.72
CA PRO C 871 -9.02 3.05 -29.98
C PRO C 871 -8.58 1.75 -30.61
N LYS C 872 -9.46 1.05 -31.31
CA LYS C 872 -9.05 -0.15 -32.01
C LYS C 872 -8.05 0.17 -33.12
N ILE C 873 -8.35 1.19 -33.92
CA ILE C 873 -7.43 1.59 -34.98
C ILE C 873 -6.11 2.04 -34.37
N ILE C 874 -6.19 2.77 -33.26
CA ILE C 874 -4.95 3.18 -32.59
C ILE C 874 -4.13 1.96 -32.20
N ILE C 875 -4.80 0.94 -31.69
CA ILE C 875 -4.09 -0.24 -31.20
C ILE C 875 -3.44 -0.98 -32.34
N VAL C 876 -4.16 -1.14 -33.46
CA VAL C 876 -3.59 -1.88 -34.58
C VAL C 876 -2.47 -1.08 -35.23
N GLU C 877 -2.58 0.25 -35.23
CA GLU C 877 -1.52 1.06 -35.81
C GLU C 877 -0.26 1.02 -34.96
N ARG C 878 -0.41 1.02 -33.64
CA ARG C 878 0.77 0.98 -32.78
C ARG C 878 1.54 -0.32 -32.95
N MET C 879 0.85 -1.42 -33.29
CA MET C 879 1.49 -2.72 -33.40
C MET C 879 2.14 -2.85 -34.78
N MET C 880 3.33 -2.28 -34.90
CA MET C 880 4.08 -2.33 -36.15
C MET C 880 5.35 -3.18 -36.05
N LYS C 881 5.66 -3.76 -34.89
CA LYS C 881 6.79 -4.67 -34.82
C LYS C 881 6.50 -5.97 -35.56
N ASP C 882 5.23 -6.35 -35.60
CA ASP C 882 4.84 -7.65 -36.13
C ASP C 882 5.27 -7.79 -37.58
N VAL C 883 5.10 -6.74 -38.39
CA VAL C 883 5.42 -6.85 -39.82
C VAL C 883 6.87 -7.31 -40.00
N PHE C 884 7.81 -6.53 -39.46
CA PHE C 884 9.22 -6.82 -39.66
C PHE C 884 9.60 -8.15 -39.02
N PHE C 885 9.29 -8.30 -37.73
CA PHE C 885 9.71 -9.51 -37.04
C PHE C 885 9.16 -10.75 -37.71
N PHE C 886 7.86 -10.74 -38.01
CA PHE C 886 7.23 -11.93 -38.57
C PHE C 886 7.64 -12.18 -40.00
N LEU C 887 7.91 -11.12 -40.78
CA LEU C 887 8.40 -11.38 -42.13
C LEU C 887 9.71 -12.12 -42.07
N PHE C 888 10.61 -11.68 -41.18
CA PHE C 888 11.83 -12.47 -40.98
C PHE C 888 11.53 -13.88 -40.51
N PHE C 889 10.68 -14.00 -39.50
CA PHE C 889 10.46 -15.30 -38.86
C PHE C 889 9.85 -16.30 -39.84
N LEU C 890 8.99 -15.82 -40.73
CA LEU C 890 8.39 -16.70 -41.71
C LEU C 890 9.37 -17.02 -42.82
N SER C 891 10.09 -16.01 -43.33
CA SER C 891 10.94 -16.22 -44.48
C SER C 891 12.09 -17.17 -44.15
N VAL C 892 12.78 -16.93 -43.04
CA VAL C 892 13.98 -17.70 -42.74
C VAL C 892 13.67 -19.19 -42.72
N TRP C 893 12.49 -19.56 -42.25
CA TRP C 893 12.14 -20.97 -42.20
C TRP C 893 11.55 -21.46 -43.50
N LEU C 894 10.70 -20.65 -44.13
CA LEU C 894 9.99 -21.08 -45.33
C LEU C 894 10.95 -21.31 -46.49
N VAL C 895 11.85 -20.37 -46.73
CA VAL C 895 12.74 -20.50 -47.88
C VAL C 895 13.64 -21.72 -47.71
N ALA C 896 14.19 -21.91 -46.51
CA ALA C 896 15.08 -23.04 -46.27
C ALA C 896 14.31 -24.35 -46.38
N TYR C 897 13.12 -24.42 -45.78
CA TYR C 897 12.29 -25.61 -45.89
C TYR C 897 12.01 -25.94 -47.34
N GLY C 898 11.62 -24.94 -48.14
CA GLY C 898 11.32 -25.19 -49.53
C GLY C 898 12.52 -25.67 -50.31
N VAL C 899 13.68 -25.02 -50.09
CA VAL C 899 14.90 -25.46 -50.76
C VAL C 899 15.17 -26.92 -50.44
N THR C 900 15.11 -27.28 -49.16
CA THR C 900 15.45 -28.64 -48.78
C THR C 900 14.46 -29.63 -49.36
N THR C 901 13.16 -29.33 -49.27
CA THR C 901 12.15 -30.26 -49.75
C THR C 901 12.22 -30.44 -51.26
N GLN C 902 12.42 -29.35 -52.00
CA GLN C 902 12.54 -29.47 -53.45
C GLN C 902 13.81 -30.21 -53.83
N ALA C 903 14.86 -30.07 -53.01
CA ALA C 903 16.05 -30.88 -53.21
C ALA C 903 15.73 -32.36 -53.07
N LEU C 904 14.92 -32.72 -52.07
CA LEU C 904 14.60 -34.13 -51.88
C LEU C 904 13.73 -34.68 -52.99
N LEU C 905 12.63 -33.99 -53.31
CA LEU C 905 11.59 -34.59 -54.13
C LEU C 905 12.03 -34.70 -55.58
N HIS C 906 12.44 -33.60 -56.19
CA HIS C 906 12.86 -33.58 -57.59
C HIS C 906 14.24 -32.93 -57.66
N PRO C 907 15.31 -33.73 -57.79
CA PRO C 907 16.65 -33.14 -57.82
C PRO C 907 17.00 -32.51 -59.15
N HIS C 908 16.17 -32.65 -60.18
CA HIS C 908 16.44 -32.14 -61.52
C HIS C 908 15.33 -31.15 -61.90
N ASP C 909 15.55 -29.88 -61.59
CA ASP C 909 14.67 -28.80 -62.02
C ASP C 909 15.53 -27.74 -62.71
N GLY C 910 15.25 -27.49 -63.99
CA GLY C 910 16.02 -26.55 -64.78
C GLY C 910 15.40 -25.19 -64.96
N ARG C 911 14.25 -24.91 -64.34
CA ARG C 911 13.54 -23.66 -64.51
C ARG C 911 13.56 -22.88 -63.20
N LEU C 912 14.12 -21.67 -63.26
CA LEU C 912 14.12 -20.80 -62.08
C LEU C 912 12.72 -20.30 -61.77
N GLU C 913 11.95 -19.94 -62.80
CA GLU C 913 10.60 -19.43 -62.58
C GLU C 913 9.64 -20.52 -62.09
N TRP C 914 9.78 -21.74 -62.62
CA TRP C 914 8.93 -22.83 -62.13
C TRP C 914 9.26 -23.17 -60.69
N ILE C 915 10.55 -23.19 -60.34
CA ILE C 915 10.96 -23.41 -58.95
C ILE C 915 10.42 -22.28 -58.08
N PHE C 916 10.44 -21.05 -58.59
CA PHE C 916 9.88 -19.93 -57.85
C PHE C 916 8.40 -20.15 -57.58
N ARG C 917 7.65 -20.55 -58.61
CA ARG C 917 6.21 -20.77 -58.45
C ARG C 917 5.93 -21.86 -57.43
N ARG C 918 6.64 -22.99 -57.53
CA ARG C 918 6.42 -24.10 -56.61
C ARG C 918 6.77 -23.72 -55.18
N VAL C 919 7.98 -23.19 -54.97
CA VAL C 919 8.46 -22.88 -53.63
C VAL C 919 7.68 -21.72 -53.02
N LEU C 920 7.06 -20.88 -53.84
CA LEU C 920 6.17 -19.85 -53.30
C LEU C 920 4.81 -20.44 -52.94
N TYR C 921 4.24 -21.26 -53.82
CA TYR C 921 2.90 -21.77 -53.61
C TYR C 921 2.82 -22.73 -52.43
N ARG C 922 3.88 -23.52 -52.21
CA ARG C 922 3.81 -24.54 -51.15
C ARG C 922 3.55 -23.93 -49.79
N PRO C 923 4.41 -23.07 -49.22
CA PRO C 923 4.10 -22.49 -47.91
C PRO C 923 2.91 -21.56 -47.93
N TYR C 924 2.59 -20.98 -49.08
CA TYR C 924 1.41 -20.12 -49.19
C TYR C 924 0.12 -20.94 -49.11
N LEU C 925 0.17 -22.19 -49.54
CA LEU C 925 -1.03 -23.03 -49.60
C LEU C 925 -1.11 -24.04 -48.46
N GLN C 926 0.02 -24.48 -47.91
CA GLN C 926 -0.01 -25.46 -46.83
C GLN C 926 -0.67 -24.92 -45.57
N ILE C 927 -0.65 -23.61 -45.37
CA ILE C 927 -1.28 -23.03 -44.18
C ILE C 927 -2.80 -23.14 -44.27
N PHE C 928 -3.36 -23.01 -45.46
CA PHE C 928 -4.81 -22.94 -45.66
C PHE C 928 -5.39 -24.24 -46.18
N GLY C 929 -4.85 -25.39 -45.76
CA GLY C 929 -5.45 -26.66 -46.07
C GLY C 929 -5.24 -27.17 -47.49
N GLN C 930 -4.37 -26.52 -48.27
CA GLN C 930 -4.09 -26.96 -49.64
C GLN C 930 -2.78 -27.75 -49.61
N ILE C 931 -2.89 -29.06 -49.42
CA ILE C 931 -1.73 -29.94 -49.33
C ILE C 931 -1.75 -30.93 -50.49
N PRO C 932 -1.10 -30.62 -51.61
CA PRO C 932 -1.09 -31.54 -52.76
C PRO C 932 -0.11 -32.71 -52.58
N LEU C 933 -0.59 -33.74 -51.86
CA LEU C 933 0.21 -34.94 -51.64
C LEU C 933 0.47 -35.72 -52.92
N ASP C 934 -0.27 -35.44 -54.00
CA ASP C 934 -0.04 -36.10 -55.27
C ASP C 934 1.33 -35.76 -55.86
N GLU C 935 1.97 -34.70 -55.37
CA GLU C 935 3.29 -34.32 -55.83
C GLU C 935 4.36 -34.45 -54.73
N ILE C 936 3.99 -34.92 -53.54
CA ILE C 936 4.92 -34.96 -52.42
C ILE C 936 5.10 -36.37 -51.89
N ASP C 937 4.08 -37.20 -52.04
CA ASP C 937 4.09 -38.57 -51.50
C ASP C 937 4.25 -39.55 -52.65
N GLU C 938 5.34 -40.32 -52.62
CA GLU C 938 5.61 -41.29 -53.67
C GLU C 938 4.48 -42.30 -53.79
N ALA C 939 3.84 -42.65 -52.67
CA ALA C 939 2.66 -43.50 -52.71
C ALA C 939 1.46 -42.79 -53.32
N ARG C 940 1.52 -41.46 -53.47
CA ARG C 940 0.41 -40.68 -54.00
C ARG C 940 0.70 -40.05 -55.35
N VAL C 941 1.92 -40.14 -55.86
CA VAL C 941 2.20 -39.61 -57.19
C VAL C 941 1.62 -40.54 -58.26
N ALA C 961 11.76 -39.75 -47.09
CA ALA C 961 11.74 -38.30 -46.98
C ALA C 961 10.45 -37.77 -46.36
N ASN C 962 9.43 -38.62 -46.21
CA ASN C 962 8.13 -38.15 -45.73
C ASN C 962 8.20 -37.75 -44.26
N TRP C 963 8.78 -38.61 -43.41
CA TRP C 963 8.71 -38.39 -41.98
C TRP C 963 9.47 -37.14 -41.56
N LEU C 964 10.59 -36.85 -42.23
CA LEU C 964 11.29 -35.60 -41.96
C LEU C 964 10.42 -34.39 -42.29
N VAL C 965 9.70 -34.45 -43.41
CA VAL C 965 8.81 -33.37 -43.79
C VAL C 965 7.69 -33.21 -42.77
N ILE C 966 7.15 -34.34 -42.29
CA ILE C 966 6.10 -34.26 -41.27
C ILE C 966 6.63 -33.64 -40.00
N LEU C 967 7.82 -34.06 -39.56
CA LEU C 967 8.39 -33.50 -38.35
C LEU C 967 8.64 -32.01 -38.48
N LEU C 968 9.18 -31.56 -39.62
CA LEU C 968 9.40 -30.14 -39.83
C LEU C 968 8.10 -29.35 -39.87
N LEU C 969 7.07 -29.89 -40.54
CA LEU C 969 5.78 -29.20 -40.59
C LEU C 969 5.15 -29.12 -39.21
N VAL C 970 5.32 -30.16 -38.38
CA VAL C 970 4.79 -30.10 -37.01
C VAL C 970 5.53 -29.04 -36.21
N THR C 971 6.87 -29.04 -36.29
CA THR C 971 7.64 -28.03 -35.59
C THR C 971 7.21 -26.63 -36.00
N PHE C 972 6.97 -26.40 -37.29
CA PHE C 972 6.47 -25.11 -37.75
C PHE C 972 5.11 -24.80 -37.14
N LEU C 973 4.11 -25.65 -37.43
CA LEU C 973 2.76 -25.40 -36.97
C LEU C 973 2.64 -25.29 -35.46
N LEU C 974 3.68 -25.68 -34.71
CA LEU C 974 3.68 -25.43 -33.28
C LEU C 974 4.40 -24.12 -32.94
N VAL C 975 5.63 -23.93 -33.40
CA VAL C 975 6.41 -22.79 -32.92
C VAL C 975 5.88 -21.48 -33.48
N THR C 976 5.47 -21.46 -34.76
CA THR C 976 4.88 -20.24 -35.30
C THR C 976 3.54 -19.95 -34.66
N ASN C 977 2.72 -20.98 -34.46
CA ASN C 977 1.40 -20.78 -33.84
C ASN C 977 1.46 -20.08 -32.47
N VAL C 978 2.10 -20.71 -31.50
CA VAL C 978 2.21 -20.13 -30.16
C VAL C 978 3.00 -18.83 -30.22
N LEU C 979 4.07 -18.82 -31.01
CA LEU C 979 4.90 -17.65 -31.18
C LEU C 979 4.17 -16.47 -31.82
N LEU C 980 3.30 -16.71 -32.80
CA LEU C 980 2.66 -15.57 -33.44
C LEU C 980 1.60 -14.93 -32.59
N MET C 981 0.50 -15.65 -32.39
CA MET C 981 -0.61 -15.09 -31.62
C MET C 981 -0.17 -14.64 -30.22
N ASN C 982 0.69 -15.43 -29.59
CA ASN C 982 1.15 -15.11 -28.25
C ASN C 982 1.90 -13.77 -28.19
N LEU C 983 2.86 -13.59 -29.07
CA LEU C 983 3.67 -12.36 -29.10
C LEU C 983 2.82 -11.19 -29.49
N LEU C 984 1.87 -11.46 -30.39
CA LEU C 984 1.01 -10.41 -30.86
C LEU C 984 0.26 -9.92 -29.66
N ILE C 985 -0.29 -10.87 -28.92
CA ILE C 985 -1.12 -10.69 -27.74
C ILE C 985 -0.40 -10.17 -26.51
N ALA C 986 0.80 -10.62 -26.19
CA ALA C 986 1.46 -10.05 -25.02
C ALA C 986 1.70 -8.56 -25.30
N MET C 987 2.23 -8.31 -26.49
CA MET C 987 2.49 -6.96 -26.97
C MET C 987 1.15 -6.24 -27.16
N PHE C 988 0.11 -6.96 -27.62
CA PHE C 988 -1.18 -6.33 -27.79
C PHE C 988 -1.65 -5.83 -26.46
N SER C 989 -1.54 -6.63 -25.40
CA SER C 989 -2.00 -6.23 -24.09
C SER C 989 -1.19 -5.05 -23.60
N TYR C 990 0.14 -5.20 -23.69
CA TYR C 990 1.13 -4.22 -23.27
C TYR C 990 1.06 -3.07 -24.25
N THR C 991 0.99 -3.42 -25.54
CA THR C 991 0.80 -2.45 -26.62
C THR C 991 -0.58 -1.82 -26.45
N PHE C 992 -1.53 -2.68 -26.10
CA PHE C 992 -2.90 -2.30 -25.82
C PHE C 992 -2.90 -1.36 -24.61
N GLN C 993 -2.23 -1.84 -23.55
CA GLN C 993 -2.08 -1.19 -22.26
C GLN C 993 -1.34 0.09 -22.44
N VAL C 994 -0.37 0.07 -23.35
CA VAL C 994 0.38 1.28 -23.70
C VAL C 994 -0.65 2.20 -24.36
N VAL C 995 -1.46 1.64 -25.26
CA VAL C 995 -2.55 2.35 -25.91
C VAL C 995 -3.66 2.76 -24.94
N GLN C 996 -3.84 2.00 -23.86
CA GLN C 996 -4.86 2.32 -22.87
C GLN C 996 -4.56 3.68 -22.27
N GLY C 997 -3.28 4.02 -22.19
CA GLY C 997 -2.89 5.33 -21.72
C GLY C 997 -2.53 6.24 -22.88
N ASN C 998 -1.31 6.07 -23.39
CA ASN C 998 -0.80 6.92 -24.45
C ASN C 998 -1.55 6.95 -25.77
N ALA C 999 -1.93 5.79 -26.32
CA ALA C 999 -2.71 5.86 -27.56
C ALA C 999 -4.13 6.34 -27.36
N ASP C 1000 -4.69 6.17 -26.15
CA ASP C 1000 -6.01 6.73 -25.84
C ASP C 1000 -5.88 8.25 -25.87
N MET C 1001 -4.77 8.76 -25.33
CA MET C 1001 -4.48 10.18 -25.40
C MET C 1001 -4.33 10.58 -26.88
N PHE C 1002 -3.68 9.75 -27.69
CA PHE C 1002 -3.52 10.01 -29.11
C PHE C 1002 -4.88 10.10 -29.81
N TRP C 1003 -5.79 9.21 -29.43
CA TRP C 1003 -7.13 9.14 -29.97
C TRP C 1003 -7.72 10.50 -29.78
N LYS C 1004 -7.52 11.05 -28.59
CA LYS C 1004 -8.04 12.38 -28.29
C LYS C 1004 -7.27 13.37 -29.14
N PHE C 1005 -5.97 13.11 -29.31
CA PHE C 1005 -5.14 13.97 -30.13
C PHE C 1005 -5.63 13.91 -31.56
N GLN C 1006 -5.94 12.70 -32.01
CA GLN C 1006 -6.45 12.48 -33.36
C GLN C 1006 -7.79 13.18 -33.52
N ARG C 1007 -8.62 13.11 -32.48
CA ARG C 1007 -9.92 13.76 -32.53
C ARG C 1007 -9.74 15.25 -32.70
N TYR C 1008 -8.82 15.83 -31.94
CA TYR C 1008 -8.59 17.26 -32.05
C TYR C 1008 -8.11 17.62 -33.44
N HIS C 1009 -7.21 16.82 -33.99
CA HIS C 1009 -6.72 17.13 -35.31
C HIS C 1009 -7.84 17.10 -36.33
N LEU C 1010 -8.70 16.08 -36.23
CA LEU C 1010 -9.80 15.96 -37.17
C LEU C 1010 -10.75 17.14 -37.04
N ILE C 1011 -11.02 17.54 -35.81
CA ILE C 1011 -11.93 18.65 -35.56
C ILE C 1011 -11.46 19.90 -36.27
N VAL C 1012 -10.18 20.20 -36.12
CA VAL C 1012 -9.65 21.40 -36.76
C VAL C 1012 -9.70 21.27 -38.28
N GLU C 1013 -9.39 20.07 -38.79
CA GLU C 1013 -9.40 19.86 -40.23
C GLU C 1013 -10.78 20.12 -40.81
N TYR C 1014 -11.81 19.53 -40.21
CA TYR C 1014 -13.15 19.72 -40.77
C TYR C 1014 -13.63 21.16 -40.59
N HIS C 1015 -13.21 21.81 -39.51
CA HIS C 1015 -13.57 23.21 -39.34
C HIS C 1015 -13.12 24.04 -40.52
N GLY C 1016 -11.92 23.78 -41.02
CA GLY C 1016 -11.38 24.54 -42.13
C GLY C 1016 -11.99 24.21 -43.47
N ARG C 1017 -12.83 23.22 -43.55
CA ARG C 1017 -13.37 22.87 -44.84
C ARG C 1017 -14.62 23.68 -45.15
N PRO C 1018 -14.88 23.98 -46.41
CA PRO C 1018 -16.14 24.63 -46.79
C PRO C 1018 -17.24 23.60 -47.03
N ALA C 1019 -18.47 24.12 -47.15
CA ALA C 1019 -19.64 23.26 -47.15
C ALA C 1019 -19.69 22.32 -48.35
N LEU C 1020 -19.27 22.79 -49.52
CA LEU C 1020 -19.45 22.01 -50.73
C LEU C 1020 -18.63 20.72 -50.66
N ALA C 1021 -19.13 19.69 -51.33
CA ALA C 1021 -18.55 18.36 -51.29
C ALA C 1021 -17.36 18.31 -52.25
N PRO C 1022 -16.63 17.19 -52.28
CA PRO C 1022 -15.53 17.04 -53.25
C PRO C 1022 -15.92 17.45 -54.66
N PRO C 1023 -17.03 16.95 -55.22
CA PRO C 1023 -17.36 17.34 -56.61
C PRO C 1023 -17.86 18.76 -56.72
N PHE C 1024 -18.31 19.34 -55.64
CA PHE C 1024 -18.85 20.68 -55.65
C PHE C 1024 -17.82 21.74 -55.29
N ILE C 1025 -16.65 21.31 -54.79
CA ILE C 1025 -15.60 22.24 -54.38
C ILE C 1025 -15.23 23.16 -55.54
N LEU C 1026 -15.37 22.67 -56.76
CA LEU C 1026 -15.06 23.42 -57.97
C LEU C 1026 -15.74 24.78 -57.99
N LEU C 1027 -16.80 24.95 -57.20
CA LEU C 1027 -17.45 26.24 -57.07
C LEU C 1027 -16.95 27.05 -55.88
N SER C 1028 -16.71 26.40 -54.73
CA SER C 1028 -16.30 27.18 -53.56
C SER C 1028 -14.87 27.68 -53.70
N HIS C 1029 -13.96 26.83 -54.17
CA HIS C 1029 -12.58 27.26 -54.39
C HIS C 1029 -12.53 28.36 -55.43
N LEU C 1030 -13.31 28.24 -56.50
CA LEU C 1030 -13.33 29.27 -57.52
C LEU C 1030 -13.88 30.58 -56.96
N SER C 1031 -14.93 30.50 -56.15
CA SER C 1031 -15.51 31.71 -55.55
C SER C 1031 -14.53 32.37 -54.60
N LEU C 1032 -13.81 31.57 -53.81
CA LEU C 1032 -12.83 32.12 -52.88
C LEU C 1032 -11.68 32.78 -53.63
N VAL C 1033 -11.20 32.15 -54.70
CA VAL C 1033 -10.13 32.74 -55.49
C VAL C 1033 -10.61 34.05 -56.13
N LEU C 1034 -11.86 34.07 -56.60
CA LEU C 1034 -12.39 35.28 -57.20
C LEU C 1034 -12.50 36.40 -56.16
N LYS C 1035 -12.96 36.07 -54.96
CA LYS C 1035 -13.06 37.09 -53.90
C LYS C 1035 -11.69 37.61 -53.51
N GLN C 1036 -10.69 36.72 -53.44
CA GLN C 1036 -9.34 37.15 -53.09
C GLN C 1036 -8.76 38.04 -54.17
N VAL C 1037 -9.01 37.71 -55.45
CA VAL C 1037 -8.53 38.56 -56.54
C VAL C 1037 -9.23 39.92 -56.51
N PHE C 1038 -10.53 39.93 -56.16
CA PHE C 1038 -11.26 41.19 -56.08
C PHE C 1038 -10.74 42.06 -54.94
N ARG C 1039 -10.50 41.47 -53.78
CA ARG C 1039 -10.02 42.23 -52.62
C ARG C 1039 -8.53 42.53 -52.74
N HIS C 1048 -13.27 33.42 -34.93
CA HIS C 1048 -13.16 32.12 -34.28
C HIS C 1048 -12.17 32.16 -33.12
N LEU C 1049 -11.20 31.25 -33.17
CA LEU C 1049 -10.17 31.14 -32.13
C LEU C 1049 -9.32 32.41 -32.05
N GLU C 1050 -9.02 32.97 -33.21
CA GLU C 1050 -8.18 34.16 -33.33
C GLU C 1050 -8.74 35.41 -32.66
N ARG C 1051 -10.05 35.57 -32.67
CA ARG C 1051 -10.69 36.76 -32.12
C ARG C 1051 -10.32 37.01 -30.66
N ASP C 1052 -10.05 38.27 -30.35
CA ASP C 1052 -9.67 38.70 -29.01
C ASP C 1052 -10.47 39.93 -28.58
N LEU C 1053 -10.61 40.10 -27.26
CA LEU C 1053 -11.37 41.21 -26.70
C LEU C 1053 -10.61 42.54 -26.64
N PRO C 1054 -11.22 43.53 -25.98
CA PRO C 1054 -10.66 44.88 -25.81
C PRO C 1054 -9.86 44.97 -24.52
N ASP C 1055 -9.19 46.10 -24.31
CA ASP C 1055 -8.37 46.31 -23.11
C ASP C 1055 -9.14 46.00 -21.83
N PRO C 1056 -10.20 46.78 -21.56
CA PRO C 1056 -11.04 46.65 -20.37
C PRO C 1056 -11.45 45.21 -20.11
N VAL C 1057 -12.23 44.65 -21.01
CA VAL C 1057 -12.72 43.28 -20.87
C VAL C 1057 -11.62 42.27 -20.55
N ASP C 1058 -10.59 42.26 -21.37
CA ASP C 1058 -9.50 41.31 -21.18
C ASP C 1058 -8.88 41.45 -19.79
N GLN C 1059 -8.55 42.74 -19.35
CA GLN C 1059 -7.84 43.00 -18.10
C GLN C 1059 -8.52 42.30 -16.93
N LYS C 1060 -9.84 42.41 -16.86
CA LYS C 1060 -10.60 41.69 -15.84
C LYS C 1060 -10.28 40.21 -15.89
N ILE C 1061 -10.22 39.64 -17.08
CA ILE C 1061 -9.94 38.22 -17.23
C ILE C 1061 -8.57 37.89 -16.66
N ILE C 1062 -7.58 38.70 -17.03
CA ILE C 1062 -6.21 38.47 -16.56
C ILE C 1062 -6.17 38.50 -15.04
N THR C 1063 -6.79 39.51 -14.44
CA THR C 1063 -6.79 39.62 -13.00
C THR C 1063 -7.49 38.42 -12.37
N TRP C 1064 -8.60 38.00 -12.94
CA TRP C 1064 -9.32 36.85 -12.39
C TRP C 1064 -8.46 35.60 -12.43
N GLU C 1065 -7.78 35.38 -13.55
CA GLU C 1065 -6.88 34.22 -13.65
C GLU C 1065 -5.79 34.30 -12.60
N THR C 1066 -5.26 35.50 -12.40
CA THR C 1066 -4.24 35.68 -11.37
C THR C 1066 -4.77 35.25 -10.02
N VAL C 1067 -5.98 35.69 -9.68
CA VAL C 1067 -6.54 35.33 -8.39
C VAL C 1067 -6.70 33.83 -8.29
N GLN C 1068 -7.12 33.20 -9.38
CA GLN C 1068 -7.26 31.75 -9.37
C GLN C 1068 -5.93 31.08 -9.09
N LYS C 1069 -4.87 31.55 -9.73
CA LYS C 1069 -3.56 30.95 -9.50
C LYS C 1069 -3.15 31.10 -8.04
N GLU C 1070 -3.41 32.26 -7.46
CA GLU C 1070 -3.05 32.46 -6.05
C GLU C 1070 -3.81 31.49 -5.17
N ASN C 1071 -5.11 31.33 -5.41
CA ASN C 1071 -5.88 30.39 -4.61
C ASN C 1071 -5.32 28.99 -4.75
N PHE C 1072 -4.98 28.61 -5.98
CA PHE C 1072 -4.42 27.28 -6.20
C PHE C 1072 -3.16 27.07 -5.38
N LEU C 1073 -2.24 28.04 -5.41
CA LEU C 1073 -1.00 27.88 -4.67
C LEU C 1073 -1.24 27.84 -3.18
N SER C 1074 -2.14 28.69 -2.68
CA SER C 1074 -2.42 28.66 -1.26
C SER C 1074 -3.00 27.32 -0.85
N THR C 1075 -3.85 26.74 -1.70
CA THR C 1075 -4.40 25.42 -1.40
C THR C 1075 -3.31 24.36 -1.38
N MET C 1076 -2.39 24.41 -2.34
CA MET C 1076 -1.30 23.46 -2.34
C MET C 1076 -0.48 23.56 -1.07
N GLU C 1077 -0.20 24.79 -0.64
CA GLU C 1077 0.53 24.97 0.61
C GLU C 1077 -0.24 24.39 1.79
N LYS C 1078 -1.54 24.67 1.85
CA LYS C 1078 -2.34 24.15 2.95
C LYS C 1078 -2.28 22.63 2.99
N ARG C 1079 -2.43 21.99 1.84
CA ARG C 1079 -2.32 20.54 1.79
C ARG C 1079 -0.94 20.09 2.25
N ARG C 1080 0.08 20.89 1.96
CA ARG C 1080 1.41 20.55 2.46
C ARG C 1080 1.48 20.64 3.98
N ARG C 1081 0.72 21.56 4.57
CA ARG C 1081 0.78 21.75 6.01
C ARG C 1081 0.29 20.51 6.76
N ASP C 1082 -0.70 19.82 6.21
CA ASP C 1082 -1.31 18.69 6.87
C ASP C 1082 -0.65 17.36 6.54
N SER C 1083 0.55 17.38 5.95
CA SER C 1083 1.23 16.12 5.72
C SER C 1083 1.55 15.48 7.05
N GLU C 1084 1.25 14.18 7.15
CA GLU C 1084 1.54 13.46 8.38
C GLU C 1084 3.00 13.63 8.76
N GLU C 1085 3.88 13.61 7.77
CA GLU C 1085 5.28 13.88 8.03
C GLU C 1085 5.48 15.24 8.68
N GLU C 1086 4.84 16.28 8.15
CA GLU C 1086 5.01 17.61 8.73
C GLU C 1086 4.53 17.65 10.16
N VAL C 1087 3.37 17.03 10.42
CA VAL C 1087 2.85 17.00 11.78
C VAL C 1087 3.84 16.32 12.71
N LEU C 1088 4.37 15.18 12.27
CA LEU C 1088 5.33 14.46 13.09
C LEU C 1088 6.55 15.30 13.38
N ARG C 1089 7.09 15.96 12.37
CA ARG C 1089 8.30 16.75 12.57
C ARG C 1089 8.04 17.89 13.55
N LYS C 1090 6.92 18.59 13.37
CA LYS C 1090 6.60 19.67 14.29
C LYS C 1090 6.46 19.14 15.71
N THR C 1091 5.80 17.99 15.84
CA THR C 1091 5.62 17.41 17.17
C THR C 1091 6.96 17.07 17.80
N ALA C 1092 7.84 16.43 17.04
CA ALA C 1092 9.14 16.07 17.58
C ALA C 1092 9.90 17.31 18.02
N HIS C 1093 9.88 18.35 17.19
CA HIS C 1093 10.60 19.57 17.54
C HIS C 1093 10.07 20.15 18.84
N ARG C 1094 8.75 20.21 18.98
CA ARG C 1094 8.18 20.78 20.19
C ARG C 1094 8.52 19.93 21.40
N VAL C 1095 8.49 18.61 21.26
CA VAL C 1095 8.85 17.76 22.38
C VAL C 1095 10.28 17.98 22.80
N ASP C 1096 11.18 18.07 21.83
CA ASP C 1096 12.58 18.29 22.17
C ASP C 1096 12.77 19.62 22.88
N LEU C 1097 12.09 20.66 22.41
CA LEU C 1097 12.17 21.96 23.08
C LEU C 1097 11.65 21.86 24.50
N ILE C 1098 10.51 21.20 24.69
CA ILE C 1098 9.95 21.05 26.02
C ILE C 1098 10.90 20.29 26.92
N ALA C 1099 11.54 19.25 26.39
CA ALA C 1099 12.46 18.46 27.19
C ALA C 1099 13.67 19.28 27.62
N LYS C 1100 14.26 20.01 26.67
CA LYS C 1100 15.41 20.83 27.00
C LYS C 1100 15.05 21.88 28.03
N TYR C 1101 13.87 22.49 27.90
CA TYR C 1101 13.46 23.53 28.84
C TYR C 1101 13.20 22.94 30.21
N ILE C 1102 12.39 21.88 30.29
CA ILE C 1102 12.06 21.25 31.57
C ILE C 1102 13.30 20.75 32.28
N CYS D 35 37.16 -34.11 54.81
CA CYS D 35 36.25 -35.26 54.80
C CYS D 35 35.23 -35.15 53.68
N LYS D 36 35.65 -35.47 52.47
CA LYS D 36 34.79 -35.39 51.29
C LYS D 36 34.03 -36.70 51.11
N GLY D 37 32.76 -36.58 50.71
CA GLY D 37 31.95 -37.76 50.49
C GLY D 37 30.90 -37.49 49.44
N GLU D 38 30.18 -38.54 49.08
CA GLU D 38 29.14 -38.45 48.06
C GLU D 38 27.88 -39.16 48.54
N VAL D 39 26.73 -38.56 48.24
CA VAL D 39 25.44 -39.15 48.56
C VAL D 39 24.76 -39.57 47.26
N ASN D 40 24.59 -40.88 47.07
CA ASN D 40 24.06 -41.43 45.83
C ASN D 40 22.54 -41.49 45.93
N PHE D 41 21.90 -40.36 45.66
CA PHE D 41 20.45 -40.27 45.67
C PHE D 41 19.87 -40.42 44.27
N LYS D 47 21.84 -39.83 41.31
CA LYS D 47 22.01 -38.42 41.63
C LYS D 47 22.98 -38.23 42.78
N ARG D 48 24.24 -38.61 42.56
CA ARG D 48 25.26 -38.51 43.58
C ARG D 48 25.70 -37.06 43.74
N SER D 49 25.62 -36.55 44.96
CA SER D 49 25.93 -35.15 45.27
C SER D 49 27.08 -35.14 46.26
N LYS D 50 28.11 -34.36 45.98
CA LYS D 50 29.28 -34.33 46.84
C LYS D 50 29.07 -33.39 48.01
N PHE D 51 29.81 -33.63 49.08
CA PHE D 51 29.70 -32.82 50.29
C PHE D 51 31.05 -32.83 51.00
N VAL D 52 31.39 -31.70 51.61
CA VAL D 52 32.63 -31.56 52.35
C VAL D 52 32.30 -30.94 53.70
N LYS D 53 32.67 -31.63 54.78
CA LYS D 53 32.46 -31.09 56.11
C LYS D 53 33.63 -30.21 56.50
N VAL D 54 33.35 -28.97 56.84
CA VAL D 54 34.41 -28.00 57.16
C VAL D 54 34.04 -27.24 58.42
N PRO D 55 34.91 -27.20 59.43
CA PRO D 55 34.67 -26.34 60.58
C PRO D 55 34.93 -24.88 60.23
N SER D 56 34.62 -24.01 61.18
CA SER D 56 34.82 -22.58 60.97
C SER D 56 36.29 -22.22 61.13
N ASN D 57 36.62 -21.01 60.68
CA ASN D 57 37.98 -20.46 60.73
C ASN D 57 38.99 -21.27 59.92
N VAL D 58 38.52 -22.07 58.97
CA VAL D 58 39.42 -22.83 58.12
C VAL D 58 39.94 -21.93 57.01
N ALA D 59 41.20 -22.14 56.63
CA ALA D 59 41.83 -21.37 55.56
C ALA D 59 41.00 -21.45 54.29
N PRO D 60 40.42 -20.33 53.84
CA PRO D 60 39.52 -20.37 52.67
C PRO D 60 40.23 -20.84 51.41
N SER D 61 41.49 -20.44 51.24
CA SER D 61 42.26 -20.82 50.07
C SER D 61 42.23 -22.33 49.85
N MET D 62 42.45 -23.10 50.91
CA MET D 62 42.39 -24.55 50.80
C MET D 62 41.03 -25.02 50.33
N LEU D 63 39.97 -24.39 50.85
CA LEU D 63 38.62 -24.76 50.46
C LEU D 63 38.38 -24.51 48.97
N PHE D 64 38.74 -23.32 48.50
CA PHE D 64 38.52 -22.97 47.10
C PHE D 64 39.32 -23.87 46.19
N GLU D 65 40.56 -24.18 46.56
CA GLU D 65 41.39 -25.04 45.73
C GLU D 65 40.87 -26.47 45.71
N LEU D 66 40.46 -26.99 46.87
CA LEU D 66 39.86 -28.32 46.90
C LEU D 66 38.63 -28.36 46.01
N LEU D 67 37.76 -27.37 46.13
CA LEU D 67 36.61 -27.26 45.23
C LEU D 67 37.05 -27.40 43.78
N LEU D 68 37.90 -26.47 43.32
CA LEU D 68 38.25 -26.40 41.91
C LEU D 68 38.87 -27.70 41.42
N THR D 69 39.82 -28.26 42.17
CA THR D 69 40.52 -29.45 41.68
C THR D 69 39.67 -30.71 41.84
N GLU D 70 39.26 -31.04 43.06
CA GLU D 70 38.60 -32.31 43.30
C GLU D 70 37.22 -32.39 42.66
N TRP D 71 36.53 -31.25 42.52
CA TRP D 71 35.24 -31.28 41.86
C TRP D 71 35.33 -30.98 40.37
N HIS D 72 36.46 -30.44 39.90
CA HIS D 72 36.69 -30.15 38.50
C HIS D 72 35.61 -29.24 37.95
N LEU D 73 35.36 -28.15 38.67
CA LEU D 73 34.38 -27.16 38.29
C LEU D 73 35.03 -26.06 37.47
N PRO D 74 34.34 -25.52 36.48
CA PRO D 74 34.96 -24.51 35.62
C PRO D 74 35.20 -23.21 36.38
N ALA D 75 36.15 -22.44 35.86
CA ALA D 75 36.44 -21.15 36.47
C ALA D 75 35.23 -20.23 36.33
N PRO D 76 34.85 -19.51 37.37
CA PRO D 76 33.65 -18.69 37.30
C PRO D 76 33.94 -17.28 36.81
N ASN D 77 33.09 -16.79 35.91
CA ASN D 77 33.17 -15.40 35.48
C ASN D 77 32.32 -14.47 36.32
N LEU D 78 31.61 -14.99 37.32
CA LEU D 78 30.73 -14.20 38.17
C LEU D 78 30.29 -15.06 39.34
N VAL D 79 30.12 -14.42 40.49
CA VAL D 79 29.54 -15.07 41.67
C VAL D 79 28.58 -14.11 42.35
N VAL D 80 27.38 -14.59 42.65
CA VAL D 80 26.36 -13.82 43.36
C VAL D 80 25.91 -14.62 44.57
N SER D 81 25.79 -13.95 45.70
CA SER D 81 25.50 -14.60 46.97
C SER D 81 24.13 -14.16 47.48
N LEU D 82 23.25 -15.13 47.71
CA LEU D 82 21.94 -14.85 48.25
C LEU D 82 22.03 -14.51 49.73
N VAL D 83 21.14 -13.63 50.20
CA VAL D 83 21.14 -13.19 51.59
C VAL D 83 19.75 -13.29 52.22
N GLY D 84 18.76 -13.83 51.51
CA GLY D 84 17.43 -13.88 52.06
C GLY D 84 16.75 -15.24 51.94
N GLU D 85 16.17 -15.72 53.04
CA GLU D 85 15.40 -16.97 53.04
C GLU D 85 14.37 -16.87 54.16
N GLU D 86 13.14 -16.51 53.80
CA GLU D 86 12.02 -16.47 54.73
C GLU D 86 10.82 -17.14 54.07
N ARG D 87 10.50 -18.36 54.52
CA ARG D 87 9.41 -19.11 53.91
C ARG D 87 8.05 -18.51 54.22
N LEU D 88 7.99 -17.51 55.11
CA LEU D 88 6.71 -16.95 55.51
C LEU D 88 6.04 -16.22 54.34
N PHE D 89 6.80 -15.42 53.60
CA PHE D 89 6.25 -14.61 52.52
C PHE D 89 6.53 -15.30 51.19
N ALA D 90 5.48 -15.52 50.41
CA ALA D 90 5.62 -16.16 49.11
C ALA D 90 6.13 -15.16 48.07
N MET D 91 6.55 -15.69 46.93
CA MET D 91 7.12 -14.88 45.87
C MET D 91 6.04 -14.42 44.91
N LYS D 92 5.96 -13.10 44.70
CA LYS D 92 4.99 -12.54 43.78
C LYS D 92 5.41 -12.82 42.34
N SER D 93 4.50 -12.51 41.41
CA SER D 93 4.75 -12.76 40.00
C SER D 93 5.91 -11.91 39.50
N TRP D 94 5.80 -10.59 39.66
CA TRP D 94 6.82 -9.63 39.22
C TRP D 94 8.21 -10.02 39.74
N LEU D 95 8.26 -10.74 40.86
CA LEU D 95 9.52 -11.23 41.38
C LEU D 95 9.97 -12.50 40.66
N ARG D 96 9.15 -13.55 40.69
CA ARG D 96 9.52 -14.82 40.08
C ARG D 96 9.96 -14.64 38.65
N ASP D 97 9.09 -14.04 37.82
CA ASP D 97 9.32 -14.04 36.38
C ASP D 97 10.70 -13.48 36.06
N VAL D 98 10.93 -12.21 36.37
CA VAL D 98 12.23 -11.63 36.07
C VAL D 98 13.33 -12.36 36.82
N LEU D 99 13.28 -12.37 38.17
CA LEU D 99 14.39 -12.84 38.99
C LEU D 99 14.92 -14.18 38.53
N ARG D 100 14.05 -15.11 38.19
CA ARG D 100 14.53 -16.41 37.77
C ARG D 100 14.61 -16.56 36.26
N LYS D 101 13.49 -16.42 35.55
CA LYS D 101 13.53 -16.65 34.11
C LYS D 101 14.47 -15.67 33.42
N GLY D 102 14.23 -14.38 33.58
CA GLY D 102 14.94 -13.40 32.77
C GLY D 102 16.40 -13.28 33.15
N LEU D 103 16.73 -13.61 34.39
CA LEU D 103 18.11 -13.55 34.84
C LEU D 103 18.88 -14.81 34.44
N VAL D 104 18.35 -15.98 34.78
CA VAL D 104 19.09 -17.21 34.53
C VAL D 104 19.14 -17.55 33.04
N LYS D 105 18.09 -17.24 32.28
CA LYS D 105 18.13 -17.49 30.84
C LYS D 105 19.26 -16.70 30.18
N ALA D 106 19.54 -15.51 30.69
CA ALA D 106 20.66 -14.73 30.18
C ALA D 106 21.99 -15.25 30.73
N ALA D 107 22.03 -15.59 32.01
CA ALA D 107 23.28 -16.05 32.62
C ALA D 107 23.72 -17.40 32.06
N GLN D 108 22.81 -18.12 31.39
CA GLN D 108 23.16 -19.40 30.79
C GLN D 108 24.13 -19.25 29.63
N SER D 109 24.47 -18.01 29.27
CA SER D 109 25.41 -17.76 28.18
C SER D 109 26.85 -17.59 28.68
N THR D 110 27.02 -17.12 29.92
CA THR D 110 28.34 -16.93 30.48
C THR D 110 28.61 -17.76 31.73
N GLY D 111 27.58 -18.26 32.41
CA GLY D 111 27.77 -19.09 33.57
C GLY D 111 28.24 -18.33 34.80
N ALA D 112 27.93 -18.85 35.99
CA ALA D 112 28.29 -18.19 37.24
C ALA D 112 28.09 -19.20 38.37
N TRP D 113 28.28 -18.72 39.60
CA TRP D 113 28.07 -19.52 40.80
C TRP D 113 26.97 -18.89 41.64
N ILE D 114 26.26 -19.71 42.40
CA ILE D 114 25.16 -19.26 43.24
C ILE D 114 25.40 -19.82 44.64
N LEU D 115 25.68 -18.94 45.60
CA LEU D 115 25.92 -19.35 46.99
C LEU D 115 24.59 -19.36 47.76
N THR D 116 23.75 -20.33 47.41
CA THR D 116 22.43 -20.45 48.01
C THR D 116 22.51 -21.27 49.29
N SER D 117 21.80 -20.83 50.32
CA SER D 117 21.80 -21.54 51.59
C SER D 117 20.92 -22.79 51.50
N ALA D 118 21.48 -23.91 51.93
CA ALA D 118 20.76 -25.18 51.91
C ALA D 118 20.21 -25.54 53.29
N LEU D 119 19.63 -26.74 53.40
CA LEU D 119 19.07 -27.27 54.64
C LEU D 119 17.99 -26.35 55.24
N HIS D 120 17.17 -25.77 54.38
CA HIS D 120 16.10 -24.87 54.81
C HIS D 120 15.00 -24.84 53.76
N VAL D 121 13.82 -24.38 54.15
CA VAL D 121 12.71 -24.30 53.22
C VAL D 121 12.54 -22.86 52.74
N GLY D 122 12.62 -22.66 51.43
CA GLY D 122 12.49 -21.35 50.84
C GLY D 122 12.76 -21.37 49.36
N LEU D 123 12.83 -20.18 48.76
CA LEU D 123 13.08 -20.06 47.32
C LEU D 123 14.33 -20.84 46.88
N ALA D 124 15.09 -21.34 47.85
CA ALA D 124 16.29 -22.10 47.55
C ALA D 124 16.00 -23.27 46.61
N ARG D 125 15.04 -24.12 46.99
CA ARG D 125 14.72 -25.27 46.14
C ARG D 125 14.13 -24.81 44.81
N HIS D 126 13.39 -23.69 44.83
CA HIS D 126 12.89 -23.13 43.58
C HIS D 126 14.02 -22.83 42.62
N VAL D 127 15.02 -22.07 43.07
CA VAL D 127 16.16 -21.75 42.22
C VAL D 127 16.90 -23.01 41.80
N GLY D 128 17.05 -23.95 42.73
CA GLY D 128 17.79 -25.17 42.42
C GLY D 128 17.15 -25.97 41.31
N GLN D 129 15.86 -26.27 41.44
CA GLN D 129 15.18 -27.01 40.39
C GLN D 129 15.06 -26.20 39.11
N ALA D 130 15.01 -24.87 39.23
CA ALA D 130 14.97 -24.03 38.04
C ALA D 130 16.23 -24.19 37.22
N VAL D 131 17.40 -24.20 37.88
CA VAL D 131 18.64 -24.39 37.15
C VAL D 131 18.67 -25.76 36.49
N ARG D 132 18.16 -26.79 37.16
CA ARG D 132 18.17 -28.13 36.58
C ARG D 132 17.25 -28.19 35.36
N ASP D 133 16.08 -27.58 35.46
CA ASP D 133 15.15 -27.59 34.34
C ASP D 133 15.68 -26.78 33.16
N HIS D 134 16.40 -25.69 33.46
CA HIS D 134 17.02 -24.91 32.39
C HIS D 134 18.14 -25.69 31.72
N SER D 135 18.96 -26.39 32.50
CA SER D 135 20.04 -27.19 31.93
C SER D 135 19.49 -28.35 31.12
N LEU D 136 18.35 -28.89 31.53
CA LEU D 136 17.72 -29.98 30.77
C LEU D 136 17.38 -29.54 29.35
N ALA D 137 17.14 -28.24 29.15
CA ALA D 137 16.86 -27.72 27.83
C ALA D 137 18.09 -27.06 27.23
N VAL D 143 29.98 -23.43 29.60
CA VAL D 143 29.27 -22.43 30.39
C VAL D 143 28.04 -23.06 31.05
N ARG D 144 28.02 -23.06 32.37
CA ARG D 144 26.89 -23.60 33.13
C ARG D 144 26.71 -22.81 34.41
N VAL D 145 25.52 -22.91 34.97
CA VAL D 145 25.18 -22.26 36.23
C VAL D 145 24.99 -23.34 37.28
N VAL D 146 25.68 -23.19 38.40
CA VAL D 146 25.64 -24.17 39.48
C VAL D 146 25.35 -23.46 40.80
N ALA D 147 24.87 -24.22 41.77
CA ALA D 147 24.53 -23.70 43.08
C ALA D 147 25.31 -24.47 44.14
N ILE D 148 25.87 -23.74 45.11
CA ILE D 148 26.66 -24.33 46.18
C ILE D 148 25.92 -24.05 47.48
N GLY D 149 25.55 -25.12 48.19
CA GLY D 149 24.80 -25.00 49.42
C GLY D 149 25.68 -25.10 50.64
N MET D 150 25.70 -24.03 51.43
CA MET D 150 26.44 -23.99 52.68
C MET D 150 25.48 -23.77 53.85
N ALA D 151 25.67 -24.53 54.92
CA ALA D 151 24.77 -24.47 56.06
C ALA D 151 25.47 -25.10 57.26
N SER D 152 25.04 -24.69 58.45
CA SER D 152 25.60 -25.21 59.69
C SER D 152 25.15 -26.64 59.92
N LEU D 153 26.09 -27.48 60.36
CA LEU D 153 25.80 -28.91 60.54
C LEU D 153 24.88 -29.18 61.72
N ASP D 154 24.69 -28.22 62.61
CA ASP D 154 23.86 -28.45 63.79
C ASP D 154 22.37 -28.41 63.44
N ARG D 155 21.95 -27.44 62.63
CA ARG D 155 20.55 -27.28 62.30
C ARG D 155 20.02 -28.38 61.39
N ILE D 156 20.90 -29.14 60.73
CA ILE D 156 20.46 -30.21 59.85
C ILE D 156 19.86 -31.33 60.69
N LEU D 157 18.90 -32.05 60.12
CA LEU D 157 18.34 -33.23 60.76
C LEU D 157 19.12 -34.47 60.31
N HIS D 158 19.21 -35.45 61.21
CA HIS D 158 19.92 -36.70 60.95
C HIS D 158 21.38 -36.43 60.57
N ARG D 159 22.03 -35.63 61.42
CA ARG D 159 23.44 -35.29 61.24
C ARG D 159 24.38 -36.36 61.77
N GLN D 160 23.98 -37.10 62.80
CA GLN D 160 24.80 -38.20 63.31
C GLN D 160 24.90 -39.32 62.27
N LEU D 161 23.80 -39.58 61.55
CA LEU D 161 23.83 -40.60 60.51
C LEU D 161 24.74 -40.20 59.36
N LEU D 162 24.84 -38.90 59.06
CA LEU D 162 25.76 -38.45 58.03
C LEU D 162 27.21 -38.48 58.52
N ASP D 163 27.42 -38.11 59.78
CA ASP D 163 28.78 -38.07 60.32
C ASP D 163 29.38 -39.47 60.43
N GLY D 164 28.55 -40.49 60.62
CA GLY D 164 29.04 -41.85 60.74
C GLY D 164 28.96 -42.64 59.44
N THR D 171 30.79 -43.18 50.07
CA THR D 171 29.96 -43.65 51.17
C THR D 171 28.67 -42.85 51.26
N PRO D 172 27.65 -43.26 50.48
CA PRO D 172 26.37 -42.54 50.48
C PRO D 172 25.60 -42.78 51.76
N ILE D 173 25.56 -41.78 52.63
CA ILE D 173 24.71 -41.84 53.81
C ILE D 173 23.27 -41.58 53.39
N HIS D 174 22.42 -42.59 53.52
CA HIS D 174 21.05 -42.48 53.06
C HIS D 174 20.34 -41.34 53.78
N TYR D 175 19.69 -40.47 53.00
CA TYR D 175 19.03 -39.29 53.54
C TYR D 175 17.58 -39.16 53.07
N PRO D 176 16.73 -40.18 53.32
CA PRO D 176 15.29 -40.01 53.07
C PRO D 176 14.61 -39.35 54.26
N ALA D 177 14.22 -38.09 54.08
CA ALA D 177 13.58 -37.33 55.14
C ALA D 177 12.15 -36.98 54.74
N ASP D 178 11.22 -37.16 55.67
CA ASP D 178 9.82 -36.88 55.42
C ASP D 178 9.56 -35.37 55.37
N LEU D 186 15.15 -27.30 63.86
CA LEU D 186 15.46 -28.45 63.01
C LEU D 186 14.66 -28.39 61.71
N CYS D 187 15.32 -28.76 60.61
CA CYS D 187 14.68 -28.74 59.30
C CYS D 187 15.42 -29.73 58.40
N PRO D 188 14.70 -30.48 57.58
CA PRO D 188 15.37 -31.44 56.69
C PRO D 188 16.09 -30.76 55.55
N LEU D 189 16.93 -31.54 54.88
CA LEU D 189 17.81 -31.02 53.85
C LEU D 189 17.27 -31.36 52.46
N ASP D 190 17.58 -30.48 51.50
CA ASP D 190 17.14 -30.66 50.13
C ASP D 190 17.98 -31.71 49.43
N SER D 191 17.37 -32.43 48.50
CA SER D 191 18.07 -33.36 47.63
C SER D 191 18.16 -32.85 46.19
N ASN D 192 17.96 -31.56 45.96
CA ASN D 192 18.09 -31.01 44.61
C ASN D 192 19.51 -30.51 44.35
N LEU D 193 20.05 -29.70 45.26
CA LEU D 193 21.39 -29.14 45.08
C LEU D 193 22.42 -30.25 45.03
N SER D 194 23.39 -30.10 44.12
CA SER D 194 24.34 -31.18 43.84
C SER D 194 25.63 -31.11 44.65
N HIS D 195 25.84 -30.04 45.43
CA HIS D 195 27.06 -29.91 46.19
C HIS D 195 26.75 -29.33 47.56
N PHE D 196 27.57 -29.66 48.54
CA PHE D 196 27.33 -29.19 49.90
C PHE D 196 28.64 -28.86 50.59
N ILE D 197 28.66 -27.70 51.26
CA ILE D 197 29.76 -27.28 52.11
C ILE D 197 29.21 -27.18 53.53
N LEU D 198 29.31 -28.27 54.28
CA LEU D 198 28.64 -28.38 55.57
C LEU D 198 29.56 -27.89 56.67
N VAL D 199 29.03 -27.01 57.53
CA VAL D 199 29.81 -26.46 58.64
C VAL D 199 29.70 -27.38 59.86
N LEU D 211 28.08 -19.47 60.89
CA LEU D 211 28.72 -19.79 59.61
C LEU D 211 28.95 -18.53 58.79
N ALA D 212 28.41 -17.41 59.26
CA ALA D 212 28.51 -16.15 58.51
C ALA D 212 29.96 -15.75 58.28
N GLU D 213 30.83 -16.03 59.26
CA GLU D 213 32.24 -15.69 59.10
C GLU D 213 32.84 -16.42 57.91
N LEU D 214 32.44 -17.68 57.69
CA LEU D 214 32.96 -18.43 56.55
C LEU D 214 32.52 -17.80 55.24
N GLN D 215 31.24 -17.42 55.14
CA GLN D 215 30.75 -16.81 53.91
C GLN D 215 31.48 -15.50 53.63
N LEU D 216 31.64 -14.66 54.67
CA LEU D 216 32.34 -13.40 54.49
C LEU D 216 33.78 -13.61 54.04
N SER D 217 34.50 -14.53 54.69
CA SER D 217 35.91 -14.71 54.36
C SER D 217 36.07 -15.36 52.99
N LEU D 218 35.14 -16.24 52.61
CA LEU D 218 35.20 -16.84 51.29
C LEU D 218 34.91 -15.81 50.20
N GLU D 219 33.98 -14.89 50.46
CA GLU D 219 33.77 -13.80 49.51
C GLU D 219 35.01 -12.93 49.40
N LYS D 220 35.67 -12.65 50.53
CA LYS D 220 36.88 -11.86 50.49
C LYS D 220 37.97 -12.57 49.70
N HIS D 221 38.03 -13.89 49.80
CA HIS D 221 39.03 -14.64 49.04
C HIS D 221 38.72 -14.63 47.55
N ILE D 222 37.46 -14.86 47.19
CA ILE D 222 37.11 -14.93 45.78
C ILE D 222 37.28 -13.57 45.11
N SER D 223 36.85 -12.50 45.77
CA SER D 223 36.98 -11.17 45.21
C SER D 223 38.43 -10.73 45.01
N GLN D 224 39.40 -11.52 45.47
CA GLN D 224 40.81 -11.15 45.44
C GLN D 224 41.63 -12.00 44.48
N GLN D 225 41.37 -13.31 44.42
CA GLN D 225 42.18 -14.19 43.58
C GLN D 225 42.03 -13.81 42.12
N ARG D 226 43.13 -13.84 41.38
CA ARG D 226 43.19 -13.42 39.99
C ARG D 226 43.31 -14.66 39.11
N THR D 227 42.22 -15.01 38.44
CA THR D 227 42.17 -16.23 37.62
C THR D 227 42.62 -16.03 36.19
N GLY D 228 42.93 -14.80 35.79
CA GLY D 228 43.41 -14.53 34.44
C GLY D 228 44.72 -15.22 34.13
N SER D 233 47.31 -11.11 30.31
CA SER D 233 46.03 -11.74 30.61
C SER D 233 45.90 -12.04 32.10
N SER D 234 45.55 -11.02 32.89
CA SER D 234 45.35 -11.15 34.33
C SER D 234 44.04 -10.46 34.68
N ILE D 235 42.98 -11.25 34.88
CA ILE D 235 41.65 -10.71 35.11
C ILE D 235 41.15 -11.15 36.48
N GLN D 236 40.27 -10.34 37.06
CA GLN D 236 39.70 -10.58 38.37
C GLN D 236 38.38 -11.34 38.23
N ILE D 237 37.79 -11.65 39.37
CA ILE D 237 36.51 -12.35 39.46
C ILE D 237 35.51 -11.42 40.12
N PRO D 238 34.44 -11.02 39.46
CA PRO D 238 33.46 -10.13 40.10
C PRO D 238 32.60 -10.88 41.12
N VAL D 239 32.24 -10.16 42.17
CA VAL D 239 31.42 -10.70 43.25
C VAL D 239 30.27 -9.74 43.50
N LEU D 240 29.09 -10.29 43.81
CA LEU D 240 27.93 -9.46 44.10
C LEU D 240 27.05 -10.15 45.11
N CYS D 241 26.27 -9.35 45.85
CA CYS D 241 25.39 -9.86 46.91
C CYS D 241 23.98 -9.41 46.63
N LEU D 242 23.02 -10.33 46.78
CA LEU D 242 21.62 -10.11 46.43
C LEU D 242 20.77 -10.31 47.68
N LEU D 243 20.25 -9.22 48.24
CA LEU D 243 19.46 -9.27 49.47
C LEU D 243 17.99 -9.33 49.10
N VAL D 244 17.31 -10.38 49.56
CA VAL D 244 15.92 -10.64 49.19
C VAL D 244 15.14 -10.86 50.48
N ASN D 245 14.55 -9.78 51.01
CA ASN D 245 13.61 -9.81 52.14
C ASN D 245 14.10 -10.68 53.29
N GLY D 246 15.22 -10.28 53.89
CA GLY D 246 15.79 -11.04 54.97
C GLY D 246 15.26 -10.64 56.34
N ASP D 247 15.73 -11.38 57.34
CA ASP D 247 15.40 -11.12 58.74
C ASP D 247 16.32 -10.06 59.30
N PRO D 248 15.98 -9.46 60.45
CA PRO D 248 16.83 -8.40 60.99
C PRO D 248 18.27 -8.82 61.28
N SER D 249 18.48 -10.07 61.69
CA SER D 249 19.82 -10.52 62.05
C SER D 249 20.82 -10.31 60.94
N THR D 250 20.40 -10.49 59.68
CA THR D 250 21.27 -10.36 58.52
C THR D 250 21.95 -9.00 58.48
N LEU D 251 21.37 -8.03 59.21
CA LEU D 251 22.02 -6.73 59.37
C LEU D 251 23.50 -6.88 59.71
N GLU D 252 23.78 -7.66 60.76
CA GLU D 252 25.17 -7.92 61.12
C GLU D 252 25.93 -8.52 59.93
N ARG D 253 25.35 -9.53 59.31
CA ARG D 253 25.97 -10.15 58.15
C ARG D 253 26.27 -9.14 57.05
N MET D 254 25.46 -8.08 56.95
CA MET D 254 25.74 -7.07 55.94
C MET D 254 26.74 -6.03 56.44
N SER D 255 26.74 -5.77 57.75
CA SER D 255 27.53 -4.66 58.29
C SER D 255 29.00 -4.80 57.92
N ARG D 256 29.65 -5.85 58.43
CA ARG D 256 31.04 -6.11 58.08
C ARG D 256 31.22 -6.27 56.59
N ALA D 257 30.16 -6.68 55.88
CA ALA D 257 30.25 -6.84 54.44
C ALA D 257 30.61 -5.52 53.75
N VAL D 258 30.23 -4.39 54.33
CA VAL D 258 30.59 -3.11 53.73
C VAL D 258 32.09 -2.88 53.83
N GLU D 259 32.70 -3.38 54.90
CA GLU D 259 34.16 -3.31 55.03
C GLU D 259 34.84 -4.23 54.04
N GLN D 260 34.15 -5.27 53.57
CA GLN D 260 34.75 -6.27 52.70
C GLN D 260 34.82 -5.85 51.24
N ALA D 261 34.30 -4.67 50.89
CA ALA D 261 34.38 -4.13 49.54
C ALA D 261 33.76 -5.06 48.51
N ALA D 262 32.46 -5.27 48.64
CA ALA D 262 31.67 -6.05 47.69
C ALA D 262 30.35 -5.35 47.47
N PRO D 263 29.98 -5.04 46.22
CA PRO D 263 28.76 -4.27 45.98
C PRO D 263 27.52 -5.06 46.33
N TRP D 264 26.58 -4.40 47.00
CA TRP D 264 25.32 -4.99 47.42
C TRP D 264 24.21 -4.46 46.53
N LEU D 265 23.26 -5.33 46.18
CA LEU D 265 22.08 -4.95 45.40
C LEU D 265 20.85 -5.32 46.21
N ILE D 266 20.05 -4.31 46.56
CA ILE D 266 18.90 -4.50 47.43
C ILE D 266 17.63 -4.34 46.63
N LEU D 267 16.80 -5.38 46.63
CA LEU D 267 15.52 -5.35 45.93
C LEU D 267 14.50 -4.63 46.79
N ALA D 268 14.01 -3.49 46.30
CA ALA D 268 13.24 -2.58 47.14
C ALA D 268 11.86 -3.11 47.50
N GLY D 269 11.24 -3.90 46.63
CA GLY D 269 9.94 -4.48 46.92
C GLY D 269 9.97 -5.85 47.53
N SER D 270 11.09 -6.29 48.08
CA SER D 270 11.23 -7.67 48.54
C SER D 270 10.23 -8.00 49.62
N GLY D 271 10.20 -7.20 50.70
CA GLY D 271 9.24 -7.40 51.76
C GLY D 271 9.79 -7.91 53.07
N GLY D 272 11.07 -7.69 53.35
CA GLY D 272 11.63 -8.05 54.65
C GLY D 272 12.36 -6.89 55.28
N ILE D 273 13.64 -7.09 55.59
CA ILE D 273 14.48 -5.96 55.97
C ILE D 273 14.88 -5.13 54.75
N ALA D 274 14.82 -5.73 53.56
CA ALA D 274 15.08 -4.98 52.34
C ALA D 274 14.15 -3.78 52.24
N ASP D 275 12.92 -3.90 52.72
CA ASP D 275 11.98 -2.79 52.67
C ASP D 275 12.48 -1.61 53.49
N VAL D 276 12.76 -1.85 54.78
CA VAL D 276 13.20 -0.76 55.65
C VAL D 276 14.53 -0.20 55.16
N LEU D 277 15.39 -1.06 54.61
CA LEU D 277 16.66 -0.58 54.08
C LEU D 277 16.44 0.35 52.90
N ALA D 278 15.67 -0.11 51.90
CA ALA D 278 15.32 0.73 50.77
C ALA D 278 14.72 2.05 51.20
N ALA D 279 13.91 2.04 52.26
CA ALA D 279 13.33 3.27 52.74
C ALA D 279 14.39 4.19 53.34
N LEU D 280 15.29 3.65 54.15
CA LEU D 280 16.16 4.47 54.99
C LEU D 280 17.59 4.59 54.47
N VAL D 281 17.81 4.43 53.17
CA VAL D 281 19.12 4.81 52.62
C VAL D 281 19.12 6.29 52.27
N GLY D 282 17.95 6.87 52.02
CA GLY D 282 17.84 8.29 51.74
C GLY D 282 16.95 9.02 52.72
N GLN D 283 17.52 9.96 53.46
CA GLN D 283 16.77 10.72 54.44
C GLN D 283 17.31 12.15 54.53
N PRO D 284 16.56 13.08 55.11
CA PRO D 284 17.18 14.37 55.45
C PRO D 284 18.30 14.22 56.46
N HIS D 285 18.02 13.60 57.60
CA HIS D 285 19.02 13.20 58.56
C HIS D 285 19.04 11.68 58.59
N LEU D 286 20.05 11.08 57.95
CA LEU D 286 20.09 9.62 57.85
C LEU D 286 20.16 8.96 59.22
N LEU D 287 20.58 9.70 60.24
CA LEU D 287 20.56 9.19 61.60
C LEU D 287 19.12 8.85 61.99
N VAL D 288 18.92 7.63 62.49
CA VAL D 288 17.59 7.14 62.81
C VAL D 288 17.47 6.92 64.32
N PRO D 289 17.19 7.95 65.09
CA PRO D 289 17.02 7.74 66.54
C PRO D 289 15.81 6.88 66.84
N GLN D 290 14.66 7.25 66.28
CA GLN D 290 13.42 6.54 66.51
C GLN D 290 12.63 6.24 65.25
N VAL D 291 12.96 6.87 64.12
CA VAL D 291 12.26 6.54 62.88
C VAL D 291 12.52 5.10 62.48
N THR D 292 13.69 4.57 62.85
CA THR D 292 13.93 3.15 62.66
C THR D 292 12.93 2.33 63.46
N GLU D 293 12.66 2.73 64.71
CA GLU D 293 11.61 2.10 65.49
C GLU D 293 10.28 2.18 64.79
N LYS D 294 9.98 3.33 64.18
CA LYS D 294 8.74 3.49 63.43
C LYS D 294 8.64 2.48 62.30
N GLN D 295 9.69 2.35 61.51
CA GLN D 295 9.68 1.41 60.40
C GLN D 295 9.55 -0.03 60.88
N PHE D 296 10.36 -0.42 61.87
CA PHE D 296 10.29 -1.77 62.38
C PHE D 296 8.93 -2.07 62.98
N ARG D 297 8.25 -1.05 63.51
CA ARG D 297 6.87 -1.23 63.94
C ARG D 297 5.93 -1.40 62.76
N GLU D 298 6.20 -0.68 61.67
CA GLU D 298 5.35 -0.76 60.49
C GLU D 298 5.42 -2.15 59.85
N LYS D 299 6.63 -2.58 59.52
CA LYS D 299 6.79 -3.85 58.83
C LYS D 299 7.08 -4.97 59.83
N PHE D 300 6.59 -6.18 59.49
CA PHE D 300 6.55 -7.37 60.35
C PHE D 300 6.23 -7.01 61.79
N PRO D 301 5.04 -6.48 62.06
CA PRO D 301 4.71 -6.02 63.41
C PRO D 301 4.48 -7.12 64.43
N SER D 302 4.45 -8.38 64.01
CA SER D 302 4.19 -9.47 64.94
C SER D 302 5.30 -9.57 65.99
N GLU D 303 6.51 -9.15 65.63
CA GLU D 303 7.66 -9.25 66.51
C GLU D 303 7.88 -7.92 67.21
N CYS D 304 7.75 -7.92 68.54
CA CYS D 304 8.07 -6.74 69.33
C CYS D 304 9.56 -6.67 69.61
N PHE D 305 10.07 -5.45 69.77
CA PHE D 305 11.50 -5.22 69.91
C PHE D 305 11.75 -4.28 71.08
N SER D 306 12.80 -4.55 71.85
CA SER D 306 13.18 -3.70 72.96
C SER D 306 13.95 -2.48 72.47
N TRP D 307 13.67 -1.33 73.08
CA TRP D 307 14.35 -0.09 72.70
C TRP D 307 15.85 -0.21 72.84
N GLU D 308 16.31 -0.94 73.86
CA GLU D 308 17.75 -1.15 74.05
C GLU D 308 18.32 -1.95 72.89
N ALA D 309 17.53 -2.84 72.29
CA ALA D 309 17.99 -3.54 71.10
C ALA D 309 18.04 -2.60 69.89
N ILE D 310 17.07 -1.68 69.80
CA ILE D 310 17.00 -0.78 68.66
C ILE D 310 18.19 0.17 68.66
N VAL D 311 18.49 0.76 69.81
CA VAL D 311 19.55 1.77 69.94
C VAL D 311 20.87 1.27 69.37
N HIS D 312 20.99 -0.04 69.14
CA HIS D 312 22.18 -0.61 68.52
C HIS D 312 22.01 -0.76 67.00
N TRP D 313 20.86 -1.28 66.57
CA TRP D 313 20.63 -1.44 65.14
C TRP D 313 20.61 -0.11 64.41
N THR D 314 20.14 0.95 65.08
CA THR D 314 20.16 2.26 64.45
C THR D 314 21.59 2.73 64.21
N GLU D 315 22.51 2.42 65.14
CA GLU D 315 23.91 2.75 64.91
C GLU D 315 24.49 1.89 63.80
N LEU D 316 24.07 0.63 63.73
CA LEU D 316 24.47 -0.21 62.61
C LEU D 316 24.08 0.42 61.27
N LEU D 317 22.85 0.90 61.18
CA LEU D 317 22.40 1.54 59.95
C LEU D 317 23.15 2.83 59.68
N GLN D 318 23.41 3.62 60.73
CA GLN D 318 24.16 4.85 60.55
C GLN D 318 25.57 4.58 60.05
N ASN D 319 26.12 3.43 60.38
CA ASN D 319 27.43 3.07 59.84
C ASN D 319 27.32 2.55 58.41
N ILE D 320 26.32 1.72 58.13
CA ILE D 320 26.19 1.13 56.80
C ILE D 320 25.95 2.21 55.75
N ALA D 321 25.03 3.14 56.04
CA ALA D 321 24.71 4.18 55.07
C ALA D 321 25.86 5.13 54.82
N ALA D 322 27.01 4.96 55.48
CA ALA D 322 28.15 5.83 55.29
C ALA D 322 29.02 5.42 54.11
N HIS D 323 28.55 4.50 53.27
CA HIS D 323 29.27 4.06 52.09
C HIS D 323 28.27 3.90 50.96
N PRO D 324 27.85 4.99 50.35
CA PRO D 324 26.77 4.92 49.36
C PRO D 324 27.18 4.25 48.06
N HIS D 325 28.48 4.29 47.76
CA HIS D 325 28.95 3.79 46.46
C HIS D 325 28.74 2.29 46.33
N LEU D 326 28.94 1.55 47.43
CA LEU D 326 28.88 0.09 47.34
C LEU D 326 27.46 -0.38 47.09
N LEU D 327 26.55 -0.06 48.00
CA LEU D 327 25.18 -0.58 47.92
C LEU D 327 24.37 0.19 46.89
N THR D 328 23.41 -0.49 46.28
CA THR D 328 22.45 0.13 45.36
C THR D 328 21.09 -0.50 45.56
N VAL D 329 20.10 0.32 45.85
CA VAL D 329 18.72 -0.14 46.00
C VAL D 329 17.99 0.07 44.68
N TYR D 330 17.19 -0.93 44.28
CA TYR D 330 16.48 -0.81 43.02
C TYR D 330 15.07 -1.37 43.17
N ASP D 331 14.14 -0.78 42.40
CA ASP D 331 12.75 -1.17 42.39
C ASP D 331 12.38 -1.74 41.04
N PHE D 332 11.73 -2.90 41.03
CA PHE D 332 11.37 -3.60 39.82
C PHE D 332 9.91 -3.47 39.42
N GLU D 333 9.01 -3.28 40.38
CA GLU D 333 7.59 -3.28 40.06
C GLU D 333 7.18 -2.00 39.34
N GLN D 334 7.75 -0.86 39.74
CA GLN D 334 7.35 0.41 39.15
C GLN D 334 7.59 0.45 37.65
N GLU D 335 8.82 0.16 37.23
CA GLU D 335 9.15 0.08 35.82
C GLU D 335 10.19 -1.01 35.62
N GLY D 336 9.74 -2.20 35.23
CA GLY D 336 10.60 -3.33 35.03
C GLY D 336 11.30 -3.37 33.70
N SER D 337 11.40 -2.23 33.00
CA SER D 337 12.05 -2.22 31.70
C SER D 337 13.51 -2.66 31.80
N GLU D 338 14.22 -2.17 32.82
CA GLU D 338 15.62 -2.54 33.01
C GLU D 338 15.68 -3.95 33.57
N ASP D 339 16.19 -4.89 32.78
CA ASP D 339 16.32 -6.27 33.22
C ASP D 339 17.39 -6.37 34.30
N LEU D 340 17.54 -7.58 34.85
CA LEU D 340 18.45 -7.77 35.97
C LEU D 340 19.90 -7.58 35.55
N ASP D 341 20.27 -8.09 34.38
CA ASP D 341 21.66 -7.98 33.95
C ASP D 341 22.09 -6.53 33.82
N THR D 342 21.18 -5.65 33.40
CA THR D 342 21.50 -4.23 33.27
C THR D 342 21.89 -3.64 34.62
N VAL D 343 21.05 -3.83 35.63
CA VAL D 343 21.35 -3.24 36.94
C VAL D 343 22.56 -3.92 37.57
N ILE D 344 22.76 -5.22 37.33
CA ILE D 344 23.94 -5.89 37.85
C ILE D 344 25.20 -5.25 37.30
N LEU D 345 25.27 -5.11 35.97
CA LEU D 345 26.45 -4.52 35.37
C LEU D 345 26.62 -3.07 35.81
N LYS D 346 25.51 -2.34 35.94
CA LYS D 346 25.59 -0.95 36.40
C LYS D 346 26.18 -0.86 37.79
N ALA D 347 25.72 -1.71 38.72
CA ALA D 347 26.24 -1.68 40.07
C ALA D 347 27.70 -2.11 40.13
N LEU D 348 28.06 -3.13 39.34
CA LEU D 348 29.44 -3.57 39.30
C LEU D 348 30.36 -2.44 38.84
N VAL D 349 29.98 -1.73 37.78
CA VAL D 349 30.83 -0.65 37.30
C VAL D 349 30.85 0.51 38.30
N LYS D 350 29.70 0.81 38.92
CA LYS D 350 29.68 1.88 39.92
C LYS D 350 30.62 1.57 41.07
N ALA D 351 30.66 0.31 41.50
CA ALA D 351 31.56 -0.06 42.59
C ALA D 351 33.01 -0.02 42.13
N CYS D 352 33.30 -0.56 40.94
CA CYS D 352 34.68 -0.58 40.46
C CYS D 352 35.21 0.81 40.17
N LYS D 353 34.32 1.80 39.97
CA LYS D 353 34.78 3.17 39.78
C LYS D 353 35.54 3.67 41.00
N SER D 354 34.98 3.47 42.18
CA SER D 354 35.55 4.08 43.39
C SER D 354 36.90 3.48 43.73
N HIS D 355 37.09 2.18 43.49
CA HIS D 355 38.33 1.52 43.90
C HIS D 355 39.55 2.14 43.21
N SER D 356 39.61 2.05 41.89
CA SER D 356 40.77 2.53 41.14
C SER D 356 40.35 2.89 39.74
N ARG D 357 41.28 3.52 38.99
CA ARG D 357 41.05 3.93 37.62
C ARG D 357 42.10 3.35 36.68
N ASP D 358 42.60 2.16 36.96
CA ASP D 358 43.59 1.53 36.10
C ASP D 358 42.91 0.85 34.92
N ALA D 359 43.68 0.62 33.86
CA ALA D 359 43.13 0.01 32.67
C ALA D 359 42.75 -1.45 32.91
N GLN D 360 43.62 -2.19 33.60
CA GLN D 360 43.41 -3.63 33.75
C GLN D 360 42.21 -3.93 34.64
N ASP D 361 42.01 -3.13 35.68
CA ASP D 361 40.99 -3.45 36.68
C ASP D 361 39.58 -3.47 36.08
N TYR D 362 39.37 -2.70 35.02
CA TYR D 362 38.07 -2.67 34.36
C TYR D 362 37.84 -3.85 33.42
N LEU D 363 38.83 -4.71 33.19
CA LEU D 363 38.70 -5.72 32.14
C LEU D 363 37.59 -6.72 32.45
N ASP D 364 37.64 -7.34 33.63
CA ASP D 364 36.68 -8.38 33.97
C ASP D 364 35.24 -7.92 33.71
N GLU D 365 34.83 -6.84 34.39
CA GLU D 365 33.51 -6.27 34.17
C GLU D 365 33.26 -6.04 32.68
N LEU D 366 34.22 -5.42 32.00
CA LEU D 366 34.07 -5.18 30.57
C LEU D 366 33.78 -6.47 29.82
N LYS D 367 34.54 -7.53 30.11
CA LYS D 367 34.29 -8.81 29.46
C LYS D 367 32.86 -9.25 29.68
N LEU D 368 32.34 -9.08 30.90
CA LEU D 368 30.97 -9.45 31.18
C LEU D 368 30.01 -8.71 30.25
N ALA D 369 30.28 -7.43 30.00
CA ALA D 369 29.45 -6.67 29.07
C ALA D 369 29.41 -7.34 27.71
N VAL D 370 30.57 -7.77 27.20
CA VAL D 370 30.59 -8.45 25.91
C VAL D 370 29.69 -9.67 25.94
N ALA D 371 29.65 -10.38 27.07
CA ALA D 371 28.81 -11.57 27.15
C ALA D 371 27.33 -11.19 27.18
N TRP D 372 27.02 -10.00 27.72
CA TRP D 372 25.63 -9.56 27.74
C TRP D 372 25.23 -8.79 26.49
N ASP D 373 26.19 -8.36 25.68
CA ASP D 373 25.93 -7.54 24.50
C ASP D 373 25.20 -6.25 24.88
N ARG D 374 25.87 -5.45 25.70
CA ARG D 374 25.35 -4.17 26.18
C ARG D 374 26.35 -3.08 25.78
N VAL D 375 26.17 -2.54 24.58
CA VAL D 375 27.12 -1.56 24.06
C VAL D 375 26.91 -0.20 24.71
N ASP D 376 25.64 0.18 24.92
CA ASP D 376 25.35 1.52 25.40
C ASP D 376 25.97 1.77 26.77
N ILE D 377 25.87 0.80 27.68
CA ILE D 377 26.41 0.97 29.02
C ILE D 377 27.93 1.02 28.97
N ALA D 378 28.56 0.10 28.24
CA ALA D 378 30.01 0.10 28.12
C ALA D 378 30.51 1.42 27.55
N LYS D 379 29.73 2.04 26.66
CA LYS D 379 30.11 3.33 26.12
C LYS D 379 29.93 4.44 27.13
N SER D 380 28.81 4.42 27.86
CA SER D 380 28.50 5.51 28.79
C SER D 380 29.39 5.45 30.03
N GLU D 381 29.49 4.28 30.65
CA GLU D 381 30.18 4.15 31.93
C GLU D 381 31.68 3.93 31.78
N ILE D 382 32.08 2.92 30.99
CA ILE D 382 33.48 2.56 30.91
C ILE D 382 34.27 3.55 30.06
N PHE D 383 33.82 3.75 28.82
CA PHE D 383 34.53 4.60 27.87
C PHE D 383 34.16 6.07 28.00
N ASN D 384 33.65 6.48 29.18
CA ASN D 384 33.24 7.87 29.37
C ASN D 384 34.38 8.85 29.22
N GLY D 385 35.61 8.41 29.41
CA GLY D 385 36.77 9.29 29.31
C GLY D 385 37.63 9.25 30.55
N ASP D 386 37.15 8.55 31.58
CA ASP D 386 37.92 8.43 32.82
C ASP D 386 39.16 7.56 32.59
N VAL D 387 38.95 6.32 32.16
CA VAL D 387 40.05 5.37 31.98
C VAL D 387 40.73 5.66 30.65
N GLU D 388 42.04 5.91 30.69
CA GLU D 388 42.80 6.11 29.46
C GLU D 388 43.25 4.76 28.91
N TRP D 389 42.70 4.37 27.77
CA TRP D 389 42.96 3.08 27.17
C TRP D 389 44.10 3.19 26.17
N LYS D 390 44.89 2.12 26.05
CA LYS D 390 45.97 2.03 25.08
C LYS D 390 45.71 0.84 24.17
N SER D 391 46.45 0.81 23.05
CA SER D 391 46.27 -0.26 22.08
C SER D 391 46.88 -1.57 22.53
N CYS D 392 47.67 -1.57 23.62
CA CYS D 392 48.40 -2.77 24.00
C CYS D 392 47.50 -3.78 24.70
N ASP D 393 46.55 -3.29 25.52
CA ASP D 393 45.79 -4.16 26.41
C ASP D 393 44.42 -4.53 25.87
N LEU D 394 43.98 -3.96 24.74
CA LEU D 394 42.66 -4.29 24.22
C LEU D 394 42.68 -5.52 23.34
N GLU D 395 43.84 -6.14 23.15
CA GLU D 395 43.96 -7.26 22.22
C GLU D 395 43.10 -8.45 22.63
N GLU D 396 43.13 -8.81 23.92
CA GLU D 396 42.40 -9.99 24.38
C GLU D 396 40.90 -9.82 24.20
N VAL D 397 40.35 -8.70 24.68
CA VAL D 397 38.92 -8.48 24.54
C VAL D 397 38.55 -8.30 23.08
N MET D 398 39.48 -7.81 22.25
CA MET D 398 39.20 -7.71 20.81
C MET D 398 39.05 -9.08 20.19
N THR D 399 39.96 -10.00 20.50
CA THR D 399 39.83 -11.36 20.00
C THR D 399 38.56 -12.01 20.51
N ASP D 400 38.20 -11.74 21.77
CA ASP D 400 36.98 -12.30 22.33
C ASP D 400 35.74 -11.77 21.61
N ALA D 401 35.79 -10.50 21.19
CA ALA D 401 34.66 -9.93 20.46
C ALA D 401 34.61 -10.46 19.03
N LEU D 402 35.76 -10.68 18.41
CA LEU D 402 35.78 -11.23 17.05
C LEU D 402 35.24 -12.65 17.03
N VAL D 403 35.75 -13.51 17.91
CA VAL D 403 35.37 -14.92 17.89
C VAL D 403 33.88 -15.08 18.16
N SER D 404 33.34 -14.28 19.07
CA SER D 404 31.90 -14.32 19.34
C SER D 404 31.08 -13.53 18.33
N ASN D 405 31.70 -13.04 17.26
CA ASN D 405 31.10 -12.28 16.16
C ASN D 405 30.10 -11.22 16.63
N LYS D 406 30.38 -10.53 17.71
CA LYS D 406 29.60 -9.35 18.07
C LYS D 406 30.23 -8.12 17.44
N PRO D 407 29.67 -7.62 16.33
CA PRO D 407 30.34 -6.55 15.58
C PRO D 407 30.11 -5.16 16.16
N ASP D 408 29.07 -4.95 16.96
CA ASP D 408 28.85 -3.64 17.56
C ASP D 408 29.97 -3.29 18.54
N PHE D 409 30.70 -4.29 19.04
CA PHE D 409 31.80 -4.02 19.94
C PHE D 409 33.11 -3.80 19.20
N VAL D 410 33.30 -4.46 18.06
CA VAL D 410 34.56 -4.32 17.33
C VAL D 410 34.74 -2.87 16.86
N ARG D 411 33.66 -2.26 16.37
CA ARG D 411 33.73 -0.86 15.97
C ARG D 411 34.08 0.02 17.16
N LEU D 412 33.47 -0.25 18.32
CA LEU D 412 33.75 0.55 19.51
C LEU D 412 35.21 0.44 19.91
N PHE D 413 35.77 -0.77 19.86
CA PHE D 413 37.16 -0.96 20.23
C PHE D 413 38.10 -0.29 19.23
N VAL D 414 37.78 -0.39 17.94
CA VAL D 414 38.61 0.28 16.93
C VAL D 414 38.59 1.79 17.15
N ASP D 415 37.42 2.35 17.46
CA ASP D 415 37.34 3.79 17.67
C ASP D 415 37.99 4.20 18.98
N SER D 416 38.02 3.32 19.97
CA SER D 416 38.56 3.68 21.28
C SER D 416 40.08 3.82 21.28
N GLY D 417 40.77 3.27 20.28
CA GLY D 417 42.20 3.41 20.20
C GLY D 417 42.92 2.20 19.65
N ALA D 418 42.23 1.06 19.58
CA ALA D 418 42.84 -0.12 19.00
C ALA D 418 43.06 0.07 17.51
N ASP D 419 44.04 -0.63 16.96
CA ASP D 419 44.38 -0.53 15.54
C ASP D 419 44.45 -1.93 14.95
N MET D 420 43.86 -2.09 13.76
CA MET D 420 43.99 -3.35 13.04
C MET D 420 45.32 -3.46 12.31
N ALA D 421 46.07 -2.36 12.20
CA ALA D 421 47.33 -2.39 11.47
C ALA D 421 48.37 -3.23 12.19
N GLU D 422 48.56 -3.00 13.48
CA GLU D 422 49.58 -3.70 14.25
C GLU D 422 49.06 -4.92 15.01
N PHE D 423 47.74 -5.05 15.14
CA PHE D 423 47.19 -6.18 15.87
C PHE D 423 47.20 -7.46 15.05
N LEU D 424 46.79 -7.36 13.79
CA LEU D 424 46.60 -8.55 12.96
C LEU D 424 47.90 -8.92 12.28
N THR D 425 48.56 -9.95 12.81
CA THR D 425 49.71 -10.56 12.16
C THR D 425 49.37 -12.00 11.83
N TYR D 426 50.20 -12.61 10.97
CA TYR D 426 49.86 -13.91 10.41
C TYR D 426 49.60 -14.94 11.51
N GLY D 427 50.31 -14.82 12.64
CA GLY D 427 50.02 -15.72 13.75
C GLY D 427 48.63 -15.51 14.32
N ARG D 428 48.26 -14.24 14.53
CA ARG D 428 46.93 -13.94 15.03
C ARG D 428 45.86 -14.40 14.05
N LEU D 429 46.14 -14.28 12.75
CA LEU D 429 45.18 -14.69 11.74
C LEU D 429 45.03 -16.21 11.72
N GLN D 430 46.14 -16.93 11.87
CA GLN D 430 46.06 -18.38 12.00
C GLN D 430 45.27 -18.78 13.24
N GLN D 431 45.46 -18.06 14.35
CA GLN D 431 44.70 -18.35 15.56
C GLN D 431 43.21 -18.12 15.33
N LEU D 432 42.86 -17.04 14.63
CA LEU D 432 41.46 -16.78 14.32
C LEU D 432 40.87 -17.88 13.44
N TYR D 433 41.62 -18.33 12.43
CA TYR D 433 41.12 -19.38 11.57
C TYR D 433 41.02 -20.72 12.28
N HIS D 434 41.83 -20.95 13.31
CA HIS D 434 41.71 -22.18 14.09
C HIS D 434 40.41 -22.21 14.87
N SER D 435 39.84 -21.05 15.18
CA SER D 435 38.65 -20.92 16.02
C SER D 435 37.36 -21.12 15.26
N VAL D 436 37.35 -21.63 14.03
CA VAL D 436 36.09 -21.87 13.35
C VAL D 436 35.28 -22.93 14.09
N SER D 437 33.99 -22.69 14.21
CA SER D 437 33.11 -23.63 14.91
C SER D 437 33.17 -25.00 14.24
N PRO D 438 33.43 -26.07 14.99
CA PRO D 438 33.59 -27.39 14.36
C PRO D 438 32.40 -27.85 13.53
N LYS D 439 31.21 -27.33 13.81
CA LYS D 439 30.03 -27.76 13.05
C LYS D 439 29.99 -27.15 11.66
N SER D 440 30.54 -25.95 11.49
CA SER D 440 30.37 -25.20 10.25
C SER D 440 31.00 -25.90 9.05
N LEU D 441 30.75 -25.35 7.85
CA LEU D 441 31.20 -26.02 6.63
C LEU D 441 32.66 -25.74 6.35
N LEU D 442 33.11 -24.50 6.58
CA LEU D 442 34.51 -24.15 6.35
C LEU D 442 35.45 -25.06 7.13
N PHE D 443 35.06 -25.41 8.36
CA PHE D 443 35.85 -26.34 9.17
C PHE D 443 36.07 -27.65 8.43
N GLU D 444 34.99 -28.27 7.95
CA GLU D 444 35.11 -29.54 7.27
C GLU D 444 35.87 -29.41 5.96
N LEU D 445 35.68 -28.30 5.25
CA LEU D 445 36.40 -28.08 4.01
C LEU D 445 37.91 -28.05 4.25
N LEU D 446 38.36 -27.23 5.20
CA LEU D 446 39.77 -27.14 5.50
C LEU D 446 40.33 -28.47 6.00
N GLU D 447 39.55 -29.17 6.83
CA GLU D 447 40.01 -30.45 7.37
C GLU D 447 40.18 -31.48 6.26
N ARG D 448 39.21 -31.54 5.34
CA ARG D 448 39.31 -32.46 4.22
C ARG D 448 40.50 -32.12 3.33
N LYS D 449 40.72 -30.84 3.08
CA LYS D 449 41.86 -30.44 2.26
C LYS D 449 43.17 -30.84 2.93
N HIS D 450 43.28 -30.63 4.24
CA HIS D 450 44.49 -31.03 4.95
C HIS D 450 44.71 -32.53 4.88
N GLU D 451 43.66 -33.31 5.16
CA GLU D 451 43.78 -34.77 5.13
C GLU D 451 44.20 -35.24 3.74
N GLU D 452 43.62 -34.67 2.68
CA GLU D 452 43.99 -35.08 1.34
C GLU D 452 45.42 -34.67 1.02
N GLY D 453 45.85 -33.50 1.49
CA GLY D 453 47.21 -33.07 1.25
C GLY D 453 48.23 -33.91 2.01
N ARG D 454 47.81 -34.52 3.12
CA ARG D 454 48.72 -35.38 3.87
C ARG D 454 49.15 -36.60 3.05
N LEU D 455 48.36 -36.97 2.05
CA LEU D 455 48.70 -38.10 1.18
C LEU D 455 49.90 -37.78 0.30
N LEU D 472 42.92 -28.83 19.45
CA LEU D 472 43.46 -28.00 18.38
C LEU D 472 43.28 -28.69 17.02
N PRO D 473 43.01 -27.90 15.99
CA PRO D 473 42.86 -28.45 14.64
C PRO D 473 44.18 -28.51 13.88
N ALA D 474 44.21 -29.34 12.85
CA ALA D 474 45.47 -29.64 12.18
C ALA D 474 45.77 -28.66 11.04
N PHE D 475 44.76 -28.02 10.47
CA PHE D 475 44.97 -27.25 9.26
C PHE D 475 45.75 -25.97 9.54
N SER D 476 46.33 -25.41 8.48
CA SER D 476 47.10 -24.18 8.54
C SER D 476 46.74 -23.30 7.36
N LEU D 477 47.36 -22.13 7.29
CA LEU D 477 47.10 -21.16 6.23
C LEU D 477 47.27 -21.75 4.83
N HIS D 478 48.08 -22.79 4.71
CA HIS D 478 48.23 -23.46 3.43
C HIS D 478 46.88 -23.94 2.90
N GLU D 479 46.08 -24.55 3.77
CA GLU D 479 44.77 -25.06 3.33
C GLU D 479 43.81 -23.92 3.01
N VAL D 480 43.90 -22.82 3.76
CA VAL D 480 43.08 -21.65 3.43
C VAL D 480 43.41 -21.14 2.04
N SER D 481 44.70 -21.01 1.74
CA SER D 481 45.10 -20.58 0.41
C SER D 481 44.60 -21.55 -0.66
N ARG D 482 44.70 -22.84 -0.40
CA ARG D 482 44.26 -23.82 -1.40
C ARG D 482 42.76 -23.74 -1.65
N VAL D 483 41.97 -23.57 -0.58
CA VAL D 483 40.52 -23.52 -0.76
C VAL D 483 40.13 -22.22 -1.46
N LEU D 484 40.83 -21.13 -1.19
CA LEU D 484 40.57 -19.89 -1.92
C LEU D 484 40.91 -20.06 -3.39
N LYS D 485 41.99 -20.76 -3.71
CA LYS D 485 42.29 -21.07 -5.10
C LYS D 485 41.17 -21.88 -5.73
N ASP D 486 40.65 -22.87 -5.00
CA ASP D 486 39.56 -23.69 -5.53
C ASP D 486 38.32 -22.85 -5.82
N PHE D 487 38.08 -21.83 -5.00
CA PHE D 487 36.91 -20.98 -5.24
C PHE D 487 37.15 -19.99 -6.37
N LEU D 488 38.33 -19.38 -6.41
CA LEU D 488 38.69 -18.42 -7.45
C LEU D 488 40.06 -18.78 -7.99
N HIS D 489 40.13 -19.00 -9.31
CA HIS D 489 41.39 -19.43 -9.90
C HIS D 489 42.35 -18.26 -10.09
N ASP D 490 41.95 -17.28 -10.90
CA ASP D 490 42.88 -16.22 -11.30
C ASP D 490 42.93 -15.07 -10.30
N ALA D 491 41.84 -14.81 -9.59
CA ALA D 491 41.75 -13.57 -8.82
C ALA D 491 42.68 -13.60 -7.62
N CYS D 492 42.66 -14.67 -6.82
CA CYS D 492 43.33 -14.68 -5.53
C CYS D 492 44.14 -15.96 -5.33
N ARG D 493 44.98 -16.33 -6.30
CA ARG D 493 45.76 -17.55 -6.17
C ARG D 493 46.99 -17.36 -5.29
N GLY D 494 47.60 -16.18 -5.34
CA GLY D 494 48.90 -15.99 -4.72
C GLY D 494 48.87 -15.82 -3.21
N PHE D 495 47.70 -15.74 -2.61
CA PHE D 495 47.58 -15.39 -1.19
C PHE D 495 48.44 -16.28 -0.30
N TYR D 496 49.19 -15.63 0.58
CA TYR D 496 50.00 -16.31 1.60
C TYR D 496 51.05 -17.22 0.97
N GLN D 497 51.73 -16.72 -0.05
CA GLN D 497 52.80 -17.49 -0.69
C GLN D 497 54.04 -17.53 0.20
N ASP D 498 54.47 -16.39 0.69
CA ASP D 498 55.64 -16.30 1.55
C ASP D 498 55.67 -14.99 2.32
N TRP D 516 55.92 -24.10 4.22
CA TRP D 516 55.18 -23.52 3.12
C TRP D 516 54.50 -22.24 3.56
N LEU D 517 54.68 -21.89 4.83
CA LEU D 517 54.06 -20.69 5.38
C LEU D 517 55.08 -19.57 5.56
N PRO D 518 54.62 -18.34 5.85
CA PRO D 518 55.55 -17.25 6.15
C PRO D 518 55.77 -17.05 7.64
N ASP D 519 56.84 -16.33 7.99
CA ASP D 519 57.11 -16.00 9.37
C ASP D 519 55.92 -15.30 10.01
N LEU D 520 55.47 -15.82 11.14
CA LEU D 520 54.28 -15.28 11.80
C LEU D 520 54.54 -13.87 12.31
N SER D 521 55.78 -13.56 12.69
CA SER D 521 56.09 -12.25 13.23
C SER D 521 55.74 -11.15 12.24
N ARG D 522 55.82 -11.43 10.94
CA ARG D 522 55.49 -10.42 9.95
C ARG D 522 54.00 -10.11 9.95
N LYS D 523 53.68 -8.82 9.98
CA LYS D 523 52.31 -8.38 9.80
C LYS D 523 51.93 -8.51 8.33
N SER D 524 50.66 -8.75 8.07
CA SER D 524 50.22 -8.95 6.69
C SER D 524 50.24 -7.63 5.93
N GLU D 525 50.43 -7.74 4.61
CA GLU D 525 50.57 -6.55 3.79
C GLU D 525 49.32 -5.69 3.85
N ASP D 526 48.15 -6.31 3.81
CA ASP D 526 46.87 -5.59 3.81
C ASP D 526 45.91 -6.31 4.74
N PRO D 527 45.68 -5.78 5.94
CA PRO D 527 44.86 -6.54 6.90
C PRO D 527 43.41 -6.61 6.53
N TRP D 528 42.83 -5.47 6.13
CA TRP D 528 41.38 -5.38 6.01
C TRP D 528 40.83 -6.43 5.08
N ARG D 529 41.53 -6.71 3.98
CA ARG D 529 41.06 -7.74 3.07
C ARG D 529 41.06 -9.10 3.75
N ASP D 530 42.11 -9.40 4.50
CA ASP D 530 42.15 -10.68 5.20
C ASP D 530 40.98 -10.80 6.14
N LEU D 531 40.72 -9.76 6.93
CA LEU D 531 39.60 -9.84 7.85
C LEU D 531 38.28 -9.97 7.11
N PHE D 532 38.16 -9.28 5.98
CA PHE D 532 36.91 -9.38 5.22
C PHE D 532 36.70 -10.79 4.71
N LEU D 533 37.76 -11.39 4.19
CA LEU D 533 37.66 -12.78 3.74
C LEU D 533 37.30 -13.69 4.89
N TRP D 534 37.99 -13.55 6.02
CA TRP D 534 37.68 -14.37 7.18
C TRP D 534 36.22 -14.24 7.57
N ALA D 535 35.68 -13.03 7.51
CA ALA D 535 34.28 -12.84 7.87
C ALA D 535 33.37 -13.52 6.86
N VAL D 536 33.63 -13.32 5.58
CA VAL D 536 32.70 -13.81 4.59
C VAL D 536 32.72 -15.32 4.54
N LEU D 537 33.87 -15.93 4.83
CA LEU D 537 33.94 -17.39 4.88
C LEU D 537 33.05 -17.93 5.98
N GLN D 538 33.29 -17.50 7.21
CA GLN D 538 32.49 -18.00 8.32
C GLN D 538 31.04 -17.58 8.24
N ASN D 539 30.63 -16.93 7.15
CA ASN D 539 29.24 -16.59 6.93
C ASN D 539 28.70 -15.70 8.05
N ARG D 540 29.33 -14.55 8.24
CA ARG D 540 28.90 -13.57 9.22
C ARG D 540 28.77 -12.24 8.49
N TYR D 541 27.53 -11.86 8.19
CA TYR D 541 27.32 -10.72 7.32
C TYR D 541 27.65 -9.40 8.02
N GLU D 542 26.91 -9.09 9.08
CA GLU D 542 26.96 -7.76 9.65
C GLU D 542 28.34 -7.38 10.16
N MET D 543 29.29 -8.31 10.14
CA MET D 543 30.69 -7.99 10.34
C MET D 543 31.44 -7.87 9.03
N ALA D 544 31.08 -8.69 8.05
CA ALA D 544 31.71 -8.58 6.75
C ALA D 544 31.49 -7.20 6.17
N THR D 545 30.27 -6.67 6.32
CA THR D 545 30.01 -5.33 5.86
C THR D 545 30.93 -4.33 6.51
N TYR D 546 31.08 -4.45 7.83
CA TYR D 546 31.93 -3.51 8.54
C TYR D 546 33.35 -3.58 8.04
N PHE D 547 33.88 -4.77 7.86
CA PHE D 547 35.25 -4.88 7.36
C PHE D 547 35.37 -4.27 5.97
N TRP D 548 34.40 -4.52 5.12
CA TRP D 548 34.44 -3.93 3.79
C TRP D 548 34.46 -2.43 3.86
N ALA D 549 33.81 -1.85 4.88
CA ALA D 549 33.67 -0.41 4.94
C ALA D 549 35.02 0.29 4.92
N MET D 550 35.91 -0.08 5.83
CA MET D 550 37.17 0.62 5.94
C MET D 550 38.27 0.01 5.10
N GLY D 551 37.91 -0.76 4.07
CA GLY D 551 38.87 -1.35 3.16
C GLY D 551 38.84 -0.63 1.83
N ARG D 552 40.01 -0.38 1.28
CA ARG D 552 40.10 0.24 -0.04
C ARG D 552 39.77 -0.78 -1.13
N GLU D 553 39.52 -0.26 -2.33
CA GLU D 553 39.31 -1.08 -3.52
C GLU D 553 38.06 -1.96 -3.37
N GLY D 554 36.96 -1.33 -2.96
CA GLY D 554 35.83 -2.09 -2.46
C GLY D 554 34.99 -2.73 -3.55
N VAL D 555 34.78 -2.02 -4.66
CA VAL D 555 33.89 -2.53 -5.69
C VAL D 555 34.40 -3.84 -6.25
N ALA D 556 35.71 -4.04 -6.21
CA ALA D 556 36.23 -5.35 -6.61
C ALA D 556 35.94 -6.41 -5.57
N ALA D 557 36.00 -6.05 -4.29
CA ALA D 557 35.76 -7.04 -3.25
C ALA D 557 34.33 -7.51 -3.28
N ALA D 558 33.40 -6.56 -3.12
CA ALA D 558 32.00 -6.91 -2.93
C ALA D 558 31.45 -7.72 -4.08
N LEU D 559 32.27 -8.03 -5.07
CA LEU D 559 31.87 -8.91 -6.15
C LEU D 559 32.45 -10.30 -5.99
N ALA D 560 33.74 -10.40 -5.68
CA ALA D 560 34.33 -11.70 -5.39
C ALA D 560 33.64 -12.33 -4.21
N ALA D 561 33.22 -11.52 -3.25
CA ALA D 561 32.50 -12.08 -2.11
C ALA D 561 31.21 -12.72 -2.55
N CYS D 562 30.46 -12.07 -3.44
CA CYS D 562 29.25 -12.68 -3.95
C CYS D 562 29.57 -13.97 -4.66
N LYS D 563 30.68 -13.99 -5.41
CA LYS D 563 31.06 -15.22 -6.08
C LYS D 563 31.29 -16.33 -5.07
N ILE D 564 32.00 -16.03 -3.99
CA ILE D 564 32.34 -17.09 -3.04
C ILE D 564 31.08 -17.63 -2.39
N ILE D 565 30.19 -16.75 -1.95
CA ILE D 565 29.00 -17.25 -1.27
C ILE D 565 28.11 -18.01 -2.23
N LYS D 566 27.83 -17.45 -3.40
CA LYS D 566 27.04 -18.17 -4.37
C LYS D 566 27.67 -19.51 -4.70
N GLU D 567 28.99 -19.59 -4.67
CA GLU D 567 29.64 -20.87 -4.87
C GLU D 567 29.35 -21.84 -3.74
N MET D 568 29.41 -21.35 -2.50
CA MET D 568 29.27 -22.29 -1.41
C MET D 568 27.81 -22.60 -1.16
N SER D 569 27.07 -22.87 -2.23
CA SER D 569 25.67 -23.30 -2.11
C SER D 569 25.50 -24.77 -2.39
N HIS D 570 26.26 -25.29 -3.35
CA HIS D 570 26.20 -26.71 -3.65
C HIS D 570 27.00 -27.50 -2.62
N LEU D 571 27.76 -26.80 -1.78
CA LEU D 571 28.58 -27.40 -0.75
C LEU D 571 27.95 -27.34 0.63
N GLU D 572 26.68 -26.91 0.71
CA GLU D 572 26.02 -26.80 2.01
C GLU D 572 25.32 -28.09 2.40
N LYS D 573 25.74 -28.66 3.53
CA LYS D 573 25.17 -29.90 4.05
C LYS D 573 23.71 -29.78 4.48
N GLU D 574 23.36 -28.66 5.11
CA GLU D 574 21.99 -28.46 5.58
C GLU D 574 21.24 -27.45 4.73
N ALA D 575 20.07 -27.85 4.26
CA ALA D 575 19.24 -27.02 3.41
C ALA D 575 18.74 -25.73 4.07
N GLU D 576 18.35 -25.80 5.33
CA GLU D 576 17.83 -24.62 6.00
C GLU D 576 18.88 -23.51 6.04
N VAL D 577 20.10 -23.88 6.40
CA VAL D 577 21.18 -22.91 6.43
C VAL D 577 21.47 -22.42 5.02
N ALA D 578 21.46 -23.36 4.08
CA ALA D 578 21.71 -23.08 2.69
C ALA D 578 20.83 -21.96 2.15
N ARG D 579 19.76 -21.64 2.86
CA ARG D 579 18.89 -20.57 2.36
C ARG D 579 19.41 -19.20 2.76
N THR D 580 19.82 -19.05 4.02
CA THR D 580 20.28 -17.75 4.49
C THR D 580 21.47 -17.27 3.68
N MET D 581 22.48 -18.14 3.52
CA MET D 581 23.64 -17.73 2.74
C MET D 581 23.25 -17.50 1.28
N ARG D 582 22.28 -18.25 0.76
CA ARG D 582 21.77 -17.96 -0.57
C ARG D 582 21.03 -16.63 -0.62
N GLU D 583 20.75 -16.04 0.53
CA GLU D 583 20.21 -14.68 0.60
C GLU D 583 21.28 -13.65 0.92
N ALA D 584 22.54 -13.90 0.54
CA ALA D 584 23.62 -13.01 0.93
C ALA D 584 23.52 -11.63 0.27
N LYS D 585 23.19 -11.60 -1.02
CA LYS D 585 22.99 -10.37 -1.80
C LYS D 585 24.15 -9.36 -1.65
N TYR D 586 25.36 -9.89 -1.48
CA TYR D 586 26.52 -9.02 -1.46
C TYR D 586 26.60 -8.15 -2.70
N GLU D 587 26.16 -8.69 -3.84
CA GLU D 587 26.16 -7.95 -5.09
C GLU D 587 25.51 -6.59 -4.97
N GLN D 588 24.52 -6.47 -4.09
CA GLN D 588 23.82 -5.20 -3.94
C GLN D 588 24.79 -4.09 -3.58
N LEU D 589 25.78 -4.39 -2.74
CA LEU D 589 26.76 -3.37 -2.42
C LEU D 589 27.53 -2.95 -3.65
N ALA D 590 27.89 -3.92 -4.50
CA ALA D 590 28.61 -3.58 -5.71
C ALA D 590 27.79 -2.63 -6.56
N LEU D 591 26.52 -2.95 -6.75
CA LEU D 591 25.67 -2.06 -7.53
C LEU D 591 25.57 -0.68 -6.91
N ASP D 592 25.36 -0.63 -5.60
CA ASP D 592 25.08 0.63 -4.96
C ASP D 592 26.29 1.54 -5.00
N LEU D 593 27.48 0.98 -4.80
CA LEU D 593 28.67 1.80 -4.88
C LEU D 593 28.94 2.24 -6.31
N PHE D 594 28.84 1.30 -7.25
CA PHE D 594 29.11 1.67 -8.63
C PHE D 594 28.19 2.79 -9.10
N SER D 595 26.92 2.73 -8.73
CA SER D 595 26.01 3.82 -9.07
C SER D 595 26.53 5.14 -8.53
N GLU D 596 26.89 5.16 -7.25
CA GLU D 596 27.34 6.40 -6.64
C GLU D 596 28.53 6.98 -7.39
N CYS D 597 29.54 6.15 -7.66
CA CYS D 597 30.72 6.70 -8.33
C CYS D 597 30.38 7.11 -9.75
N TYR D 598 29.49 6.37 -10.42
CA TYR D 598 29.04 6.75 -11.75
C TYR D 598 28.35 8.11 -11.76
N SER D 599 27.73 8.49 -10.64
CA SER D 599 26.99 9.74 -10.63
C SER D 599 27.90 10.93 -10.87
N ASN D 600 29.11 10.91 -10.32
CA ASN D 600 30.03 12.02 -10.42
C ASN D 600 31.26 11.58 -11.20
N SER D 601 31.64 12.37 -12.20
CA SER D 601 32.89 12.18 -12.94
C SER D 601 32.95 10.79 -13.56
N GLU D 602 32.14 10.59 -14.59
CA GLU D 602 32.05 9.30 -15.26
C GLU D 602 33.36 8.94 -15.94
N ASP D 603 34.04 9.93 -16.53
CA ASP D 603 35.35 9.67 -17.12
C ASP D 603 36.31 9.03 -16.14
N ARG D 604 36.11 9.23 -14.85
CA ARG D 604 36.87 8.49 -13.86
C ARG D 604 36.24 7.12 -13.60
N ALA D 605 34.92 7.05 -13.66
CA ALA D 605 34.25 5.79 -13.37
C ALA D 605 34.69 4.70 -14.33
N PHE D 606 34.76 5.02 -15.61
CA PHE D 606 35.24 4.04 -16.58
C PHE D 606 36.66 3.62 -16.25
N ALA D 607 37.51 4.57 -15.85
CA ALA D 607 38.86 4.21 -15.44
C ALA D 607 38.84 3.23 -14.29
N LEU D 608 37.93 3.43 -13.34
CA LEU D 608 37.82 2.47 -12.25
C LEU D 608 37.37 1.11 -12.74
N LEU D 609 36.49 1.10 -13.74
CA LEU D 609 35.81 -0.13 -14.09
C LEU D 609 36.77 -1.17 -14.63
N VAL D 610 37.78 -0.75 -15.38
CA VAL D 610 38.69 -1.70 -16.01
C VAL D 610 40.12 -1.50 -15.54
N ARG D 611 40.32 -0.86 -14.41
CA ARG D 611 41.66 -0.76 -13.87
C ARG D 611 42.13 -2.11 -13.36
N ARG D 612 43.40 -2.41 -13.54
CA ARG D 612 43.98 -3.59 -12.94
C ARG D 612 43.90 -3.45 -11.42
N ASN D 613 43.61 -4.55 -10.74
CA ASN D 613 43.38 -4.53 -9.31
C ASN D 613 44.63 -4.99 -8.56
N HIS D 614 45.15 -4.13 -7.69
CA HIS D 614 46.41 -4.45 -7.03
C HIS D 614 46.28 -5.67 -6.13
N SER D 615 45.19 -5.81 -5.40
CA SER D 615 45.20 -6.83 -4.37
C SER D 615 44.80 -8.20 -4.88
N TRP D 616 43.72 -8.32 -5.65
CA TRP D 616 43.22 -9.63 -6.04
C TRP D 616 43.98 -10.17 -7.24
N SER D 617 45.30 -10.32 -7.05
CA SER D 617 46.17 -10.96 -8.02
C SER D 617 46.02 -10.36 -9.41
N ARG D 618 45.79 -9.06 -9.47
CA ARG D 618 45.90 -8.30 -10.71
C ARG D 618 44.93 -8.83 -11.75
N THR D 619 43.65 -8.71 -11.45
CA THR D 619 42.59 -9.06 -12.37
C THR D 619 41.60 -7.91 -12.47
N THR D 620 40.97 -7.77 -13.63
CA THR D 620 40.03 -6.69 -13.84
C THR D 620 38.65 -7.03 -13.30
N CYS D 621 37.88 -5.98 -13.03
CA CYS D 621 36.57 -6.15 -12.42
C CYS D 621 35.64 -6.93 -13.31
N LEU D 622 35.76 -6.73 -14.61
CA LEU D 622 34.85 -7.39 -15.54
C LEU D 622 35.06 -8.89 -15.53
N HIS D 623 36.31 -9.33 -15.59
CA HIS D 623 36.59 -10.75 -15.48
C HIS D 623 35.96 -11.31 -14.22
N LEU D 624 36.09 -10.57 -13.13
CA LEU D 624 35.57 -11.05 -11.86
C LEU D 624 34.05 -11.14 -11.89
N ALA D 625 33.39 -10.19 -12.57
CA ALA D 625 31.94 -10.28 -12.70
C ALA D 625 31.54 -11.48 -13.54
N THR D 626 32.28 -11.74 -14.60
CA THR D 626 32.01 -12.92 -15.42
C THR D 626 32.10 -14.19 -14.59
N GLU D 627 33.20 -14.35 -13.87
CA GLU D 627 33.35 -15.55 -13.05
C GLU D 627 32.26 -15.61 -11.99
N ALA D 628 31.89 -14.46 -11.44
CA ALA D 628 30.82 -14.43 -10.45
C ALA D 628 29.47 -14.66 -11.09
N ASP D 629 29.35 -14.40 -12.39
CA ASP D 629 28.08 -14.55 -13.10
C ASP D 629 27.02 -13.64 -12.50
N ALA D 630 27.42 -12.41 -12.19
CA ALA D 630 26.50 -11.44 -11.62
C ALA D 630 25.80 -10.74 -12.77
N LYS D 631 24.63 -11.26 -13.15
CA LYS D 631 23.90 -10.65 -14.26
C LYS D 631 23.37 -9.28 -13.88
N ALA D 632 22.89 -9.12 -12.64
CA ALA D 632 22.31 -7.85 -12.23
C ALA D 632 23.32 -6.72 -12.35
N PHE D 633 24.61 -7.01 -12.15
CA PHE D 633 25.60 -5.97 -12.33
C PHE D 633 25.69 -5.53 -13.78
N PHE D 634 25.73 -6.50 -14.70
CA PHE D 634 25.76 -6.13 -16.11
C PHE D 634 24.54 -5.29 -16.48
N ALA D 635 23.41 -5.57 -15.85
CA ALA D 635 22.19 -4.82 -16.14
C ALA D 635 22.35 -3.33 -15.84
N HIS D 636 23.35 -2.94 -15.07
CA HIS D 636 23.48 -1.54 -14.71
C HIS D 636 23.77 -0.68 -15.91
N ASP D 637 23.33 0.57 -15.85
CA ASP D 637 23.40 1.46 -17.00
C ASP D 637 24.83 1.80 -17.35
N GLY D 638 25.68 1.95 -16.33
CA GLY D 638 27.08 2.26 -16.60
C GLY D 638 27.75 1.19 -17.43
N VAL D 639 27.45 -0.07 -17.13
CA VAL D 639 28.01 -1.16 -17.92
C VAL D 639 27.62 -1.02 -19.37
N GLN D 640 26.34 -0.72 -19.62
CA GLN D 640 25.88 -0.64 -21.00
C GLN D 640 26.48 0.55 -21.70
N ALA D 641 26.63 1.66 -21.00
CA ALA D 641 27.27 2.83 -21.59
C ALA D 641 28.69 2.52 -22.00
N PHE D 642 29.45 1.88 -21.11
CA PHE D 642 30.83 1.54 -21.44
C PHE D 642 30.89 0.56 -22.60
N LEU D 643 30.04 -0.46 -22.57
CA LEU D 643 29.99 -1.43 -23.67
C LEU D 643 29.73 -0.72 -24.99
N THR D 644 28.79 0.22 -25.00
CA THR D 644 28.49 0.94 -26.23
C THR D 644 29.69 1.77 -26.67
N LYS D 645 30.33 2.47 -25.73
CA LYS D 645 31.50 3.25 -26.09
C LYS D 645 32.54 2.39 -26.78
N ILE D 646 32.73 1.16 -26.31
CA ILE D 646 33.63 0.26 -27.03
C ILE D 646 33.05 -0.12 -28.39
N TRP D 647 31.73 -0.29 -28.45
CA TRP D 647 31.11 -0.86 -29.63
C TRP D 647 31.31 0.01 -30.87
N TRP D 648 31.40 1.31 -30.70
CA TRP D 648 31.55 2.21 -31.84
C TRP D 648 32.99 2.52 -32.16
N GLY D 649 33.94 1.84 -31.53
CA GLY D 649 35.34 2.10 -31.84
C GLY D 649 35.68 3.54 -31.50
N ASP D 650 36.04 4.31 -32.53
CA ASP D 650 36.25 5.75 -32.41
C ASP D 650 35.34 6.44 -33.42
N MET D 651 34.09 6.64 -33.04
CA MET D 651 33.10 7.20 -33.93
C MET D 651 32.03 7.88 -33.10
N ALA D 652 31.11 8.54 -33.81
CA ALA D 652 29.93 9.07 -33.15
C ALA D 652 29.15 7.94 -32.49
N THR D 653 28.79 8.16 -31.22
CA THR D 653 28.01 7.17 -30.50
C THR D 653 26.73 6.84 -31.23
N GLY D 654 25.93 7.86 -31.53
CA GLY D 654 24.69 7.70 -32.27
C GLY D 654 24.85 8.20 -33.69
N THR D 655 24.41 7.38 -34.65
CA THR D 655 24.47 7.72 -36.05
C THR D 655 23.39 6.94 -36.77
N PRO D 656 22.63 7.58 -37.66
CA PRO D 656 21.56 6.87 -38.36
C PRO D 656 22.06 5.59 -39.03
N ILE D 657 21.23 4.55 -38.96
CA ILE D 657 21.56 3.28 -39.58
C ILE D 657 21.81 3.47 -41.07
N LEU D 658 20.99 4.31 -41.71
CA LEU D 658 21.19 4.60 -43.13
C LEU D 658 22.51 5.33 -43.36
N ARG D 659 22.82 6.31 -42.51
CA ARG D 659 24.11 7.00 -42.65
C ARG D 659 25.25 6.04 -42.47
N LEU D 660 25.11 5.08 -41.55
CA LEU D 660 26.14 4.07 -41.35
C LEU D 660 26.29 3.20 -42.60
N LEU D 661 25.18 2.75 -43.16
CA LEU D 661 25.26 1.94 -44.37
C LEU D 661 25.92 2.71 -45.50
N GLY D 662 25.59 4.00 -45.63
CA GLY D 662 26.20 4.81 -46.67
C GLY D 662 27.69 5.00 -46.47
N ALA D 663 28.11 5.20 -45.22
CA ALA D 663 29.53 5.28 -44.93
C ALA D 663 30.22 3.95 -45.21
N PHE D 664 29.51 2.84 -45.04
CA PHE D 664 30.11 1.52 -45.22
C PHE D 664 30.28 1.16 -46.69
N THR D 665 29.26 1.43 -47.51
CA THR D 665 29.27 0.98 -48.90
C THR D 665 30.30 1.73 -49.74
N CYS D 666 30.46 3.03 -49.50
CA CYS D 666 31.30 3.87 -50.35
C CYS D 666 32.43 4.44 -49.51
N PRO D 667 33.69 4.09 -49.79
CA PRO D 667 34.79 4.64 -48.99
C PRO D 667 35.00 6.13 -49.19
N ALA D 668 34.56 6.67 -50.33
CA ALA D 668 34.73 8.11 -50.57
C ALA D 668 33.94 8.92 -49.56
N LEU D 669 32.75 8.47 -49.20
CA LEU D 669 31.95 9.16 -48.20
C LEU D 669 32.67 9.22 -46.87
N ILE D 670 33.54 8.24 -46.60
CA ILE D 670 34.26 8.20 -45.34
C ILE D 670 35.15 9.44 -45.17
N TYR D 671 35.84 9.83 -46.24
CA TYR D 671 36.77 10.95 -46.13
C TYR D 671 36.05 12.23 -45.72
N THR D 672 34.82 12.41 -46.18
CA THR D 672 34.01 13.54 -45.75
C THR D 672 33.51 13.32 -44.33
N ASN D 673 33.08 14.41 -43.71
CA ASN D 673 32.57 14.37 -42.34
C ASN D 673 31.05 14.17 -42.32
N LEU D 674 30.63 12.97 -42.77
CA LEU D 674 29.23 12.60 -42.64
C LEU D 674 28.82 12.53 -41.17
N ILE D 675 29.64 11.89 -40.34
CA ILE D 675 29.42 11.76 -38.91
C ILE D 675 30.72 12.06 -38.19
N SER D 676 30.60 12.49 -36.94
CA SER D 676 31.77 12.90 -36.18
C SER D 676 32.72 11.73 -35.96
N PHE D 677 34.01 12.00 -36.11
CA PHE D 677 35.05 10.99 -36.00
C PHE D 677 36.02 11.38 -34.89
N SER D 678 36.25 10.46 -33.96
CA SER D 678 37.13 10.74 -32.84
C SER D 678 38.55 11.00 -33.32
N GLU D 679 39.29 11.76 -32.55
CA GLU D 679 40.70 12.03 -32.84
C GLU D 679 41.57 10.85 -32.42
N ALA D 727 49.13 11.87 -46.75
CA ALA D 727 48.40 10.63 -46.95
C ALA D 727 48.28 9.85 -45.65
N ALA D 728 49.18 10.15 -44.71
CA ALA D 728 49.12 9.49 -43.41
C ALA D 728 47.83 9.82 -42.69
N PHE D 729 47.33 11.04 -42.85
CA PHE D 729 46.04 11.40 -42.25
C PHE D 729 44.92 10.55 -42.81
N LEU D 730 44.90 10.36 -44.13
CA LEU D 730 43.88 9.51 -44.75
C LEU D 730 44.01 8.06 -44.26
N LEU D 731 45.26 7.59 -44.09
CA LEU D 731 45.47 6.22 -43.60
C LEU D 731 44.96 6.06 -42.18
N THR D 732 45.21 7.04 -41.32
CA THR D 732 44.70 6.98 -39.96
C THR D 732 43.18 7.02 -39.95
N ARG D 733 42.57 7.81 -40.82
CA ARG D 733 41.11 7.82 -40.91
C ARG D 733 40.58 6.47 -41.37
N TRP D 734 41.24 5.86 -42.36
CA TRP D 734 40.85 4.55 -42.85
C TRP D 734 40.95 3.50 -41.75
N ARG D 735 42.04 3.53 -41.00
CA ARG D 735 42.20 2.61 -39.87
C ARG D 735 41.15 2.85 -38.81
N LYS D 736 40.84 4.12 -38.51
CA LYS D 736 39.82 4.42 -37.52
C LYS D 736 38.46 3.88 -37.96
N PHE D 737 38.17 3.96 -39.26
CA PHE D 737 36.90 3.45 -39.74
C PHE D 737 36.85 1.93 -39.65
N TRP D 738 37.88 1.24 -40.10
CA TRP D 738 37.81 -0.21 -40.17
C TRP D 738 38.12 -0.89 -38.85
N GLY D 739 38.65 -0.15 -37.87
CA GLY D 739 38.92 -0.76 -36.59
C GLY D 739 37.71 -0.86 -35.68
N ALA D 740 36.73 0.02 -35.86
CA ALA D 740 35.56 0.02 -34.99
C ALA D 740 34.84 -1.31 -35.09
N PRO D 741 34.34 -1.84 -33.98
CA PRO D 741 33.76 -3.19 -34.03
C PRO D 741 32.56 -3.30 -34.94
N VAL D 742 31.62 -2.36 -34.81
CA VAL D 742 30.35 -2.43 -35.54
C VAL D 742 30.61 -2.67 -37.03
N THR D 743 31.64 -2.03 -37.57
CA THR D 743 31.95 -2.23 -38.98
C THR D 743 32.35 -3.66 -39.28
N VAL D 744 33.20 -4.24 -38.43
CA VAL D 744 33.55 -5.66 -38.61
C VAL D 744 32.30 -6.52 -38.52
N PHE D 745 31.41 -6.17 -37.60
CA PHE D 745 30.16 -6.92 -37.45
C PHE D 745 29.38 -6.93 -38.75
N LEU D 746 29.15 -5.76 -39.32
CA LEU D 746 28.40 -5.66 -40.56
C LEU D 746 29.09 -6.45 -41.67
N GLY D 747 30.43 -6.36 -41.73
CA GLY D 747 31.15 -7.10 -42.75
C GLY D 747 30.94 -8.60 -42.62
N ASN D 748 31.05 -9.11 -41.40
CA ASN D 748 30.82 -10.54 -41.20
C ASN D 748 29.40 -10.91 -41.59
N VAL D 749 28.44 -10.02 -41.32
CA VAL D 749 27.06 -10.28 -41.69
C VAL D 749 26.94 -10.46 -43.20
N VAL D 750 27.45 -9.49 -43.95
CA VAL D 750 27.27 -9.54 -45.40
C VAL D 750 28.01 -10.72 -46.00
N MET D 751 29.20 -11.02 -45.46
CA MET D 751 29.95 -12.16 -45.97
C MET D 751 29.22 -13.46 -45.69
N TYR D 752 28.61 -13.58 -44.50
CA TYR D 752 27.87 -14.79 -44.17
C TYR D 752 26.69 -14.96 -45.11
N PHE D 753 25.99 -13.86 -45.41
CA PHE D 753 24.93 -13.91 -46.41
C PHE D 753 25.46 -14.40 -47.74
N ALA D 754 26.59 -13.84 -48.19
CA ALA D 754 27.19 -14.28 -49.44
C ALA D 754 27.45 -15.78 -49.45
N PHE D 755 28.07 -16.29 -48.39
CA PHE D 755 28.38 -17.70 -48.31
C PHE D 755 27.11 -18.54 -48.37
N LEU D 756 26.10 -18.13 -47.61
CA LEU D 756 24.84 -18.86 -47.62
C LEU D 756 24.25 -18.93 -49.02
N PHE D 757 24.37 -17.84 -49.77
CA PHE D 757 23.77 -17.84 -51.10
C PHE D 757 24.54 -18.75 -52.04
N LEU D 758 25.87 -18.67 -52.02
CA LEU D 758 26.66 -19.56 -52.86
C LEU D 758 26.40 -21.02 -52.52
N PHE D 759 26.31 -21.34 -51.23
CA PHE D 759 26.04 -22.72 -50.85
C PHE D 759 24.68 -23.15 -51.36
N SER D 760 23.67 -22.29 -51.23
CA SER D 760 22.34 -22.63 -51.73
C SER D 760 22.39 -22.89 -53.22
N TYR D 761 23.12 -22.07 -53.97
CA TYR D 761 23.18 -22.28 -55.40
C TYR D 761 23.84 -23.61 -55.74
N VAL D 762 24.91 -23.93 -55.03
CA VAL D 762 25.60 -25.19 -55.29
C VAL D 762 24.67 -26.35 -55.01
N LEU D 763 24.00 -26.32 -53.87
CA LEU D 763 23.11 -27.42 -53.51
C LEU D 763 21.97 -27.56 -54.50
N LEU D 764 21.37 -26.45 -54.90
CA LEU D 764 20.23 -26.49 -55.81
C LEU D 764 20.57 -27.18 -57.13
N VAL D 765 21.48 -26.61 -57.92
CA VAL D 765 21.71 -27.11 -59.28
C VAL D 765 23.06 -27.79 -59.44
N ASP D 766 24.06 -27.46 -58.64
CA ASP D 766 25.38 -28.00 -58.89
C ASP D 766 25.46 -29.48 -58.51
N PHE D 767 24.63 -29.92 -57.57
CA PHE D 767 24.69 -31.31 -57.13
C PHE D 767 24.49 -32.25 -58.31
N ARG D 768 25.45 -33.14 -58.51
CA ARG D 768 25.51 -33.96 -59.70
C ARG D 768 26.21 -35.27 -59.34
N PRO D 769 26.25 -36.28 -60.22
CA PRO D 769 26.68 -37.60 -59.78
C PRO D 769 28.14 -37.59 -59.39
N PRO D 770 28.52 -38.31 -58.33
CA PRO D 770 29.82 -38.12 -57.66
C PRO D 770 31.01 -38.15 -58.63
N PRO D 771 31.07 -39.10 -59.57
CA PRO D 771 32.25 -39.11 -60.46
C PRO D 771 32.37 -37.85 -61.30
N GLN D 772 31.26 -37.30 -61.77
CA GLN D 772 31.24 -36.12 -62.62
C GLN D 772 30.23 -35.12 -62.05
N GLY D 773 30.30 -34.91 -60.74
CA GLY D 773 29.35 -34.09 -60.04
C GLY D 773 29.88 -32.84 -59.34
N PRO D 774 31.12 -32.86 -58.84
CA PRO D 774 31.69 -31.63 -58.30
C PRO D 774 32.31 -30.75 -59.38
N SER D 775 32.43 -29.47 -59.04
CA SER D 775 32.87 -28.46 -59.98
C SER D 775 33.75 -27.45 -59.26
N GLY D 776 34.34 -26.55 -60.03
CA GLY D 776 35.15 -25.49 -59.43
C GLY D 776 34.41 -24.71 -58.36
N SER D 777 33.12 -24.48 -58.57
CA SER D 777 32.31 -23.80 -57.56
C SER D 777 32.27 -24.61 -56.27
N GLU D 778 32.08 -25.92 -56.39
CA GLU D 778 32.11 -26.77 -55.21
C GLU D 778 33.44 -26.66 -54.49
N VAL D 779 34.54 -26.63 -55.25
CA VAL D 779 35.86 -26.49 -54.66
C VAL D 779 35.96 -25.17 -53.89
N THR D 780 35.46 -24.08 -54.51
CA THR D 780 35.49 -22.79 -53.84
C THR D 780 34.69 -22.84 -52.55
N LEU D 781 33.53 -23.50 -52.57
CA LEU D 781 32.73 -23.64 -51.36
C LEU D 781 33.50 -24.41 -50.30
N TYR D 782 34.16 -25.49 -50.69
CA TYR D 782 34.91 -26.30 -49.73
C TYR D 782 36.05 -25.50 -49.12
N PHE D 783 36.75 -24.72 -49.93
CA PHE D 783 37.81 -23.87 -49.41
C PHE D 783 37.25 -22.82 -48.47
N TRP D 784 36.08 -22.28 -48.82
CA TRP D 784 35.40 -21.33 -47.95
C TRP D 784 35.10 -21.96 -46.60
N VAL D 785 34.64 -23.21 -46.60
CA VAL D 785 34.34 -23.91 -45.36
C VAL D 785 35.61 -24.15 -44.55
N PHE D 786 36.71 -24.45 -45.25
CA PHE D 786 37.99 -24.62 -44.56
C PHE D 786 38.38 -23.33 -43.86
N THR D 787 38.20 -22.20 -44.54
CA THR D 787 38.47 -20.92 -43.91
C THR D 787 37.57 -20.70 -42.70
N LEU D 788 36.29 -21.03 -42.83
CA LEU D 788 35.36 -20.84 -41.72
C LEU D 788 35.79 -21.64 -40.50
N VAL D 789 36.12 -22.91 -40.70
CA VAL D 789 36.47 -23.74 -39.56
C VAL D 789 37.79 -23.27 -38.96
N LEU D 790 38.73 -22.82 -39.80
CA LEU D 790 39.97 -22.29 -39.26
C LEU D 790 39.70 -21.07 -38.39
N GLU D 791 38.82 -20.18 -38.85
CA GLU D 791 38.45 -19.01 -38.04
C GLU D 791 37.82 -19.44 -36.73
N GLU D 792 36.96 -20.46 -36.77
CA GLU D 792 36.32 -20.91 -35.54
C GLU D 792 37.34 -21.49 -34.57
N ILE D 793 38.32 -22.24 -35.07
CA ILE D 793 39.36 -22.76 -34.18
C ILE D 793 40.16 -21.63 -33.57
N ARG D 794 40.52 -20.63 -34.37
CA ARG D 794 41.21 -19.48 -33.82
C ARG D 794 40.39 -18.81 -32.72
N GLN D 795 39.10 -18.62 -32.96
CA GLN D 795 38.24 -18.02 -31.96
C GLN D 795 38.16 -18.88 -30.71
N GLY D 796 38.21 -20.20 -30.89
CA GLY D 796 38.00 -21.09 -29.75
C GLY D 796 39.23 -21.24 -28.88
N PHE D 797 40.42 -21.27 -29.47
CA PHE D 797 41.60 -21.72 -28.74
C PHE D 797 42.65 -20.65 -28.47
N PHE D 798 42.73 -19.61 -29.30
CA PHE D 798 43.81 -18.64 -29.16
C PHE D 798 43.33 -17.31 -28.57
N THR D 799 42.15 -17.28 -27.98
CA THR D 799 41.67 -16.08 -27.32
C THR D 799 42.45 -15.80 -26.05
N ASP D 802 44.30 -18.02 -20.50
CA ASP D 802 43.74 -19.36 -20.58
C ASP D 802 44.89 -20.36 -20.42
N THR D 803 45.32 -20.49 -19.16
CA THR D 803 46.54 -21.23 -18.75
C THR D 803 46.62 -22.58 -19.45
N ARG D 804 45.71 -23.51 -19.18
CA ARG D 804 45.78 -24.83 -19.78
C ARG D 804 44.83 -24.98 -20.96
N LEU D 805 45.20 -25.92 -21.84
CA LEU D 805 44.37 -26.22 -23.00
C LEU D 805 43.02 -26.79 -22.58
N VAL D 806 42.99 -27.61 -21.53
CA VAL D 806 41.72 -28.13 -21.04
C VAL D 806 40.80 -26.99 -20.60
N LYS D 807 41.37 -25.97 -19.96
CA LYS D 807 40.58 -24.83 -19.53
C LYS D 807 39.95 -24.13 -20.73
N LYS D 808 40.76 -23.79 -21.74
CA LYS D 808 40.22 -23.11 -22.91
C LYS D 808 39.18 -23.97 -23.62
N PHE D 809 39.42 -25.29 -23.69
CA PHE D 809 38.47 -26.19 -24.32
C PHE D 809 37.14 -26.17 -23.58
N THR D 810 37.19 -26.13 -22.25
CA THR D 810 35.96 -26.02 -21.49
C THR D 810 35.26 -24.70 -21.77
N LEU D 811 36.02 -23.60 -21.82
CA LEU D 811 35.43 -22.32 -22.17
C LEU D 811 34.71 -22.39 -23.51
N TYR D 812 35.31 -23.11 -24.46
CA TYR D 812 34.70 -23.25 -25.77
C TYR D 812 33.44 -24.10 -25.71
N VAL D 813 33.47 -25.19 -24.95
CA VAL D 813 32.28 -26.03 -24.78
C VAL D 813 31.14 -25.25 -24.16
N GLU D 814 31.47 -24.29 -23.29
CA GLU D 814 30.46 -23.57 -22.52
C GLU D 814 29.30 -23.08 -23.39
N ASP D 815 29.59 -22.24 -24.37
CA ASP D 815 28.53 -21.63 -25.17
C ASP D 815 27.82 -22.67 -26.04
N ASN D 816 26.54 -22.39 -26.33
CA ASN D 816 25.76 -23.27 -27.19
C ASN D 816 26.09 -23.04 -28.66
N TRP D 817 26.29 -21.78 -29.06
CA TRP D 817 26.48 -21.47 -30.47
C TRP D 817 27.74 -22.12 -31.02
N ASN D 818 28.81 -22.15 -30.21
CA ASN D 818 30.01 -22.85 -30.63
C ASN D 818 29.70 -24.32 -30.90
N LYS D 819 28.90 -24.94 -30.04
CA LYS D 819 28.51 -26.33 -30.25
C LYS D 819 27.73 -26.51 -31.53
N CYS D 820 26.79 -25.60 -31.81
CA CYS D 820 26.03 -25.70 -33.04
C CYS D 820 26.94 -25.57 -34.26
N ASP D 821 27.91 -24.66 -34.18
CA ASP D 821 28.89 -24.53 -35.26
C ASP D 821 29.67 -25.82 -35.44
N MET D 822 30.04 -26.46 -34.33
CA MET D 822 30.75 -27.73 -34.40
C MET D 822 29.91 -28.79 -35.09
N VAL D 823 28.63 -28.88 -34.72
CA VAL D 823 27.74 -29.83 -35.37
C VAL D 823 27.65 -29.52 -36.86
N ALA D 824 27.59 -28.24 -37.21
CA ALA D 824 27.50 -27.86 -38.60
C ALA D 824 28.70 -28.34 -39.39
N ILE D 825 29.90 -28.06 -38.88
CA ILE D 825 31.10 -28.43 -39.62
C ILE D 825 31.24 -29.94 -39.66
N PHE D 826 30.82 -30.63 -38.60
CA PHE D 826 30.82 -32.09 -38.64
C PHE D 826 29.92 -32.61 -39.73
N LEU D 827 28.71 -32.04 -39.84
CA LEU D 827 27.80 -32.44 -40.89
C LEU D 827 28.40 -32.19 -42.26
N PHE D 828 29.06 -31.04 -42.42
CA PHE D 828 29.66 -30.75 -43.73
C PHE D 828 30.77 -31.74 -44.05
N ILE D 829 31.63 -32.03 -43.06
CA ILE D 829 32.74 -32.94 -43.30
C ILE D 829 32.22 -34.31 -43.71
N VAL D 830 31.24 -34.83 -42.98
CA VAL D 830 30.72 -36.15 -43.30
C VAL D 830 30.00 -36.13 -44.64
N GLY D 831 29.35 -35.03 -44.98
CA GLY D 831 28.68 -34.95 -46.26
C GLY D 831 29.65 -34.93 -47.42
N VAL D 832 30.81 -34.27 -47.24
CA VAL D 832 31.77 -34.15 -48.33
C VAL D 832 32.19 -35.52 -48.85
N THR D 833 32.08 -36.53 -48.00
CA THR D 833 32.39 -37.90 -48.41
C THR D 833 31.53 -38.37 -49.57
N CYS D 834 30.41 -37.71 -49.83
CA CYS D 834 29.51 -38.16 -50.89
C CYS D 834 30.17 -38.17 -52.25
N ARG D 835 30.96 -37.13 -52.55
CA ARG D 835 31.59 -37.05 -53.87
C ARG D 835 32.51 -38.25 -54.09
N MET D 836 33.08 -38.79 -53.03
CA MET D 836 34.01 -39.89 -53.16
C MET D 836 33.31 -41.20 -53.53
N VAL D 837 32.16 -41.47 -52.92
CA VAL D 837 31.50 -42.76 -53.06
C VAL D 837 30.37 -42.66 -54.09
N PRO D 838 30.49 -43.34 -55.23
CA PRO D 838 29.43 -43.27 -56.25
C PRO D 838 28.06 -43.69 -55.76
N SER D 839 27.98 -44.83 -55.06
CA SER D 839 26.69 -45.42 -54.75
C SER D 839 25.87 -44.56 -53.81
N VAL D 840 26.53 -43.90 -52.85
CA VAL D 840 25.83 -43.15 -51.81
C VAL D 840 25.53 -41.74 -52.35
N PHE D 841 25.39 -41.63 -53.67
CA PHE D 841 25.17 -40.33 -54.32
C PHE D 841 24.03 -39.53 -53.68
N GLU D 842 22.97 -40.20 -53.24
CA GLU D 842 21.78 -39.51 -52.79
C GLU D 842 21.83 -39.17 -51.30
N ALA D 843 22.27 -40.13 -50.48
CA ALA D 843 22.21 -39.95 -49.03
C ALA D 843 23.10 -38.79 -48.59
N GLY D 844 24.34 -38.75 -49.07
CA GLY D 844 25.21 -37.62 -48.76
C GLY D 844 24.62 -36.29 -49.20
N ARG D 845 23.99 -36.26 -50.38
CA ARG D 845 23.31 -35.05 -50.80
C ARG D 845 22.27 -34.62 -49.78
N THR D 846 21.49 -35.58 -49.28
CA THR D 846 20.52 -35.26 -48.24
C THR D 846 21.20 -34.69 -47.01
N VAL D 847 22.34 -35.26 -46.63
CA VAL D 847 23.10 -34.74 -45.49
C VAL D 847 23.46 -33.28 -45.73
N LEU D 848 23.91 -32.97 -46.94
CA LEU D 848 24.21 -31.57 -47.27
C LEU D 848 22.97 -30.71 -47.11
N ALA D 849 21.83 -31.20 -47.59
CA ALA D 849 20.60 -30.45 -47.43
C ALA D 849 20.34 -30.13 -45.96
N ILE D 850 20.54 -31.11 -45.09
CA ILE D 850 20.33 -30.87 -43.66
C ILE D 850 21.33 -29.83 -43.16
N ASP D 851 22.57 -29.91 -43.62
CA ASP D 851 23.56 -28.92 -43.25
C ASP D 851 23.09 -27.51 -43.58
N PHE D 852 22.37 -27.38 -44.69
CA PHE D 852 21.81 -26.07 -45.03
C PHE D 852 20.87 -25.59 -43.94
N MET D 853 19.95 -26.46 -43.51
CA MET D 853 19.09 -26.15 -42.38
C MET D 853 19.91 -25.69 -41.18
N VAL D 854 21.01 -26.40 -40.92
CA VAL D 854 21.84 -26.10 -39.77
C VAL D 854 22.38 -24.67 -39.86
N PHE D 855 22.91 -24.31 -41.02
CA PHE D 855 23.44 -22.96 -41.19
C PHE D 855 22.33 -21.92 -41.03
N THR D 856 21.15 -22.21 -41.59
CA THR D 856 20.03 -21.29 -41.45
C THR D 856 19.69 -21.06 -39.99
N LEU D 857 19.72 -22.11 -39.18
CA LEU D 857 19.54 -21.91 -37.75
C LEU D 857 20.70 -21.13 -37.15
N ARG D 858 21.91 -21.34 -37.65
CA ARG D 858 23.06 -20.58 -37.15
C ARG D 858 22.82 -19.10 -37.31
N LEU D 859 22.14 -18.71 -38.38
CA LEU D 859 21.93 -17.30 -38.66
C LEU D 859 21.27 -16.56 -37.50
N ILE D 860 20.43 -17.24 -36.73
CA ILE D 860 19.62 -16.56 -35.72
C ILE D 860 20.48 -15.78 -34.75
N HIS D 861 21.66 -16.30 -34.42
CA HIS D 861 22.53 -15.68 -33.42
C HIS D 861 22.75 -14.20 -33.71
N ILE D 862 22.80 -13.84 -34.99
CA ILE D 862 23.13 -12.47 -35.40
C ILE D 862 22.19 -11.48 -34.74
N PHE D 863 20.93 -11.84 -34.64
CA PHE D 863 19.87 -10.94 -34.24
C PHE D 863 20.04 -10.30 -32.87
N ALA D 864 20.99 -10.81 -32.10
CA ALA D 864 21.05 -10.47 -30.68
C ALA D 864 21.19 -8.97 -30.47
N ILE D 865 21.89 -8.29 -31.37
CA ILE D 865 22.24 -6.89 -31.12
C ILE D 865 21.00 -6.02 -31.01
N HIS D 866 20.02 -6.24 -31.88
CA HIS D 866 18.93 -5.28 -32.00
C HIS D 866 18.09 -5.24 -30.73
N LYS D 867 17.71 -4.02 -30.34
CA LYS D 867 16.99 -3.81 -29.09
C LYS D 867 15.63 -4.51 -29.13
N GLN D 868 14.96 -4.49 -30.28
CA GLN D 868 13.61 -5.07 -30.35
C GLN D 868 13.67 -6.57 -30.50
N LEU D 869 14.42 -7.07 -31.49
CA LEU D 869 14.36 -8.49 -31.83
C LEU D 869 14.76 -9.38 -30.67
N GLY D 870 15.90 -9.08 -30.04
CA GLY D 870 16.51 -9.94 -29.05
C GLY D 870 15.58 -10.57 -28.05
N PRO D 871 14.86 -9.74 -27.29
CA PRO D 871 13.97 -10.29 -26.25
C PRO D 871 13.03 -11.36 -26.75
N LYS D 872 12.62 -11.30 -28.02
CA LYS D 872 11.78 -12.35 -28.58
C LYS D 872 12.52 -13.67 -28.61
N ILE D 873 13.76 -13.65 -29.11
CA ILE D 873 14.56 -14.87 -29.14
C ILE D 873 14.78 -15.39 -27.73
N ILE D 874 15.04 -14.48 -26.78
CA ILE D 874 15.20 -14.89 -25.40
C ILE D 874 13.94 -15.61 -24.91
N ILE D 875 12.78 -15.07 -25.27
CA ILE D 875 11.53 -15.62 -24.78
C ILE D 875 11.30 -17.01 -25.37
N VAL D 876 11.55 -17.17 -26.67
CA VAL D 876 11.31 -18.46 -27.28
C VAL D 876 12.32 -19.49 -26.80
N GLU D 877 13.55 -19.05 -26.51
CA GLU D 877 14.55 -19.98 -26.01
C GLU D 877 14.21 -20.43 -24.59
N ARG D 878 13.72 -19.53 -23.76
CA ARG D 878 13.39 -19.93 -22.39
C ARG D 878 12.27 -20.96 -22.36
N MET D 879 11.37 -20.93 -23.34
CA MET D 879 10.22 -21.83 -23.36
C MET D 879 10.63 -23.17 -23.95
N MET D 880 11.25 -24.00 -23.10
CA MET D 880 11.69 -25.33 -23.50
C MET D 880 10.91 -26.45 -22.83
N LYS D 881 9.94 -26.15 -21.97
CA LYS D 881 9.10 -27.21 -21.42
C LYS D 881 8.17 -27.78 -22.48
N ASP D 882 7.79 -26.94 -23.45
CA ASP D 882 6.80 -27.33 -24.44
C ASP D 882 7.22 -28.56 -25.21
N VAL D 883 8.49 -28.62 -25.62
CA VAL D 883 8.94 -29.74 -26.44
C VAL D 883 8.63 -31.06 -25.74
N PHE D 884 9.17 -31.24 -24.54
CA PHE D 884 9.01 -32.51 -23.83
C PHE D 884 7.56 -32.77 -23.50
N PHE D 885 6.91 -31.81 -22.83
CA PHE D 885 5.54 -32.04 -22.39
C PHE D 885 4.64 -32.35 -23.57
N PHE D 886 4.73 -31.56 -24.62
CA PHE D 886 3.82 -31.72 -25.75
C PHE D 886 4.15 -32.96 -26.56
N LEU D 887 5.43 -33.34 -26.66
CA LEU D 887 5.73 -34.58 -27.36
C LEU D 887 5.04 -35.75 -26.65
N PHE D 888 5.15 -35.78 -25.32
CA PHE D 888 4.38 -36.78 -24.60
C PHE D 888 2.88 -36.65 -24.84
N PHE D 889 2.35 -35.44 -24.71
CA PHE D 889 0.90 -35.24 -24.77
C PHE D 889 0.34 -35.63 -26.12
N LEU D 890 1.09 -35.38 -27.18
CA LEU D 890 0.63 -35.76 -28.51
C LEU D 890 0.79 -37.25 -28.73
N SER D 891 1.94 -37.82 -28.36
CA SER D 891 2.21 -39.21 -28.67
C SER D 891 1.23 -40.13 -27.95
N VAL D 892 1.06 -39.93 -26.64
CA VAL D 892 0.25 -40.87 -25.85
C VAL D 892 -1.14 -41.02 -26.44
N TRP D 893 -1.69 -39.94 -26.99
CA TRP D 893 -3.03 -40.02 -27.55
C TRP D 893 -2.99 -40.49 -29.00
N LEU D 894 -2.02 -40.00 -29.78
CA LEU D 894 -1.99 -40.29 -31.20
C LEU D 894 -1.74 -41.77 -31.46
N VAL D 895 -0.74 -42.35 -30.79
CA VAL D 895 -0.40 -43.75 -31.05
C VAL D 895 -1.57 -44.65 -30.67
N ALA D 896 -2.19 -44.40 -29.52
CA ALA D 896 -3.30 -45.23 -29.08
C ALA D 896 -4.50 -45.07 -30.00
N TYR D 897 -4.82 -43.83 -30.38
CA TYR D 897 -5.89 -43.58 -31.32
C TYR D 897 -5.66 -44.33 -32.62
N GLY D 898 -4.46 -44.24 -33.16
CA GLY D 898 -4.16 -44.92 -34.42
C GLY D 898 -4.27 -46.42 -34.31
N VAL D 899 -3.72 -46.99 -33.23
CA VAL D 899 -3.84 -48.42 -33.02
C VAL D 899 -5.30 -48.83 -33.01
N THR D 900 -6.12 -48.12 -32.25
CA THR D 900 -7.52 -48.51 -32.12
C THR D 900 -8.24 -48.37 -33.46
N THR D 901 -8.03 -47.26 -34.16
CA THR D 901 -8.74 -47.03 -35.40
C THR D 901 -8.33 -48.03 -36.47
N GLN D 902 -7.03 -48.33 -36.57
CA GLN D 902 -6.59 -49.32 -37.55
C GLN D 902 -7.10 -50.70 -37.18
N ALA D 903 -7.25 -50.97 -35.88
CA ALA D 903 -7.88 -52.22 -35.46
C ALA D 903 -9.31 -52.28 -35.97
N LEU D 904 -10.04 -51.16 -35.91
CA LEU D 904 -11.44 -51.19 -36.36
C LEU D 904 -11.54 -51.35 -37.87
N LEU D 905 -10.81 -50.52 -38.61
CA LEU D 905 -11.09 -50.38 -40.05
C LEU D 905 -10.64 -51.61 -40.82
N HIS D 906 -9.36 -51.99 -40.66
CA HIS D 906 -8.81 -53.14 -41.37
C HIS D 906 -8.14 -54.05 -40.36
N PRO D 907 -8.81 -55.14 -39.95
CA PRO D 907 -8.21 -56.03 -38.95
C PRO D 907 -7.11 -56.92 -39.48
N HIS D 908 -6.88 -56.93 -40.79
CA HIS D 908 -5.88 -57.80 -41.42
C HIS D 908 -4.86 -56.93 -42.14
N ASP D 909 -3.79 -56.57 -41.44
CA ASP D 909 -2.64 -55.87 -42.03
C ASP D 909 -1.39 -56.65 -41.67
N GLY D 910 -0.68 -57.13 -42.69
CA GLY D 910 0.52 -57.93 -42.49
C GLY D 910 1.83 -57.20 -42.65
N ARG D 911 1.80 -55.90 -42.89
CA ARG D 911 3.02 -55.12 -43.13
C ARG D 911 3.24 -54.16 -41.98
N LEU D 912 4.39 -54.29 -41.33
CA LEU D 912 4.75 -53.35 -40.26
C LEU D 912 5.05 -51.97 -40.82
N GLU D 913 5.75 -51.91 -41.95
CA GLU D 913 6.10 -50.61 -42.54
C GLU D 913 4.89 -49.90 -43.12
N TRP D 914 3.96 -50.64 -43.74
CA TRP D 914 2.75 -50.00 -44.24
C TRP D 914 1.90 -49.48 -43.10
N ILE D 915 1.78 -50.26 -42.02
CA ILE D 915 1.06 -49.79 -40.83
C ILE D 915 1.75 -48.56 -40.26
N PHE D 916 3.09 -48.55 -40.28
CA PHE D 916 3.83 -47.38 -39.81
C PHE D 916 3.49 -46.16 -40.65
N ARG D 917 3.49 -46.32 -41.97
CA ARG D 917 3.19 -45.20 -42.86
C ARG D 917 1.78 -44.67 -42.62
N ARG D 918 0.80 -45.56 -42.53
CA ARG D 918 -0.58 -45.14 -42.33
C ARG D 918 -0.78 -44.45 -40.98
N VAL D 919 -0.33 -45.10 -39.91
CA VAL D 919 -0.54 -44.58 -38.56
C VAL D 919 0.27 -43.31 -38.31
N LEU D 920 1.35 -43.10 -39.08
CA LEU D 920 2.07 -41.84 -39.00
C LEU D 920 1.36 -40.75 -39.79
N TYR D 921 0.92 -41.08 -41.00
CA TYR D 921 0.33 -40.07 -41.89
C TYR D 921 -1.00 -39.56 -41.35
N ARG D 922 -1.79 -40.43 -40.72
CA ARG D 922 -3.14 -40.02 -40.30
C ARG D 922 -3.11 -38.85 -39.33
N PRO D 923 -2.49 -38.93 -38.14
CA PRO D 923 -2.47 -37.76 -37.26
C PRO D 923 -1.63 -36.62 -37.81
N TYR D 924 -0.67 -36.91 -38.68
CA TYR D 924 0.13 -35.86 -39.28
C TYR D 924 -0.69 -35.06 -40.29
N LEU D 925 -1.69 -35.68 -40.90
CA LEU D 925 -2.47 -35.04 -41.95
C LEU D 925 -3.83 -34.57 -41.48
N GLN D 926 -4.42 -35.22 -40.47
CA GLN D 926 -5.74 -34.81 -40.00
C GLN D 926 -5.74 -33.41 -39.40
N ILE D 927 -4.59 -32.95 -38.88
CA ILE D 927 -4.52 -31.62 -38.29
C ILE D 927 -4.65 -30.54 -39.37
N PHE D 928 -4.08 -30.80 -40.56
CA PHE D 928 -3.99 -29.80 -41.62
C PHE D 928 -5.00 -30.03 -42.72
N GLY D 929 -6.20 -30.49 -42.39
CA GLY D 929 -7.28 -30.57 -43.34
C GLY D 929 -7.19 -31.70 -44.34
N GLN D 930 -6.29 -32.66 -44.15
CA GLN D 930 -6.17 -33.81 -45.05
C GLN D 930 -6.87 -34.99 -44.39
N ILE D 931 -8.16 -35.13 -44.69
CA ILE D 931 -8.98 -36.19 -44.10
C ILE D 931 -9.45 -37.14 -45.20
N PRO D 932 -8.72 -38.21 -45.48
CA PRO D 932 -9.14 -39.16 -46.54
C PRO D 932 -10.26 -40.10 -46.08
N LEU D 933 -11.50 -39.59 -46.17
CA LEU D 933 -12.67 -40.39 -45.81
C LEU D 933 -12.90 -41.56 -46.76
N ASP D 934 -12.24 -41.56 -47.93
CA ASP D 934 -12.36 -42.68 -48.86
C ASP D 934 -11.79 -43.97 -48.29
N GLU D 935 -10.98 -43.87 -47.25
CA GLU D 935 -10.42 -45.05 -46.58
C GLU D 935 -10.92 -45.23 -45.16
N ILE D 936 -11.82 -44.37 -44.68
CA ILE D 936 -12.25 -44.42 -43.29
C ILE D 936 -13.76 -44.61 -43.18
N ASP D 937 -14.51 -44.16 -44.18
CA ASP D 937 -15.96 -44.21 -44.17
C ASP D 937 -16.44 -45.27 -45.14
N GLU D 938 -17.12 -46.28 -44.61
CA GLU D 938 -17.61 -47.38 -45.45
C GLU D 938 -18.54 -46.86 -46.55
N ALA D 939 -19.31 -45.81 -46.26
CA ALA D 939 -20.11 -45.17 -47.29
C ALA D 939 -19.25 -44.43 -48.31
N ARG D 940 -17.97 -44.22 -48.02
CA ARG D 940 -17.08 -43.48 -48.91
C ARG D 940 -15.96 -44.33 -49.51
N VAL D 941 -15.82 -45.59 -49.10
CA VAL D 941 -14.83 -46.46 -49.71
C VAL D 941 -15.29 -46.90 -51.09
N ALA D 961 -18.53 -47.69 -36.36
CA ALA D 961 -17.23 -47.21 -35.90
C ALA D 961 -17.02 -45.73 -36.15
N ASN D 962 -17.88 -45.10 -36.96
CA ASN D 962 -17.67 -43.71 -37.33
C ASN D 962 -17.86 -42.78 -36.14
N TRP D 963 -18.96 -42.94 -35.40
CA TRP D 963 -19.31 -41.96 -34.37
C TRP D 963 -18.29 -41.96 -33.24
N LEU D 964 -17.73 -43.11 -32.90
CA LEU D 964 -16.66 -43.16 -31.91
C LEU D 964 -15.44 -42.37 -32.39
N VAL D 965 -15.09 -42.51 -33.67
CA VAL D 965 -13.96 -41.77 -34.23
C VAL D 965 -14.24 -40.27 -34.19
N ILE D 966 -15.47 -39.88 -34.51
CA ILE D 966 -15.83 -38.46 -34.46
C ILE D 966 -15.72 -37.94 -33.05
N LEU D 967 -16.23 -38.69 -32.07
CA LEU D 967 -16.17 -38.24 -30.69
C LEU D 967 -14.73 -38.10 -30.21
N LEU D 968 -13.87 -39.08 -30.55
CA LEU D 968 -12.47 -39.00 -30.17
C LEU D 968 -11.76 -37.83 -30.83
N LEU D 969 -12.04 -37.59 -32.12
CA LEU D 969 -11.41 -36.46 -32.80
C LEU D 969 -11.88 -35.14 -32.23
N VAL D 970 -13.14 -35.04 -31.82
CA VAL D 970 -13.64 -33.82 -31.18
C VAL D 970 -12.94 -33.61 -29.84
N THR D 971 -12.86 -34.67 -29.03
CA THR D 971 -12.18 -34.57 -27.75
C THR D 971 -10.74 -34.10 -27.94
N PHE D 972 -10.05 -34.64 -28.95
CA PHE D 972 -8.69 -34.19 -29.24
C PHE D 972 -8.68 -32.71 -29.63
N LEU D 973 -9.37 -32.36 -30.71
CA LEU D 973 -9.36 -30.99 -31.21
C LEU D 973 -9.84 -29.97 -30.18
N LEU D 974 -10.45 -30.41 -29.08
CA LEU D 974 -10.76 -29.49 -27.99
C LEU D 974 -9.67 -29.48 -26.93
N VAL D 975 -9.28 -30.64 -26.40
CA VAL D 975 -8.39 -30.63 -25.25
C VAL D 975 -6.98 -30.22 -25.64
N THR D 976 -6.49 -30.66 -26.79
CA THR D 976 -5.17 -30.22 -27.23
C THR D 976 -5.18 -28.74 -27.57
N ASN D 977 -6.25 -28.28 -28.22
CA ASN D 977 -6.36 -26.86 -28.55
C ASN D 977 -6.26 -25.98 -27.30
N VAL D 978 -7.20 -26.14 -26.37
CA VAL D 978 -7.19 -25.33 -25.16
C VAL D 978 -5.92 -25.59 -24.36
N LEU D 979 -5.53 -26.85 -24.28
CA LEU D 979 -4.32 -27.25 -23.58
C LEU D 979 -3.02 -26.69 -24.17
N LEU D 980 -2.90 -26.64 -25.50
CA LEU D 980 -1.62 -26.19 -26.06
C LEU D 980 -1.39 -24.70 -25.99
N MET D 981 -2.15 -23.96 -26.78
CA MET D 981 -1.97 -22.50 -26.81
C MET D 981 -2.07 -21.87 -25.43
N ASN D 982 -3.01 -22.36 -24.62
CA ASN D 982 -3.21 -21.82 -23.28
C ASN D 982 -1.98 -21.98 -22.40
N LEU D 983 -1.44 -23.20 -22.35
CA LEU D 983 -0.27 -23.49 -21.52
C LEU D 983 0.93 -22.77 -22.03
N LEU D 984 1.01 -22.66 -23.36
CA LEU D 984 2.14 -22.00 -23.96
C LEU D 984 2.11 -20.59 -23.48
N ILE D 985 0.93 -19.99 -23.57
CA ILE D 985 0.62 -18.61 -23.23
C ILE D 985 0.66 -18.28 -21.75
N ALA D 986 0.16 -19.13 -20.86
CA ALA D 986 0.25 -18.76 -19.45
C ALA D 986 1.74 -18.72 -19.09
N MET D 987 2.44 -19.76 -19.51
CA MET D 987 3.88 -19.88 -19.32
C MET D 987 4.58 -18.79 -20.13
N PHE D 988 4.06 -18.47 -21.33
CA PHE D 988 4.68 -17.42 -22.12
C PHE D 988 4.63 -16.14 -21.35
N SER D 989 3.48 -15.81 -20.76
CA SER D 989 3.35 -14.57 -20.02
C SER D 989 4.28 -14.58 -18.82
N TYR D 990 4.20 -15.68 -18.06
CA TYR D 990 4.97 -15.91 -16.85
C TYR D 990 6.41 -16.14 -17.27
N THR D 991 6.58 -16.94 -18.32
CA THR D 991 7.88 -17.19 -18.94
C THR D 991 8.35 -15.87 -19.56
N PHE D 992 7.39 -15.17 -20.17
CA PHE D 992 7.61 -13.87 -20.75
C PHE D 992 8.01 -12.90 -19.66
N GLN D 993 7.19 -12.91 -18.60
CA GLN D 993 7.30 -12.06 -17.41
C GLN D 993 8.58 -12.39 -16.71
N VAL D 994 8.93 -13.68 -16.71
CA VAL D 994 10.19 -14.13 -16.16
C VAL D 994 11.27 -13.49 -17.03
N VAL D 995 11.07 -13.57 -18.35
CA VAL D 995 11.95 -12.95 -19.34
C VAL D 995 11.93 -11.41 -19.26
N GLN D 996 10.82 -10.84 -18.82
CA GLN D 996 10.71 -9.41 -18.71
C GLN D 996 11.75 -8.90 -17.71
N GLY D 997 12.06 -9.73 -16.73
CA GLY D 997 13.10 -9.39 -15.79
C GLY D 997 14.40 -10.12 -16.13
N ASN D 998 14.46 -11.38 -15.74
CA ASN D 998 15.68 -12.18 -15.91
C ASN D 998 16.18 -12.38 -17.33
N ALA D 999 15.30 -12.73 -18.28
CA ALA D 999 15.82 -12.87 -19.65
C ALA D 999 16.15 -11.54 -20.31
N ASP D 1000 15.52 -10.45 -19.86
CA ASP D 1000 15.88 -9.11 -20.36
C ASP D 1000 17.30 -8.82 -19.88
N MET D 1001 17.60 -9.21 -18.64
CA MET D 1001 18.94 -9.09 -18.11
C MET D 1001 19.88 -9.97 -18.95
N PHE D 1002 19.44 -11.18 -19.33
CA PHE D 1002 20.22 -12.08 -20.15
C PHE D 1002 20.54 -11.44 -21.51
N TRP D 1003 19.54 -10.76 -22.07
CA TRP D 1003 19.64 -10.08 -23.36
C TRP D 1003 20.82 -9.16 -23.24
N LYS D 1004 20.88 -8.46 -22.11
CA LYS D 1004 21.98 -7.53 -21.88
C LYS D 1004 23.24 -8.36 -21.71
N PHE D 1005 23.10 -9.51 -21.05
CA PHE D 1005 24.23 -10.40 -20.85
C PHE D 1005 24.71 -10.89 -22.20
N GLN D 1006 23.75 -11.26 -23.05
CA GLN D 1006 24.05 -11.74 -24.40
C GLN D 1006 24.72 -10.63 -25.19
N ARG D 1007 24.23 -9.40 -25.04
CA ARG D 1007 24.82 -8.27 -25.74
C ARG D 1007 26.26 -8.12 -25.33
N TYR D 1008 26.54 -8.20 -24.03
CA TYR D 1008 27.90 -8.05 -23.58
C TYR D 1008 28.78 -9.15 -24.15
N HIS D 1009 28.27 -10.37 -24.16
CA HIS D 1009 29.08 -11.44 -24.70
C HIS D 1009 29.40 -11.22 -26.16
N LEU D 1010 28.40 -10.78 -26.92
CA LEU D 1010 28.62 -10.54 -28.34
C LEU D 1010 29.64 -9.44 -28.54
N ILE D 1011 29.53 -8.39 -27.75
CA ILE D 1011 30.43 -7.25 -27.87
C ILE D 1011 31.87 -7.69 -27.71
N VAL D 1012 32.13 -8.49 -26.70
CA VAL D 1012 33.49 -8.96 -26.47
C VAL D 1012 33.95 -9.86 -27.60
N GLU D 1013 33.04 -10.71 -28.10
CA GLU D 1013 33.39 -11.63 -29.18
C GLU D 1013 33.82 -10.86 -30.42
N TYR D 1014 33.02 -9.88 -30.83
CA TYR D 1014 33.38 -9.16 -32.05
C TYR D 1014 34.62 -8.30 -31.84
N HIS D 1015 34.82 -7.79 -30.63
CA HIS D 1015 36.04 -7.05 -30.37
C HIS D 1015 37.27 -7.87 -30.68
N GLY D 1016 37.24 -9.15 -30.32
CA GLY D 1016 38.39 -10.01 -30.55
C GLY D 1016 38.59 -10.45 -31.99
N ARG D 1017 37.68 -10.11 -32.86
CA ARG D 1017 37.83 -10.58 -34.22
C ARG D 1017 38.65 -9.60 -35.03
N PRO D 1018 39.41 -10.07 -36.01
CA PRO D 1018 40.11 -9.17 -36.92
C PRO D 1018 39.23 -8.76 -38.09
N ALA D 1019 39.72 -7.77 -38.84
CA ALA D 1019 38.89 -7.11 -39.84
C ALA D 1019 38.48 -8.05 -40.97
N LEU D 1020 39.37 -8.93 -41.40
CA LEU D 1020 39.10 -9.73 -42.58
C LEU D 1020 37.90 -10.65 -42.35
N ALA D 1021 37.19 -10.94 -43.43
CA ALA D 1021 35.97 -11.71 -43.38
C ALA D 1021 36.31 -13.20 -43.29
N PRO D 1022 35.32 -14.08 -43.15
CA PRO D 1022 35.58 -15.52 -43.15
C PRO D 1022 36.48 -15.96 -44.29
N PRO D 1023 36.20 -15.59 -45.55
CA PRO D 1023 37.07 -16.07 -46.64
C PRO D 1023 38.41 -15.38 -46.66
N PHE D 1024 38.53 -14.23 -46.02
CA PHE D 1024 39.77 -13.47 -46.02
C PHE D 1024 40.63 -13.76 -44.80
N ILE D 1025 40.07 -14.46 -43.81
CA ILE D 1025 40.80 -14.76 -42.59
C ILE D 1025 42.11 -15.49 -42.91
N LEU D 1026 42.12 -16.23 -44.01
CA LEU D 1026 43.29 -17.00 -44.44
C LEU D 1026 44.53 -16.13 -44.53
N LEU D 1027 44.35 -14.81 -44.63
CA LEU D 1027 45.49 -13.89 -44.60
C LEU D 1027 45.79 -13.34 -43.22
N SER D 1028 44.77 -13.01 -42.42
CA SER D 1028 45.04 -12.42 -41.11
C SER D 1028 45.60 -13.45 -40.15
N HIS D 1029 45.01 -14.64 -40.11
CA HIS D 1029 45.54 -15.70 -39.25
C HIS D 1029 46.96 -16.06 -39.65
N LEU D 1030 47.23 -16.15 -40.96
CA LEU D 1030 48.57 -16.46 -41.41
C LEU D 1030 49.55 -15.37 -41.01
N SER D 1031 49.14 -14.10 -41.15
CA SER D 1031 50.01 -12.99 -40.78
C SER D 1031 50.28 -12.99 -39.28
N LEU D 1032 49.26 -13.26 -38.47
CA LEU D 1032 49.45 -13.31 -37.03
C LEU D 1032 50.38 -14.45 -36.63
N VAL D 1033 50.22 -15.62 -37.25
CA VAL D 1033 51.09 -16.74 -36.94
C VAL D 1033 52.52 -16.41 -37.35
N LEU D 1034 52.69 -15.75 -38.49
CA LEU D 1034 54.03 -15.36 -38.94
C LEU D 1034 54.67 -14.37 -37.97
N LYS D 1035 53.88 -13.39 -37.51
CA LYS D 1035 54.41 -12.42 -36.55
C LYS D 1035 54.79 -13.08 -35.24
N GLN D 1036 53.97 -14.03 -34.78
CA GLN D 1036 54.28 -14.73 -33.54
C GLN D 1036 55.53 -15.58 -33.67
N VAL D 1037 55.70 -16.22 -34.82
CA VAL D 1037 56.90 -17.02 -35.06
C VAL D 1037 58.13 -16.11 -35.13
N PHE D 1038 57.97 -14.91 -35.71
CA PHE D 1038 59.09 -13.99 -35.80
C PHE D 1038 59.48 -13.46 -34.42
N ARG D 1039 58.50 -13.10 -33.59
CA ARG D 1039 58.77 -12.57 -32.27
C ARG D 1039 59.13 -13.69 -31.30
N HIS D 1048 43.82 -1.90 -24.29
CA HIS D 1048 42.37 -1.96 -24.11
C HIS D 1048 41.99 -2.00 -22.63
N LEU D 1049 41.19 -2.99 -22.27
CA LEU D 1049 40.74 -3.19 -20.91
C LEU D 1049 41.89 -3.45 -19.95
N GLU D 1050 42.85 -4.22 -20.41
CA GLU D 1050 44.03 -4.60 -19.63
C GLU D 1050 44.91 -3.45 -19.18
N ARG D 1051 45.04 -2.41 -20.01
CA ARG D 1051 45.90 -1.28 -19.70
C ARG D 1051 45.59 -0.63 -18.37
N ASP D 1052 46.65 -0.31 -17.63
CA ASP D 1052 46.54 0.32 -16.32
C ASP D 1052 47.48 1.51 -16.21
N LEU D 1053 47.15 2.44 -15.32
CA LEU D 1053 47.94 3.65 -15.11
C LEU D 1053 49.17 3.48 -14.22
N PRO D 1054 49.83 4.59 -13.88
CA PRO D 1054 51.01 4.62 -13.03
C PRO D 1054 50.64 4.82 -11.57
N ASP D 1055 51.60 4.75 -10.68
CA ASP D 1055 51.37 4.90 -9.25
C ASP D 1055 50.58 6.16 -8.92
N PRO D 1056 51.17 7.33 -9.21
CA PRO D 1056 50.57 8.64 -8.96
C PRO D 1056 49.13 8.73 -9.42
N VAL D 1057 48.93 8.63 -10.74
CA VAL D 1057 47.60 8.71 -11.32
C VAL D 1057 46.57 7.81 -10.65
N ASP D 1058 46.91 6.52 -10.55
CA ASP D 1058 45.98 5.56 -9.97
C ASP D 1058 45.61 5.96 -8.55
N GLN D 1059 46.63 6.31 -7.67
CA GLN D 1059 46.42 6.60 -6.26
C GLN D 1059 45.31 7.63 -6.05
N LYS D 1060 45.35 8.70 -6.84
CA LYS D 1060 44.28 9.68 -6.81
C LYS D 1060 42.93 9.02 -7.04
N ILE D 1061 42.86 8.11 -8.00
CA ILE D 1061 41.60 7.43 -8.31
C ILE D 1061 41.14 6.65 -7.09
N ILE D 1062 42.04 5.89 -6.49
CA ILE D 1062 41.68 5.08 -5.33
C ILE D 1062 41.14 5.96 -4.22
N THR D 1063 41.83 7.05 -3.93
CA THR D 1063 41.38 7.94 -2.88
C THR D 1063 40.02 8.53 -3.20
N TRP D 1064 39.81 8.92 -4.46
CA TRP D 1064 38.53 9.48 -4.85
C TRP D 1064 37.41 8.47 -4.66
N GLU D 1065 37.64 7.23 -5.07
CA GLU D 1065 36.64 6.18 -4.87
C GLU D 1065 36.35 6.01 -3.39
N THR D 1066 37.39 6.05 -2.56
CA THR D 1066 37.19 5.94 -1.13
C THR D 1066 36.27 7.04 -0.63
N VAL D 1067 36.51 8.26 -1.07
CA VAL D 1067 35.68 9.36 -0.62
C VAL D 1067 34.24 9.14 -1.07
N GLN D 1068 34.07 8.64 -2.28
CA GLN D 1068 32.72 8.36 -2.76
C GLN D 1068 32.03 7.34 -1.88
N LYS D 1069 32.74 6.29 -1.51
CA LYS D 1069 32.13 5.27 -0.64
C LYS D 1069 31.72 5.88 0.69
N GLU D 1070 32.57 6.73 1.25
CA GLU D 1070 32.23 7.36 2.53
C GLU D 1070 30.97 8.20 2.40
N ASN D 1071 30.88 8.99 1.33
CA ASN D 1071 29.69 9.80 1.14
C ASN D 1071 28.46 8.93 1.02
N PHE D 1072 28.58 7.82 0.28
CA PHE D 1072 27.46 6.92 0.12
C PHE D 1072 26.98 6.39 1.47
N LEU D 1073 27.92 5.94 2.31
CA LEU D 1073 27.53 5.40 3.61
C LEU D 1073 26.91 6.47 4.49
N SER D 1074 27.48 7.67 4.49
CA SER D 1074 26.91 8.73 5.30
C SER D 1074 25.49 9.05 4.84
N THR D 1075 25.26 9.03 3.53
CA THR D 1075 23.92 9.27 3.02
C THR D 1075 22.96 8.17 3.47
N MET D 1076 23.40 6.92 3.40
CA MET D 1076 22.55 5.83 3.86
C MET D 1076 22.17 6.02 5.31
N GLU D 1077 23.14 6.38 6.14
CA GLU D 1077 22.86 6.61 7.54
C GLU D 1077 21.86 7.75 7.71
N LYS D 1078 22.06 8.85 6.99
CA LYS D 1078 21.13 9.97 7.10
C LYS D 1078 19.72 9.55 6.75
N ARG D 1079 19.57 8.79 5.66
CA ARG D 1079 18.25 8.29 5.32
C ARG D 1079 17.70 7.40 6.41
N ARG D 1080 18.56 6.68 7.11
CA ARG D 1080 18.10 5.87 8.23
C ARG D 1080 17.61 6.75 9.37
N ARG D 1081 18.22 7.93 9.55
CA ARG D 1081 17.84 8.79 10.66
C ARG D 1081 16.41 9.28 10.52
N ASP D 1082 15.94 9.51 9.30
CA ASP D 1082 14.62 10.07 9.07
C ASP D 1082 13.54 9.01 8.90
N SER D 1083 13.82 7.76 9.26
CA SER D 1083 12.77 6.77 9.21
C SER D 1083 11.66 7.16 10.18
N GLU D 1084 10.42 7.10 9.71
CA GLU D 1084 9.29 7.42 10.58
C GLU D 1084 9.35 6.59 11.84
N GLU D 1085 9.74 5.33 11.71
CA GLU D 1085 9.92 4.49 12.89
C GLU D 1085 10.93 5.09 13.84
N GLU D 1086 12.09 5.53 13.33
CA GLU D 1086 13.09 6.10 14.21
C GLU D 1086 12.57 7.35 14.91
N VAL D 1087 11.87 8.20 14.18
CA VAL D 1087 11.31 9.40 14.80
C VAL D 1087 10.35 9.03 15.90
N LEU D 1088 9.49 8.06 15.65
CA LEU D 1088 8.53 7.63 16.65
C LEU D 1088 9.23 7.10 17.88
N ARG D 1089 10.25 6.27 17.69
CA ARG D 1089 10.92 5.69 18.84
C ARG D 1089 11.60 6.78 19.66
N LYS D 1090 12.29 7.70 19.01
CA LYS D 1090 12.93 8.78 19.75
C LYS D 1090 11.90 9.60 20.50
N THR D 1091 10.77 9.86 19.87
CA THR D 1091 9.72 10.63 20.51
C THR D 1091 9.20 9.91 21.75
N ALA D 1092 8.92 8.62 21.62
CA ALA D 1092 8.42 7.87 22.75
C ALA D 1092 9.41 7.87 23.89
N HIS D 1093 10.69 7.68 23.57
CA HIS D 1093 11.70 7.67 24.62
C HIS D 1093 11.74 9.00 25.35
N ARG D 1094 11.71 10.10 24.61
CA ARG D 1094 11.75 11.40 25.24
C ARG D 1094 10.52 11.65 26.10
N VAL D 1095 9.35 11.23 25.61
CA VAL D 1095 8.14 11.41 26.40
C VAL D 1095 8.23 10.62 27.70
N ASP D 1096 8.72 9.39 27.62
CA ASP D 1096 8.82 8.59 28.84
C ASP D 1096 9.78 9.23 29.82
N LEU D 1097 10.91 9.74 29.34
CA LEU D 1097 11.85 10.43 30.21
C LEU D 1097 11.21 11.65 30.85
N ILE D 1098 10.49 12.45 30.05
CA ILE D 1098 9.84 13.63 30.58
C ILE D 1098 8.82 13.24 31.64
N ALA D 1099 8.08 12.16 31.40
CA ALA D 1099 7.07 11.73 32.35
C ALA D 1099 7.69 11.29 33.66
N LYS D 1100 8.74 10.47 33.58
CA LYS D 1100 9.41 10.01 34.79
C LYS D 1100 9.99 11.19 35.57
N TYR D 1101 10.56 12.17 34.86
CA TYR D 1101 11.15 13.31 35.54
C TYR D 1101 10.08 14.18 36.19
N ILE D 1102 9.05 14.55 35.43
CA ILE D 1102 7.97 15.39 35.94
C ILE D 1102 7.27 14.75 37.12
CA CA E . -25.74 42.07 21.17
CA CA F . -42.10 -14.44 -20.48
CA CA G . -18.63 -6.85 49.92
CA CA H . -3.60 -48.30 -7.11
CA CA I . 30.17 43.36 9.54
CA CA J . -6.70 15.74 -45.90
CA CA K . 37.28 -5.54 38.22
CA CA L . 31.82 -18.16 -32.54
#